data_8HGK
#
_entry.id   8HGK
#
_cell.length_a   120.310
_cell.length_b   97.000
_cell.length_c   123.840
_cell.angle_alpha   90.00
_cell.angle_beta   93.98
_cell.angle_gamma   90.00
#
_symmetry.space_group_name_H-M   'P 1 21 1'
#
loop_
_entity.id
_entity.type
_entity.pdbx_description
1 polymer 'ATP-dependent Clp protease proteolytic subunit, mitochondrial'
2 non-polymer 4-[[3,5-bis(fluoranyl)phenyl]methyl]-N-[(4-bromophenyl)methyl]piperazine-1-carboxamide
3 non-polymer 'MAGNESIUM ION'
4 water water
#
_entity_poly.entity_id   1
_entity_poly.type   'polypeptide(L)'
_entity_poly.pdbx_seq_one_letter_code
;SPLIPIVVEQTGRGERAYDIYSRLLRERIVCVMGPIDDSVASLVIAQLLFLQSESNKKPIHMYINSPGGVVTAGLAIYDT
MQYILNPICTWCVGQAASMGSLLLAAGTPGMRHSLPNSRIMIHQPSGGARGQATDIAIQAEEIMKLKKQLYNIYAKHTKQ
SLQVIESAMERDRYMSPMEAQEFGILDKVLVHPPQDGEDEPTLVQKEPVEAAPAAEPVPAST
;
_entity_poly.pdbx_strand_id   A,B,C,D,E,F,G,H,I,J,K,L,M,N
#
loop_
_chem_comp.id
_chem_comp.type
_chem_comp.name
_chem_comp.formula
MG non-polymer 'MAGNESIUM ION' 'Mg 2'
ZLL non-polymer 4-[[3,5-bis(fluoranyl)phenyl]methyl]-N-[(4-bromophenyl)methyl]piperazine-1-carboxamide 'C19 H20 Br F2 N3 O'
#
# COMPACT_ATOMS: atom_id res chain seq x y z
N PRO A 2 13.06 -18.95 8.23
CA PRO A 2 13.81 -20.03 7.55
C PRO A 2 15.35 -19.94 7.71
N LEU A 3 15.79 -19.92 8.97
CA LEU A 3 17.16 -20.20 9.40
C LEU A 3 17.60 -21.62 9.01
N ILE A 4 18.75 -21.71 8.35
CA ILE A 4 19.27 -22.97 7.85
C ILE A 4 20.28 -23.50 8.86
N PRO A 5 20.03 -24.71 9.41
CA PRO A 5 21.02 -25.22 10.36
C PRO A 5 22.37 -25.55 9.73
N ILE A 6 23.40 -25.43 10.56
CA ILE A 6 24.78 -25.69 10.18
C ILE A 6 25.15 -27.06 10.75
N VAL A 7 25.85 -27.88 9.96
CA VAL A 7 26.38 -29.17 10.43
C VAL A 7 27.90 -29.22 10.24
N VAL A 8 28.55 -29.98 11.11
CA VAL A 8 30.02 -30.07 11.12
C VAL A 8 30.47 -31.45 10.58
N GLU A 9 31.44 -31.41 9.67
CA GLU A 9 32.08 -32.61 9.12
C GLU A 9 33.55 -32.63 9.57
N GLN A 10 34.10 -33.84 9.77
CA GLN A 10 35.52 -34.02 10.09
C GLN A 10 36.33 -34.17 8.78
N THR A 11 37.30 -33.29 8.54
CA THR A 11 38.10 -33.33 7.30
C THR A 11 39.57 -33.66 7.60
N GLY A 12 40.37 -33.68 6.54
CA GLY A 12 41.82 -33.81 6.66
C GLY A 12 42.51 -32.66 7.36
N ARG A 13 41.89 -31.46 7.32
CA ARG A 13 42.43 -30.27 7.98
C ARG A 13 41.77 -29.95 9.34
N GLY A 14 40.82 -30.78 9.78
CA GLY A 14 40.05 -30.52 11.01
C GLY A 14 38.55 -30.51 10.78
N GLU A 15 37.85 -29.49 11.30
CA GLU A 15 36.40 -29.35 11.17
C GLU A 15 36.02 -28.30 10.11
N ARG A 16 35.03 -28.64 9.27
CA ARG A 16 34.39 -27.67 8.35
C ARG A 16 32.88 -27.63 8.60
N ALA A 17 32.34 -26.40 8.63
CA ALA A 17 30.91 -26.14 8.90
C ALA A 17 30.19 -25.86 7.57
N TYR A 18 29.14 -26.63 7.29
CA TYR A 18 28.31 -26.44 6.10
C TYR A 18 26.88 -26.17 6.56
N ASP A 19 26.19 -25.29 5.85
CA ASP A 19 24.74 -25.26 5.91
C ASP A 19 24.22 -26.61 5.38
N ILE A 20 23.06 -27.03 5.83
CA ILE A 20 22.61 -28.39 5.56
C ILE A 20 22.39 -28.70 4.07
N TYR A 21 21.96 -27.70 3.28
CA TYR A 21 21.81 -27.91 1.82
C TYR A 21 23.17 -28.12 1.12
N SER A 22 24.18 -27.40 1.54
CA SER A 22 25.54 -27.60 1.05
C SER A 22 26.09 -28.97 1.44
N ARG A 23 25.74 -29.43 2.64
CA ARG A 23 26.08 -30.79 3.04
C ARG A 23 25.42 -31.86 2.16
N LEU A 24 24.14 -31.66 1.84
CA LEU A 24 23.43 -32.56 0.92
C LEU A 24 24.08 -32.57 -0.47
N LEU A 25 24.48 -31.41 -0.95
CA LEU A 25 25.20 -31.30 -2.22
C LEU A 25 26.51 -32.10 -2.24
N ARG A 26 27.22 -32.13 -1.11
CA ARG A 26 28.39 -32.99 -0.96
C ARG A 26 28.07 -34.49 -1.10
N GLU A 27 26.83 -34.88 -0.84
CA GLU A 27 26.39 -36.26 -1.05
C GLU A 27 25.74 -36.44 -2.41
N ARG A 28 25.90 -35.48 -3.30
CA ARG A 28 25.39 -35.51 -4.66
C ARG A 28 23.86 -35.45 -4.76
N ILE A 29 23.26 -34.72 -3.81
CA ILE A 29 21.83 -34.50 -3.78
C ILE A 29 21.55 -33.04 -4.18
N VAL A 30 20.69 -32.87 -5.19
CA VAL A 30 20.25 -31.57 -5.66
C VAL A 30 18.75 -31.45 -5.39
N CYS A 31 18.35 -30.37 -4.73
CA CYS A 31 16.94 -30.15 -4.39
C CYS A 31 16.25 -29.23 -5.41
N VAL A 32 15.09 -29.68 -5.88
CA VAL A 32 14.20 -28.88 -6.70
C VAL A 32 12.89 -28.81 -5.92
N MET A 33 12.89 -27.94 -4.92
CA MET A 33 11.71 -27.76 -4.05
C MET A 33 11.14 -26.38 -4.36
N GLY A 34 9.82 -26.31 -4.49
CA GLY A 34 9.14 -25.06 -4.72
C GLY A 34 9.04 -24.72 -6.19
N PRO A 35 8.49 -23.54 -6.50
CA PRO A 35 8.27 -23.15 -7.90
C PRO A 35 9.57 -23.06 -8.69
N ILE A 36 9.50 -23.41 -9.97
CA ILE A 36 10.66 -23.35 -10.85
C ILE A 36 10.60 -22.01 -11.58
N ASP A 37 11.64 -21.22 -11.47
CA ASP A 37 11.80 -19.99 -12.25
C ASP A 37 13.26 -19.92 -12.70
N ASP A 38 13.64 -18.85 -13.39
CA ASP A 38 15.00 -18.72 -13.92
C ASP A 38 16.09 -18.82 -12.84
N SER A 39 15.80 -18.23 -11.69
CA SER A 39 16.74 -18.25 -10.56
C SER A 39 16.97 -19.69 -10.01
N VAL A 40 15.89 -20.44 -9.84
CA VAL A 40 16.00 -21.85 -9.43
C VAL A 40 16.71 -22.67 -10.51
N ALA A 41 16.36 -22.47 -11.78
CA ALA A 41 17.03 -23.18 -12.88
C ALA A 41 18.52 -22.93 -12.88
N SER A 42 18.93 -21.68 -12.69
CA SER A 42 20.36 -21.35 -12.68
C SER A 42 21.17 -22.06 -11.59
N LEU A 43 20.56 -22.20 -10.41
CA LEU A 43 21.18 -22.82 -9.26
C LEU A 43 21.21 -24.33 -9.47
N VAL A 44 20.12 -24.89 -9.98
CA VAL A 44 20.08 -26.31 -10.21
C VAL A 44 21.09 -26.67 -11.30
N ILE A 45 21.17 -25.88 -12.34
CA ILE A 45 22.09 -26.12 -13.44
C ILE A 45 23.51 -26.01 -12.95
N ALA A 46 23.79 -25.03 -12.13
CA ALA A 46 25.13 -24.89 -11.60
C ALA A 46 25.52 -26.08 -10.75
N GLN A 47 24.60 -26.61 -9.97
CA GLN A 47 24.87 -27.76 -9.15
C GLN A 47 25.08 -29.05 -9.98
N LEU A 48 24.27 -29.26 -10.99
CA LEU A 48 24.43 -30.45 -11.86
C LEU A 48 25.80 -30.46 -12.54
N LEU A 49 26.20 -29.29 -13.06
CA LEU A 49 27.50 -29.18 -13.74
C LEU A 49 28.68 -29.34 -12.79
N PHE A 50 28.56 -28.79 -11.58
CA PHE A 50 29.57 -29.02 -10.54
C PHE A 50 29.70 -30.51 -10.20
N LEU A 51 28.57 -31.19 -9.99
CA LEU A 51 28.61 -32.61 -9.65
C LEU A 51 29.21 -33.47 -10.76
N GLN A 52 28.90 -33.15 -12.01
CA GLN A 52 29.55 -33.81 -13.15
C GLN A 52 31.07 -33.64 -13.12
N SER A 53 31.57 -32.46 -12.79
CA SER A 53 33.03 -32.23 -12.73
C SER A 53 33.69 -33.00 -11.58
N GLU A 54 32.99 -33.18 -10.45
CA GLU A 54 33.50 -34.01 -9.34
C GLU A 54 33.61 -35.48 -9.74
N SER A 55 32.67 -35.96 -10.54
CA SER A 55 32.70 -37.32 -11.07
C SER A 55 31.67 -37.43 -12.19
N ASN A 56 32.11 -37.82 -13.38
CA ASN A 56 31.17 -37.98 -14.50
C ASN A 56 30.44 -39.34 -14.51
N LYS A 57 30.76 -40.22 -13.55
CA LYS A 57 30.15 -41.55 -13.44
C LYS A 57 29.20 -41.71 -12.24
N LYS A 58 29.50 -41.09 -11.10
CA LYS A 58 28.69 -41.29 -9.89
C LYS A 58 27.27 -40.75 -10.05
N PRO A 59 26.26 -41.51 -9.56
CA PRO A 59 24.88 -41.02 -9.67
C PRO A 59 24.64 -39.68 -8.97
N ILE A 60 23.67 -38.93 -9.46
CA ILE A 60 23.20 -37.69 -8.84
C ILE A 60 21.75 -37.92 -8.45
N HIS A 61 21.38 -37.49 -7.25
CA HIS A 61 20.00 -37.58 -6.79
C HIS A 61 19.32 -36.22 -6.92
N MET A 62 18.15 -36.20 -7.55
CA MET A 62 17.37 -34.99 -7.70
C MET A 62 16.07 -35.17 -6.92
N TYR A 63 15.89 -34.39 -5.86
CA TYR A 63 14.67 -34.42 -5.07
C TYR A 63 13.69 -33.38 -5.58
N ILE A 64 12.48 -33.80 -5.93
CA ILE A 64 11.50 -32.95 -6.55
C ILE A 64 10.26 -32.85 -5.67
N ASN A 65 9.99 -31.64 -5.19
CA ASN A 65 8.71 -31.30 -4.56
C ASN A 65 8.34 -29.94 -5.12
N SER A 66 7.58 -29.93 -6.21
CA SER A 66 7.36 -28.72 -6.97
C SER A 66 5.99 -28.67 -7.61
N PRO A 67 5.33 -27.49 -7.57
CA PRO A 67 4.10 -27.32 -8.33
C PRO A 67 4.36 -26.99 -9.82
N GLY A 68 5.62 -26.90 -10.22
CA GLY A 68 5.98 -26.55 -11.59
C GLY A 68 6.46 -25.11 -11.60
N GLY A 69 6.20 -24.42 -12.71
CA GLY A 69 6.58 -23.02 -12.83
C GLY A 69 6.87 -22.68 -14.29
N VAL A 70 7.92 -21.88 -14.51
CA VAL A 70 8.19 -21.30 -15.82
C VAL A 70 8.70 -22.40 -16.78
N VAL A 71 8.04 -22.53 -17.92
CA VAL A 71 8.31 -23.65 -18.84
C VAL A 71 9.76 -23.59 -19.37
N THR A 72 10.21 -22.43 -19.84
CA THR A 72 11.57 -22.34 -20.38
C THR A 72 12.64 -22.64 -19.32
N ALA A 73 12.37 -22.27 -18.06
CA ALA A 73 13.29 -22.58 -16.97
C ALA A 73 13.34 -24.09 -16.71
N GLY A 74 12.18 -24.73 -16.73
CA GLY A 74 12.10 -26.18 -16.60
C GLY A 74 12.83 -26.90 -17.73
N LEU A 75 12.69 -26.38 -18.94
CA LEU A 75 13.36 -26.97 -20.10
C LEU A 75 14.88 -26.80 -20.04
N ALA A 76 15.35 -25.69 -19.44
CA ALA A 76 16.78 -25.50 -19.23
C ALA A 76 17.37 -26.57 -18.29
N ILE A 77 16.63 -26.90 -17.24
CA ILE A 77 17.04 -27.96 -16.32
C ILE A 77 17.01 -29.31 -17.05
N TYR A 78 15.91 -29.57 -17.76
CA TYR A 78 15.75 -30.81 -18.53
C TYR A 78 16.93 -31.04 -19.49
N ASP A 79 17.27 -30.02 -20.27
CA ASP A 79 18.40 -30.13 -21.21
C ASP A 79 19.73 -30.38 -20.52
N THR A 80 19.95 -29.80 -19.35
CA THR A 80 21.15 -30.03 -18.58
C THR A 80 21.22 -31.47 -18.05
N MET A 81 20.09 -31.98 -17.57
CA MET A 81 20.00 -33.38 -17.15
C MET A 81 20.42 -34.33 -18.27
N GLN A 82 19.98 -34.06 -19.50
CA GLN A 82 20.35 -34.87 -20.67
C GLN A 82 21.79 -34.63 -21.13
N TYR A 83 22.32 -33.42 -20.94
CA TYR A 83 23.67 -33.07 -21.36
C TYR A 83 24.76 -33.77 -20.54
N ILE A 84 24.61 -33.82 -19.23
CA ILE A 84 25.60 -34.46 -18.37
C ILE A 84 25.54 -35.97 -18.57
N LEU A 85 26.66 -36.64 -18.34
CA LEU A 85 26.72 -38.10 -18.61
C LEU A 85 26.10 -38.92 -17.47
N ASN A 86 26.01 -38.33 -16.29
CA ASN A 86 25.76 -39.08 -15.07
C ASN A 86 24.39 -39.73 -15.04
N PRO A 87 24.30 -40.91 -14.40
CA PRO A 87 22.95 -41.39 -14.05
C PRO A 87 22.30 -40.40 -13.08
N ILE A 88 21.02 -40.10 -13.30
CA ILE A 88 20.27 -39.19 -12.41
C ILE A 88 19.11 -39.97 -11.82
N CYS A 89 19.11 -40.13 -10.48
CA CYS A 89 17.97 -40.69 -9.77
C CYS A 89 17.03 -39.55 -9.39
N THR A 90 15.80 -39.59 -9.87
CA THR A 90 14.80 -38.61 -9.50
C THR A 90 13.89 -39.19 -8.41
N TRP A 91 13.49 -38.33 -7.49
CA TRP A 91 12.64 -38.71 -6.37
C TRP A 91 11.52 -37.70 -6.24
N CYS A 92 10.29 -38.19 -6.28
CA CYS A 92 9.12 -37.36 -6.03
C CYS A 92 8.74 -37.46 -4.55
N VAL A 93 8.83 -36.33 -3.84
CA VAL A 93 8.35 -36.24 -2.47
C VAL A 93 7.34 -35.10 -2.40
N GLY A 94 6.17 -35.37 -1.84
CA GLY A 94 5.08 -34.39 -1.79
C GLY A 94 4.33 -34.34 -3.10
N GLN A 95 4.84 -33.59 -4.06
CA GLN A 95 4.25 -33.52 -5.39
C GLN A 95 5.25 -33.19 -6.48
N ALA A 96 4.91 -33.62 -7.69
CA ALA A 96 5.62 -33.18 -8.90
C ALA A 96 4.52 -32.84 -9.90
N ALA A 97 4.29 -31.56 -10.09
CA ALA A 97 3.25 -31.09 -10.99
C ALA A 97 3.84 -30.27 -12.12
N SER A 98 3.21 -30.37 -13.29
CA SER A 98 3.59 -29.57 -14.46
C SER A 98 5.07 -29.84 -14.75
N MET A 99 5.92 -28.82 -14.83
CA MET A 99 7.35 -29.02 -15.11
C MET A 99 8.06 -29.93 -14.11
N GLY A 100 7.58 -29.98 -12.87
CA GLY A 100 8.13 -30.92 -11.90
C GLY A 100 8.01 -32.37 -12.33
N SER A 101 6.88 -32.75 -12.91
CA SER A 101 6.68 -34.13 -13.37
C SER A 101 7.51 -34.44 -14.62
N LEU A 102 7.78 -33.42 -15.42
CA LEU A 102 8.67 -33.59 -16.57
C LEU A 102 10.08 -33.94 -16.11
N LEU A 103 10.59 -33.22 -15.12
CA LEU A 103 11.91 -33.50 -14.56
C LEU A 103 11.96 -34.89 -13.92
N LEU A 104 10.89 -35.26 -13.19
CA LEU A 104 10.79 -36.59 -12.59
C LEU A 104 10.91 -37.69 -13.64
N ALA A 105 10.13 -37.54 -14.70
CA ALA A 105 10.11 -38.48 -15.85
C ALA A 105 11.42 -38.56 -16.62
N ALA A 106 12.21 -37.50 -16.57
CA ALA A 106 13.47 -37.36 -17.28
C ALA A 106 14.67 -37.98 -16.55
N GLY A 107 14.46 -38.54 -15.36
CA GLY A 107 15.51 -39.31 -14.71
C GLY A 107 15.94 -40.51 -15.53
N THR A 108 17.10 -41.06 -15.20
CA THR A 108 17.64 -42.24 -15.89
C THR A 108 16.67 -43.41 -15.79
N PRO A 109 16.40 -44.12 -16.91
CA PRO A 109 15.47 -45.26 -16.84
C PRO A 109 15.86 -46.27 -15.75
N GLY A 110 14.87 -46.73 -14.98
CA GLY A 110 15.09 -47.57 -13.81
C GLY A 110 15.35 -46.83 -12.50
N MET A 111 15.61 -45.52 -12.56
CA MET A 111 16.02 -44.74 -11.39
C MET A 111 15.07 -43.58 -11.07
N ARG A 112 13.80 -43.71 -11.45
CA ARG A 112 12.79 -42.70 -11.18
C ARG A 112 11.88 -43.23 -10.09
N HIS A 113 11.83 -42.51 -8.96
CA HIS A 113 11.28 -43.01 -7.70
C HIS A 113 10.18 -42.07 -7.21
N SER A 114 9.21 -42.63 -6.51
CA SER A 114 8.30 -41.83 -5.72
C SER A 114 8.10 -42.46 -4.35
N LEU A 115 7.89 -41.60 -3.34
CA LEU A 115 7.44 -42.03 -2.03
C LEU A 115 5.93 -42.30 -2.11
N PRO A 116 5.36 -43.07 -1.15
CA PRO A 116 4.01 -43.60 -1.34
C PRO A 116 2.85 -42.59 -1.39
N ASN A 117 2.98 -41.44 -0.72
CA ASN A 117 1.89 -40.49 -0.64
C ASN A 117 2.03 -39.27 -1.55
N SER A 118 3.02 -39.30 -2.45
CA SER A 118 3.20 -38.23 -3.42
C SER A 118 2.07 -38.18 -4.44
N ARG A 119 1.92 -37.03 -5.10
CA ARG A 119 0.94 -36.87 -6.16
C ARG A 119 1.68 -36.31 -7.39
N ILE A 120 1.34 -36.82 -8.57
CA ILE A 120 2.03 -36.46 -9.81
C ILE A 120 1.00 -35.89 -10.80
N MET A 121 1.31 -34.75 -11.40
CA MET A 121 0.41 -34.13 -12.38
C MET A 121 1.19 -33.78 -13.63
N ILE A 122 0.73 -34.28 -14.78
CA ILE A 122 1.31 -33.88 -16.08
C ILE A 122 0.53 -32.76 -16.76
N HIS A 123 -0.73 -32.56 -16.37
CA HIS A 123 -1.51 -31.38 -16.69
C HIS A 123 -0.73 -30.10 -16.36
N GLN A 124 -0.89 -29.07 -17.18
CA GLN A 124 -0.30 -27.75 -16.95
C GLN A 124 -1.40 -26.84 -16.43
N PRO A 125 -1.47 -26.59 -15.11
CA PRO A 125 -2.58 -25.75 -14.59
C PRO A 125 -2.69 -24.35 -15.22
N ILE A 138 3.42 -13.69 -24.66
CA ILE A 138 3.82 -14.21 -25.96
C ILE A 138 2.64 -14.58 -26.86
N GLN A 139 2.91 -14.70 -28.16
CA GLN A 139 1.86 -14.95 -29.14
C GLN A 139 1.32 -16.39 -29.03
N ALA A 140 0.07 -16.57 -29.46
CA ALA A 140 -0.60 -17.88 -29.38
C ALA A 140 0.20 -19.03 -30.01
N GLU A 141 0.77 -18.77 -31.18
CA GLU A 141 1.58 -19.76 -31.90
C GLU A 141 2.78 -20.22 -31.06
N GLU A 142 3.41 -19.27 -30.36
CA GLU A 142 4.56 -19.58 -29.51
C GLU A 142 4.15 -20.47 -28.35
N ILE A 143 3.03 -20.14 -27.72
CA ILE A 143 2.53 -20.93 -26.58
C ILE A 143 2.30 -22.38 -27.04
N MET A 144 1.72 -22.56 -28.23
CA MET A 144 1.51 -23.92 -28.77
C MET A 144 2.80 -24.66 -29.09
N LYS A 145 3.80 -23.96 -29.62
CA LYS A 145 5.11 -24.57 -29.88
C LYS A 145 5.73 -25.12 -28.61
N LEU A 146 5.69 -24.35 -27.51
CA LEU A 146 6.17 -24.83 -26.22
C LEU A 146 5.40 -26.06 -25.75
N LYS A 147 4.08 -26.01 -25.87
CA LYS A 147 3.23 -27.12 -25.47
C LYS A 147 3.59 -28.40 -26.26
N LYS A 148 3.85 -28.26 -27.56
CA LYS A 148 4.28 -29.39 -28.39
C LYS A 148 5.64 -29.95 -27.98
N GLN A 149 6.56 -29.08 -27.57
CA GLN A 149 7.84 -29.52 -27.02
C GLN A 149 7.63 -30.39 -25.78
N LEU A 150 6.69 -30.01 -24.92
CA LEU A 150 6.38 -30.80 -23.74
C LEU A 150 5.80 -32.17 -24.12
N TYR A 151 4.85 -32.19 -25.06
CA TYR A 151 4.31 -33.47 -25.56
C TYR A 151 5.41 -34.41 -26.05
N ASN A 152 6.35 -33.88 -26.83
CA ASN A 152 7.46 -34.69 -27.36
C ASN A 152 8.35 -35.25 -26.26
N ILE A 153 8.68 -34.43 -25.26
CA ILE A 153 9.50 -34.87 -24.15
C ILE A 153 8.80 -35.94 -23.31
N TYR A 154 7.53 -35.72 -22.96
CA TYR A 154 6.78 -36.74 -22.21
C TYR A 154 6.66 -38.05 -23.00
N ALA A 155 6.42 -37.95 -24.30
CA ALA A 155 6.34 -39.15 -25.15
C ALA A 155 7.64 -39.97 -25.13
N LYS A 156 8.76 -39.27 -25.29
CA LYS A 156 10.07 -39.90 -25.25
C LYS A 156 10.36 -40.65 -23.94
N HIS A 157 10.07 -40.03 -22.80
CA HIS A 157 10.44 -40.63 -21.51
C HIS A 157 9.41 -41.58 -20.93
N THR A 158 8.14 -41.41 -21.28
CA THR A 158 7.09 -42.31 -20.80
C THR A 158 6.87 -43.48 -21.75
N LYS A 159 7.32 -43.36 -22.99
CA LYS A 159 7.05 -44.34 -24.06
C LYS A 159 5.55 -44.42 -24.49
N GLN A 160 4.75 -43.42 -24.14
CA GLN A 160 3.36 -43.34 -24.58
C GLN A 160 3.33 -42.58 -25.91
N SER A 161 2.26 -42.76 -26.68
CA SER A 161 2.09 -42.02 -27.93
C SER A 161 1.76 -40.55 -27.66
N LEU A 162 2.03 -39.71 -28.65
CA LEU A 162 1.67 -38.29 -28.61
C LEU A 162 0.18 -38.08 -28.39
N GLN A 163 -0.65 -38.90 -29.01
CA GLN A 163 -2.11 -38.86 -28.84
C GLN A 163 -2.53 -39.09 -27.39
N VAL A 164 -1.93 -40.09 -26.73
CA VAL A 164 -2.25 -40.42 -25.33
C VAL A 164 -1.79 -39.30 -24.39
N ILE A 165 -0.59 -38.77 -24.62
CA ILE A 165 -0.05 -37.67 -23.83
C ILE A 165 -0.93 -36.41 -23.92
N GLU A 166 -1.29 -36.03 -25.15
CA GLU A 166 -2.15 -34.87 -25.38
C GLU A 166 -3.50 -35.01 -24.64
N SER A 167 -4.12 -36.18 -24.76
CA SER A 167 -5.39 -36.45 -24.08
C SER A 167 -5.24 -36.41 -22.56
N ALA A 168 -4.19 -37.02 -22.04
CA ALA A 168 -3.97 -37.05 -20.59
C ALA A 168 -3.68 -35.65 -20.02
N MET A 169 -2.91 -34.84 -20.73
CA MET A 169 -2.57 -33.50 -20.26
C MET A 169 -3.75 -32.52 -20.22
N GLU A 170 -4.80 -32.81 -20.98
CA GLU A 170 -6.04 -32.03 -20.94
C GLU A 170 -6.84 -32.21 -19.63
N ARG A 171 -6.63 -33.35 -18.95
CA ARG A 171 -7.39 -33.68 -17.73
C ARG A 171 -6.78 -33.05 -16.48
N ASP A 172 -7.58 -32.24 -15.81
CA ASP A 172 -7.11 -31.50 -14.63
C ASP A 172 -7.19 -32.44 -13.40
N ARG A 173 -6.14 -33.24 -13.22
CA ARG A 173 -6.10 -34.26 -12.18
C ARG A 173 -4.68 -34.64 -11.85
N TYR A 174 -4.50 -35.26 -10.68
CA TYR A 174 -3.26 -35.87 -10.25
C TYR A 174 -3.35 -37.37 -10.39
N MET A 175 -2.20 -38.01 -10.55
CA MET A 175 -2.06 -39.45 -10.51
C MET A 175 -1.40 -39.83 -9.20
N SER A 176 -1.79 -40.99 -8.67
CA SER A 176 -1.06 -41.62 -7.59
C SER A 176 0.29 -42.13 -8.10
N PRO A 177 1.22 -42.45 -7.20
CA PRO A 177 2.49 -43.02 -7.64
C PRO A 177 2.34 -44.29 -8.48
N MET A 178 1.43 -45.18 -8.09
CA MET A 178 1.17 -46.42 -8.85
C MET A 178 0.66 -46.12 -10.26
N GLU A 179 -0.28 -45.18 -10.38
CA GLU A 179 -0.78 -44.79 -11.69
C GLU A 179 0.32 -44.14 -12.54
N ALA A 180 1.14 -43.29 -11.93
CA ALA A 180 2.28 -42.69 -12.64
C ALA A 180 3.31 -43.75 -13.09
N GLN A 181 3.50 -44.79 -12.28
CA GLN A 181 4.35 -45.92 -12.66
C GLN A 181 3.82 -46.63 -13.91
N GLU A 182 2.53 -46.97 -13.90
CA GLU A 182 1.87 -47.60 -15.05
C GLU A 182 1.91 -46.72 -16.30
N PHE A 183 1.82 -45.41 -16.13
CA PHE A 183 1.89 -44.46 -17.25
C PHE A 183 3.30 -44.32 -17.85
N GLY A 184 4.34 -44.68 -17.10
CA GLY A 184 5.73 -44.58 -17.55
C GLY A 184 6.47 -43.32 -17.07
N ILE A 185 5.92 -42.62 -16.09
CA ILE A 185 6.57 -41.43 -15.51
C ILE A 185 7.65 -41.82 -14.51
N LEU A 186 7.43 -42.92 -13.78
CA LEU A 186 8.40 -43.38 -12.82
C LEU A 186 8.49 -44.89 -12.79
N ASP A 187 9.52 -45.40 -12.14
CA ASP A 187 9.86 -46.83 -12.13
C ASP A 187 9.55 -47.54 -10.81
N LYS A 188 9.76 -46.87 -9.69
CA LYS A 188 9.64 -47.51 -8.38
C LYS A 188 8.86 -46.64 -7.39
N VAL A 189 7.96 -47.27 -6.65
CA VAL A 189 7.27 -46.64 -5.53
C VAL A 189 7.79 -47.33 -4.28
N LEU A 190 8.50 -46.58 -3.43
CA LEU A 190 9.24 -47.13 -2.29
C LEU A 190 8.71 -46.61 -0.96
N VAL A 191 8.43 -47.52 -0.02
CA VAL A 191 8.14 -47.15 1.38
C VAL A 191 9.45 -46.90 2.16
N HIS A 192 10.41 -47.83 2.04
CA HIS A 192 11.72 -47.72 2.71
C HIS A 192 12.72 -48.36 1.71
N PRO A 193 14.04 -48.31 2.00
CA PRO A 193 14.96 -49.14 1.20
C PRO A 193 14.63 -50.65 1.30
N PRO A 194 14.92 -51.45 0.25
CA PRO A 194 14.58 -52.89 0.16
C PRO A 194 14.80 -53.73 1.43
N LEU B 3 18.88 -19.14 -1.11
CA LEU B 3 20.16 -19.61 -0.49
C LEU B 3 21.07 -20.19 -1.57
N ILE B 4 22.30 -19.68 -1.62
CA ILE B 4 23.30 -20.14 -2.57
C ILE B 4 24.19 -21.16 -1.87
N PRO B 5 24.24 -22.40 -2.38
CA PRO B 5 25.12 -23.37 -1.71
C PRO B 5 26.61 -23.02 -1.81
N ILE B 6 27.35 -23.45 -0.81
CA ILE B 6 28.78 -23.24 -0.69
C ILE B 6 29.46 -24.55 -1.04
N VAL B 7 30.55 -24.50 -1.80
CA VAL B 7 31.38 -25.68 -2.10
C VAL B 7 32.82 -25.44 -1.68
N VAL B 8 33.52 -26.52 -1.35
CA VAL B 8 34.93 -26.46 -0.90
C VAL B 8 35.87 -26.97 -2.00
N GLU B 9 36.92 -26.20 -2.27
CA GLU B 9 37.98 -26.57 -3.23
C GLU B 9 39.29 -26.74 -2.46
N GLU B 15 42.09 -25.43 2.19
CA GLU B 15 40.71 -25.39 1.74
C GLU B 15 40.18 -23.95 1.62
N ARG B 16 39.48 -23.66 0.52
CA ARG B 16 38.73 -22.42 0.35
C ARG B 16 37.25 -22.71 0.04
N ALA B 17 36.36 -21.95 0.66
CA ALA B 17 34.91 -22.10 0.47
C ALA B 17 34.38 -21.00 -0.47
N TYR B 18 33.73 -21.43 -1.54
CA TYR B 18 33.13 -20.50 -2.52
C TYR B 18 31.64 -20.79 -2.60
N ASP B 19 30.84 -19.74 -2.75
CA ASP B 19 29.49 -19.88 -3.25
C ASP B 19 29.58 -20.46 -4.67
N ILE B 20 28.54 -21.17 -5.09
CA ILE B 20 28.62 -21.95 -6.33
C ILE B 20 28.85 -21.11 -7.60
N TYR B 21 28.33 -19.89 -7.65
CA TYR B 21 28.58 -18.98 -8.80
C TYR B 21 30.04 -18.53 -8.88
N SER B 22 30.66 -18.27 -7.73
CA SER B 22 32.08 -17.97 -7.64
C SER B 22 32.94 -19.17 -8.04
N ARG B 23 32.49 -20.36 -7.70
CA ARG B 23 33.15 -21.58 -8.16
C ARG B 23 33.10 -21.72 -9.69
N LEU B 24 31.95 -21.43 -10.28
CA LEU B 24 31.81 -21.43 -11.75
C LEU B 24 32.72 -20.40 -12.39
N LEU B 25 32.84 -19.22 -11.80
CA LEU B 25 33.75 -18.19 -12.27
C LEU B 25 35.22 -18.65 -12.28
N ARG B 26 35.61 -19.45 -11.28
CA ARG B 26 36.93 -20.07 -11.28
C ARG B 26 37.16 -21.02 -12.47
N GLU B 27 36.08 -21.54 -13.04
CA GLU B 27 36.14 -22.37 -14.23
C GLU B 27 35.94 -21.55 -15.50
N ARG B 28 36.00 -20.23 -15.40
CA ARG B 28 35.85 -19.28 -16.51
C ARG B 28 34.44 -19.27 -17.13
N ILE B 29 33.44 -19.50 -16.28
CA ILE B 29 32.04 -19.44 -16.65
C ILE B 29 31.41 -18.17 -16.07
N VAL B 30 30.79 -17.38 -16.93
CA VAL B 30 30.07 -16.16 -16.57
C VAL B 30 28.59 -16.36 -16.88
N CYS B 31 27.74 -16.12 -15.88
CA CYS B 31 26.30 -16.32 -16.05
C CYS B 31 25.59 -15.01 -16.38
N VAL B 32 24.77 -15.04 -17.42
CA VAL B 32 23.87 -13.94 -17.78
C VAL B 32 22.47 -14.56 -17.73
N MET B 33 21.96 -14.69 -16.51
CA MET B 33 20.63 -15.28 -16.28
C MET B 33 19.73 -14.16 -15.80
N GLY B 34 18.52 -14.10 -16.34
CA GLY B 34 17.55 -13.12 -15.92
C GLY B 34 17.67 -11.83 -16.71
N PRO B 35 16.86 -10.82 -16.35
CA PRO B 35 16.85 -9.56 -17.07
C PRO B 35 18.21 -8.84 -17.03
N ILE B 36 18.54 -8.15 -18.12
CA ILE B 36 19.78 -7.41 -18.21
C ILE B 36 19.47 -5.96 -17.83
N ASP B 37 20.16 -5.45 -16.82
CA ASP B 37 20.09 -4.04 -16.46
C ASP B 37 21.51 -3.57 -16.14
N ASP B 38 21.66 -2.32 -15.74
CA ASP B 38 23.00 -1.77 -15.48
C ASP B 38 23.79 -2.54 -14.42
N SER B 39 23.09 -3.01 -13.40
CA SER B 39 23.70 -3.78 -12.32
C SER B 39 24.26 -5.14 -12.82
N VAL B 40 23.48 -5.85 -13.61
CA VAL B 40 23.94 -7.10 -14.24
C VAL B 40 25.10 -6.82 -15.21
N ALA B 41 24.99 -5.78 -16.03
CA ALA B 41 26.06 -5.42 -16.95
C ALA B 41 27.36 -5.15 -16.22
N SER B 42 27.28 -4.38 -15.12
CA SER B 42 28.45 -4.06 -14.35
C SER B 42 29.16 -5.32 -13.84
N LEU B 43 28.39 -6.28 -13.34
CA LEU B 43 28.91 -7.51 -12.81
C LEU B 43 29.51 -8.40 -13.89
N VAL B 44 28.83 -8.50 -15.02
CA VAL B 44 29.32 -9.30 -16.15
C VAL B 44 30.61 -8.71 -16.70
N ILE B 45 30.63 -7.39 -16.86
CA ILE B 45 31.84 -6.70 -17.35
C ILE B 45 33.03 -6.92 -16.41
N ALA B 46 32.81 -6.76 -15.10
CA ALA B 46 33.87 -7.01 -14.15
C ALA B 46 34.41 -8.45 -14.25
N GLN B 47 33.52 -9.42 -14.41
CA GLN B 47 33.93 -10.81 -14.55
C GLN B 47 34.73 -11.05 -15.83
N LEU B 48 34.27 -10.49 -16.96
CA LEU B 48 34.99 -10.67 -18.22
C LEU B 48 36.40 -10.08 -18.15
N LEU B 49 36.53 -8.89 -17.57
CA LEU B 49 37.83 -8.24 -17.44
C LEU B 49 38.75 -8.98 -16.48
N PHE B 50 38.20 -9.49 -15.37
CA PHE B 50 38.97 -10.34 -14.46
C PHE B 50 39.49 -11.59 -15.16
N LEU B 51 38.62 -12.27 -15.90
CA LEU B 51 39.02 -13.50 -16.60
C LEU B 51 40.10 -13.24 -17.66
N GLN B 52 39.99 -12.13 -18.37
CA GLN B 52 41.07 -11.73 -19.30
C GLN B 52 42.41 -11.54 -18.59
N SER B 53 42.41 -10.94 -17.40
CA SER B 53 43.67 -10.75 -16.65
C SER B 53 44.26 -12.07 -16.15
N GLU B 54 43.42 -13.05 -15.81
CA GLU B 54 43.90 -14.40 -15.44
C GLU B 54 44.56 -15.12 -16.62
N SER B 55 44.03 -14.90 -17.82
CA SER B 55 44.61 -15.44 -19.05
C SER B 55 43.95 -14.76 -20.23
N ASN B 56 44.74 -14.14 -21.09
CA ASN B 56 44.19 -13.49 -22.29
C ASN B 56 43.93 -14.45 -23.47
N LYS B 57 44.30 -15.73 -23.30
CA LYS B 57 44.13 -16.76 -24.35
C LYS B 57 43.03 -17.80 -24.04
N LYS B 58 42.85 -18.18 -22.78
CA LYS B 58 41.91 -19.25 -22.42
C LYS B 58 40.45 -18.85 -22.73
N PRO B 59 39.66 -19.80 -23.29
CA PRO B 59 38.26 -19.46 -23.57
C PRO B 59 37.46 -19.07 -22.32
N ILE B 60 36.44 -18.25 -22.53
CA ILE B 60 35.47 -17.88 -21.50
C ILE B 60 34.12 -18.41 -21.95
N HIS B 61 33.37 -19.02 -21.04
CA HIS B 61 32.01 -19.49 -21.31
C HIS B 61 30.99 -18.50 -20.77
N MET B 62 30.05 -18.09 -21.60
CA MET B 62 28.96 -17.22 -21.21
C MET B 62 27.65 -17.99 -21.33
N TYR B 63 27.01 -18.23 -20.19
CA TYR B 63 25.71 -18.91 -20.16
C TYR B 63 24.59 -17.88 -20.19
N ILE B 64 23.70 -18.00 -21.16
CA ILE B 64 22.64 -17.03 -21.38
C ILE B 64 21.28 -17.68 -21.23
N ASN B 65 20.53 -17.22 -20.22
CA ASN B 65 19.11 -17.52 -20.08
C ASN B 65 18.45 -16.21 -19.70
N SER B 66 17.99 -15.46 -20.70
CA SER B 66 17.58 -14.09 -20.48
C SER B 66 16.44 -13.69 -21.39
N PRO B 67 15.45 -12.95 -20.85
CA PRO B 67 14.44 -12.34 -21.70
C PRO B 67 14.90 -11.03 -22.36
N GLY B 68 16.12 -10.59 -22.08
CA GLY B 68 16.64 -9.33 -22.58
C GLY B 68 16.61 -8.32 -21.44
N GLY B 69 16.36 -7.06 -21.78
CA GLY B 69 16.36 -5.99 -20.82
C GLY B 69 16.85 -4.69 -21.44
N VAL B 70 17.60 -3.91 -20.67
CA VAL B 70 17.96 -2.55 -21.02
C VAL B 70 18.99 -2.57 -22.17
N VAL B 71 18.68 -1.87 -23.26
CA VAL B 71 19.51 -1.94 -24.47
C VAL B 71 20.93 -1.43 -24.23
N THR B 72 21.07 -0.27 -23.60
CA THR B 72 22.42 0.27 -23.36
C THR B 72 23.27 -0.65 -22.46
N ALA B 73 22.62 -1.32 -21.51
CA ALA B 73 23.32 -2.27 -20.64
C ALA B 73 23.80 -3.48 -21.45
N GLY B 74 22.93 -3.99 -22.33
CA GLY B 74 23.29 -5.07 -23.23
C GLY B 74 24.45 -4.70 -24.16
N LEU B 75 24.42 -3.47 -24.65
CA LEU B 75 25.49 -2.98 -25.52
C LEU B 75 26.82 -2.82 -24.79
N ALA B 76 26.76 -2.47 -23.50
CA ALA B 76 27.97 -2.41 -22.69
C ALA B 76 28.65 -3.78 -22.56
N ILE B 77 27.84 -4.82 -22.37
CA ILE B 77 28.36 -6.18 -22.31
C ILE B 77 28.92 -6.57 -23.69
N TYR B 78 28.15 -6.31 -24.73
CA TYR B 78 28.57 -6.60 -26.11
C TYR B 78 29.95 -5.99 -26.43
N ASP B 79 30.11 -4.70 -26.14
CA ASP B 79 31.38 -4.02 -26.40
C ASP B 79 32.55 -4.61 -25.61
N THR B 80 32.30 -5.06 -24.39
CA THR B 80 33.31 -5.69 -23.57
C THR B 80 33.72 -7.05 -24.14
N MET B 81 32.73 -7.83 -24.60
CA MET B 81 33.00 -9.10 -25.27
C MET B 81 33.94 -8.91 -26.47
N GLN B 82 33.71 -7.86 -27.25
CA GLN B 82 34.58 -7.54 -28.41
C GLN B 82 35.94 -6.95 -28.01
N TYR B 83 35.99 -6.24 -26.89
CA TYR B 83 37.23 -5.61 -26.41
C TYR B 83 38.27 -6.61 -25.93
N ILE B 84 37.84 -7.61 -25.16
CA ILE B 84 38.78 -8.59 -24.64
C ILE B 84 39.26 -9.50 -25.77
N LEU B 85 40.45 -10.06 -25.65
CA LEU B 85 41.02 -10.85 -26.74
C LEU B 85 40.47 -12.28 -26.79
N ASN B 86 39.93 -12.74 -25.66
CA ASN B 86 39.67 -14.16 -25.45
C ASN B 86 38.60 -14.70 -26.39
N PRO B 87 38.74 -15.98 -26.78
CA PRO B 87 37.58 -16.64 -27.38
C PRO B 87 36.45 -16.70 -26.35
N ILE B 88 35.22 -16.43 -26.78
CA ILE B 88 34.05 -16.50 -25.91
C ILE B 88 33.08 -17.53 -26.48
N CYS B 89 32.85 -18.61 -25.73
CA CYS B 89 31.81 -19.57 -26.05
C CYS B 89 30.50 -19.14 -25.42
N THR B 90 29.49 -18.88 -26.24
CA THR B 90 28.17 -18.55 -25.74
C THR B 90 27.28 -19.78 -25.76
N TRP B 91 26.42 -19.89 -24.75
CA TRP B 91 25.51 -21.02 -24.59
C TRP B 91 24.12 -20.51 -24.29
N CYS B 92 23.15 -20.89 -25.11
CA CYS B 92 21.77 -20.59 -24.86
C CYS B 92 21.11 -21.74 -24.10
N VAL B 93 20.68 -21.48 -22.87
CA VAL B 93 19.90 -22.45 -22.10
C VAL B 93 18.58 -21.78 -21.71
N GLY B 94 17.47 -22.45 -21.97
CA GLY B 94 16.16 -21.88 -21.72
C GLY B 94 15.73 -20.95 -22.83
N GLN B 95 16.17 -19.70 -22.75
CA GLN B 95 15.89 -18.73 -23.79
C GLN B 95 16.95 -17.64 -23.91
N ALA B 96 17.05 -17.08 -25.10
CA ALA B 96 17.83 -15.86 -25.34
C ALA B 96 16.95 -14.96 -26.18
N ALA B 97 16.35 -13.95 -25.55
CA ALA B 97 15.45 -13.06 -26.24
C ALA B 97 15.98 -11.63 -26.21
N SER B 98 15.69 -10.89 -27.27
CA SER B 98 16.06 -9.48 -27.37
C SER B 98 17.57 -9.35 -27.16
N MET B 99 18.03 -8.55 -26.21
CA MET B 99 19.47 -8.38 -25.97
C MET B 99 20.20 -9.69 -25.65
N GLY B 100 19.49 -10.66 -25.06
CA GLY B 100 20.08 -11.96 -24.83
C GLY B 100 20.55 -12.64 -26.11
N SER B 101 19.76 -12.55 -27.17
CA SER B 101 20.12 -13.19 -28.45
C SER B 101 21.26 -12.43 -29.14
N LEU B 102 21.36 -11.14 -28.88
CA LEU B 102 22.48 -10.36 -29.40
C LEU B 102 23.80 -10.84 -28.78
N LEU B 103 23.80 -11.04 -27.47
CA LEU B 103 24.99 -11.56 -26.80
C LEU B 103 25.33 -12.96 -27.26
N LEU B 104 24.32 -13.81 -27.44
CA LEU B 104 24.52 -15.17 -27.94
C LEU B 104 25.22 -15.15 -29.32
N ALA B 105 24.68 -14.33 -30.22
CA ALA B 105 25.22 -14.14 -31.58
C ALA B 105 26.63 -13.55 -31.63
N ALA B 106 27.01 -12.81 -30.59
CA ALA B 106 28.28 -12.13 -30.49
C ALA B 106 29.42 -13.00 -29.95
N GLY B 107 29.15 -14.26 -29.63
CA GLY B 107 30.22 -15.19 -29.29
C GLY B 107 31.18 -15.39 -30.46
N THR B 108 32.36 -15.92 -30.16
CA THR B 108 33.38 -16.19 -31.17
C THR B 108 32.83 -17.14 -32.25
N PRO B 109 33.07 -16.83 -33.54
CA PRO B 109 32.59 -17.72 -34.60
C PRO B 109 33.01 -19.17 -34.40
N GLY B 110 32.07 -20.10 -34.59
CA GLY B 110 32.29 -21.52 -34.29
C GLY B 110 31.99 -21.94 -32.85
N MET B 111 31.83 -20.99 -31.93
CA MET B 111 31.70 -21.28 -30.50
C MET B 111 30.37 -20.78 -29.90
N ARG B 112 29.33 -20.68 -30.72
CA ARG B 112 28.01 -20.25 -30.28
C ARG B 112 27.10 -21.47 -30.27
N HIS B 113 26.57 -21.79 -29.09
CA HIS B 113 25.94 -23.08 -28.80
C HIS B 113 24.52 -22.86 -28.30
N SER B 114 23.65 -23.82 -28.58
CA SER B 114 22.38 -23.91 -27.90
C SER B 114 22.10 -25.35 -27.49
N LEU B 115 21.41 -25.50 -26.36
CA LEU B 115 20.84 -26.79 -25.97
C LEU B 115 19.56 -27.01 -26.78
N PRO B 116 19.08 -28.26 -26.88
CA PRO B 116 18.05 -28.58 -27.89
C PRO B 116 16.68 -27.94 -27.72
N ASN B 117 16.26 -27.63 -26.49
CA ASN B 117 14.91 -27.11 -26.26
C ASN B 117 14.87 -25.61 -25.97
N SER B 118 15.98 -24.90 -26.19
CA SER B 118 16.01 -23.45 -26.01
C SER B 118 15.19 -22.74 -27.09
N ARG B 119 14.83 -21.49 -26.82
CA ARG B 119 14.13 -20.66 -27.80
C ARG B 119 14.89 -19.35 -27.93
N ILE B 120 15.01 -18.84 -29.15
CA ILE B 120 15.80 -17.66 -29.46
C ILE B 120 14.90 -16.62 -30.13
N MET B 121 14.94 -15.39 -29.67
CA MET B 121 14.13 -14.30 -30.24
C MET B 121 15.02 -13.10 -30.52
N ILE B 122 15.01 -12.64 -31.76
CA ILE B 122 15.70 -11.39 -32.14
C ILE B 122 14.78 -10.18 -32.14
N HIS B 123 13.47 -10.42 -32.25
CA HIS B 123 12.43 -9.41 -31.98
C HIS B 123 12.66 -8.74 -30.63
N GLN B 124 12.37 -7.44 -30.56
CA GLN B 124 12.43 -6.67 -29.30
C GLN B 124 10.99 -6.49 -28.81
N PRO B 125 10.56 -7.28 -27.81
CA PRO B 125 9.16 -7.18 -27.36
C PRO B 125 8.70 -5.79 -26.91
N ILE B 138 13.20 8.57 -23.49
CA ILE B 138 13.99 9.21 -24.53
C ILE B 138 13.19 9.56 -25.79
N GLN B 139 13.74 10.44 -26.60
CA GLN B 139 13.04 10.93 -27.80
C GLN B 139 12.96 9.85 -28.88
N ALA B 140 11.96 9.95 -29.74
CA ALA B 140 11.72 9.00 -30.84
C ALA B 140 12.97 8.74 -31.70
N GLU B 141 13.65 9.81 -32.07
CA GLU B 141 14.88 9.72 -32.88
C GLU B 141 15.95 8.87 -32.20
N GLU B 142 16.09 9.02 -30.88
CA GLU B 142 17.09 8.26 -30.14
C GLU B 142 16.74 6.78 -30.03
N ILE B 143 15.45 6.47 -29.93
CA ILE B 143 14.99 5.08 -29.91
C ILE B 143 15.33 4.42 -31.26
N MET B 144 15.11 5.14 -32.36
CA MET B 144 15.46 4.61 -33.69
C MET B 144 16.98 4.43 -33.90
N LYS B 145 17.78 5.36 -33.40
CA LYS B 145 19.24 5.22 -33.46
C LYS B 145 19.72 3.95 -32.77
N LEU B 146 19.20 3.67 -31.57
CA LEU B 146 19.53 2.43 -30.88
C LEU B 146 19.10 1.20 -31.68
N LYS B 147 17.90 1.24 -32.23
CA LYS B 147 17.38 0.13 -33.04
C LYS B 147 18.30 -0.13 -34.24
N LYS B 148 18.78 0.94 -34.90
CA LYS B 148 19.72 0.81 -36.01
C LYS B 148 21.06 0.21 -35.59
N GLN B 149 21.53 0.56 -34.40
CA GLN B 149 22.74 -0.05 -33.85
C GLN B 149 22.56 -1.57 -33.70
N LEU B 150 21.38 -2.00 -33.24
CA LEU B 150 21.09 -3.42 -33.12
C LEU B 150 21.08 -4.10 -34.49
N TYR B 151 20.42 -3.50 -35.47
CA TYR B 151 20.45 -4.04 -36.85
C TYR B 151 21.87 -4.26 -37.36
N ASN B 152 22.74 -3.27 -37.16
CA ASN B 152 24.13 -3.35 -37.60
C ASN B 152 24.89 -4.48 -36.91
N ILE B 153 24.71 -4.62 -35.60
CA ILE B 153 25.37 -5.68 -34.85
C ILE B 153 24.87 -7.07 -35.28
N TYR B 154 23.56 -7.25 -35.41
CA TYR B 154 23.03 -8.55 -35.87
C TYR B 154 23.52 -8.88 -37.28
N ALA B 155 23.55 -7.88 -38.16
CA ALA B 155 24.05 -8.09 -39.53
C ALA B 155 25.51 -8.57 -39.55
N LYS B 156 26.35 -7.91 -38.77
CA LYS B 156 27.76 -8.28 -38.65
C LYS B 156 27.97 -9.73 -38.17
N HIS B 157 27.25 -10.16 -37.14
CA HIS B 157 27.50 -11.47 -36.56
C HIS B 157 26.73 -12.61 -37.19
N THR B 158 25.57 -12.31 -37.80
CA THR B 158 24.80 -13.35 -38.48
C THR B 158 25.19 -13.50 -39.94
N LYS B 159 25.84 -12.47 -40.50
CA LYS B 159 26.13 -12.39 -41.94
C LYS B 159 24.89 -12.23 -42.85
N GLN B 160 23.75 -11.85 -42.29
CA GLN B 160 22.54 -11.55 -43.06
C GLN B 160 22.56 -10.07 -43.43
N SER B 161 21.81 -9.71 -44.47
CA SER B 161 21.70 -8.31 -44.87
C SER B 161 20.87 -7.51 -43.85
N LEU B 162 21.07 -6.20 -43.84
CA LEU B 162 20.27 -5.30 -43.04
C LEU B 162 18.76 -5.41 -43.32
N GLN B 163 18.41 -5.56 -44.58
CA GLN B 163 17.02 -5.75 -45.00
C GLN B 163 16.39 -7.00 -44.37
N VAL B 164 17.11 -8.12 -44.37
CA VAL B 164 16.61 -9.38 -43.80
C VAL B 164 16.46 -9.27 -42.27
N ILE B 165 17.44 -8.67 -41.61
CA ILE B 165 17.41 -8.45 -40.17
C ILE B 165 16.21 -7.57 -39.75
N GLU B 166 16.03 -6.45 -40.42
CA GLU B 166 14.91 -5.55 -40.15
C GLU B 166 13.57 -6.26 -40.30
N SER B 167 13.41 -7.01 -41.38
CA SER B 167 12.16 -7.77 -41.61
C SER B 167 11.94 -8.83 -40.54
N ALA B 168 12.98 -9.57 -40.19
CA ALA B 168 12.88 -10.63 -39.19
C ALA B 168 12.55 -10.07 -37.79
N MET B 169 13.17 -8.95 -37.43
CA MET B 169 12.94 -8.35 -36.11
C MET B 169 11.53 -7.79 -35.89
N GLU B 170 10.83 -7.50 -36.99
CA GLU B 170 9.44 -7.05 -36.93
C GLU B 170 8.46 -8.19 -36.52
N ARG B 171 8.86 -9.45 -36.74
CA ARG B 171 8.00 -10.61 -36.47
C ARG B 171 8.07 -11.04 -35.00
N ASP B 172 6.92 -11.03 -34.34
CA ASP B 172 6.86 -11.37 -32.92
C ASP B 172 6.82 -12.90 -32.76
N ARG B 173 8.00 -13.51 -32.78
CA ARG B 173 8.14 -14.96 -32.74
C ARG B 173 9.51 -15.36 -32.21
N TYR B 174 9.61 -16.62 -31.80
CA TYR B 174 10.86 -17.26 -31.42
C TYR B 174 11.28 -18.20 -32.53
N MET B 175 12.58 -18.45 -32.61
CA MET B 175 13.17 -19.46 -33.46
C MET B 175 13.60 -20.62 -32.60
N SER B 176 13.51 -21.82 -33.16
CA SER B 176 14.14 -22.99 -32.59
C SER B 176 15.65 -22.88 -32.75
N PRO B 177 16.41 -23.70 -32.00
CA PRO B 177 17.86 -23.68 -32.16
C PRO B 177 18.32 -23.96 -33.61
N MET B 178 17.67 -24.91 -34.29
CA MET B 178 18.02 -25.23 -35.70
C MET B 178 17.77 -24.03 -36.61
N GLU B 179 16.62 -23.36 -36.44
CA GLU B 179 16.32 -22.18 -37.22
C GLU B 179 17.31 -21.04 -36.94
N ALA B 180 17.66 -20.85 -35.67
CA ALA B 180 18.69 -19.86 -35.29
C ALA B 180 20.06 -20.19 -35.87
N GLN B 181 20.39 -21.47 -35.95
CA GLN B 181 21.63 -21.91 -36.61
C GLN B 181 21.65 -21.53 -38.09
N GLU B 182 20.57 -21.85 -38.80
CA GLU B 182 20.42 -21.49 -40.22
C GLU B 182 20.45 -19.98 -40.45
N PHE B 183 19.91 -19.21 -39.51
CA PHE B 183 19.92 -17.74 -39.59
C PHE B 183 21.31 -17.12 -39.35
N GLY B 184 22.21 -17.84 -38.69
CA GLY B 184 23.56 -17.35 -38.37
C GLY B 184 23.72 -16.80 -36.96
N ILE B 185 22.76 -17.06 -36.07
CA ILE B 185 22.85 -16.63 -34.66
C ILE B 185 23.75 -17.55 -33.85
N LEU B 186 23.73 -18.84 -34.18
CA LEU B 186 24.57 -19.79 -33.48
C LEU B 186 25.12 -20.84 -34.43
N ASP B 187 26.10 -21.60 -33.94
CA ASP B 187 26.86 -22.56 -34.74
C ASP B 187 26.53 -24.02 -34.45
N LYS B 188 26.25 -24.37 -33.20
CA LYS B 188 26.04 -25.78 -32.82
C LYS B 188 24.84 -25.93 -31.93
N VAL B 189 24.03 -26.96 -32.22
CA VAL B 189 22.94 -27.39 -31.35
C VAL B 189 23.36 -28.74 -30.78
N LEU B 190 23.59 -28.81 -29.47
CA LEU B 190 24.20 -29.96 -28.82
C LEU B 190 23.26 -30.61 -27.82
N VAL B 191 23.09 -31.93 -27.92
CA VAL B 191 22.40 -32.72 -26.89
C VAL B 191 23.37 -33.04 -25.73
N HIS B 192 24.59 -33.52 -26.06
CA HIS B 192 25.61 -33.84 -25.05
C HIS B 192 26.95 -33.45 -25.71
N PRO B 193 28.08 -33.53 -24.97
CA PRO B 193 29.37 -33.41 -25.65
C PRO B 193 29.58 -34.52 -26.71
N PRO B 194 30.35 -34.26 -27.80
CA PRO B 194 30.61 -35.20 -28.90
C PRO B 194 30.84 -36.68 -28.53
N LEU C 3 24.04 -10.86 -5.69
CA LEU C 3 25.20 -11.66 -5.17
C LEU C 3 26.49 -11.32 -5.93
N ILE C 4 27.51 -10.92 -5.18
CA ILE C 4 28.77 -10.49 -5.78
C ILE C 4 29.73 -11.67 -5.72
N PRO C 5 30.23 -12.14 -6.88
CA PRO C 5 31.18 -13.24 -6.82
C PRO C 5 32.50 -12.89 -6.15
N ILE C 6 33.11 -13.91 -5.55
CA ILE C 6 34.38 -13.81 -4.84
C ILE C 6 35.46 -14.37 -5.77
N VAL C 7 36.60 -13.70 -5.84
CA VAL C 7 37.77 -14.20 -6.61
C VAL C 7 38.99 -14.28 -5.71
N VAL C 8 39.90 -15.19 -6.05
CA VAL C 8 41.14 -15.41 -5.28
C VAL C 8 42.35 -14.82 -6.03
N GLU C 9 43.17 -14.05 -5.31
CA GLU C 9 44.42 -13.48 -5.82
C GLU C 9 45.59 -14.09 -5.06
N GLN C 10 46.72 -14.29 -5.75
CA GLN C 10 47.89 -14.97 -5.18
C GLN C 10 48.86 -13.96 -4.57
N GLU C 15 47.09 -16.82 -0.43
CA GLU C 15 45.85 -16.48 -1.10
C GLU C 15 44.96 -15.53 -0.28
N ARG C 16 44.40 -14.51 -0.95
CA ARG C 16 43.37 -13.64 -0.37
C ARG C 16 42.11 -13.64 -1.26
N ALA C 17 40.94 -13.68 -0.63
CA ALA C 17 39.65 -13.69 -1.31
C ALA C 17 39.01 -12.29 -1.28
N TYR C 18 38.69 -11.76 -2.46
CA TYR C 18 38.04 -10.46 -2.60
C TYR C 18 36.74 -10.64 -3.33
N ASP C 19 35.73 -9.85 -2.97
CA ASP C 19 34.60 -9.64 -3.87
C ASP C 19 35.14 -8.96 -5.14
N ILE C 20 34.47 -9.16 -6.27
CA ILE C 20 35.06 -8.76 -7.54
C ILE C 20 35.26 -7.24 -7.68
N TYR C 21 34.39 -6.42 -7.08
CA TYR C 21 34.58 -4.95 -7.10
C TYR C 21 35.81 -4.51 -6.30
N SER C 22 36.06 -5.15 -5.17
CA SER C 22 37.26 -4.92 -4.39
C SER C 22 38.52 -5.35 -5.14
N ARG C 23 38.42 -6.43 -5.90
CA ARG C 23 39.51 -6.86 -6.75
C ARG C 23 39.82 -5.82 -7.84
N LEU C 24 38.78 -5.27 -8.47
CA LEU C 24 38.95 -4.19 -9.46
C LEU C 24 39.61 -2.97 -8.84
N LEU C 25 39.20 -2.61 -7.62
CA LEU C 25 39.82 -1.51 -6.90
C LEU C 25 41.31 -1.71 -6.66
N ARG C 26 41.70 -2.95 -6.46
CA ARG C 26 43.09 -3.32 -6.32
C ARG C 26 43.88 -2.99 -7.63
N GLU C 27 43.18 -2.99 -8.74
CA GLU C 27 43.74 -2.69 -10.03
C GLU C 27 43.58 -1.22 -10.41
N ARG C 28 43.20 -0.41 -9.42
CA ARG C 28 42.99 1.03 -9.57
C ARG C 28 41.81 1.39 -10.49
N ILE C 29 40.79 0.54 -10.48
CA ILE C 29 39.56 0.77 -11.22
C ILE C 29 38.45 1.15 -10.25
N VAL C 30 37.80 2.28 -10.53
CA VAL C 30 36.66 2.77 -9.75
C VAL C 30 35.44 2.77 -10.67
N CYS C 31 34.35 2.16 -10.23
CA CYS C 31 33.16 2.14 -11.06
C CYS C 31 32.13 3.16 -10.69
N VAL C 32 31.54 3.78 -11.69
CA VAL C 32 30.49 4.74 -11.50
C VAL C 32 29.42 4.26 -12.43
N MET C 33 28.74 3.23 -12.02
CA MET C 33 27.70 2.62 -12.80
C MET C 33 26.41 2.88 -12.06
N GLY C 34 25.38 3.33 -12.73
CA GLY C 34 24.12 3.58 -12.07
C GLY C 34 23.91 5.02 -11.70
N PRO C 35 22.74 5.36 -11.13
CA PRO C 35 22.48 6.75 -10.77
C PRO C 35 23.47 7.28 -9.74
N ILE C 36 23.78 8.56 -9.85
CA ILE C 36 24.71 9.22 -8.93
C ILE C 36 23.86 9.88 -7.84
N ASP C 37 24.11 9.54 -6.60
CA ASP C 37 23.51 10.23 -5.46
C ASP C 37 24.60 10.40 -4.40
N ASP C 38 24.25 10.96 -3.24
CA ASP C 38 25.25 11.22 -2.20
C ASP C 38 26.00 9.98 -1.74
N SER C 39 25.29 8.86 -1.65
CA SER C 39 25.88 7.58 -1.24
C SER C 39 26.93 7.07 -2.26
N VAL C 40 26.60 7.13 -3.53
CA VAL C 40 27.57 6.79 -4.59
C VAL C 40 28.76 7.75 -4.59
N ALA C 41 28.49 9.05 -4.47
CA ALA C 41 29.57 10.04 -4.40
C ALA C 41 30.52 9.76 -3.24
N SER C 42 29.96 9.47 -2.09
CA SER C 42 30.75 9.20 -0.94
C SER C 42 31.70 8.03 -1.14
N LEU C 43 31.21 6.99 -1.76
CA LEU C 43 31.99 5.81 -2.02
C LEU C 43 33.09 6.05 -3.08
N VAL C 44 32.74 6.76 -4.13
CA VAL C 44 33.69 7.05 -5.19
C VAL C 44 34.78 7.94 -4.63
N ILE C 45 34.39 8.95 -3.88
CA ILE C 45 35.38 9.86 -3.28
C ILE C 45 36.35 9.10 -2.36
N ALA C 46 35.82 8.21 -1.51
CA ALA C 46 36.68 7.40 -0.66
C ALA C 46 37.66 6.55 -1.47
N GLN C 47 37.19 5.96 -2.56
CA GLN C 47 38.05 5.16 -3.42
C GLN C 47 39.13 6.00 -4.09
N LEU C 48 38.77 7.16 -4.63
CA LEU C 48 39.76 8.03 -5.27
C LEU C 48 40.86 8.46 -4.30
N LEU C 49 40.46 8.85 -3.08
CA LEU C 49 41.42 9.27 -2.07
C LEU C 49 42.30 8.12 -1.59
N PHE C 50 41.73 6.94 -1.43
CA PHE C 50 42.50 5.74 -1.11
C PHE C 50 43.55 5.44 -2.19
N LEU C 51 43.13 5.48 -3.46
CA LEU C 51 44.04 5.19 -4.57
C LEU C 51 45.18 6.22 -4.66
N GLN C 52 44.89 7.49 -4.42
CA GLN C 52 45.93 8.51 -4.32
C GLN C 52 46.96 8.20 -3.23
N SER C 53 46.51 7.73 -2.06
CA SER C 53 47.44 7.39 -0.99
C SER C 53 48.31 6.17 -1.31
N GLU C 54 47.78 5.20 -2.06
CA GLU C 54 48.58 4.06 -2.53
C GLU C 54 49.68 4.49 -3.52
N SER C 55 49.38 5.48 -4.35
CA SER C 55 50.35 6.05 -5.28
C SER C 55 49.78 7.34 -5.85
N ASN C 56 50.49 8.45 -5.68
CA ASN C 56 50.01 9.72 -6.22
C ASN C 56 50.36 9.93 -7.70
N LYS C 57 51.06 8.98 -8.32
CA LYS C 57 51.47 9.05 -9.73
C LYS C 57 50.73 8.05 -10.64
N LYS C 58 50.43 6.85 -10.16
CA LYS C 58 49.82 5.81 -11.01
C LYS C 58 48.42 6.19 -11.50
N PRO C 59 48.12 5.93 -12.78
CA PRO C 59 46.78 6.27 -13.28
C PRO C 59 45.65 5.56 -12.54
N ILE C 60 44.49 6.18 -12.52
CA ILE C 60 43.25 5.61 -11.98
C ILE C 60 42.28 5.50 -13.14
N HIS C 61 41.58 4.37 -13.24
CA HIS C 61 40.55 4.17 -14.25
C HIS C 61 39.18 4.37 -13.65
N MET C 62 38.36 5.19 -14.28
CA MET C 62 36.98 5.42 -13.86
C MET C 62 36.06 4.91 -14.95
N TYR C 63 35.31 3.86 -14.64
CA TYR C 63 34.32 3.30 -15.57
C TYR C 63 32.97 3.94 -15.32
N ILE C 64 32.39 4.51 -16.38
CA ILE C 64 31.15 5.27 -16.28
C ILE C 64 30.07 4.62 -17.14
N ASN C 65 29.02 4.14 -16.47
CA ASN C 65 27.79 3.74 -17.12
C ASN C 65 26.67 4.29 -16.27
N SER C 66 26.22 5.50 -16.58
CA SER C 66 25.35 6.23 -15.68
C SER C 66 24.36 7.11 -16.43
N PRO C 67 23.08 7.13 -15.98
CA PRO C 67 22.14 8.10 -16.51
C PRO C 67 22.27 9.49 -15.87
N GLY C 68 23.20 9.66 -14.94
CA GLY C 68 23.37 10.91 -14.23
C GLY C 68 22.79 10.78 -12.84
N GLY C 69 22.27 11.87 -12.31
CA GLY C 69 21.66 11.87 -10.99
C GLY C 69 21.81 13.23 -10.34
N VAL C 70 22.09 13.23 -9.03
CA VAL C 70 22.06 14.44 -8.22
C VAL C 70 23.25 15.33 -8.57
N VAL C 71 22.98 16.58 -8.93
CA VAL C 71 24.03 17.49 -9.45
C VAL C 71 25.11 17.75 -8.40
N THR C 72 24.73 18.08 -7.17
CA THR C 72 25.74 18.35 -6.14
C THR C 72 26.62 17.13 -5.84
N ALA C 73 26.04 15.93 -5.92
CA ALA C 73 26.80 14.70 -5.73
C ALA C 73 27.81 14.51 -6.87
N GLY C 74 27.38 14.77 -8.09
CA GLY C 74 28.26 14.71 -9.26
C GLY C 74 29.40 15.73 -9.16
N LEU C 75 29.08 16.92 -8.67
CA LEU C 75 30.08 17.97 -8.49
C LEU C 75 31.10 17.62 -7.40
N ALA C 76 30.66 16.90 -6.36
CA ALA C 76 31.57 16.41 -5.33
C ALA C 76 32.62 15.45 -5.90
N ILE C 77 32.17 14.56 -6.79
CA ILE C 77 33.08 13.62 -7.45
C ILE C 77 34.02 14.41 -8.38
N TYR C 78 33.45 15.32 -9.16
CA TYR C 78 34.24 16.15 -10.07
C TYR C 78 35.37 16.89 -9.35
N ASP C 79 35.04 17.56 -8.24
CA ASP C 79 36.03 18.29 -7.46
C ASP C 79 37.14 17.39 -6.90
N THR C 80 36.78 16.17 -6.51
CA THR C 80 37.74 15.19 -6.01
C THR C 80 38.68 14.73 -7.13
N MET C 81 38.13 14.48 -8.32
CA MET C 81 38.94 14.14 -9.50
C MET C 81 39.99 15.21 -9.77
N GLN C 82 39.61 16.48 -9.66
CA GLN C 82 40.55 17.60 -9.85
C GLN C 82 41.53 17.79 -8.68
N TYR C 83 41.10 17.45 -7.47
CA TYR C 83 41.93 17.60 -6.27
C TYR C 83 43.11 16.64 -6.22
N ILE C 84 42.88 15.38 -6.55
CA ILE C 84 43.95 14.39 -6.53
C ILE C 84 44.93 14.67 -7.68
N LEU C 85 46.17 14.26 -7.51
CA LEU C 85 47.20 14.59 -8.52
C LEU C 85 47.16 13.62 -9.70
N ASN C 86 46.58 12.44 -9.50
CA ASN C 86 46.75 11.32 -10.41
C ASN C 86 46.15 11.57 -11.78
N PRO C 87 46.78 11.01 -12.83
CA PRO C 87 46.06 10.94 -14.10
C PRO C 87 44.81 10.06 -13.93
N ILE C 88 43.68 10.48 -14.48
CA ILE C 88 42.45 9.71 -14.43
C ILE C 88 42.01 9.37 -15.86
N CYS C 89 41.98 8.07 -16.18
CA CYS C 89 41.41 7.61 -17.43
C CYS C 89 39.93 7.34 -17.24
N THR C 90 39.09 8.05 -17.98
CA THR C 90 37.66 7.82 -17.96
C THR C 90 37.25 6.94 -19.14
N TRP C 91 36.29 6.07 -18.90
CA TRP C 91 35.78 5.14 -19.89
C TRP C 91 34.27 5.16 -19.88
N CYS C 92 33.68 5.45 -21.04
CA CYS C 92 32.24 5.37 -21.21
C CYS C 92 31.86 4.00 -21.75
N VAL C 93 31.10 3.24 -20.96
CA VAL C 93 30.54 1.97 -21.41
C VAL C 93 29.03 2.04 -21.20
N GLY C 94 28.27 1.71 -22.24
CA GLY C 94 26.82 1.82 -22.21
C GLY C 94 26.37 3.24 -22.47
N GLN C 95 26.35 4.05 -21.40
CA GLN C 95 26.01 5.46 -21.54
C GLN C 95 26.66 6.33 -20.49
N ALA C 96 26.83 7.61 -20.83
CA ALA C 96 27.19 8.65 -19.87
C ALA C 96 26.26 9.80 -20.16
N ALA C 97 25.25 9.98 -19.31
CA ALA C 97 24.28 11.04 -19.49
C ALA C 97 24.29 11.99 -18.32
N SER C 98 24.01 13.27 -18.62
CA SER C 98 23.90 14.30 -17.60
C SER C 98 25.21 14.34 -16.81
N MET C 99 25.18 14.21 -15.49
CA MET C 99 26.40 14.25 -14.67
C MET C 99 27.42 13.18 -15.05
N GLY C 100 26.97 12.05 -15.59
CA GLY C 100 27.88 11.04 -16.10
C GLY C 100 28.81 11.54 -17.19
N SER C 101 28.27 12.34 -18.10
CA SER C 101 29.09 12.89 -19.21
C SER C 101 30.04 13.98 -18.71
N LEU C 102 29.65 14.66 -17.64
CA LEU C 102 30.55 15.64 -17.02
C LEU C 102 31.78 14.95 -16.44
N LEU C 103 31.57 13.85 -15.73
CA LEU C 103 32.69 13.08 -15.19
C LEU C 103 33.57 12.51 -16.30
N LEU C 104 32.95 12.00 -17.36
CA LEU C 104 33.68 11.48 -18.52
C LEU C 104 34.60 12.55 -19.11
N ALA C 105 34.04 13.74 -19.35
CA ALA C 105 34.76 14.90 -19.89
C ALA C 105 35.88 15.43 -18.98
N ALA C 106 35.77 15.18 -17.68
CA ALA C 106 36.69 15.64 -16.67
C ALA C 106 37.91 14.75 -16.48
N GLY C 107 38.00 13.63 -17.21
CA GLY C 107 39.22 12.83 -17.20
C GLY C 107 40.42 13.62 -17.71
N THR C 108 41.61 13.12 -17.43
CA THR C 108 42.85 13.75 -17.85
C THR C 108 42.89 13.87 -19.39
N PRO C 109 43.28 15.06 -19.91
CA PRO C 109 43.35 15.21 -21.37
C PRO C 109 44.17 14.11 -22.05
N GLY C 110 43.66 13.56 -23.14
CA GLY C 110 44.24 12.40 -23.81
C GLY C 110 43.81 11.04 -23.29
N MET C 111 43.15 11.00 -22.13
CA MET C 111 42.82 9.73 -21.46
C MET C 111 41.30 9.54 -21.25
N ARG C 112 40.49 10.15 -22.11
CA ARG C 112 39.04 10.02 -22.05
C ARG C 112 38.60 9.13 -23.20
N HIS C 113 37.98 8.01 -22.87
CA HIS C 113 37.74 6.89 -23.79
C HIS C 113 36.26 6.57 -23.86
N SER C 114 35.83 6.08 -25.02
CA SER C 114 34.54 5.44 -25.13
C SER C 114 34.66 4.15 -25.93
N LEU C 115 33.83 3.16 -25.57
CA LEU C 115 33.64 1.97 -26.40
C LEU C 115 32.70 2.34 -27.57
N PRO C 116 32.69 1.53 -28.65
CA PRO C 116 32.06 2.00 -29.89
C PRO C 116 30.56 2.22 -29.89
N ASN C 117 29.81 1.49 -29.07
CA ASN C 117 28.35 1.58 -29.09
C ASN C 117 27.76 2.37 -27.92
N SER C 118 28.60 3.07 -27.16
CA SER C 118 28.11 3.92 -26.07
C SER C 118 27.36 5.14 -26.59
N ARG C 119 26.57 5.76 -25.72
CA ARG C 119 25.85 6.99 -26.06
C ARG C 119 26.16 8.02 -24.98
N ILE C 120 26.37 9.27 -25.39
CA ILE C 120 26.79 10.35 -24.50
C ILE C 120 25.75 11.47 -24.58
N MET C 121 25.28 11.96 -23.43
CA MET C 121 24.32 13.06 -23.39
C MET C 121 24.80 14.13 -22.43
N ILE C 122 24.89 15.37 -22.90
CA ILE C 122 25.20 16.52 -22.04
C ILE C 122 23.95 17.27 -21.58
N HIS C 123 22.86 17.10 -22.32
CA HIS C 123 21.51 17.50 -21.88
C HIS C 123 21.22 16.96 -20.48
N GLN C 124 20.51 17.75 -19.68
CA GLN C 124 20.06 17.35 -18.34
C GLN C 124 18.56 17.02 -18.46
N PRO C 125 18.21 15.71 -18.52
CA PRO C 125 16.79 15.35 -18.71
C PRO C 125 15.82 15.92 -17.66
N ALA C 137 13.86 20.89 -2.48
CA ALA C 137 13.30 21.93 -3.33
C ALA C 137 14.13 23.19 -3.15
N ILE C 138 14.49 23.84 -4.25
CA ILE C 138 15.27 25.08 -4.22
C ILE C 138 14.71 26.17 -5.14
N GLN C 139 15.11 27.41 -4.86
CA GLN C 139 14.61 28.57 -5.59
C GLN C 139 15.13 28.60 -7.04
N ALA C 140 14.38 29.24 -7.92
CA ALA C 140 14.72 29.37 -9.34
C ALA C 140 16.16 29.88 -9.58
N GLU C 141 16.54 30.92 -8.85
CA GLU C 141 17.87 31.51 -8.96
C GLU C 141 18.97 30.48 -8.65
N GLU C 142 18.74 29.63 -7.64
CA GLU C 142 19.71 28.62 -7.25
C GLU C 142 19.84 27.51 -8.28
N ILE C 143 18.73 27.16 -8.92
CA ILE C 143 18.75 26.16 -10.01
C ILE C 143 19.59 26.70 -11.17
N MET C 144 19.42 27.98 -11.51
CA MET C 144 20.23 28.59 -12.56
C MET C 144 21.72 28.70 -12.23
N LYS C 145 22.05 29.02 -10.98
CA LYS C 145 23.46 29.04 -10.55
C LYS C 145 24.14 27.69 -10.74
N LEU C 146 23.46 26.61 -10.35
CA LEU C 146 23.98 25.27 -10.60
C LEU C 146 24.17 24.99 -12.07
N LYS C 147 23.19 25.34 -12.87
CA LYS C 147 23.25 25.15 -14.32
C LYS C 147 24.45 25.90 -14.92
N LYS C 148 24.69 27.12 -14.46
CA LYS C 148 25.87 27.92 -14.91
C LYS C 148 27.19 27.28 -14.50
N GLN C 149 27.25 26.67 -13.31
CA GLN C 149 28.43 25.91 -12.91
C GLN C 149 28.71 24.77 -13.87
N LEU C 150 27.66 24.07 -14.31
CA LEU C 150 27.82 23.01 -15.30
C LEU C 150 28.34 23.54 -16.63
N TYR C 151 27.75 24.64 -17.11
CA TYR C 151 28.24 25.29 -18.35
C TYR C 151 29.74 25.60 -18.27
N ASN C 152 30.18 26.17 -17.15
CA ASN C 152 31.59 26.52 -16.98
C ASN C 152 32.49 25.30 -16.98
N ILE C 153 32.08 24.24 -16.31
CA ILE C 153 32.87 23.01 -16.29
C ILE C 153 32.96 22.36 -17.67
N TYR C 154 31.82 22.24 -18.37
CA TYR C 154 31.86 21.67 -19.73
C TYR C 154 32.71 22.53 -20.67
N ALA C 155 32.62 23.84 -20.56
CA ALA C 155 33.44 24.74 -21.38
C ALA C 155 34.93 24.53 -21.17
N LYS C 156 35.34 24.45 -19.91
CA LYS C 156 36.73 24.21 -19.53
C LYS C 156 37.28 22.90 -20.11
N HIS C 157 36.54 21.80 -20.02
CA HIS C 157 37.08 20.51 -20.41
C HIS C 157 36.86 20.17 -21.88
N THR C 158 35.83 20.72 -22.51
CA THR C 158 35.60 20.49 -23.93
C THR C 158 36.30 21.50 -24.81
N LYS C 159 36.69 22.65 -24.25
CA LYS C 159 37.24 23.79 -25.00
C LYS C 159 36.23 24.47 -25.95
N GLN C 160 34.94 24.23 -25.77
CA GLN C 160 33.88 24.92 -26.52
C GLN C 160 33.51 26.20 -25.77
N SER C 161 32.92 27.15 -26.47
CA SER C 161 32.44 28.39 -25.83
C SER C 161 31.21 28.11 -24.97
N LEU C 162 30.96 28.99 -24.01
CA LEU C 162 29.76 28.95 -23.18
C LEU C 162 28.47 28.98 -24.01
N GLN C 163 28.46 29.79 -25.06
CA GLN C 163 27.32 29.89 -25.99
C GLN C 163 27.02 28.55 -26.66
N VAL C 164 28.05 27.84 -27.13
CA VAL C 164 27.86 26.53 -27.79
C VAL C 164 27.36 25.48 -26.80
N ILE C 165 27.94 25.46 -25.60
CA ILE C 165 27.54 24.52 -24.53
C ILE C 165 26.07 24.73 -24.13
N GLU C 166 25.68 25.98 -23.89
CA GLU C 166 24.30 26.32 -23.57
C GLU C 166 23.32 25.85 -24.62
N SER C 167 23.63 26.13 -25.89
CA SER C 167 22.79 25.70 -27.00
C SER C 167 22.70 24.19 -27.11
N ALA C 168 23.82 23.50 -26.98
CA ALA C 168 23.86 22.04 -27.08
C ALA C 168 23.09 21.36 -25.94
N MET C 169 23.21 21.89 -24.72
CA MET C 169 22.52 21.30 -23.57
C MET C 169 20.99 21.43 -23.61
N GLU C 170 20.48 22.38 -24.38
CA GLU C 170 19.05 22.53 -24.59
C GLU C 170 18.45 21.40 -25.48
N ARG C 171 19.26 20.76 -26.29
CA ARG C 171 18.80 19.73 -27.23
C ARG C 171 18.70 18.35 -26.56
N ASP C 172 17.49 17.79 -26.59
CA ASP C 172 17.23 16.52 -25.92
C ASP C 172 17.66 15.37 -26.87
N ARG C 173 18.95 15.04 -26.82
CA ARG C 173 19.53 14.06 -27.72
C ARG C 173 20.81 13.48 -27.14
N TYR C 174 21.23 12.33 -27.68
CA TYR C 174 22.51 11.71 -27.39
C TYR C 174 23.44 11.94 -28.55
N MET C 175 24.73 11.91 -28.26
CA MET C 175 25.79 11.92 -29.26
C MET C 175 26.39 10.52 -29.32
N SER C 176 26.81 10.14 -30.52
CA SER C 176 27.65 8.96 -30.70
C SER C 176 29.05 9.25 -30.14
N PRO C 177 29.85 8.21 -29.92
CA PRO C 177 31.22 8.44 -29.45
C PRO C 177 32.04 9.34 -30.38
N MET C 178 31.90 9.17 -31.70
CA MET C 178 32.61 10.03 -32.67
C MET C 178 32.18 11.50 -32.56
N GLU C 179 30.88 11.73 -32.44
CA GLU C 179 30.39 13.09 -32.27
C GLU C 179 30.87 13.70 -30.94
N ALA C 180 30.85 12.91 -29.86
CA ALA C 180 31.39 13.36 -28.58
C ALA C 180 32.89 13.66 -28.63
N GLN C 181 33.63 12.89 -29.42
CA GLN C 181 35.05 13.15 -29.66
C GLN C 181 35.26 14.52 -30.34
N GLU C 182 34.53 14.75 -31.43
CA GLU C 182 34.57 16.04 -32.16
C GLU C 182 34.16 17.22 -31.27
N PHE C 183 33.20 17.01 -30.37
CA PHE C 183 32.75 18.05 -29.44
C PHE C 183 33.78 18.38 -28.34
N GLY C 184 34.71 17.46 -28.05
CA GLY C 184 35.72 17.64 -27.00
C GLY C 184 35.38 16.98 -25.67
N ILE C 185 34.41 16.08 -25.64
CA ILE C 185 34.04 15.34 -24.43
C ILE C 185 35.00 14.18 -24.17
N LEU C 186 35.48 13.56 -25.25
CA LEU C 186 36.40 12.46 -25.12
C LEU C 186 37.46 12.49 -26.21
N ASP C 187 38.50 11.69 -26.02
CA ASP C 187 39.68 11.67 -26.88
C ASP C 187 39.79 10.47 -27.81
N LYS C 188 39.37 9.29 -27.34
CA LYS C 188 39.56 8.06 -28.12
C LYS C 188 38.31 7.20 -28.11
N VAL C 189 37.96 6.67 -29.26
CA VAL C 189 36.92 5.66 -29.42
C VAL C 189 37.64 4.36 -29.80
N LEU C 190 37.58 3.37 -28.91
CA LEU C 190 38.38 2.14 -29.01
C LEU C 190 37.51 0.91 -29.16
N VAL C 191 37.82 0.08 -30.16
CA VAL C 191 37.20 -1.25 -30.32
C VAL C 191 37.89 -2.28 -29.41
N HIS C 192 39.23 -2.30 -29.42
CA HIS C 192 40.02 -3.21 -28.57
C HIS C 192 41.27 -2.42 -28.18
N PRO C 193 42.15 -2.98 -27.31
CA PRO C 193 43.47 -2.32 -27.14
C PRO C 193 44.27 -2.26 -28.46
N PRO C 194 45.14 -1.24 -28.64
CA PRO C 194 45.97 -1.03 -29.85
C PRO C 194 46.58 -2.28 -30.51
N LEU D 3 27.14 -2.10 -1.65
CA LEU D 3 28.37 -2.90 -1.34
C LEU D 3 29.55 -1.98 -1.07
N ILE D 4 30.18 -2.18 0.09
CA ILE D 4 31.32 -1.37 0.50
C ILE D 4 32.58 -2.14 0.13
N PRO D 5 33.45 -1.56 -0.72
CA PRO D 5 34.68 -2.30 -1.03
C PRO D 5 35.63 -2.46 0.17
N ILE D 6 36.39 -3.54 0.13
CA ILE D 6 37.36 -3.91 1.13
C ILE D 6 38.74 -3.54 0.60
N VAL D 7 39.59 -2.94 1.44
CA VAL D 7 40.98 -2.64 1.07
C VAL D 7 41.94 -3.28 2.07
N VAL D 8 43.16 -3.56 1.61
CA VAL D 8 44.20 -4.16 2.45
C VAL D 8 45.26 -3.12 2.85
N GLU D 9 45.60 -3.09 4.14
CA GLU D 9 46.66 -2.24 4.70
C GLU D 9 47.77 -3.15 5.23
N GLN D 10 49.02 -2.67 5.18
CA GLN D 10 50.18 -3.38 5.75
C GLN D 10 50.39 -2.93 7.19
N GLY D 14 51.31 -7.87 9.87
CA GLY D 14 51.03 -8.38 8.53
C GLY D 14 49.97 -7.57 7.80
N GLU D 15 49.06 -8.27 7.11
CA GLU D 15 47.99 -7.64 6.32
C GLU D 15 46.63 -7.69 7.04
N ARG D 16 45.92 -6.57 7.06
CA ARG D 16 44.57 -6.47 7.62
C ARG D 16 43.61 -5.89 6.56
N ALA D 17 42.41 -6.47 6.49
CA ALA D 17 41.37 -6.06 5.54
C ALA D 17 40.31 -5.19 6.24
N TYR D 18 40.11 -3.98 5.71
CA TYR D 18 39.12 -3.04 6.22
C TYR D 18 38.14 -2.71 5.12
N ASP D 19 36.87 -2.52 5.47
CA ASP D 19 35.97 -1.79 4.60
C ASP D 19 36.52 -0.36 4.44
N ILE D 20 36.21 0.28 3.32
CA ILE D 20 36.93 1.53 2.99
C ILE D 20 36.63 2.68 3.98
N TYR D 21 35.42 2.72 4.56
CA TYR D 21 35.12 3.75 5.59
C TYR D 21 35.91 3.55 6.87
N SER D 22 36.10 2.30 7.28
CA SER D 22 36.96 1.96 8.42
C SER D 22 38.41 2.32 8.15
N ARG D 23 38.85 2.13 6.91
CA ARG D 23 40.19 2.55 6.52
C ARG D 23 40.36 4.07 6.62
N LEU D 24 39.36 4.83 6.16
CA LEU D 24 39.38 6.30 6.29
C LEU D 24 39.43 6.72 7.76
N LEU D 25 38.67 6.04 8.61
CA LEU D 25 38.71 6.31 10.05
C LEU D 25 40.09 6.10 10.66
N ARG D 26 40.85 5.20 10.11
CA ARG D 26 42.21 4.97 10.54
C ARG D 26 43.09 6.17 10.20
N GLU D 27 42.71 6.93 9.20
CA GLU D 27 43.44 8.13 8.82
C GLU D 27 42.86 9.36 9.50
N ARG D 28 42.00 9.13 10.46
CA ARG D 28 41.36 10.20 11.23
C ARG D 28 40.36 11.03 10.42
N ILE D 29 39.70 10.38 9.46
CA ILE D 29 38.66 10.98 8.65
C ILE D 29 37.29 10.45 9.09
N VAL D 30 36.39 11.38 9.39
CA VAL D 30 35.01 11.08 9.77
C VAL D 30 34.08 11.66 8.71
N CYS D 31 33.19 10.83 8.19
CA CYS D 31 32.25 11.27 7.15
C CYS D 31 30.90 11.66 7.73
N VAL D 32 30.42 12.84 7.35
CA VAL D 32 29.06 13.30 7.63
C VAL D 32 28.43 13.53 6.25
N MET D 33 28.02 12.43 5.64
CA MET D 33 27.40 12.45 4.32
C MET D 33 25.93 12.09 4.51
N GLY D 34 25.05 12.84 3.85
CA GLY D 34 23.64 12.56 3.88
C GLY D 34 22.96 13.25 5.04
N PRO D 35 21.64 13.00 5.21
CA PRO D 35 20.88 13.67 6.25
C PRO D 35 21.38 13.35 7.67
N ILE D 36 21.30 14.33 8.56
CA ILE D 36 21.74 14.16 9.93
C ILE D 36 20.50 13.78 10.74
N ASP D 37 20.56 12.66 11.43
CA ASP D 37 19.52 12.25 12.38
C ASP D 37 20.22 11.67 13.60
N ASP D 38 19.47 11.19 14.57
CA ASP D 38 20.07 10.67 15.81
C ASP D 38 21.05 9.52 15.58
N SER D 39 20.72 8.66 14.62
CA SER D 39 21.57 7.52 14.27
C SER D 39 22.94 7.96 13.69
N VAL D 40 22.92 8.92 12.78
CA VAL D 40 24.15 9.51 12.24
C VAL D 40 24.94 10.22 13.34
N ALA D 41 24.26 11.01 14.16
CA ALA D 41 24.92 11.71 15.27
C ALA D 41 25.61 10.73 16.21
N SER D 42 24.96 9.64 16.51
CA SER D 42 25.52 8.67 17.39
C SER D 42 26.82 8.10 16.84
N LEU D 43 26.79 7.78 15.57
CA LEU D 43 27.94 7.24 14.89
C LEU D 43 29.10 8.22 14.82
N VAL D 44 28.79 9.45 14.49
CA VAL D 44 29.81 10.48 14.40
C VAL D 44 30.42 10.77 15.75
N ILE D 45 29.59 10.86 16.78
CA ILE D 45 30.08 11.09 18.11
C ILE D 45 30.98 9.98 18.57
N ALA D 46 30.60 8.76 18.32
CA ALA D 46 31.43 7.65 18.70
C ALA D 46 32.83 7.71 18.02
N GLN D 47 32.86 8.07 16.75
CA GLN D 47 34.10 8.19 16.00
C GLN D 47 34.93 9.32 16.55
N LEU D 48 34.35 10.47 16.81
CA LEU D 48 35.12 11.60 17.35
C LEU D 48 35.77 11.24 18.69
N LEU D 49 35.02 10.59 19.56
CA LEU D 49 35.53 10.20 20.87
C LEU D 49 36.61 9.12 20.78
N PHE D 50 36.44 8.16 19.87
CA PHE D 50 37.48 7.18 19.59
C PHE D 50 38.77 7.85 19.10
N LEU D 51 38.65 8.76 18.15
CA LEU D 51 39.83 9.44 17.61
C LEU D 51 40.56 10.28 18.66
N GLN D 52 39.82 10.94 19.54
CA GLN D 52 40.43 11.63 20.68
C GLN D 52 41.23 10.69 21.58
N SER D 53 40.72 9.49 21.85
CA SER D 53 41.45 8.52 22.67
C SER D 53 42.72 7.99 22.00
N GLU D 54 42.72 7.86 20.68
CA GLU D 54 43.93 7.48 19.92
C GLU D 54 45.02 8.56 20.00
N SER D 55 44.60 9.82 20.00
CA SER D 55 45.50 10.96 20.18
C SER D 55 44.69 12.20 20.44
N ASN D 56 44.94 12.87 21.56
CA ASN D 56 44.21 14.10 21.87
C ASN D 56 44.78 15.35 21.17
N LYS D 57 45.89 15.20 20.43
CA LYS D 57 46.55 16.31 19.72
C LYS D 57 46.40 16.26 18.18
N LYS D 58 46.40 15.06 17.59
CA LYS D 58 46.38 14.95 16.12
C LYS D 58 45.06 15.48 15.52
N PRO D 59 45.15 16.22 14.40
CA PRO D 59 43.93 16.71 13.77
C PRO D 59 42.96 15.61 13.34
N ILE D 60 41.69 15.93 13.30
CA ILE D 60 40.63 15.07 12.79
C ILE D 60 40.03 15.78 11.58
N HIS D 61 39.78 15.04 10.50
CA HIS D 61 39.13 15.57 9.33
C HIS D 61 37.66 15.17 9.31
N MET D 62 36.78 16.14 9.11
CA MET D 62 35.35 15.91 9.00
C MET D 62 34.91 16.29 7.59
N TYR D 63 34.48 15.29 6.81
CA TYR D 63 33.97 15.52 5.46
C TYR D 63 32.46 15.70 5.51
N ILE D 64 31.98 16.82 4.99
CA ILE D 64 30.58 17.19 5.07
C ILE D 64 29.98 17.30 3.67
N ASN D 65 29.02 16.43 3.38
CA ASN D 65 28.15 16.55 2.22
C ASN D 65 26.75 16.24 2.71
N SER D 66 26.02 17.27 3.12
CA SER D 66 24.78 17.06 3.84
C SER D 66 23.75 18.14 3.54
N PRO D 67 22.48 17.75 3.37
CA PRO D 67 21.42 18.75 3.29
C PRO D 67 20.95 19.25 4.66
N GLY D 68 21.54 18.73 5.75
CA GLY D 68 21.14 19.09 7.10
C GLY D 68 20.33 17.95 7.68
N GLY D 69 19.35 18.29 8.52
CA GLY D 69 18.53 17.30 9.17
C GLY D 69 18.08 17.76 10.54
N VAL D 70 18.06 16.83 11.48
CA VAL D 70 17.45 17.06 12.81
C VAL D 70 18.35 18.00 13.62
N VAL D 71 17.79 19.10 14.10
CA VAL D 71 18.57 20.15 14.76
C VAL D 71 19.26 19.64 16.03
N THR D 72 18.52 18.95 16.91
CA THR D 72 19.15 18.45 18.14
C THR D 72 20.27 17.43 17.87
N ALA D 73 20.13 16.65 16.81
CA ALA D 73 21.20 15.71 16.41
C ALA D 73 22.44 16.46 15.94
N GLY D 74 22.23 17.51 15.14
CA GLY D 74 23.31 18.38 14.70
C GLY D 74 24.02 19.06 15.85
N LEU D 75 23.23 19.50 16.83
CA LEU D 75 23.79 20.15 18.03
C LEU D 75 24.58 19.18 18.90
N ALA D 76 24.18 17.91 18.92
CA ALA D 76 24.94 16.88 19.63
C ALA D 76 26.33 16.69 19.03
N ILE D 77 26.41 16.71 17.70
CA ILE D 77 27.70 16.61 17.02
C ILE D 77 28.52 17.87 17.30
N TYR D 78 27.88 19.03 17.15
CA TYR D 78 28.55 20.31 17.42
C TYR D 78 29.18 20.35 18.81
N ASP D 79 28.40 20.00 19.84
CA ASP D 79 28.91 19.99 21.21
C ASP D 79 30.07 19.03 21.41
N THR D 80 30.06 17.88 20.73
CA THR D 80 31.14 16.91 20.80
C THR D 80 32.41 17.47 20.14
N MET D 81 32.26 18.11 18.99
CA MET D 81 33.37 18.79 18.32
C MET D 81 34.06 19.78 19.25
N GLN D 82 33.28 20.55 20.00
CA GLN D 82 33.82 21.53 20.97
C GLN D 82 34.38 20.86 22.24
N TYR D 83 33.83 19.72 22.63
CA TYR D 83 34.26 19.01 23.83
C TYR D 83 35.64 18.38 23.71
N ILE D 84 35.91 17.74 22.59
CA ILE D 84 37.23 17.11 22.38
C ILE D 84 38.28 18.19 22.18
N LEU D 85 39.52 17.89 22.52
CA LEU D 85 40.58 18.92 22.46
C LEU D 85 41.12 19.13 21.04
N ASN D 86 40.91 18.15 20.18
CA ASN D 86 41.63 18.05 18.92
C ASN D 86 41.30 19.19 17.95
N PRO D 87 42.29 19.60 17.15
CA PRO D 87 41.95 20.42 16.00
C PRO D 87 41.04 19.62 15.06
N ILE D 88 40.01 20.25 14.52
CA ILE D 88 39.10 19.60 13.56
C ILE D 88 39.15 20.37 12.24
N CYS D 89 39.61 19.72 11.19
CA CYS D 89 39.52 20.26 9.83
C CYS D 89 38.21 19.86 9.20
N THR D 90 37.38 20.83 8.85
CA THR D 90 36.13 20.57 8.17
C THR D 90 36.30 20.79 6.67
N TRP D 91 35.63 19.95 5.88
CA TRP D 91 35.69 20.01 4.43
C TRP D 91 34.29 19.93 3.87
N CYS D 92 33.91 20.92 3.07
CA CYS D 92 32.65 20.91 2.36
C CYS D 92 32.85 20.33 0.95
N VAL D 93 32.23 19.19 0.69
CA VAL D 93 32.22 18.61 -0.65
C VAL D 93 30.76 18.43 -1.06
N GLY D 94 30.40 18.90 -2.24
CA GLY D 94 29.02 18.87 -2.71
C GLY D 94 28.21 20.00 -2.12
N GLN D 95 27.70 19.79 -0.91
CA GLN D 95 26.96 20.83 -0.22
C GLN D 95 27.04 20.70 1.30
N ALA D 96 26.86 21.83 1.97
CA ALA D 96 26.64 21.86 3.41
C ALA D 96 25.48 22.81 3.64
N ALA D 97 24.32 22.26 3.92
CA ALA D 97 23.12 23.06 4.10
C ALA D 97 22.56 22.87 5.50
N SER D 98 21.97 23.93 6.03
CA SER D 98 21.31 23.89 7.32
C SER D 98 22.32 23.42 8.37
N MET D 99 22.03 22.36 9.14
CA MET D 99 22.97 21.87 10.16
C MET D 99 24.34 21.48 9.61
N GLY D 100 24.39 21.07 8.34
CA GLY D 100 25.68 20.80 7.71
C GLY D 100 26.61 22.00 7.69
N SER D 101 26.07 23.18 7.41
CA SER D 101 26.89 24.41 7.36
C SER D 101 27.30 24.85 8.75
N LEU D 102 26.50 24.52 9.76
CA LEU D 102 26.88 24.79 11.14
C LEU D 102 28.10 23.98 11.54
N LEU D 103 28.10 22.69 11.20
CA LEU D 103 29.25 21.84 11.48
C LEU D 103 30.49 22.31 10.73
N LEU D 104 30.32 22.69 9.47
CA LEU D 104 31.42 23.23 8.66
C LEU D 104 32.07 24.45 9.32
N ALA D 105 31.21 25.39 9.72
CA ALA D 105 31.64 26.63 10.42
C ALA D 105 32.29 26.40 11.78
N ALA D 106 31.97 25.28 12.42
CA ALA D 106 32.45 24.92 13.73
C ALA D 106 33.81 24.25 13.75
N GLY D 107 34.42 24.02 12.59
CA GLY D 107 35.78 23.54 12.54
C GLY D 107 36.74 24.53 13.19
N THR D 108 37.95 24.05 13.51
CA THR D 108 38.98 24.88 14.13
C THR D 108 39.32 26.07 13.23
N PRO D 109 39.42 27.29 13.80
CA PRO D 109 39.77 28.45 12.96
C PRO D 109 41.03 28.24 12.14
N GLY D 110 40.98 28.62 10.87
CA GLY D 110 42.06 28.34 9.90
C GLY D 110 41.97 27.00 9.19
N MET D 111 41.11 26.09 9.66
CA MET D 111 41.05 24.71 9.14
C MET D 111 39.68 24.34 8.55
N ARG D 112 38.93 25.33 8.08
CA ARG D 112 37.62 25.11 7.48
C ARG D 112 37.76 25.32 5.98
N HIS D 113 37.45 24.28 5.22
CA HIS D 113 37.81 24.16 3.81
C HIS D 113 36.56 23.91 2.98
N SER D 114 36.58 24.40 1.74
CA SER D 114 35.63 23.95 0.74
C SER D 114 36.33 23.66 -0.58
N LEU D 115 35.80 22.67 -1.31
CA LEU D 115 36.19 22.44 -2.71
C LEU D 115 35.47 23.49 -3.58
N PRO D 116 35.94 23.72 -4.81
CA PRO D 116 35.49 24.90 -5.56
C PRO D 116 34.03 24.95 -6.00
N ASN D 117 33.41 23.80 -6.22
CA ASN D 117 32.03 23.76 -6.74
C ASN D 117 30.98 23.41 -5.68
N SER D 118 31.36 23.41 -4.41
CA SER D 118 30.41 23.19 -3.33
C SER D 118 29.45 24.36 -3.18
N ARG D 119 28.34 24.11 -2.50
CA ARG D 119 27.34 25.15 -2.20
C ARG D 119 27.06 25.09 -0.69
N ILE D 120 26.94 26.25 -0.07
CA ILE D 120 26.77 26.37 1.38
C ILE D 120 25.49 27.14 1.66
N MET D 121 24.64 26.61 2.55
CA MET D 121 23.39 27.26 2.91
C MET D 121 23.28 27.33 4.43
N ILE D 122 23.09 28.54 4.95
CA ILE D 122 22.80 28.72 6.39
C ILE D 122 21.32 28.84 6.68
N HIS D 123 20.52 29.19 5.67
CA HIS D 123 19.07 29.07 5.70
C HIS D 123 18.65 27.67 6.16
N GLN D 124 17.55 27.59 6.92
CA GLN D 124 16.96 26.32 7.35
C GLN D 124 15.73 26.09 6.48
N PRO D 125 15.83 25.22 5.44
CA PRO D 125 14.67 25.03 4.57
C PRO D 125 13.37 24.59 5.26
N ILE D 138 6.66 19.99 18.32
CA ILE D 138 6.95 20.83 19.48
C ILE D 138 6.31 22.22 19.40
N GLN D 139 6.20 22.89 20.54
CA GLN D 139 5.52 24.18 20.63
C GLN D 139 6.35 25.29 19.94
N ALA D 140 5.64 26.32 19.48
CA ALA D 140 6.26 27.47 18.80
C ALA D 140 7.43 28.08 19.56
N GLU D 141 7.26 28.27 20.87
CA GLU D 141 8.33 28.85 21.70
C GLU D 141 9.60 28.00 21.67
N GLU D 142 9.44 26.68 21.68
CA GLU D 142 10.58 25.77 21.67
C GLU D 142 11.31 25.78 20.33
N ILE D 143 10.55 25.92 19.23
CA ILE D 143 11.15 26.03 17.90
C ILE D 143 12.00 27.31 17.83
N MET D 144 11.49 28.41 18.37
CA MET D 144 12.26 29.66 18.41
C MET D 144 13.51 29.61 19.28
N LYS D 145 13.43 28.94 20.42
CA LYS D 145 14.61 28.76 21.28
C LYS D 145 15.73 28.02 20.56
N LEU D 146 15.39 26.95 19.84
CA LEU D 146 16.37 26.24 19.02
C LEU D 146 16.97 27.15 17.95
N LYS D 147 16.13 27.89 17.26
CA LYS D 147 16.58 28.82 16.22
C LYS D 147 17.55 29.86 16.80
N LYS D 148 17.27 30.38 17.99
CA LYS D 148 18.17 31.32 18.68
C LYS D 148 19.51 30.69 19.05
N GLN D 149 19.50 29.42 19.45
CA GLN D 149 20.75 28.69 19.68
C GLN D 149 21.59 28.63 18.42
N LEU D 150 20.95 28.41 17.27
CA LEU D 150 21.67 28.40 15.99
C LEU D 150 22.27 29.77 15.68
N TYR D 151 21.47 30.83 15.85
CA TYR D 151 22.00 32.20 15.66
C TYR D 151 23.25 32.47 16.49
N ASN D 152 23.21 32.07 17.76
CA ASN D 152 24.34 32.27 18.66
C ASN D 152 25.59 31.52 18.19
N ILE D 153 25.41 30.26 17.80
CA ILE D 153 26.53 29.43 17.32
C ILE D 153 27.11 30.01 16.04
N TYR D 154 26.28 30.37 15.06
CA TYR D 154 26.79 30.96 13.81
C TYR D 154 27.53 32.29 14.09
N ALA D 155 26.99 33.10 15.00
CA ALA D 155 27.63 34.36 15.38
C ALA D 155 29.03 34.15 15.96
N LYS D 156 29.14 33.21 16.88
CA LYS D 156 30.41 32.85 17.50
C LYS D 156 31.48 32.42 16.48
N HIS D 157 31.12 31.54 15.55
CA HIS D 157 32.12 30.98 14.64
C HIS D 157 32.36 31.81 13.38
N THR D 158 31.38 32.58 12.95
CA THR D 158 31.56 33.44 11.77
C THR D 158 32.09 34.81 12.12
N LYS D 159 31.94 35.21 13.40
CA LYS D 159 32.28 36.56 13.87
C LYS D 159 31.33 37.67 13.32
N GLN D 160 30.18 37.30 12.77
CA GLN D 160 29.17 38.24 12.33
C GLN D 160 28.25 38.55 13.50
N SER D 161 27.55 39.69 13.43
CA SER D 161 26.58 40.05 14.46
C SER D 161 25.33 39.17 14.35
N LEU D 162 24.60 39.07 15.45
CA LEU D 162 23.32 38.36 15.48
C LEU D 162 22.32 38.91 14.47
N GLN D 163 22.37 40.22 14.24
CA GLN D 163 21.50 40.86 13.27
C GLN D 163 21.87 40.42 11.85
N VAL D 164 23.15 40.15 11.60
CA VAL D 164 23.59 39.74 10.27
C VAL D 164 23.16 38.31 9.96
N ILE D 165 23.32 37.43 10.95
CA ILE D 165 22.97 36.04 10.83
C ILE D 165 21.48 35.86 10.60
N GLU D 166 20.65 36.46 11.46
CA GLU D 166 19.20 36.35 11.31
C GLU D 166 18.72 36.86 9.99
N SER D 167 19.28 37.95 9.49
CA SER D 167 18.85 38.44 8.21
C SER D 167 19.23 37.50 7.12
N ALA D 168 20.45 37.01 7.18
CA ALA D 168 20.95 36.09 6.19
C ALA D 168 20.18 34.79 6.17
N MET D 169 19.89 34.26 7.34
CA MET D 169 19.18 32.97 7.44
C MET D 169 17.73 33.00 6.92
N GLU D 170 17.15 34.19 6.84
CA GLU D 170 15.83 34.37 6.27
C GLU D 170 15.80 34.18 4.72
N ARG D 171 16.95 34.37 4.07
CA ARG D 171 17.05 34.31 2.61
C ARG D 171 17.24 32.88 2.11
N ASP D 172 16.32 32.44 1.27
CA ASP D 172 16.34 31.06 0.76
C ASP D 172 17.31 30.98 -0.43
N ARG D 173 18.59 30.81 -0.12
CA ARG D 173 19.66 30.81 -1.12
C ARG D 173 20.88 30.08 -0.60
N TYR D 174 21.76 29.71 -1.53
CA TYR D 174 23.07 29.15 -1.24
C TYR D 174 24.11 30.22 -1.49
N MET D 175 25.25 30.07 -0.82
CA MET D 175 26.44 30.85 -1.06
C MET D 175 27.44 29.98 -1.79
N SER D 176 28.22 30.60 -2.66
CA SER D 176 29.40 29.98 -3.22
C SER D 176 30.47 29.85 -2.13
N PRO D 177 31.50 29.02 -2.36
CA PRO D 177 32.57 28.93 -1.39
C PRO D 177 33.25 30.27 -1.10
N MET D 178 33.48 31.09 -2.12
CA MET D 178 34.08 32.43 -1.91
C MET D 178 33.21 33.33 -1.05
N GLU D 179 31.90 33.34 -1.31
CA GLU D 179 30.98 34.11 -0.50
C GLU D 179 30.93 33.60 0.95
N ALA D 180 30.92 32.27 1.14
CA ALA D 180 30.98 31.69 2.48
C ALA D 180 32.28 32.02 3.21
N GLN D 181 33.39 32.10 2.47
CA GLN D 181 34.68 32.54 3.04
C GLN D 181 34.59 33.98 3.56
N GLU D 182 34.08 34.88 2.72
CA GLU D 182 33.87 36.30 3.10
C GLU D 182 32.92 36.44 4.30
N PHE D 183 31.91 35.59 4.38
CA PHE D 183 30.96 35.59 5.49
C PHE D 183 31.54 35.08 6.82
N GLY D 184 32.62 34.30 6.76
CA GLY D 184 33.27 33.73 7.95
C GLY D 184 32.87 32.29 8.26
N ILE D 185 32.24 31.60 7.31
CA ILE D 185 31.87 30.19 7.48
C ILE D 185 33.06 29.27 7.25
N LEU D 186 33.94 29.65 6.34
CA LEU D 186 35.11 28.86 6.06
C LEU D 186 36.32 29.73 5.78
N ASP D 187 37.49 29.12 5.77
CA ASP D 187 38.78 29.80 5.67
C ASP D 187 39.47 29.66 4.32
N LYS D 188 39.36 28.49 3.69
CA LYS D 188 40.11 28.21 2.46
C LYS D 188 39.21 27.55 1.41
N VAL D 189 39.32 28.02 0.18
CA VAL D 189 38.72 27.38 -0.98
C VAL D 189 39.86 26.81 -1.80
N LEU D 190 39.93 25.48 -1.91
CA LEU D 190 41.08 24.78 -2.47
C LEU D 190 40.69 23.99 -3.72
N VAL D 191 41.44 24.17 -4.81
CA VAL D 191 41.36 23.30 -5.99
C VAL D 191 42.18 22.01 -5.77
N HIS D 192 43.42 22.17 -5.30
CA HIS D 192 44.32 21.04 -5.00
C HIS D 192 45.14 21.50 -3.78
N PRO D 193 45.99 20.62 -3.20
CA PRO D 193 46.96 21.13 -2.21
C PRO D 193 47.92 22.21 -2.82
N PRO D 194 48.38 23.19 -1.99
CA PRO D 194 49.06 24.41 -2.49
C PRO D 194 50.15 24.21 -3.55
N LEU E 3 26.20 1.07 8.00
CA LEU E 3 27.54 0.40 8.16
C LEU E 3 28.23 0.93 9.41
N ILE E 4 28.64 0.01 10.29
CA ILE E 4 29.31 0.36 11.53
C ILE E 4 30.82 0.21 11.29
N PRO E 5 31.59 1.30 11.45
CA PRO E 5 33.03 1.13 11.27
C PRO E 5 33.69 0.23 12.33
N ILE E 6 34.78 -0.41 11.92
CA ILE E 6 35.58 -1.28 12.75
C ILE E 6 36.81 -0.51 13.18
N VAL E 7 37.18 -0.62 14.46
CA VAL E 7 38.39 0.03 15.00
C VAL E 7 39.29 -1.02 15.66
N VAL E 8 40.59 -0.71 15.70
CA VAL E 8 41.59 -1.60 16.31
C VAL E 8 42.04 -1.06 17.68
N GLU E 9 42.06 -1.94 18.68
CA GLU E 9 42.55 -1.65 20.03
C GLU E 9 43.81 -2.49 20.28
N GLN E 10 44.74 -1.96 21.07
CA GLN E 10 45.95 -2.69 21.49
C GLN E 10 45.65 -3.42 22.82
N THR E 11 45.78 -4.74 22.86
CA THR E 11 45.57 -5.52 24.10
C THR E 11 46.89 -6.13 24.61
N GLY E 12 46.81 -6.87 25.70
CA GLY E 12 47.91 -7.67 26.20
C GLY E 12 48.37 -8.79 25.27
N ARG E 13 47.46 -9.29 24.43
CA ARG E 13 47.76 -10.36 23.48
C ARG E 13 48.02 -9.85 22.04
N GLY E 14 47.97 -8.53 21.82
CA GLY E 14 48.16 -7.93 20.49
C GLY E 14 47.00 -7.01 20.09
N GLU E 15 46.62 -7.09 18.82
CA GLU E 15 45.57 -6.25 18.23
C GLU E 15 44.24 -6.98 18.08
N ARG E 16 43.14 -6.34 18.49
CA ARG E 16 41.78 -6.87 18.34
C ARG E 16 40.89 -5.83 17.63
N ALA E 17 40.04 -6.31 16.71
CA ALA E 17 39.14 -5.49 15.93
C ALA E 17 37.71 -5.53 16.48
N TYR E 18 37.16 -4.36 16.81
CA TYR E 18 35.80 -4.22 17.33
C TYR E 18 35.02 -3.30 16.42
N ASP E 19 33.71 -3.56 16.27
CA ASP E 19 32.82 -2.51 15.79
C ASP E 19 32.83 -1.37 16.83
N ILE E 20 32.58 -0.15 16.39
CA ILE E 20 32.84 1.00 17.26
C ILE E 20 31.95 1.04 18.53
N TYR E 21 30.71 0.54 18.44
CA TYR E 21 29.83 0.46 19.63
C TYR E 21 30.34 -0.55 20.68
N SER E 22 30.86 -1.67 20.20
CA SER E 22 31.50 -2.64 21.09
C SER E 22 32.76 -2.09 21.73
N ARG E 23 33.50 -1.28 20.99
CA ARG E 23 34.66 -0.60 21.55
C ARG E 23 34.26 0.37 22.66
N LEU E 24 33.18 1.15 22.45
CA LEU E 24 32.68 2.05 23.48
C LEU E 24 32.25 1.27 24.74
N LEU E 25 31.59 0.13 24.55
CA LEU E 25 31.22 -0.72 25.66
C LEU E 25 32.43 -1.21 26.49
N ARG E 26 33.55 -1.37 25.81
CA ARG E 26 34.75 -1.76 26.48
C ARG E 26 35.26 -0.62 27.33
N GLU E 27 34.89 0.59 27.01
CA GLU E 27 35.28 1.71 27.83
C GLU E 27 34.19 2.04 28.89
N ARG E 28 33.23 1.14 29.07
CA ARG E 28 32.14 1.26 30.03
C ARG E 28 31.14 2.36 29.67
N ILE E 29 30.95 2.56 28.36
CA ILE E 29 29.98 3.50 27.84
C ILE E 29 28.80 2.73 27.26
N VAL E 30 27.60 3.09 27.71
CA VAL E 30 26.35 2.51 27.24
C VAL E 30 25.55 3.62 26.58
N CYS E 31 25.09 3.38 25.35
CA CYS E 31 24.33 4.38 24.61
C CYS E 31 22.83 4.14 24.74
N VAL E 32 22.10 5.19 25.07
CA VAL E 32 20.64 5.21 25.03
C VAL E 32 20.28 6.33 24.04
N MET E 33 20.39 6.00 22.75
CA MET E 33 20.11 6.93 21.67
C MET E 33 18.83 6.47 21.00
N GLY E 34 17.94 7.40 20.72
CA GLY E 34 16.72 7.10 20.00
C GLY E 34 15.60 6.70 20.93
N PRO E 35 14.44 6.33 20.37
CA PRO E 35 13.27 5.98 21.19
C PRO E 35 13.53 4.77 22.09
N ILE E 36 12.94 4.78 23.27
CA ILE E 36 13.09 3.70 24.23
C ILE E 36 11.88 2.77 24.03
N ASP E 37 12.15 1.51 23.76
CA ASP E 37 11.11 0.47 23.72
C ASP E 37 11.69 -0.77 24.39
N ASP E 38 10.94 -1.87 24.42
CA ASP E 38 11.37 -3.07 25.12
C ASP E 38 12.70 -3.63 24.59
N SER E 39 12.89 -3.54 23.28
CA SER E 39 14.12 -4.01 22.64
C SER E 39 15.37 -3.19 23.08
N VAL E 40 15.24 -1.87 23.10
CA VAL E 40 16.29 -1.00 23.62
C VAL E 40 16.55 -1.26 25.10
N ALA E 41 15.48 -1.37 25.89
CA ALA E 41 15.63 -1.66 27.32
C ALA E 41 16.38 -2.96 27.55
N SER E 42 16.02 -4.01 26.81
CA SER E 42 16.68 -5.29 26.94
C SER E 42 18.20 -5.17 26.71
N LEU E 43 18.57 -4.45 25.66
CA LEU E 43 19.96 -4.28 25.30
C LEU E 43 20.73 -3.45 26.34
N VAL E 44 20.11 -2.37 26.81
CA VAL E 44 20.73 -1.51 27.81
C VAL E 44 20.91 -2.27 29.13
N ILE E 45 19.88 -3.01 29.53
CA ILE E 45 19.95 -3.81 30.76
C ILE E 45 21.05 -4.85 30.68
N ALA E 46 21.15 -5.58 29.56
CA ALA E 46 22.22 -6.54 29.37
C ALA E 46 23.60 -5.91 29.50
N GLN E 47 23.77 -4.74 28.90
CA GLN E 47 25.05 -4.03 28.98
C GLN E 47 25.37 -3.59 30.42
N LEU E 48 24.39 -3.04 31.13
CA LEU E 48 24.62 -2.61 32.52
C LEU E 48 25.03 -3.78 33.41
N LEU E 49 24.34 -4.91 33.25
CA LEU E 49 24.64 -6.10 34.05
C LEU E 49 26.01 -6.70 33.70
N PHE E 50 26.34 -6.72 32.42
CA PHE E 50 27.68 -7.13 31.98
C PHE E 50 28.77 -6.25 32.60
N LEU E 51 28.59 -4.93 32.54
CA LEU E 51 29.59 -4.01 33.07
C LEU E 51 29.76 -4.15 34.59
N GLN E 52 28.67 -4.37 35.31
CA GLN E 52 28.75 -4.69 36.74
C GLN E 52 29.59 -5.94 37.01
N SER E 53 29.43 -6.99 36.21
CA SER E 53 30.22 -8.21 36.40
C SER E 53 31.72 -8.02 36.10
N GLU E 54 32.05 -7.15 35.14
CA GLU E 54 33.46 -6.79 34.87
C GLU E 54 34.09 -6.04 36.04
N SER E 55 33.32 -5.20 36.71
CA SER E 55 33.76 -4.48 37.90
C SER E 55 32.55 -3.86 38.58
N ASN E 56 32.33 -4.21 39.84
CA ASN E 56 31.20 -3.62 40.57
C ASN E 56 31.49 -2.23 41.17
N LYS E 57 32.72 -1.73 41.00
CA LYS E 57 33.14 -0.41 41.52
C LYS E 57 33.36 0.65 40.42
N LYS E 58 33.87 0.26 39.26
CA LYS E 58 34.22 1.24 38.22
C LYS E 58 32.98 1.97 37.68
N PRO E 59 33.07 3.30 37.46
CA PRO E 59 31.91 4.02 36.93
C PRO E 59 31.47 3.51 35.55
N ILE E 60 30.18 3.68 35.27
CA ILE E 60 29.58 3.40 33.96
C ILE E 60 29.06 4.72 33.43
N HIS E 61 29.31 5.00 32.16
CA HIS E 61 28.80 6.19 31.48
C HIS E 61 27.59 5.83 30.64
N MET E 62 26.51 6.58 30.82
CA MET E 62 25.29 6.40 30.04
C MET E 62 25.07 7.65 29.23
N TYR E 63 25.16 7.51 27.90
CA TYR E 63 24.91 8.63 26.98
C TYR E 63 23.45 8.60 26.56
N ILE E 64 22.76 9.72 26.76
CA ILE E 64 21.35 9.83 26.50
C ILE E 64 21.07 10.88 25.46
N ASN E 65 20.53 10.43 24.32
CA ASN E 65 19.96 11.31 23.31
C ASN E 65 18.68 10.67 22.87
N SER E 66 17.58 11.02 23.52
CA SER E 66 16.33 10.27 23.38
C SER E 66 15.12 11.17 23.50
N PRO E 67 14.11 10.97 22.64
CA PRO E 67 12.83 11.64 22.83
C PRO E 67 11.93 10.94 23.86
N GLY E 68 12.40 9.85 24.46
CA GLY E 68 11.62 9.08 25.41
C GLY E 68 11.11 7.83 24.75
N GLY E 69 9.92 7.39 25.13
CA GLY E 69 9.31 6.20 24.55
C GLY E 69 8.45 5.48 25.58
N VAL E 70 8.51 4.16 25.57
CA VAL E 70 7.59 3.33 26.35
C VAL E 70 7.93 3.43 27.85
N VAL E 71 6.93 3.77 28.65
CA VAL E 71 7.18 4.07 30.08
C VAL E 71 7.70 2.84 30.82
N THR E 72 7.05 1.68 30.65
CA THR E 72 7.51 0.49 31.37
C THR E 72 8.94 0.07 30.96
N ALA E 73 9.30 0.30 29.71
CA ALA E 73 10.66 0.00 29.25
C ALA E 73 11.67 0.94 29.91
N GLY E 74 11.32 2.22 29.99
CA GLY E 74 12.14 3.20 30.70
C GLY E 74 12.31 2.87 32.18
N LEU E 75 11.22 2.41 32.80
CA LEU E 75 11.26 2.01 34.21
C LEU E 75 12.12 0.76 34.44
N ALA E 76 12.14 -0.14 33.46
CA ALA E 76 13.02 -1.32 33.54
C ALA E 76 14.50 -0.91 33.57
N ILE E 77 14.87 0.07 32.74
CA ILE E 77 16.23 0.59 32.74
C ILE E 77 16.51 1.30 34.08
N TYR E 78 15.58 2.14 34.49
CA TYR E 78 15.72 2.87 35.77
C TYR E 78 15.98 1.92 36.94
N ASP E 79 15.16 0.88 37.06
CA ASP E 79 15.33 -0.11 38.14
C ASP E 79 16.68 -0.83 38.09
N THR E 80 17.18 -1.11 36.89
CA THR E 80 18.47 -1.73 36.71
C THR E 80 19.61 -0.79 37.13
N MET E 81 19.50 0.48 36.77
CA MET E 81 20.45 1.51 37.21
C MET E 81 20.57 1.54 38.73
N GLN E 82 19.43 1.46 39.42
CA GLN E 82 19.41 1.44 40.90
C GLN E 82 19.87 0.10 41.48
N TYR E 83 19.65 -1.01 40.77
CA TYR E 83 20.02 -2.35 41.24
C TYR E 83 21.52 -2.58 41.27
N ILE E 84 22.23 -2.16 40.23
CA ILE E 84 23.67 -2.35 40.18
C ILE E 84 24.35 -1.41 41.18
N LEU E 85 25.52 -1.80 41.67
CA LEU E 85 26.18 -1.01 42.72
C LEU E 85 26.93 0.20 42.15
N ASN E 86 27.25 0.15 40.87
CA ASN E 86 28.22 1.05 40.27
C ASN E 86 27.78 2.50 40.28
N PRO E 87 28.74 3.42 40.41
CA PRO E 87 28.41 4.82 40.07
C PRO E 87 28.02 4.89 38.58
N ILE E 88 26.97 5.64 38.27
CA ILE E 88 26.57 5.83 36.88
C ILE E 88 26.63 7.32 36.55
N CYS E 89 27.51 7.68 35.61
CA CYS E 89 27.54 9.03 35.07
C CYS E 89 26.60 9.12 33.88
N THR E 90 25.60 9.98 33.97
CA THR E 90 24.68 10.22 32.88
C THR E 90 25.09 11.49 32.13
N TRP E 91 24.93 11.44 30.81
CA TRP E 91 25.29 12.55 29.94
C TRP E 91 24.13 12.80 28.98
N CYS E 92 23.65 14.03 28.97
CA CYS E 92 22.65 14.47 28.02
C CYS E 92 23.36 15.11 26.81
N VAL E 93 23.22 14.47 25.63
CA VAL E 93 23.70 15.05 24.39
C VAL E 93 22.52 15.13 23.43
N GLY E 94 22.31 16.29 22.84
CA GLY E 94 21.16 16.52 21.97
C GLY E 94 19.91 16.82 22.77
N GLN E 95 19.24 15.77 23.22
CA GLN E 95 18.05 15.92 24.06
C GLN E 95 17.82 14.75 24.99
N ALA E 96 17.14 15.02 26.10
CA ALA E 96 16.61 13.98 26.98
C ALA E 96 15.20 14.40 27.30
N ALA E 97 14.23 13.75 26.66
CA ALA E 97 12.83 14.08 26.84
C ALA E 97 12.07 12.90 27.41
N SER E 98 11.06 13.20 28.22
CA SER E 98 10.18 12.19 28.77
C SER E 98 11.02 11.17 29.54
N MET E 99 10.93 9.88 29.24
CA MET E 99 11.71 8.86 29.94
C MET E 99 13.23 9.08 29.86
N GLY E 100 13.70 9.72 28.79
CA GLY E 100 15.09 10.08 28.70
C GLY E 100 15.57 10.97 29.84
N SER E 101 14.76 11.95 30.22
CA SER E 101 15.14 12.87 31.31
C SER E 101 15.05 12.18 32.67
N LEU E 102 14.19 11.18 32.79
CA LEU E 102 14.14 10.38 34.02
C LEU E 102 15.43 9.61 34.22
N LEU E 103 15.93 8.98 33.15
CA LEU E 103 17.20 8.26 33.22
C LEU E 103 18.36 9.21 33.51
N LEU E 104 18.36 10.38 32.89
CA LEU E 104 19.38 11.40 33.13
C LEU E 104 19.43 11.78 34.63
N ALA E 105 18.26 12.08 35.17
CA ALA E 105 18.09 12.45 36.59
C ALA E 105 18.46 11.34 37.58
N ALA E 106 18.38 10.09 37.13
CA ALA E 106 18.65 8.92 37.94
C ALA E 106 20.12 8.53 38.03
N GLY E 107 21.01 9.26 37.35
CA GLY E 107 22.44 9.06 37.54
C GLY E 107 22.86 9.31 38.97
N THR E 108 24.05 8.83 39.33
CA THR E 108 24.60 9.00 40.67
C THR E 108 24.72 10.50 41.00
N PRO E 109 24.30 10.92 42.22
CA PRO E 109 24.42 12.34 42.57
C PRO E 109 25.84 12.88 42.38
N GLY E 110 25.94 14.07 41.79
CA GLY E 110 27.23 14.66 41.40
C GLY E 110 27.74 14.26 40.03
N MET E 111 27.15 13.24 39.40
CA MET E 111 27.66 12.68 38.15
C MET E 111 26.64 12.76 36.99
N ARG E 112 25.73 13.73 37.04
CA ARG E 112 24.73 13.92 36.01
C ARG E 112 25.14 15.18 35.22
N HIS E 113 25.37 14.99 33.93
CA HIS E 113 26.05 15.96 33.08
C HIS E 113 25.17 16.32 31.89
N SER E 114 25.31 17.55 31.40
CA SER E 114 24.81 17.91 30.10
C SER E 114 25.85 18.70 29.33
N LEU E 115 25.84 18.51 28.00
CA LEU E 115 26.59 19.39 27.10
C LEU E 115 25.80 20.70 26.93
N PRO E 116 26.45 21.79 26.48
CA PRO E 116 25.83 23.12 26.58
C PRO E 116 24.56 23.38 25.76
N ASN E 117 24.40 22.71 24.63
CA ASN E 117 23.28 22.97 23.73
C ASN E 117 22.16 21.93 23.79
N SER E 118 22.23 21.02 24.76
CA SER E 118 21.18 20.01 24.92
C SER E 118 19.87 20.64 25.42
N ARG E 119 18.78 19.92 25.25
CA ARG E 119 17.48 20.35 25.76
C ARG E 119 16.89 19.20 26.58
N ILE E 120 16.27 19.53 27.69
CA ILE E 120 15.74 18.56 28.64
C ILE E 120 14.25 18.79 28.84
N MET E 121 13.44 17.73 28.74
CA MET E 121 11.99 17.84 28.92
C MET E 121 11.53 16.78 29.91
N ILE E 122 10.83 17.21 30.97
CA ILE E 122 10.19 16.26 31.90
C ILE E 122 8.72 16.01 31.59
N HIS E 123 8.10 16.93 30.85
CA HIS E 123 6.79 16.73 30.23
C HIS E 123 6.77 15.41 29.45
N GLN E 124 5.63 14.73 29.47
CA GLN E 124 5.40 13.51 28.69
C GLN E 124 4.53 13.90 27.51
N PRO E 125 5.13 14.04 26.30
CA PRO E 125 4.30 14.47 25.14
C PRO E 125 3.10 13.54 24.84
N SER E 126 1.92 14.14 24.72
CA SER E 126 0.69 13.41 24.52
C SER E 126 0.55 13.04 23.03
N ILE E 138 -4.70 0.44 27.80
CA ILE E 138 -4.92 0.22 29.23
C ILE E 138 -5.95 1.18 29.83
N GLN E 139 -6.49 0.81 30.98
CA GLN E 139 -7.55 1.59 31.62
C GLN E 139 -7.00 2.91 32.19
N ALA E 140 -7.88 3.91 32.31
CA ALA E 140 -7.52 5.23 32.83
C ALA E 140 -6.78 5.19 34.17
N GLU E 141 -7.27 4.36 35.10
CA GLU E 141 -6.65 4.21 36.42
C GLU E 141 -5.20 3.74 36.33
N GLU E 142 -4.92 2.82 35.40
CA GLU E 142 -3.57 2.30 35.22
C GLU E 142 -2.62 3.32 34.62
N ILE E 143 -3.13 4.16 33.72
CA ILE E 143 -2.34 5.24 33.14
C ILE E 143 -1.95 6.24 34.26
N MET E 144 -2.89 6.55 35.15
CA MET E 144 -2.58 7.44 36.29
C MET E 144 -1.60 6.85 37.28
N LYS E 145 -1.70 5.55 37.56
CA LYS E 145 -0.74 4.88 38.45
C LYS E 145 0.68 5.00 37.92
N LEU E 146 0.87 4.76 36.61
CA LEU E 146 2.18 4.95 36.01
C LEU E 146 2.68 6.38 36.13
N LYS E 147 1.80 7.32 35.84
CA LYS E 147 2.14 8.74 35.95
C LYS E 147 2.59 9.11 37.38
N LYS E 148 1.90 8.57 38.38
CA LYS E 148 2.28 8.79 39.79
C LYS E 148 3.63 8.17 40.13
N GLN E 149 3.94 7.01 39.56
CA GLN E 149 5.27 6.42 39.71
C GLN E 149 6.36 7.35 39.19
N LEU E 150 6.09 8.00 38.04
CA LEU E 150 7.04 8.96 37.49
C LEU E 150 7.21 10.16 38.41
N TYR E 151 6.11 10.71 38.91
CA TYR E 151 6.18 11.83 39.89
C TYR E 151 7.07 11.47 41.09
N ASN E 152 6.89 10.28 41.63
CA ASN E 152 7.67 9.84 42.79
C ASN E 152 9.15 9.72 42.48
N ILE E 153 9.48 9.16 41.32
CA ILE E 153 10.87 9.02 40.91
C ILE E 153 11.53 10.40 40.67
N TYR E 154 10.85 11.29 39.95
CA TYR E 154 11.41 12.63 39.74
C TYR E 154 11.59 13.39 41.07
N ALA E 155 10.62 13.25 41.97
CA ALA E 155 10.73 13.88 43.30
C ALA E 155 11.95 13.41 44.08
N LYS E 156 12.16 12.10 44.09
CA LYS E 156 13.30 11.49 44.76
C LYS E 156 14.65 12.01 44.23
N HIS E 157 14.82 12.07 42.91
CA HIS E 157 16.12 12.41 42.36
C HIS E 157 16.36 13.91 42.16
N THR E 158 15.29 14.70 42.00
CA THR E 158 15.44 16.12 41.87
C THR E 158 15.38 16.85 43.20
N LYS E 159 14.84 16.19 44.22
CA LYS E 159 14.56 16.82 45.54
C LYS E 159 13.47 17.90 45.53
N GLN E 160 12.66 17.96 44.47
CA GLN E 160 11.52 18.89 44.40
C GLN E 160 10.30 18.18 45.01
N SER E 161 9.32 18.97 45.43
CA SER E 161 8.08 18.39 45.96
C SER E 161 7.23 17.77 44.86
N LEU E 162 6.36 16.83 45.24
CA LEU E 162 5.39 16.24 44.32
C LEU E 162 4.52 17.27 43.62
N GLN E 163 4.09 18.28 44.37
CA GLN E 163 3.28 19.38 43.82
C GLN E 163 4.01 20.14 42.70
N VAL E 164 5.29 20.45 42.91
CA VAL E 164 6.09 21.16 41.91
C VAL E 164 6.33 20.30 40.66
N ILE E 165 6.64 19.04 40.86
CA ILE E 165 6.85 18.07 39.75
C ILE E 165 5.58 17.93 38.90
N GLU E 166 4.44 17.72 39.54
CA GLU E 166 3.16 17.63 38.84
C GLU E 166 2.86 18.86 38.00
N SER E 167 3.04 20.03 38.58
CA SER E 167 2.84 21.29 37.86
C SER E 167 3.80 21.44 36.69
N ALA E 168 5.07 21.15 36.90
CA ALA E 168 6.10 21.28 35.86
C ALA E 168 5.87 20.31 34.70
N MET E 169 5.44 19.08 35.00
CA MET E 169 5.19 18.08 33.94
C MET E 169 3.99 18.39 33.05
N GLU E 170 3.08 19.22 33.52
CA GLU E 170 1.94 19.69 32.73
C GLU E 170 2.35 20.70 31.62
N ARG E 171 3.49 21.37 31.79
CA ARG E 171 3.96 22.41 30.86
C ARG E 171 4.71 21.80 29.67
N ASP E 172 4.19 22.06 28.48
CA ASP E 172 4.76 21.48 27.26
C ASP E 172 5.95 22.36 26.81
N ARG E 173 7.11 22.11 27.40
CA ARG E 173 8.30 22.92 27.18
C ARG E 173 9.57 22.14 27.49
N TYR E 174 10.68 22.66 27.01
CA TYR E 174 11.99 22.15 27.28
C TYR E 174 12.73 23.12 28.18
N MET E 175 13.65 22.59 28.95
CA MET E 175 14.49 23.36 29.80
C MET E 175 15.89 23.34 29.22
N SER E 176 16.64 24.39 29.49
CA SER E 176 18.02 24.47 29.11
C SER E 176 18.84 23.70 30.14
N PRO E 177 20.08 23.38 29.80
CA PRO E 177 20.87 22.68 30.79
C PRO E 177 20.99 23.41 32.14
N MET E 178 21.16 24.74 32.10
CA MET E 178 21.24 25.54 33.34
C MET E 178 19.94 25.47 34.14
N GLU E 179 18.80 25.58 33.46
CA GLU E 179 17.51 25.46 34.13
C GLU E 179 17.30 24.05 34.71
N ALA E 180 17.68 23.02 33.96
CA ALA E 180 17.64 21.64 34.47
C ALA E 180 18.54 21.42 35.67
N GLN E 181 19.71 22.08 35.69
CA GLN E 181 20.61 22.04 36.84
C GLN E 181 19.94 22.63 38.09
N GLU E 182 19.36 23.83 37.93
CA GLU E 182 18.64 24.50 39.03
C GLU E 182 17.43 23.68 39.52
N PHE E 183 16.76 22.98 38.61
CA PHE E 183 15.63 22.12 38.96
C PHE E 183 16.02 20.83 39.71
N GLY E 184 17.29 20.40 39.60
CA GLY E 184 17.79 19.19 40.26
C GLY E 184 17.83 17.96 39.36
N ILE E 185 17.72 18.14 38.05
CA ILE E 185 17.78 17.02 37.08
C ILE E 185 19.24 16.65 36.81
N LEU E 186 20.13 17.63 36.80
CA LEU E 186 21.54 17.36 36.56
C LEU E 186 22.43 18.23 37.42
N ASP E 187 23.70 17.89 37.47
CA ASP E 187 24.68 18.52 38.35
C ASP E 187 25.67 19.45 37.65
N LYS E 188 26.09 19.10 36.44
CA LYS E 188 27.14 19.86 35.74
C LYS E 188 26.78 20.10 34.29
N VAL E 189 27.02 21.33 33.84
CA VAL E 189 26.93 21.70 32.42
C VAL E 189 28.36 21.96 31.97
N LEU E 190 28.87 21.12 31.06
CA LEU E 190 30.29 21.12 30.68
C LEU E 190 30.48 21.45 29.21
N VAL E 191 31.38 22.40 28.92
CA VAL E 191 31.83 22.67 27.55
C VAL E 191 32.93 21.66 27.14
N HIS E 192 33.92 21.47 28.01
CA HIS E 192 35.02 20.52 27.78
C HIS E 192 35.37 19.94 29.17
N PRO E 193 36.29 18.96 29.24
CA PRO E 193 36.81 18.59 30.57
C PRO E 193 37.51 19.78 31.28
N PRO E 194 37.48 19.83 32.63
CA PRO E 194 38.01 20.95 33.45
C PRO E 194 39.36 21.55 32.99
N LEU F 3 21.95 -3.18 16.09
CA LEU F 3 23.31 -3.76 16.30
C LEU F 3 23.46 -4.30 17.72
N ILE F 4 23.88 -5.55 17.82
CA ILE F 4 24.13 -6.18 19.10
C ILE F 4 25.63 -6.07 19.41
N PRO F 5 25.99 -5.42 20.53
CA PRO F 5 27.42 -5.34 20.81
C PRO F 5 28.06 -6.70 21.13
N ILE F 6 29.35 -6.79 20.84
CA ILE F 6 30.16 -7.97 21.06
C ILE F 6 31.00 -7.73 22.32
N VAL F 7 31.10 -8.72 23.18
CA VAL F 7 31.95 -8.65 24.38
C VAL F 7 32.94 -9.81 24.39
N VAL F 8 34.08 -9.60 25.05
CA VAL F 8 35.13 -10.61 25.16
C VAL F 8 35.16 -11.22 26.58
N GLU F 9 35.21 -12.55 26.64
CA GLU F 9 35.34 -13.31 27.89
C GLU F 9 36.70 -14.03 27.87
N GLN F 10 37.30 -14.21 29.06
CA GLN F 10 38.56 -14.96 29.21
C GLN F 10 38.27 -16.44 29.46
N GLU F 15 40.80 -16.03 24.68
CA GLU F 15 39.71 -15.08 24.52
C GLU F 15 38.66 -15.57 23.52
N ARG F 16 37.37 -15.45 23.89
CA ARG F 16 36.25 -15.73 22.99
C ARG F 16 35.31 -14.51 22.92
N ALA F 17 34.85 -14.19 21.71
CA ALA F 17 33.95 -13.05 21.46
C ALA F 17 32.50 -13.52 21.30
N TYR F 18 31.61 -12.99 22.13
CA TYR F 18 30.18 -13.32 22.09
C TYR F 18 29.39 -12.05 21.86
N ASP F 19 28.29 -12.15 21.11
CA ASP F 19 27.26 -11.11 21.19
C ASP F 19 26.71 -11.11 22.63
N ILE F 20 26.22 -9.97 23.09
CA ILE F 20 25.92 -9.82 24.51
C ILE F 20 24.81 -10.76 25.03
N TYR F 21 23.82 -11.09 24.19
CA TYR F 21 22.79 -12.07 24.58
C TYR F 21 23.33 -13.47 24.77
N SER F 22 24.24 -13.87 23.90
CA SER F 22 24.95 -15.15 24.04
C SER F 22 25.83 -15.19 25.28
N ARG F 23 26.43 -14.05 25.62
CA ARG F 23 27.19 -13.94 26.86
C ARG F 23 26.29 -14.12 28.08
N LEU F 24 25.10 -13.50 28.07
CA LEU F 24 24.12 -13.69 29.15
C LEU F 24 23.70 -15.15 29.27
N LEU F 25 23.51 -15.82 28.15
CA LEU F 25 23.15 -17.21 28.13
C LEU F 25 24.22 -18.06 28.80
N ARG F 26 25.47 -17.64 28.70
CA ARG F 26 26.57 -18.35 29.34
C ARG F 26 26.54 -18.25 30.87
N GLU F 27 25.92 -17.19 31.37
CA GLU F 27 25.72 -16.95 32.77
C GLU F 27 24.36 -17.54 33.23
N ARG F 28 23.72 -18.32 32.39
CA ARG F 28 22.46 -19.00 32.59
C ARG F 28 21.25 -18.08 32.69
N ILE F 29 21.26 -17.02 31.91
CA ILE F 29 20.19 -16.05 31.81
C ILE F 29 19.48 -16.19 30.48
N VAL F 30 18.16 -16.37 30.54
CA VAL F 30 17.29 -16.49 29.37
C VAL F 30 16.33 -15.30 29.37
N CYS F 31 16.26 -14.58 28.25
CA CYS F 31 15.40 -13.40 28.15
C CYS F 31 14.06 -13.73 27.49
N VAL F 32 12.98 -13.31 28.13
CA VAL F 32 11.64 -13.34 27.56
C VAL F 32 11.17 -11.89 27.53
N MET F 33 11.65 -11.16 26.54
CA MET F 33 11.30 -9.75 26.37
C MET F 33 10.43 -9.64 25.13
N GLY F 34 9.36 -8.87 25.23
CA GLY F 34 8.48 -8.62 24.10
C GLY F 34 7.38 -9.65 24.02
N PRO F 35 6.54 -9.56 22.97
CA PRO F 35 5.41 -10.46 22.80
C PRO F 35 5.84 -11.92 22.67
N ILE F 36 5.03 -12.83 23.21
CA ILE F 36 5.31 -14.24 23.15
C ILE F 36 4.57 -14.80 21.94
N ASP F 37 5.28 -15.44 21.03
CA ASP F 37 4.67 -16.16 19.92
C ASP F 37 5.46 -17.47 19.74
N ASP F 38 5.10 -18.28 18.74
CA ASP F 38 5.74 -19.58 18.55
C ASP F 38 7.25 -19.48 18.35
N SER F 39 7.69 -18.44 17.65
CA SER F 39 9.11 -18.22 17.40
C SER F 39 9.90 -17.92 18.71
N VAL F 40 9.36 -17.05 19.55
CA VAL F 40 9.95 -16.78 20.86
C VAL F 40 9.93 -18.04 21.74
N ALA F 41 8.80 -18.75 21.76
CA ALA F 41 8.72 -19.99 22.54
C ALA F 41 9.77 -21.00 22.11
N SER F 42 9.93 -21.17 20.81
CA SER F 42 10.93 -22.10 20.29
C SER F 42 12.34 -21.77 20.80
N LEU F 43 12.69 -20.49 20.76
CA LEU F 43 13.99 -20.02 21.17
C LEU F 43 14.21 -20.18 22.68
N VAL F 44 13.18 -19.84 23.47
CA VAL F 44 13.26 -19.96 24.92
C VAL F 44 13.38 -21.43 25.32
N ILE F 45 12.58 -22.28 24.70
CA ILE F 45 12.62 -23.73 24.98
C ILE F 45 14.00 -24.31 24.65
N ALA F 46 14.55 -23.96 23.50
CA ALA F 46 15.89 -24.41 23.14
C ALA F 46 16.94 -23.99 24.18
N GLN F 47 16.85 -22.75 24.64
CA GLN F 47 17.77 -22.27 25.66
C GLN F 47 17.62 -23.01 26.98
N LEU F 48 16.39 -23.22 27.43
CA LEU F 48 16.15 -23.94 28.69
C LEU F 48 16.72 -25.36 28.63
N LEU F 49 16.48 -26.05 27.52
CA LEU F 49 16.98 -27.42 27.35
C LEU F 49 18.49 -27.49 27.24
N PHE F 50 19.10 -26.52 26.55
CA PHE F 50 20.55 -26.40 26.51
C PHE F 50 21.13 -26.20 27.91
N LEU F 51 20.56 -25.27 28.68
CA LEU F 51 21.06 -25.00 30.03
C LEU F 51 20.93 -26.20 30.96
N GLN F 52 19.83 -26.95 30.85
CA GLN F 52 19.70 -28.21 31.58
C GLN F 52 20.82 -29.20 31.24
N SER F 53 21.19 -29.32 29.96
CA SER F 53 22.28 -30.23 29.58
C SER F 53 23.65 -29.79 30.10
N GLU F 54 23.89 -28.49 30.19
CA GLU F 54 25.13 -27.96 30.81
C GLU F 54 25.22 -28.29 32.30
N SER F 55 24.08 -28.26 32.99
CA SER F 55 23.99 -28.63 34.40
C SER F 55 22.53 -28.79 34.77
N ASN F 56 22.15 -29.96 35.26
CA ASN F 56 20.76 -30.18 35.68
C ASN F 56 20.45 -29.66 37.09
N LYS F 57 21.46 -29.13 37.80
CA LYS F 57 21.30 -28.61 39.17
C LYS F 57 21.40 -27.07 39.27
N LYS F 58 22.25 -26.43 38.46
CA LYS F 58 22.48 -24.98 38.59
C LYS F 58 21.23 -24.17 38.24
N PRO F 59 20.94 -23.11 39.03
CA PRO F 59 19.77 -22.28 38.71
C PRO F 59 19.83 -21.65 37.33
N ILE F 60 18.66 -21.39 36.76
CA ILE F 60 18.49 -20.65 35.51
C ILE F 60 17.71 -19.39 35.85
N HIS F 61 18.13 -18.26 35.30
CA HIS F 61 17.43 -16.99 35.46
C HIS F 61 16.62 -16.67 34.22
N MET F 62 15.34 -16.38 34.41
CA MET F 62 14.44 -16.00 33.33
C MET F 62 14.02 -14.56 33.55
N TYR F 63 14.43 -13.67 32.67
CA TYR F 63 14.06 -12.26 32.71
C TYR F 63 12.81 -12.02 31.87
N ILE F 64 11.77 -11.48 32.48
CA ILE F 64 10.49 -11.31 31.84
C ILE F 64 10.11 -9.83 31.77
N ASN F 65 10.01 -9.33 30.54
CA ASN F 65 9.41 -8.03 30.26
C ASN F 65 8.51 -8.23 29.06
N SER F 66 7.24 -8.54 29.30
CA SER F 66 6.36 -9.00 28.25
C SER F 66 4.93 -8.56 28.44
N PRO F 67 4.25 -8.12 27.37
CA PRO F 67 2.81 -7.88 27.46
C PRO F 67 1.98 -9.17 27.31
N GLY F 68 2.63 -10.32 27.14
CA GLY F 68 1.91 -11.57 26.94
C GLY F 68 2.01 -11.95 25.47
N GLY F 69 1.01 -12.63 24.97
CA GLY F 69 0.96 -13.04 23.58
C GLY F 69 0.18 -14.32 23.40
N VAL F 70 0.65 -15.21 22.53
CA VAL F 70 -0.10 -16.39 22.12
C VAL F 70 -0.13 -17.40 23.26
N VAL F 71 -1.34 -17.82 23.64
CA VAL F 71 -1.51 -18.64 24.86
C VAL F 71 -0.82 -20.01 24.71
N THR F 72 -1.00 -20.70 23.58
CA THR F 72 -0.35 -22.01 23.42
C THR F 72 1.19 -21.91 23.43
N ALA F 73 1.73 -20.81 22.91
CA ALA F 73 3.17 -20.59 22.95
C ALA F 73 3.64 -20.38 24.39
N GLY F 74 2.89 -19.60 25.16
CA GLY F 74 3.16 -19.40 26.58
C GLY F 74 3.11 -20.69 27.36
N LEU F 75 2.13 -21.52 27.04
CA LEU F 75 1.98 -22.84 27.70
C LEU F 75 3.11 -23.80 27.35
N ALA F 76 3.65 -23.68 26.14
CA ALA F 76 4.81 -24.50 25.74
C ALA F 76 6.03 -24.15 26.59
N ILE F 77 6.24 -22.85 26.86
CA ILE F 77 7.34 -22.42 27.72
C ILE F 77 7.07 -22.91 29.15
N TYR F 78 5.86 -22.69 29.63
CA TYR F 78 5.46 -23.12 30.99
C TYR F 78 5.74 -24.62 31.21
N ASP F 79 5.30 -25.46 30.28
CA ASP F 79 5.52 -26.90 30.38
C ASP F 79 7.00 -27.29 30.38
N THR F 80 7.82 -26.56 29.62
CA THR F 80 9.26 -26.78 29.60
C THR F 80 9.91 -26.40 30.92
N MET F 81 9.48 -25.27 31.49
CA MET F 81 9.94 -24.85 32.82
C MET F 81 9.69 -25.93 33.86
N GLN F 82 8.51 -26.57 33.82
CA GLN F 82 8.18 -27.66 34.74
C GLN F 82 8.90 -28.98 34.41
N TYR F 83 9.20 -29.22 33.13
CA TYR F 83 9.85 -30.44 32.70
C TYR F 83 11.31 -30.55 33.13
N ILE F 84 12.07 -29.47 33.00
CA ILE F 84 13.47 -29.48 33.39
C ILE F 84 13.58 -29.55 34.91
N LEU F 85 14.67 -30.09 35.41
CA LEU F 85 14.80 -30.30 36.87
C LEU F 85 15.24 -29.01 37.59
N ASN F 86 15.83 -28.09 36.85
CA ASN F 86 16.58 -26.98 37.45
C ASN F 86 15.70 -26.03 38.23
N PRO F 87 16.25 -25.45 39.31
CA PRO F 87 15.58 -24.29 39.88
C PRO F 87 15.55 -23.16 38.84
N ILE F 88 14.41 -22.47 38.71
CA ILE F 88 14.29 -21.34 37.79
C ILE F 88 13.94 -20.10 38.60
N CYS F 89 14.82 -19.11 38.58
CA CYS F 89 14.56 -17.80 39.15
C CYS F 89 13.91 -16.93 38.08
N THR F 90 12.69 -16.47 38.33
CA THR F 90 12.02 -15.54 37.45
C THR F 90 12.18 -14.12 37.96
N TRP F 91 12.33 -13.18 37.02
CA TRP F 91 12.50 -11.77 37.34
C TRP F 91 11.57 -10.95 36.47
N CYS F 92 10.73 -10.15 37.10
CA CYS F 92 9.89 -9.21 36.40
C CYS F 92 10.59 -7.84 36.31
N VAL F 93 10.90 -7.42 35.10
CA VAL F 93 11.44 -6.07 34.85
C VAL F 93 10.51 -5.39 33.85
N GLY F 94 10.07 -4.18 34.17
CA GLY F 94 9.12 -3.45 33.33
C GLY F 94 7.71 -3.93 33.57
N GLN F 95 7.32 -5.01 32.90
CA GLN F 95 6.00 -5.58 33.10
C GLN F 95 5.96 -7.09 32.81
N ALA F 96 5.00 -7.75 33.45
CA ALA F 96 4.64 -9.13 33.11
C ALA F 96 3.13 -9.14 33.06
N ALA F 97 2.58 -9.17 31.85
CA ALA F 97 1.15 -9.17 31.67
C ALA F 97 0.68 -10.41 30.95
N SER F 98 -0.53 -10.86 31.30
CA SER F 98 -1.15 -12.01 30.64
C SER F 98 -0.20 -13.21 30.77
N MET F 99 0.18 -13.86 29.67
CA MET F 99 1.09 -15.02 29.73
C MET F 99 2.43 -14.72 30.38
N GLY F 100 2.90 -13.48 30.30
CA GLY F 100 4.11 -13.08 31.01
C GLY F 100 4.02 -13.30 32.52
N SER F 101 2.87 -12.97 33.11
CA SER F 101 2.71 -13.14 34.56
C SER F 101 2.55 -14.60 34.94
N LEU F 102 2.04 -15.41 34.02
CA LEU F 102 1.98 -16.85 34.25
C LEU F 102 3.39 -17.45 34.34
N LEU F 103 4.27 -17.06 33.42
CA LEU F 103 5.65 -17.51 33.48
C LEU F 103 6.36 -17.04 34.74
N LEU F 104 6.13 -15.78 35.12
CA LEU F 104 6.69 -15.22 36.35
C LEU F 104 6.30 -16.06 37.58
N ALA F 105 5.01 -16.32 37.68
CA ALA F 105 4.42 -17.14 38.77
C ALA F 105 4.90 -18.59 38.80
N ALA F 106 5.32 -19.10 37.65
CA ALA F 106 5.75 -20.48 37.47
C ALA F 106 7.21 -20.71 37.82
N GLY F 107 7.96 -19.68 38.23
CA GLY F 107 9.30 -19.87 38.75
C GLY F 107 9.28 -20.75 40.01
N THR F 108 10.45 -21.28 40.37
CA THR F 108 10.61 -22.11 41.54
C THR F 108 10.18 -21.35 42.79
N PRO F 109 9.37 -22.00 43.68
CA PRO F 109 8.96 -21.30 44.92
C PRO F 109 10.13 -20.72 45.70
N GLY F 110 10.00 -19.48 46.16
CA GLY F 110 11.08 -18.74 46.80
C GLY F 110 12.00 -17.96 45.86
N MET F 111 11.90 -18.21 44.56
CA MET F 111 12.82 -17.62 43.57
C MET F 111 12.13 -16.78 42.50
N ARG F 112 10.98 -16.21 42.84
CA ARG F 112 10.22 -15.35 41.93
C ARG F 112 10.35 -13.91 42.42
N HIS F 113 10.92 -13.07 41.56
CA HIS F 113 11.43 -11.74 41.92
C HIS F 113 10.76 -10.69 41.06
N SER F 114 10.61 -9.50 41.63
CA SER F 114 10.32 -8.31 40.85
C SER F 114 11.20 -7.15 41.26
N LEU F 115 11.54 -6.29 40.29
CA LEU F 115 12.13 -5.00 40.59
C LEU F 115 11.02 -4.04 41.05
N PRO F 116 11.38 -2.94 41.73
CA PRO F 116 10.36 -2.16 42.46
C PRO F 116 9.29 -1.45 41.61
N ASN F 117 9.62 -1.07 40.36
CA ASN F 117 8.70 -0.32 39.53
C ASN F 117 7.95 -1.11 38.46
N SER F 118 8.09 -2.43 38.50
CA SER F 118 7.38 -3.31 37.57
C SER F 118 5.88 -3.30 37.80
N ARG F 119 5.13 -3.72 36.79
CA ARG F 119 3.67 -3.88 36.89
C ARG F 119 3.33 -5.30 36.44
N ILE F 120 2.41 -5.94 37.16
CA ILE F 120 2.04 -7.33 36.91
C ILE F 120 0.53 -7.38 36.63
N MET F 121 0.14 -8.07 35.56
CA MET F 121 -1.26 -8.23 35.21
C MET F 121 -1.58 -9.70 34.98
N ILE F 122 -2.56 -10.24 35.71
CA ILE F 122 -3.04 -11.60 35.47
C ILE F 122 -4.29 -11.65 34.57
N HIS F 123 -4.99 -10.53 34.47
CA HIS F 123 -6.03 -10.30 33.47
C HIS F 123 -5.49 -10.63 32.07
N GLN F 124 -6.37 -11.10 31.19
CA GLN F 124 -6.01 -11.40 29.81
C GLN F 124 -6.71 -10.35 28.97
N PRO F 125 -5.97 -9.32 28.52
CA PRO F 125 -6.66 -8.23 27.75
C PRO F 125 -7.41 -8.76 26.48
N SER F 126 -8.66 -8.34 26.35
CA SER F 126 -9.50 -8.78 25.26
C SER F 126 -9.19 -7.97 24.01
N ILE F 138 -10.62 -19.94 16.49
CA ILE F 138 -11.08 -21.17 17.15
C ILE F 138 -12.49 -21.04 17.75
N GLN F 139 -13.12 -22.18 18.01
CA GLN F 139 -14.50 -22.21 18.51
C GLN F 139 -14.56 -21.72 19.98
N ALA F 140 -15.73 -21.21 20.35
CA ALA F 140 -15.96 -20.67 21.71
C ALA F 140 -15.57 -21.64 22.82
N GLU F 141 -15.96 -22.91 22.66
CA GLU F 141 -15.64 -23.95 23.65
C GLU F 141 -14.13 -24.10 23.85
N GLU F 142 -13.36 -24.01 22.77
CA GLU F 142 -11.91 -24.15 22.85
C GLU F 142 -11.25 -22.95 23.52
N ILE F 143 -11.80 -21.77 23.30
CA ILE F 143 -11.29 -20.56 23.98
C ILE F 143 -11.51 -20.70 25.50
N MET F 144 -12.68 -21.21 25.90
CA MET F 144 -12.95 -21.44 27.33
C MET F 144 -12.07 -22.51 27.96
N LYS F 145 -11.80 -23.60 27.23
CA LYS F 145 -10.90 -24.64 27.72
C LYS F 145 -9.52 -24.09 28.02
N LEU F 146 -8.97 -23.26 27.12
CA LEU F 146 -7.69 -22.62 27.37
C LEU F 146 -7.74 -21.71 28.61
N LYS F 147 -8.80 -20.93 28.73
CA LYS F 147 -8.97 -20.03 29.86
C LYS F 147 -9.00 -20.85 31.20
N LYS F 148 -9.68 -22.00 31.19
CA LYS F 148 -9.72 -22.87 32.36
C LYS F 148 -8.35 -23.45 32.72
N GLN F 149 -7.56 -23.78 31.68
CA GLN F 149 -6.18 -24.20 31.92
C GLN F 149 -5.37 -23.13 32.63
N LEU F 150 -5.56 -21.88 32.22
CA LEU F 150 -4.87 -20.75 32.89
C LEU F 150 -5.31 -20.63 34.35
N TYR F 151 -6.61 -20.70 34.61
CA TYR F 151 -7.10 -20.68 36.01
C TYR F 151 -6.43 -21.75 36.87
N ASN F 152 -6.35 -22.97 36.35
CA ASN F 152 -5.73 -24.07 37.09
C ASN F 152 -4.24 -23.83 37.36
N ILE F 153 -3.52 -23.32 36.37
CA ILE F 153 -2.10 -23.03 36.55
C ILE F 153 -1.87 -21.89 37.55
N TYR F 154 -2.62 -20.81 37.44
CA TYR F 154 -2.49 -19.71 38.43
C TYR F 154 -2.83 -20.17 39.85
N ALA F 155 -3.86 -20.99 39.97
CA ALA F 155 -4.25 -21.53 41.31
C ALA F 155 -3.11 -22.35 41.92
N LYS F 156 -2.53 -23.24 41.12
CA LYS F 156 -1.42 -24.08 41.57
C LYS F 156 -0.21 -23.27 42.06
N HIS F 157 0.19 -22.25 41.31
CA HIS F 157 1.41 -21.52 41.65
C HIS F 157 1.23 -20.36 42.60
N THR F 158 0.05 -19.78 42.64
CA THR F 158 -0.25 -18.70 43.60
C THR F 158 -0.73 -19.22 44.94
N LYS F 159 -1.24 -20.47 44.96
CA LYS F 159 -1.87 -21.09 46.13
C LYS F 159 -3.20 -20.43 46.52
N GLN F 160 -3.81 -19.64 45.62
CA GLN F 160 -5.13 -19.08 45.82
C GLN F 160 -6.16 -20.10 45.30
N SER F 161 -7.31 -20.09 45.90
CA SER F 161 -8.34 -20.93 45.42
C SER F 161 -8.64 -20.48 44.02
N LEU F 162 -9.19 -21.38 43.24
CA LEU F 162 -9.55 -21.08 41.89
C LEU F 162 -10.65 -20.03 41.79
N GLN F 163 -11.56 -20.00 42.76
CA GLN F 163 -12.61 -19.04 42.79
C GLN F 163 -12.10 -17.60 42.83
N VAL F 164 -11.09 -17.34 43.64
CA VAL F 164 -10.42 -16.06 43.79
C VAL F 164 -9.68 -15.67 42.50
N ILE F 165 -9.03 -16.63 41.86
CA ILE F 165 -8.33 -16.40 40.60
C ILE F 165 -9.28 -15.94 39.49
N GLU F 166 -10.41 -16.65 39.33
CA GLU F 166 -11.38 -16.32 38.32
C GLU F 166 -11.92 -14.86 38.54
N SER F 167 -12.24 -14.52 39.78
CA SER F 167 -12.70 -13.19 40.09
C SER F 167 -11.64 -12.11 39.81
N ALA F 168 -10.41 -12.38 40.22
CA ALA F 168 -9.31 -11.43 40.02
C ALA F 168 -8.98 -11.22 38.52
N MET F 169 -9.02 -12.29 37.73
CA MET F 169 -8.71 -12.18 36.31
C MET F 169 -9.74 -11.42 35.48
N GLU F 170 -10.95 -11.28 36.00
CA GLU F 170 -11.99 -10.46 35.38
C GLU F 170 -11.69 -8.94 35.46
N ARG F 171 -10.89 -8.52 36.46
CA ARG F 171 -10.58 -7.10 36.67
C ARG F 171 -9.46 -6.60 35.76
N ASP F 172 -9.77 -5.60 34.95
CA ASP F 172 -8.82 -5.06 33.97
C ASP F 172 -7.89 -4.07 34.68
N ARG F 173 -6.84 -4.59 35.31
CA ARG F 173 -5.92 -3.79 36.11
C ARG F 173 -4.58 -4.47 36.27
N TYR F 174 -3.58 -3.70 36.67
CA TYR F 174 -2.26 -4.18 37.05
C TYR F 174 -2.13 -4.15 38.56
N MET F 175 -1.26 -5.01 39.06
CA MET F 175 -0.84 -5.03 40.46
C MET F 175 0.56 -4.47 40.55
N SER F 176 0.85 -3.80 41.64
CA SER F 176 2.21 -3.45 42.01
C SER F 176 2.95 -4.72 42.44
N PRO F 177 4.28 -4.67 42.50
CA PRO F 177 5.04 -5.83 42.98
C PRO F 177 4.63 -6.30 44.38
N MET F 178 4.38 -5.36 45.30
CA MET F 178 3.93 -5.72 46.66
C MET F 178 2.58 -6.43 46.65
N GLU F 179 1.63 -5.93 45.85
CA GLU F 179 0.34 -6.57 45.74
C GLU F 179 0.47 -7.97 45.10
N ALA F 180 1.30 -8.10 44.07
CA ALA F 180 1.56 -9.40 43.46
C ALA F 180 2.23 -10.38 44.43
N GLN F 181 3.10 -9.88 45.31
CA GLN F 181 3.70 -10.70 46.36
C GLN F 181 2.63 -11.24 47.32
N GLU F 182 1.76 -10.36 47.79
CA GLU F 182 0.64 -10.75 48.68
C GLU F 182 -0.31 -11.75 48.00
N PHE F 183 -0.52 -11.61 46.70
CA PHE F 183 -1.36 -12.51 45.93
C PHE F 183 -0.74 -13.91 45.72
N GLY F 184 0.58 -14.04 45.83
CA GLY F 184 1.30 -15.29 45.61
C GLY F 184 1.88 -15.48 44.18
N ILE F 185 1.98 -14.39 43.43
CA ILE F 185 2.59 -14.42 42.08
C ILE F 185 4.11 -14.39 42.19
N LEU F 186 4.64 -13.69 43.18
CA LEU F 186 6.06 -13.62 43.36
C LEU F 186 6.43 -13.61 44.85
N ASP F 187 7.70 -13.82 45.13
CA ASP F 187 8.22 -13.99 46.49
C ASP F 187 9.01 -12.81 47.03
N LYS F 188 9.76 -12.12 46.18
CA LYS F 188 10.64 -11.04 46.64
C LYS F 188 10.54 -9.83 45.74
N VAL F 189 10.47 -8.64 46.35
CA VAL F 189 10.58 -7.37 45.67
C VAL F 189 11.91 -6.77 46.10
N LEU F 190 12.85 -6.63 45.16
CA LEU F 190 14.24 -6.27 45.44
C LEU F 190 14.62 -4.95 44.80
N VAL F 191 15.20 -4.05 45.59
CA VAL F 191 15.82 -2.81 45.07
C VAL F 191 17.24 -3.12 44.54
N HIS F 192 18.04 -3.84 45.34
CA HIS F 192 19.42 -4.22 44.97
C HIS F 192 19.63 -5.62 45.57
N PRO F 193 20.79 -6.27 45.31
CA PRO F 193 21.09 -7.49 46.08
C PRO F 193 21.21 -7.20 47.59
N PRO F 194 20.88 -8.18 48.47
CA PRO F 194 20.91 -8.06 49.94
C PRO F 194 22.09 -7.28 50.56
N LEU G 3 17.56 -12.52 16.53
CA LEU G 3 18.95 -12.95 16.85
C LEU G 3 18.94 -14.35 17.48
N ILE G 4 19.73 -15.25 16.91
CA ILE G 4 19.85 -16.61 17.41
C ILE G 4 21.10 -16.66 18.29
N PRO G 5 20.94 -17.01 19.58
CA PRO G 5 22.13 -17.09 20.42
C PRO G 5 23.10 -18.20 20.01
N ILE G 6 24.37 -17.96 20.29
CA ILE G 6 25.46 -18.88 20.00
C ILE G 6 25.84 -19.57 21.31
N VAL G 7 26.06 -20.88 21.26
CA VAL G 7 26.50 -21.66 22.43
C VAL G 7 27.78 -22.41 22.11
N VAL G 8 28.57 -22.68 23.16
CA VAL G 8 29.83 -23.40 23.02
C VAL G 8 29.71 -24.85 23.52
N GLU G 9 30.23 -25.78 22.71
CA GLU G 9 30.32 -27.20 23.06
C GLU G 9 31.80 -27.58 23.18
N GLN G 10 32.11 -28.52 24.06
CA GLN G 10 33.46 -29.06 24.24
C GLN G 10 33.63 -30.28 23.34
N GLY G 14 38.89 -29.25 22.51
CA GLY G 14 38.57 -28.17 21.58
C GLY G 14 37.15 -27.63 21.76
N GLU G 15 37.01 -26.31 21.62
CA GLU G 15 35.70 -25.63 21.70
C GLU G 15 35.17 -25.25 20.31
N ARG G 16 33.90 -25.53 20.07
CA ARG G 16 33.20 -25.14 18.83
C ARG G 16 31.92 -24.35 19.15
N ALA G 17 31.68 -23.29 18.39
CA ALA G 17 30.55 -22.40 18.58
C ALA G 17 29.44 -22.69 17.56
N TYR G 18 28.24 -23.00 18.05
CA TYR G 18 27.07 -23.26 17.22
C TYR G 18 25.97 -22.29 17.55
N ASP G 19 25.19 -21.89 16.54
CA ASP G 19 23.88 -21.30 16.83
C ASP G 19 23.03 -22.38 17.54
N ILE G 20 22.08 -21.98 18.36
CA ILE G 20 21.43 -22.93 19.24
C ILE G 20 20.61 -24.02 18.52
N TYR G 21 20.03 -23.69 17.36
CA TYR G 21 19.31 -24.70 16.56
C TYR G 21 20.24 -25.76 15.97
N SER G 22 21.42 -25.33 15.53
CA SER G 22 22.44 -26.28 15.08
C SER G 22 22.96 -27.16 16.20
N ARG G 23 23.05 -26.60 17.41
CA ARG G 23 23.40 -27.38 18.58
C ARG G 23 22.36 -28.45 18.88
N LEU G 24 21.07 -28.10 18.79
CA LEU G 24 19.98 -29.07 18.99
C LEU G 24 20.05 -30.19 17.95
N LEU G 25 20.31 -29.84 16.68
CA LEU G 25 20.44 -30.80 15.59
C LEU G 25 21.54 -31.80 15.87
N ARG G 26 22.54 -31.32 16.56
CA ARG G 26 23.66 -32.10 16.99
C ARG G 26 23.24 -33.18 17.99
N GLU G 27 22.24 -32.87 18.81
CA GLU G 27 21.66 -33.80 19.76
C GLU G 27 20.55 -34.65 19.15
N ARG G 28 20.42 -34.61 17.83
CA ARG G 28 19.42 -35.37 17.09
C ARG G 28 17.99 -34.88 17.32
N ILE G 29 17.85 -33.57 17.54
CA ILE G 29 16.57 -32.92 17.70
C ILE G 29 16.25 -32.11 16.45
N VAL G 30 15.07 -32.37 15.88
CA VAL G 30 14.57 -31.65 14.71
C VAL G 30 13.31 -30.90 15.12
N CYS G 31 13.28 -29.59 14.84
CA CYS G 31 12.13 -28.77 15.20
C CYS G 31 11.15 -28.61 14.04
N VAL G 32 9.89 -28.83 14.34
CA VAL G 32 8.80 -28.60 13.42
C VAL G 32 7.91 -27.62 14.19
N MET G 33 8.31 -26.36 14.18
CA MET G 33 7.61 -25.33 14.90
C MET G 33 7.06 -24.34 13.90
N GLY G 34 5.77 -24.09 13.89
CA GLY G 34 5.24 -23.13 12.97
C GLY G 34 4.51 -23.74 11.81
N PRO G 35 3.97 -22.93 10.90
CA PRO G 35 3.24 -23.52 9.77
C PRO G 35 4.12 -24.40 8.90
N ILE G 36 3.54 -25.46 8.36
CA ILE G 36 4.27 -26.39 7.50
C ILE G 36 4.01 -25.95 6.06
N ASP G 37 5.08 -25.68 5.33
CA ASP G 37 4.99 -25.40 3.89
C ASP G 37 6.17 -26.14 3.23
N ASP G 38 6.32 -25.98 1.92
CA ASP G 38 7.38 -26.70 1.19
C ASP G 38 8.78 -26.40 1.71
N SER G 39 9.01 -25.15 2.09
CA SER G 39 10.30 -24.73 2.62
C SER G 39 10.65 -25.42 3.97
N VAL G 40 9.68 -25.46 4.87
CA VAL G 40 9.83 -26.19 6.14
C VAL G 40 10.02 -27.69 5.89
N ALA G 41 9.21 -28.27 5.01
CA ALA G 41 9.34 -29.69 4.67
C ALA G 41 10.73 -30.01 4.14
N SER G 42 11.24 -29.17 3.23
CA SER G 42 12.57 -29.38 2.68
C SER G 42 13.64 -29.43 3.76
N LEU G 43 13.56 -28.49 4.71
CA LEU G 43 14.52 -28.39 5.79
C LEU G 43 14.44 -29.59 6.75
N VAL G 44 13.21 -29.98 7.09
CA VAL G 44 12.99 -31.11 8.00
C VAL G 44 13.47 -32.41 7.35
N ILE G 45 13.16 -32.59 6.07
CA ILE G 45 13.59 -33.77 5.33
C ILE G 45 15.13 -33.85 5.26
N ALA G 46 15.78 -32.74 4.94
CA ALA G 46 17.24 -32.71 4.93
C ALA G 46 17.83 -33.10 6.28
N GLN G 47 17.25 -32.60 7.36
CA GLN G 47 17.72 -32.93 8.71
C GLN G 47 17.52 -34.42 9.03
N LEU G 48 16.35 -34.96 8.72
CA LEU G 48 16.09 -36.39 8.98
C LEU G 48 17.08 -37.28 8.24
N LEU G 49 17.33 -36.97 6.97
CA LEU G 49 18.25 -37.77 6.16
C LEU G 49 19.70 -37.64 6.63
N PHE G 50 20.09 -36.43 7.03
CA PHE G 50 21.41 -36.22 7.63
C PHE G 50 21.58 -37.06 8.92
N LEU G 51 20.58 -37.01 9.80
CA LEU G 51 20.64 -37.74 11.07
C LEU G 51 20.71 -39.26 10.84
N GLN G 52 19.96 -39.77 9.87
CA GLN G 52 20.08 -41.18 9.49
C GLN G 52 21.50 -41.55 9.06
N SER G 53 22.16 -40.69 8.27
CA SER G 53 23.53 -40.97 7.85
C SER G 53 24.54 -40.95 9.00
N GLU G 54 24.33 -40.11 10.00
CA GLU G 54 25.16 -40.09 11.21
C GLU G 54 25.02 -41.39 12.03
N SER G 55 23.81 -41.94 12.06
CA SER G 55 23.53 -43.22 12.71
C SER G 55 22.15 -43.69 12.30
N ASN G 56 22.07 -44.88 11.72
CA ASN G 56 20.76 -45.42 11.32
C ASN G 56 19.99 -46.10 12.47
N LYS G 57 20.60 -46.17 13.67
CA LYS G 57 19.98 -46.80 14.85
C LYS G 57 19.57 -45.80 15.95
N LYS G 58 20.34 -44.73 16.16
CA LYS G 58 20.05 -43.80 17.27
C LYS G 58 18.72 -43.07 17.09
N PRO G 59 17.94 -42.92 18.17
CA PRO G 59 16.66 -42.22 18.05
C PRO G 59 16.81 -40.77 17.57
N ILE G 60 15.76 -40.26 16.91
CA ILE G 60 15.66 -38.88 16.49
C ILE G 60 14.46 -38.30 17.24
N HIS G 61 14.62 -37.09 17.78
CA HIS G 61 13.52 -36.38 18.45
C HIS G 61 12.94 -35.33 17.51
N MET G 62 11.63 -35.34 17.35
CA MET G 62 10.91 -34.36 16.56
C MET G 62 10.01 -33.55 17.48
N TYR G 63 10.33 -32.27 17.64
CA TYR G 63 9.51 -31.34 18.44
C TYR G 63 8.48 -30.67 17.56
N ILE G 64 7.22 -30.79 17.93
CA ILE G 64 6.12 -30.29 17.12
C ILE G 64 5.34 -29.24 17.88
N ASN G 65 5.36 -28.02 17.37
CA ASN G 65 4.45 -26.94 17.80
C ASN G 65 3.97 -26.27 16.53
N SER G 66 2.85 -26.74 16.00
CA SER G 66 2.43 -26.35 14.67
C SER G 66 0.92 -26.29 14.53
N PRO G 67 0.41 -25.25 13.84
CA PRO G 67 -1.02 -25.23 13.50
C PRO G 67 -1.34 -26.07 12.25
N GLY G 68 -0.33 -26.70 11.63
CA GLY G 68 -0.52 -27.47 10.42
C GLY G 68 -0.01 -26.67 9.24
N GLY G 69 -0.62 -26.84 8.09
CA GLY G 69 -0.23 -26.14 6.89
C GLY G 69 -0.51 -26.95 5.65
N VAL G 70 0.41 -26.90 4.68
CA VAL G 70 0.19 -27.46 3.35
C VAL G 70 0.22 -29.00 3.43
N VAL G 71 -0.84 -29.63 2.95
CA VAL G 71 -1.01 -31.09 3.13
C VAL G 71 0.11 -31.87 2.41
N THR G 72 0.41 -31.54 1.16
CA THR G 72 1.46 -32.29 0.45
C THR G 72 2.84 -32.12 1.11
N ALA G 73 3.10 -30.96 1.70
CA ALA G 73 4.35 -30.75 2.43
C ALA G 73 4.40 -31.62 3.69
N GLY G 74 3.28 -31.68 4.41
CA GLY G 74 3.17 -32.55 5.57
C GLY G 74 3.35 -34.03 5.22
N LEU G 75 2.78 -34.42 4.09
CA LEU G 75 2.91 -35.81 3.62
C LEU G 75 4.33 -36.15 3.20
N ALA G 76 5.07 -35.16 2.68
CA ALA G 76 6.48 -35.36 2.35
C ALA G 76 7.31 -35.67 3.59
N ILE G 77 7.03 -34.96 4.69
CA ILE G 77 7.70 -35.21 5.96
C ILE G 77 7.29 -36.60 6.48
N TYR G 78 5.99 -36.87 6.46
CA TYR G 78 5.47 -38.16 6.91
C TYR G 78 6.17 -39.34 6.20
N ASP G 79 6.23 -39.28 4.88
CA ASP G 79 6.87 -40.33 4.09
C ASP G 79 8.36 -40.50 4.43
N THR G 80 9.05 -39.39 4.71
CA THR G 80 10.45 -39.44 5.11
C THR G 80 10.62 -40.09 6.48
N MET G 81 9.74 -39.75 7.41
CA MET G 81 9.74 -40.38 8.74
C MET G 81 9.62 -41.91 8.62
N GLN G 82 8.75 -42.38 7.72
CA GLN G 82 8.58 -43.83 7.49
C GLN G 82 9.74 -44.45 6.71
N TYR G 83 10.38 -43.67 5.83
CA TYR G 83 11.48 -44.17 5.01
C TYR G 83 12.74 -44.46 5.79
N ILE G 84 13.12 -43.56 6.70
CA ILE G 84 14.34 -43.76 7.48
C ILE G 84 14.11 -44.89 8.49
N LEU G 85 15.18 -45.56 8.88
CA LEU G 85 15.05 -46.74 9.76
C LEU G 85 14.88 -46.35 11.23
N ASN G 86 15.29 -45.13 11.57
CA ASN G 86 15.50 -44.75 12.96
C ASN G 86 14.20 -44.72 13.76
N PRO G 87 14.29 -45.06 15.06
CA PRO G 87 13.16 -44.72 15.93
C PRO G 87 12.99 -43.20 15.96
N ILE G 88 11.76 -42.71 15.90
CA ILE G 88 11.49 -41.28 15.98
C ILE G 88 10.59 -41.01 17.18
N CYS G 89 11.11 -40.25 18.15
CA CYS G 89 10.31 -39.77 19.27
C CYS G 89 9.67 -38.45 18.90
N THR G 90 8.35 -38.40 18.89
CA THR G 90 7.64 -37.16 18.64
C THR G 90 7.20 -36.54 19.97
N TRP G 91 7.24 -35.21 20.02
CA TRP G 91 6.89 -34.44 21.20
C TRP G 91 5.97 -33.31 20.81
N CYS G 92 4.79 -33.25 21.41
CA CYS G 92 3.87 -32.14 21.23
C CYS G 92 4.11 -31.11 22.34
N VAL G 93 4.53 -29.91 21.94
CA VAL G 93 4.65 -28.78 22.86
C VAL G 93 3.82 -27.64 22.29
N GLY G 94 2.94 -27.06 23.12
CA GLY G 94 2.03 -26.03 22.67
C GLY G 94 0.82 -26.61 21.96
N GLN G 95 0.97 -26.90 20.68
CA GLN G 95 -0.11 -27.52 19.91
C GLN G 95 0.40 -28.36 18.74
N ALA G 96 -0.41 -29.33 18.35
CA ALA G 96 -0.21 -30.06 17.10
C ALA G 96 -1.58 -30.14 16.46
N ALA G 97 -1.79 -29.32 15.44
CA ALA G 97 -3.07 -29.27 14.75
C ALA G 97 -2.93 -29.63 13.30
N SER G 98 -3.97 -30.26 12.76
CA SER G 98 -4.02 -30.62 11.34
C SER G 98 -2.80 -31.49 11.03
N MET G 99 -1.98 -31.13 10.03
CA MET G 99 -0.80 -31.92 9.68
C MET G 99 0.19 -32.11 10.82
N GLY G 100 0.23 -31.16 11.76
CA GLY G 100 1.05 -31.33 12.96
C GLY G 100 0.69 -32.57 13.76
N SER G 101 -0.60 -32.83 13.91
CA SER G 101 -1.04 -34.01 14.69
C SER G 101 -0.80 -35.31 13.93
N LEU G 102 -0.80 -35.23 12.61
CA LEU G 102 -0.45 -36.40 11.80
C LEU G 102 1.01 -36.79 12.02
N LEU G 103 1.91 -35.82 12.02
CA LEU G 103 3.32 -36.07 12.29
C LEU G 103 3.52 -36.61 13.71
N LEU G 104 2.82 -36.03 14.68
CA LEU G 104 2.88 -36.50 16.07
C LEU G 104 2.50 -37.99 16.17
N ALA G 105 1.37 -38.33 15.56
CA ALA G 105 0.85 -39.71 15.53
C ALA G 105 1.74 -40.70 14.79
N ALA G 106 2.56 -40.21 13.87
CA ALA G 106 3.44 -41.01 13.03
C ALA G 106 4.79 -41.33 13.68
N GLY G 107 5.03 -40.86 14.91
CA GLY G 107 6.21 -41.29 15.65
C GLY G 107 6.20 -42.79 15.90
N THR G 108 7.36 -43.33 16.25
CA THR G 108 7.50 -44.76 16.56
C THR G 108 6.58 -45.15 17.71
N PRO G 109 5.85 -46.29 17.57
CA PRO G 109 4.97 -46.72 18.67
C PRO G 109 5.68 -46.79 20.01
N GLY G 110 5.04 -46.28 21.05
CA GLY G 110 5.66 -46.15 22.38
C GLY G 110 6.45 -44.87 22.61
N MET G 111 6.75 -44.11 21.56
CA MET G 111 7.64 -42.95 21.64
C MET G 111 6.96 -41.63 21.22
N ARG G 112 5.64 -41.56 21.35
CA ARG G 112 4.88 -40.37 21.00
C ARG G 112 4.44 -39.71 22.31
N HIS G 113 4.88 -38.47 22.51
CA HIS G 113 4.84 -37.78 23.80
C HIS G 113 4.09 -36.46 23.67
N SER G 114 3.43 -36.06 24.76
CA SER G 114 2.97 -34.70 24.89
C SER G 114 3.29 -34.16 26.28
N LEU G 115 3.55 -32.85 26.33
CA LEU G 115 3.62 -32.14 27.60
C LEU G 115 2.18 -31.88 28.08
N PRO G 116 1.99 -31.58 29.39
CA PRO G 116 0.64 -31.63 29.96
C PRO G 116 -0.38 -30.61 29.45
N ASN G 117 0.06 -29.43 29.02
CA ASN G 117 -0.86 -28.38 28.61
C ASN G 117 -0.99 -28.20 27.10
N SER G 118 -0.44 -29.12 26.32
CA SER G 118 -0.58 -29.08 24.86
C SER G 118 -2.02 -29.34 24.41
N ARG G 119 -2.33 -28.96 23.19
CA ARG G 119 -3.65 -29.21 22.60
C ARG G 119 -3.42 -29.89 21.25
N ILE G 120 -4.22 -30.90 20.93
CA ILE G 120 -4.06 -31.71 19.72
C ILE G 120 -5.35 -31.64 18.92
N MET G 121 -5.25 -31.37 17.62
CA MET G 121 -6.41 -31.28 16.73
C MET G 121 -6.17 -32.14 15.50
N ILE G 122 -7.07 -33.08 15.23
CA ILE G 122 -7.03 -33.87 13.98
C ILE G 122 -7.95 -33.30 12.90
N HIS G 123 -8.93 -32.49 13.29
CA HIS G 123 -9.71 -31.66 12.38
C HIS G 123 -8.77 -30.83 11.48
N GLN G 124 -9.18 -30.63 10.23
CA GLN G 124 -8.48 -29.79 9.27
C GLN G 124 -9.23 -28.47 9.17
N PRO G 125 -8.75 -27.40 9.84
CA PRO G 125 -9.51 -26.13 9.79
C PRO G 125 -9.80 -25.57 8.39
N ILE G 138 -7.02 -26.60 -6.72
CA ILE G 138 -7.21 -27.94 -7.28
C ILE G 138 -8.69 -28.36 -7.33
N GLN G 139 -8.98 -29.36 -8.15
CA GLN G 139 -10.35 -29.83 -8.35
C GLN G 139 -10.90 -30.54 -7.12
N ALA G 140 -12.22 -30.52 -6.98
CA ALA G 140 -12.93 -31.14 -5.85
C ALA G 140 -12.52 -32.61 -5.60
N GLU G 141 -12.43 -33.38 -6.67
CA GLU G 141 -12.04 -34.80 -6.58
C GLU G 141 -10.65 -34.96 -5.96
N GLU G 142 -9.72 -34.06 -6.33
CA GLU G 142 -8.37 -34.14 -5.81
C GLU G 142 -8.28 -33.76 -4.34
N ILE G 143 -9.11 -32.80 -3.91
CA ILE G 143 -9.17 -32.43 -2.50
C ILE G 143 -9.68 -33.63 -1.67
N MET G 144 -10.68 -34.33 -2.19
CA MET G 144 -11.18 -35.54 -1.49
C MET G 144 -10.18 -36.68 -1.44
N LYS G 145 -9.42 -36.90 -2.52
CA LYS G 145 -8.37 -37.91 -2.52
C LYS G 145 -7.32 -37.66 -1.44
N LEU G 146 -6.89 -36.41 -1.30
CA LEU G 146 -5.96 -36.05 -0.22
C LEU G 146 -6.56 -36.30 1.15
N LYS G 147 -7.83 -35.91 1.34
CA LYS G 147 -8.52 -36.12 2.61
C LYS G 147 -8.59 -37.62 2.95
N LYS G 148 -8.85 -38.47 1.95
CA LYS G 148 -8.88 -39.92 2.15
C LYS G 148 -7.50 -40.49 2.53
N GLN G 149 -6.43 -39.93 1.94
CA GLN G 149 -5.07 -40.31 2.34
C GLN G 149 -4.84 -40.01 3.81
N LEU G 150 -5.32 -38.86 4.29
CA LEU G 150 -5.19 -38.51 5.70
C LEU G 150 -5.96 -39.50 6.58
N TYR G 151 -7.20 -39.82 6.22
CA TYR G 151 -7.99 -40.82 6.96
C TYR G 151 -7.23 -42.15 7.10
N ASN G 152 -6.65 -42.63 6.00
CA ASN G 152 -5.91 -43.88 6.00
C ASN G 152 -4.67 -43.83 6.91
N ILE G 153 -3.94 -42.72 6.87
CA ILE G 153 -2.76 -42.56 7.71
C ILE G 153 -3.14 -42.49 9.20
N TYR G 154 -4.16 -41.70 9.55
CA TYR G 154 -4.60 -41.64 10.94
C TYR G 154 -5.11 -43.00 11.43
N ALA G 155 -5.84 -43.71 10.59
CA ALA G 155 -6.32 -45.06 10.95
C ALA G 155 -5.19 -46.03 11.26
N LYS G 156 -4.17 -46.03 10.40
CA LYS G 156 -2.99 -46.87 10.58
C LYS G 156 -2.26 -46.60 11.90
N HIS G 157 -2.03 -45.34 12.24
CA HIS G 157 -1.21 -45.02 13.42
C HIS G 157 -1.99 -44.93 14.72
N THR G 158 -3.29 -44.61 14.65
CA THR G 158 -4.11 -44.56 15.86
C THR G 158 -4.75 -45.90 16.18
N LYS G 159 -4.83 -46.79 15.19
CA LYS G 159 -5.57 -48.06 15.31
C LYS G 159 -7.11 -47.91 15.42
N GLN G 160 -7.64 -46.73 15.10
CA GLN G 160 -9.09 -46.51 15.06
C GLN G 160 -9.61 -46.87 13.67
N SER G 161 -10.90 -47.15 13.57
CA SER G 161 -11.52 -47.43 12.28
C SER G 161 -11.63 -46.16 11.43
N LEU G 162 -11.74 -46.34 10.12
CA LEU G 162 -11.98 -45.23 9.18
C LEU G 162 -13.24 -44.44 9.52
N GLN G 163 -14.29 -45.14 9.92
CA GLN G 163 -15.55 -44.51 10.35
C GLN G 163 -15.36 -43.56 11.54
N VAL G 164 -14.61 -44.00 12.54
CA VAL G 164 -14.36 -43.19 13.75
C VAL G 164 -13.50 -41.97 13.41
N ILE G 165 -12.47 -42.16 12.60
CA ILE G 165 -11.58 -41.07 12.15
C ILE G 165 -12.35 -40.00 11.37
N GLU G 166 -13.14 -40.44 10.40
CA GLU G 166 -13.96 -39.52 9.58
C GLU G 166 -14.90 -38.69 10.47
N SER G 167 -15.58 -39.35 11.41
CA SER G 167 -16.49 -38.65 12.32
C SER G 167 -15.76 -37.66 13.21
N ALA G 168 -14.62 -38.08 13.76
CA ALA G 168 -13.84 -37.22 14.65
C ALA G 168 -13.27 -35.99 13.92
N MET G 169 -12.80 -36.18 12.69
CA MET G 169 -12.22 -35.07 11.91
C MET G 169 -13.22 -34.00 11.48
N GLU G 170 -14.50 -34.34 11.46
CA GLU G 170 -15.56 -33.39 11.18
C GLU G 170 -15.80 -32.38 12.34
N ARG G 171 -15.41 -32.75 13.56
CA ARG G 171 -15.65 -31.93 14.76
C ARG G 171 -14.56 -30.88 14.93
N ASP G 172 -14.97 -29.62 14.95
CA ASP G 172 -14.02 -28.50 15.06
C ASP G 172 -13.66 -28.30 16.54
N ARG G 173 -12.69 -29.07 17.02
CA ARG G 173 -12.30 -29.09 18.43
C ARG G 173 -10.89 -29.60 18.59
N TYR G 174 -10.31 -29.32 19.76
CA TYR G 174 -9.03 -29.85 20.19
C TYR G 174 -9.27 -30.92 21.23
N MET G 175 -8.31 -31.84 21.34
CA MET G 175 -8.26 -32.84 22.40
C MET G 175 -7.17 -32.45 23.36
N SER G 176 -7.39 -32.75 24.63
CA SER G 176 -6.34 -32.70 25.64
C SER G 176 -5.34 -33.84 25.38
N PRO G 177 -4.15 -33.77 25.98
CA PRO G 177 -3.19 -34.86 25.82
C PRO G 177 -3.75 -36.23 26.27
N MET G 178 -4.48 -36.27 27.38
CA MET G 178 -5.10 -37.52 27.86
C MET G 178 -6.10 -38.08 26.85
N GLU G 179 -6.95 -37.22 26.29
CA GLU G 179 -7.90 -37.65 25.28
C GLU G 179 -7.19 -38.14 24.01
N ALA G 180 -6.14 -37.43 23.59
CA ALA G 180 -5.33 -37.87 22.45
C ALA G 180 -4.63 -39.20 22.70
N GLN G 181 -4.21 -39.45 23.94
CA GLN G 181 -3.63 -40.74 24.34
C GLN G 181 -4.66 -41.86 24.18
N GLU G 182 -5.86 -41.66 24.73
CA GLU G 182 -6.96 -42.64 24.60
C GLU G 182 -7.37 -42.88 23.15
N PHE G 183 -7.30 -41.85 22.32
CA PHE G 183 -7.61 -41.97 20.89
C PHE G 183 -6.54 -42.73 20.08
N GLY G 184 -5.32 -42.82 20.59
CA GLY G 184 -4.20 -43.50 19.92
C GLY G 184 -3.27 -42.58 19.12
N ILE G 185 -3.35 -41.28 19.37
CA ILE G 185 -2.45 -40.30 18.72
C ILE G 185 -1.09 -40.26 19.40
N LEU G 186 -1.08 -40.46 20.71
CA LEU G 186 0.18 -40.46 21.45
C LEU G 186 0.16 -41.50 22.56
N ASP G 187 1.34 -41.75 23.11
CA ASP G 187 1.55 -42.82 24.09
C ASP G 187 1.76 -42.34 25.52
N LYS G 188 2.43 -41.21 25.71
CA LYS G 188 2.79 -40.74 27.06
C LYS G 188 2.51 -39.26 27.22
N VAL G 189 1.93 -38.89 28.35
CA VAL G 189 1.77 -37.51 28.77
C VAL G 189 2.71 -37.32 29.95
N LEU G 190 3.74 -36.49 29.80
CA LEU G 190 4.84 -36.37 30.76
C LEU G 190 4.92 -34.97 31.35
N VAL G 191 4.98 -34.89 32.68
CA VAL G 191 5.28 -33.62 33.38
C VAL G 191 6.81 -33.40 33.41
N HIS G 192 7.59 -34.42 33.77
CA HIS G 192 9.05 -34.35 33.82
C HIS G 192 9.55 -35.74 33.37
N PRO G 193 10.87 -35.93 33.23
CA PRO G 193 11.37 -37.31 33.06
C PRO G 193 11.03 -38.20 34.28
N PRO G 194 10.84 -39.53 34.09
CA PRO G 194 10.48 -40.50 35.14
C PRO G 194 11.16 -40.34 36.51
N LEU H 3 -16.57 15.01 -15.40
CA LEU H 3 -17.92 15.65 -15.54
C LEU H 3 -18.37 15.59 -17.01
N ILE H 4 -19.57 15.07 -17.22
CA ILE H 4 -20.16 14.95 -18.55
C ILE H 4 -21.10 16.13 -18.74
N PRO H 5 -20.84 16.98 -19.77
CA PRO H 5 -21.75 18.09 -19.97
C PRO H 5 -23.17 17.66 -20.39
N ILE H 6 -24.13 18.49 -20.02
CA ILE H 6 -25.54 18.30 -20.31
C ILE H 6 -25.90 19.23 -21.47
N VAL H 7 -26.67 18.72 -22.43
CA VAL H 7 -27.18 19.54 -23.55
C VAL H 7 -28.70 19.45 -23.62
N VAL H 8 -29.33 20.50 -24.17
CA VAL H 8 -30.78 20.57 -24.33
C VAL H 8 -31.20 20.33 -25.78
N ARG H 16 -35.86 18.72 -23.36
CA ARG H 16 -35.29 17.63 -22.57
C ARG H 16 -33.76 17.77 -22.45
N ALA H 17 -33.24 17.50 -21.26
CA ALA H 17 -31.80 17.60 -20.96
C ALA H 17 -31.16 16.21 -20.97
N TYR H 18 -30.13 16.04 -21.81
CA TYR H 18 -29.38 14.78 -21.90
C TYR H 18 -27.93 15.06 -21.60
N ASP H 19 -27.26 14.11 -20.94
CA ASP H 19 -25.81 14.07 -20.97
C ASP H 19 -25.38 13.87 -22.43
N ILE H 20 -24.19 14.34 -22.79
CA ILE H 20 -23.83 14.41 -24.21
C ILE H 20 -23.72 13.04 -24.89
N TYR H 21 -23.32 12.00 -24.16
CA TYR H 21 -23.28 10.62 -24.73
C TYR H 21 -24.68 10.08 -25.03
N SER H 22 -25.64 10.37 -24.16
CA SER H 22 -27.04 10.02 -24.40
C SER H 22 -27.62 10.78 -25.58
N ARG H 23 -27.20 12.03 -25.76
CA ARG H 23 -27.58 12.80 -26.93
C ARG H 23 -27.04 12.18 -28.22
N LEU H 24 -25.79 11.75 -28.21
CA LEU H 24 -25.19 11.05 -29.37
C LEU H 24 -25.95 9.76 -29.68
N LEU H 25 -26.32 9.02 -28.65
CA LEU H 25 -27.13 7.81 -28.82
C LEU H 25 -28.48 8.08 -29.50
N ARG H 26 -29.06 9.24 -29.26
CA ARG H 26 -30.29 9.61 -29.92
C ARG H 26 -30.04 9.86 -31.40
N GLU H 27 -28.81 10.12 -31.75
CA GLU H 27 -28.41 10.34 -33.12
C GLU H 27 -27.86 9.06 -33.75
N ARG H 28 -28.12 7.93 -33.11
CA ARG H 28 -27.69 6.61 -33.49
C ARG H 28 -26.20 6.42 -33.56
N ILE H 29 -25.49 7.06 -32.66
CA ILE H 29 -24.05 6.96 -32.53
C ILE H 29 -23.71 6.18 -31.25
N VAL H 30 -22.92 5.13 -31.40
CA VAL H 30 -22.45 4.30 -30.30
C VAL H 30 -20.93 4.44 -30.21
N CYS H 31 -20.42 4.76 -29.03
CA CYS H 31 -18.98 4.94 -28.83
C CYS H 31 -18.32 3.67 -28.29
N VAL H 32 -17.23 3.27 -28.93
CA VAL H 32 -16.35 2.22 -28.43
C VAL H 32 -14.98 2.89 -28.26
N MET H 33 -14.84 3.62 -27.16
CA MET H 33 -13.61 4.34 -26.84
C MET H 33 -12.97 3.64 -25.65
N GLY H 34 -11.67 3.42 -25.71
CA GLY H 34 -10.93 2.84 -24.61
C GLY H 34 -10.91 1.33 -24.71
N PRO H 35 -10.32 0.67 -23.69
CA PRO H 35 -10.19 -0.79 -23.70
C PRO H 35 -11.55 -1.50 -23.73
N ILE H 36 -11.60 -2.64 -24.41
CA ILE H 36 -12.81 -3.42 -24.50
C ILE H 36 -12.75 -4.48 -23.41
N ASP H 37 -13.74 -4.52 -22.54
CA ASP H 37 -13.89 -5.59 -21.56
C ASP H 37 -15.38 -5.95 -21.50
N ASP H 38 -15.74 -6.88 -20.62
CA ASP H 38 -17.14 -7.34 -20.54
C ASP H 38 -18.14 -6.22 -20.27
N SER H 39 -17.74 -5.28 -19.42
CA SER H 39 -18.58 -4.13 -19.08
C SER H 39 -18.86 -3.21 -20.30
N VAL H 40 -17.81 -2.91 -21.05
CA VAL H 40 -17.97 -2.14 -22.30
C VAL H 40 -18.82 -2.92 -23.31
N ALA H 41 -18.54 -4.20 -23.48
CA ALA H 41 -19.33 -5.03 -24.40
C ALA H 41 -20.80 -5.03 -24.04
N SER H 42 -21.10 -5.18 -22.75
CA SER H 42 -22.48 -5.19 -22.29
CA SER H 42 -22.48 -5.19 -22.29
C SER H 42 -23.21 -3.89 -22.68
N LEU H 43 -22.54 -2.76 -22.48
CA LEU H 43 -23.10 -1.46 -22.77
C LEU H 43 -23.30 -1.24 -24.28
N VAL H 44 -22.29 -1.64 -25.06
CA VAL H 44 -22.37 -1.49 -26.52
C VAL H 44 -23.48 -2.39 -27.08
N ILE H 45 -23.57 -3.62 -26.59
CA ILE H 45 -24.60 -4.54 -27.03
C ILE H 45 -26.00 -4.01 -26.71
N ALA H 46 -26.20 -3.51 -25.50
CA ALA H 46 -27.47 -2.91 -25.13
C ALA H 46 -27.85 -1.76 -26.06
N GLN H 47 -26.88 -0.91 -26.38
CA GLN H 47 -27.13 0.22 -27.28
C GLN H 47 -27.48 -0.25 -28.69
N LEU H 48 -26.75 -1.23 -29.22
CA LEU H 48 -27.04 -1.73 -30.57
C LEU H 48 -28.45 -2.32 -30.66
N LEU H 49 -28.83 -3.11 -29.65
CA LEU H 49 -30.16 -3.71 -29.63
C LEU H 49 -31.28 -2.69 -29.45
N PHE H 50 -31.05 -1.67 -28.62
CA PHE H 50 -31.98 -0.57 -28.49
C PHE H 50 -32.18 0.16 -29.83
N LEU H 51 -31.08 0.48 -30.50
CA LEU H 51 -31.15 1.20 -31.78
C LEU H 51 -31.87 0.39 -32.86
N GLN H 52 -31.65 -0.93 -32.90
CA GLN H 52 -32.41 -1.79 -33.79
C GLN H 52 -33.92 -1.73 -33.51
N SER H 53 -34.33 -1.71 -32.24
CA SER H 53 -35.76 -1.62 -31.92
C SER H 53 -36.38 -0.27 -32.30
N GLU H 54 -35.61 0.82 -32.23
CA GLU H 54 -36.08 2.14 -32.70
C GLU H 54 -36.29 2.16 -34.22
N SER H 55 -35.44 1.46 -34.95
CA SER H 55 -35.57 1.31 -36.40
C SER H 55 -34.64 0.22 -36.87
N ASN H 56 -35.20 -0.80 -37.52
CA ASN H 56 -34.36 -1.89 -38.04
C ASN H 56 -33.69 -1.57 -39.40
N LYS H 57 -33.98 -0.40 -39.97
CA LYS H 57 -33.43 0.03 -41.27
C LYS H 57 -32.40 1.17 -41.18
N LYS H 58 -32.59 2.12 -40.25
CA LYS H 58 -31.71 3.29 -40.18
C LYS H 58 -30.26 2.92 -39.81
N PRO H 59 -29.26 3.54 -40.47
CA PRO H 59 -27.89 3.23 -40.13
C PRO H 59 -27.52 3.54 -38.67
N ILE H 60 -26.55 2.80 -38.14
CA ILE H 60 -25.97 3.03 -36.82
C ILE H 60 -24.51 3.38 -37.05
N HIS H 61 -24.02 4.40 -36.35
CA HIS H 61 -22.62 4.80 -36.40
C HIS H 61 -21.88 4.27 -35.18
N MET H 62 -20.77 3.59 -35.41
CA MET H 62 -19.91 3.10 -34.33
C MET H 62 -18.57 3.81 -34.40
N TYR H 63 -18.28 4.62 -33.38
CA TYR H 63 -17.01 5.32 -33.29
C TYR H 63 -16.02 4.49 -32.49
N ILE H 64 -14.86 4.21 -33.09
CA ILE H 64 -13.87 3.33 -32.50
C ILE H 64 -12.57 4.08 -32.27
N ASN H 65 -12.20 4.20 -31.00
CA ASN H 65 -10.86 4.64 -30.60
C ASN H 65 -10.44 3.71 -29.48
N SER H 66 -9.77 2.62 -29.83
CA SER H 66 -9.53 1.54 -28.88
C SER H 66 -8.21 0.85 -29.10
N PRO H 67 -7.49 0.54 -28.02
CA PRO H 67 -6.30 -0.32 -28.14
C PRO H 67 -6.65 -1.82 -28.20
N GLY H 68 -7.93 -2.17 -28.12
CA GLY H 68 -8.36 -3.56 -28.11
C GLY H 68 -8.76 -3.91 -26.70
N GLY H 69 -8.56 -5.17 -26.33
CA GLY H 69 -8.90 -5.66 -25.00
C GLY H 69 -9.26 -7.12 -25.02
N VAL H 70 -10.28 -7.48 -24.24
CA VAL H 70 -10.63 -8.89 -24.00
C VAL H 70 -11.27 -9.47 -25.27
N VAL H 71 -10.69 -10.57 -25.76
CA VAL H 71 -11.11 -11.13 -27.05
C VAL H 71 -12.57 -11.58 -27.03
N THR H 72 -12.99 -12.32 -26.01
CA THR H 72 -14.39 -12.78 -25.98
C THR H 72 -15.39 -11.61 -25.90
N ALA H 73 -15.01 -10.53 -25.24
CA ALA H 73 -15.86 -9.34 -25.17
C ALA H 73 -15.97 -8.68 -26.55
N GLY H 74 -14.85 -8.60 -27.26
CA GLY H 74 -14.83 -8.08 -28.63
C GLY H 74 -15.68 -8.93 -29.56
N LEU H 75 -15.60 -10.25 -29.39
CA LEU H 75 -16.40 -11.17 -30.20
C LEU H 75 -17.90 -11.08 -29.91
N ALA H 76 -18.25 -10.76 -28.67
CA ALA H 76 -19.65 -10.53 -28.32
C ALA H 76 -20.23 -9.31 -29.06
N ILE H 77 -19.44 -8.25 -29.16
CA ILE H 77 -19.86 -7.06 -29.90
C ILE H 77 -19.94 -7.42 -31.39
N TYR H 78 -18.92 -8.08 -31.90
CA TYR H 78 -18.89 -8.50 -33.31
C TYR H 78 -20.14 -9.30 -33.69
N ASP H 79 -20.48 -10.31 -32.90
CA ASP H 79 -21.66 -11.13 -33.16
C ASP H 79 -22.96 -10.34 -33.13
N THR H 80 -23.06 -9.34 -32.24
CA THR H 80 -24.22 -8.48 -32.16
C THR H 80 -24.34 -7.58 -33.41
N MET H 81 -23.20 -7.04 -33.86
CA MET H 81 -23.17 -6.26 -35.10
C MET H 81 -23.72 -7.08 -36.28
N GLN H 82 -23.34 -8.35 -36.37
CA GLN H 82 -23.85 -9.24 -37.43
C GLN H 82 -25.30 -9.68 -37.22
N TYR H 83 -25.75 -9.77 -35.97
CA TYR H 83 -27.10 -10.21 -35.64
C TYR H 83 -28.17 -9.18 -36.02
N ILE H 84 -27.93 -7.91 -35.73
CA ILE H 84 -28.89 -6.87 -36.05
C ILE H 84 -28.93 -6.65 -37.56
N LEU H 85 -30.06 -6.19 -38.08
CA LEU H 85 -30.22 -6.06 -39.54
C LEU H 85 -29.57 -4.78 -40.08
N ASN H 86 -29.36 -3.81 -39.20
CA ASN H 86 -29.06 -2.44 -39.61
C ASN H 86 -27.73 -2.32 -40.33
N PRO H 87 -27.64 -1.39 -41.31
CA PRO H 87 -26.32 -0.99 -41.77
C PRO H 87 -25.53 -0.38 -40.60
N ILE H 88 -24.26 -0.72 -40.46
CA ILE H 88 -23.40 -0.15 -39.43
C ILE H 88 -22.24 0.58 -40.09
N CYS H 89 -22.16 1.89 -39.90
CA CYS H 89 -21.00 2.67 -40.32
C CYS H 89 -19.98 2.69 -39.20
N THR H 90 -18.79 2.16 -39.45
CA THR H 90 -17.71 2.20 -38.49
C THR H 90 -16.75 3.35 -38.82
N TRP H 91 -16.24 3.99 -37.77
CA TRP H 91 -15.33 5.12 -37.90
C TRP H 91 -14.15 4.92 -36.99
N CYS H 92 -12.95 4.95 -37.56
CA CYS H 92 -11.73 4.91 -36.79
C CYS H 92 -11.24 6.33 -36.51
N VAL H 93 -11.21 6.70 -35.24
CA VAL H 93 -10.63 7.98 -34.81
C VAL H 93 -9.55 7.67 -33.78
N GLY H 94 -8.36 8.22 -33.98
CA GLY H 94 -7.23 7.95 -33.10
C GLY H 94 -6.56 6.63 -33.47
N GLN H 95 -7.11 5.53 -32.96
CA GLN H 95 -6.59 4.20 -33.29
C GLN H 95 -7.65 3.12 -33.20
N ALA H 96 -7.44 2.05 -33.96
CA ALA H 96 -8.19 0.81 -33.80
C ALA H 96 -7.16 -0.30 -33.83
N ALA H 97 -6.86 -0.85 -32.66
CA ALA H 97 -5.86 -1.90 -32.55
C ALA H 97 -6.49 -3.17 -32.00
N SER H 98 -5.95 -4.30 -32.46
CA SER H 98 -6.37 -5.61 -31.98
C SER H 98 -7.89 -5.74 -32.20
N MET H 99 -8.67 -6.05 -31.17
CA MET H 99 -10.12 -6.19 -31.33
C MET H 99 -10.82 -4.94 -31.88
N GLY H 100 -10.25 -3.76 -31.64
CA GLY H 100 -10.77 -2.54 -32.24
C GLY H 100 -10.79 -2.57 -33.76
N SER H 101 -9.73 -3.09 -34.36
CA SER H 101 -9.65 -3.16 -35.83
C SER H 101 -10.58 -4.24 -36.39
N LEU H 102 -10.85 -5.27 -35.59
CA LEU H 102 -11.82 -6.28 -36.00
C LEU H 102 -13.22 -5.67 -36.10
N LEU H 103 -13.60 -4.88 -35.09
CA LEU H 103 -14.90 -4.20 -35.13
C LEU H 103 -14.98 -3.21 -36.29
N LEU H 104 -13.89 -2.47 -36.53
CA LEU H 104 -13.83 -1.53 -37.66
C LEU H 104 -14.09 -2.24 -39.00
N ALA H 105 -13.37 -3.35 -39.19
CA ALA H 105 -13.50 -4.18 -40.40
C ALA H 105 -14.86 -4.83 -40.58
N ALA H 106 -15.58 -5.03 -39.47
CA ALA H 106 -16.88 -5.68 -39.45
C ALA H 106 -18.05 -4.75 -39.76
N GLY H 107 -17.80 -3.46 -40.00
CA GLY H 107 -18.85 -2.57 -40.48
C GLY H 107 -19.40 -3.02 -41.83
N THR H 108 -20.56 -2.50 -42.19
CA THR H 108 -21.21 -2.81 -43.46
C THR H 108 -20.29 -2.44 -44.63
N PRO H 109 -20.16 -3.35 -45.64
CA PRO H 109 -19.30 -3.01 -46.79
C PRO H 109 -19.66 -1.67 -47.43
N GLY H 110 -18.64 -0.87 -47.74
CA GLY H 110 -18.83 0.50 -48.22
C GLY H 110 -18.95 1.57 -47.13
N MET H 111 -19.14 1.17 -45.87
CA MET H 111 -19.43 2.11 -44.78
C MET H 111 -18.39 2.06 -43.65
N ARG H 112 -17.15 1.66 -43.97
CA ARG H 112 -16.07 1.58 -43.01
C ARG H 112 -15.12 2.73 -43.30
N HIS H 113 -14.94 3.61 -42.32
CA HIS H 113 -14.32 4.93 -42.49
C HIS H 113 -13.14 5.08 -41.54
N SER H 114 -12.16 5.85 -41.96
CA SER H 114 -11.14 6.36 -41.07
C SER H 114 -10.89 7.84 -41.31
N LEU H 115 -10.56 8.55 -40.24
CA LEU H 115 -10.03 9.91 -40.33
C LEU H 115 -8.54 9.82 -40.73
N PRO H 116 -7.97 10.92 -41.26
CA PRO H 116 -6.65 10.80 -41.92
C PRO H 116 -5.46 10.43 -41.05
N ASN H 117 -5.47 10.76 -39.76
CA ASN H 117 -4.32 10.54 -38.89
C ASN H 117 -4.46 9.33 -37.96
N SER H 118 -5.51 8.52 -38.16
CA SER H 118 -5.69 7.31 -37.37
C SER H 118 -4.63 6.26 -37.68
N ARG H 119 -4.46 5.31 -36.77
CA ARG H 119 -3.57 4.18 -36.98
C ARG H 119 -4.36 2.90 -36.71
N ILE H 120 -4.13 1.88 -37.53
CA ILE H 120 -4.88 0.62 -37.47
C ILE H 120 -3.89 -0.52 -37.27
N MET H 121 -4.18 -1.40 -36.32
CA MET H 121 -3.33 -2.57 -36.05
C MET H 121 -4.18 -3.83 -36.01
N ILE H 122 -3.84 -4.82 -36.81
CA ILE H 122 -4.49 -6.13 -36.75
C ILE H 122 -3.69 -7.15 -35.92
N HIS H 123 -2.40 -6.90 -35.73
CA HIS H 123 -1.56 -7.58 -34.75
C HIS H 123 -2.25 -7.57 -33.37
N GLN H 124 -2.07 -8.66 -32.62
CA GLN H 124 -2.57 -8.78 -31.25
C GLN H 124 -1.36 -8.60 -30.32
N PRO H 125 -1.18 -7.41 -29.72
CA PRO H 125 0.02 -7.21 -28.88
C PRO H 125 0.21 -8.19 -27.74
N ALA H 137 -5.75 -16.96 -18.23
CA ALA H 137 -5.65 -18.24 -17.52
C ALA H 137 -6.41 -19.40 -18.23
N ILE H 138 -5.98 -19.67 -19.46
CA ILE H 138 -6.53 -20.77 -20.27
C ILE H 138 -5.44 -21.60 -20.95
N GLN H 139 -5.81 -22.80 -21.38
CA GLN H 139 -4.86 -23.74 -21.96
C GLN H 139 -4.40 -23.28 -23.36
N ALA H 140 -3.19 -23.71 -23.74
CA ALA H 140 -2.58 -23.33 -25.03
C ALA H 140 -3.50 -23.58 -26.23
N GLU H 141 -4.13 -24.75 -26.25
CA GLU H 141 -5.05 -25.12 -27.34
C GLU H 141 -6.21 -24.13 -27.46
N GLU H 142 -6.73 -23.66 -26.35
CA GLU H 142 -7.85 -22.71 -26.35
C GLU H 142 -7.43 -21.33 -26.83
N ILE H 143 -6.20 -20.92 -26.51
CA ILE H 143 -5.67 -19.65 -27.00
C ILE H 143 -5.54 -19.71 -28.54
N MET H 144 -5.07 -20.84 -29.06
CA MET H 144 -4.98 -21.01 -30.52
C MET H 144 -6.35 -21.05 -31.22
N LYS H 145 -7.33 -21.70 -30.61
CA LYS H 145 -8.69 -21.70 -31.17
C LYS H 145 -9.26 -20.29 -31.32
N LEU H 146 -9.08 -19.46 -30.29
CA LEU H 146 -9.49 -18.06 -30.38
C LEU H 146 -8.76 -17.32 -31.49
N LYS H 147 -7.46 -17.52 -31.58
CA LYS H 147 -6.65 -16.88 -32.61
C LYS H 147 -7.15 -17.28 -34.01
N LYS H 148 -7.49 -18.56 -34.21
CA LYS H 148 -8.06 -19.03 -35.48
C LYS H 148 -9.41 -18.39 -35.79
N GLN H 149 -10.24 -18.18 -34.78
CA GLN H 149 -11.51 -17.48 -34.96
C GLN H 149 -11.26 -16.06 -35.48
N LEU H 150 -10.24 -15.38 -34.95
CA LEU H 150 -9.90 -14.04 -35.42
C LEU H 150 -9.43 -14.08 -36.88
N TYR H 151 -8.55 -15.02 -37.22
CA TYR H 151 -8.12 -15.19 -38.63
C TYR H 151 -9.31 -15.33 -39.58
N ASN H 152 -10.27 -16.18 -39.21
CA ASN H 152 -11.46 -16.41 -40.04
C ASN H 152 -12.31 -15.16 -40.21
N ILE H 153 -12.51 -14.41 -39.13
CA ILE H 153 -13.28 -13.17 -39.18
C ILE H 153 -12.57 -12.11 -40.04
N TYR H 154 -11.28 -11.91 -39.84
CA TYR H 154 -10.54 -10.94 -40.68
C TYR H 154 -10.56 -11.34 -42.15
N ALA H 155 -10.41 -12.64 -42.43
CA ALA H 155 -10.47 -13.13 -43.82
C ALA H 155 -11.80 -12.82 -44.49
N LYS H 156 -12.89 -13.10 -43.78
CA LYS H 156 -14.25 -12.83 -44.27
C LYS H 156 -14.47 -11.35 -44.61
N HIS H 157 -14.06 -10.44 -43.73
CA HIS H 157 -14.38 -9.02 -43.93
C HIS H 157 -13.36 -8.26 -44.76
N THR H 158 -12.11 -8.70 -44.78
CA THR H 158 -11.09 -8.05 -45.60
C THR H 158 -11.02 -8.63 -47.00
N LYS H 159 -11.55 -9.84 -47.20
CA LYS H 159 -11.44 -10.61 -48.44
C LYS H 159 -10.00 -11.08 -48.77
N GLN H 160 -9.10 -11.06 -47.79
CA GLN H 160 -7.75 -11.60 -47.94
C GLN H 160 -7.77 -13.08 -47.59
N SER H 161 -6.78 -13.82 -48.08
CA SER H 161 -6.64 -15.23 -47.73
C SER H 161 -6.19 -15.41 -46.28
N LEU H 162 -6.47 -16.58 -45.72
CA LEU H 162 -6.00 -16.96 -44.39
C LEU H 162 -4.48 -16.86 -44.26
N GLN H 163 -3.76 -17.28 -45.31
CA GLN H 163 -2.30 -17.19 -45.34
C GLN H 163 -1.79 -15.74 -45.20
N VAL H 164 -2.41 -14.80 -45.91
CA VAL H 164 -2.01 -13.40 -45.86
C VAL H 164 -2.33 -12.78 -44.48
N ILE H 165 -3.50 -13.10 -43.94
CA ILE H 165 -3.91 -12.62 -42.61
C ILE H 165 -2.97 -13.11 -41.51
N GLU H 166 -2.66 -14.41 -41.52
CA GLU H 166 -1.75 -14.98 -40.54
C GLU H 166 -0.37 -14.31 -40.60
N SER H 167 0.16 -14.12 -41.80
CA SER H 167 1.45 -13.46 -41.97
C SER H 167 1.42 -12.02 -41.49
N ALA H 168 0.38 -11.28 -41.85
CA ALA H 168 0.26 -9.87 -41.47
C ALA H 168 0.10 -9.70 -39.94
N MET H 169 -0.67 -10.59 -39.30
CA MET H 169 -0.88 -10.49 -37.85
C MET H 169 0.36 -10.78 -37.00
N GLU H 170 1.34 -11.47 -37.57
CA GLU H 170 2.60 -11.72 -36.91
C GLU H 170 3.48 -10.45 -36.79
N ARG H 171 3.27 -9.47 -37.67
CA ARG H 171 4.08 -8.24 -37.73
C ARG H 171 3.60 -7.20 -36.71
N ASP H 172 4.50 -6.81 -35.83
CA ASP H 172 4.16 -5.86 -34.76
C ASP H 172 4.26 -4.43 -35.32
N ARG H 173 3.19 -3.98 -35.96
CA ARG H 173 3.17 -2.70 -36.65
C ARG H 173 1.75 -2.19 -36.82
N TYR H 174 1.64 -0.89 -37.08
CA TYR H 174 0.38 -0.24 -37.43
C TYR H 174 0.38 0.03 -38.93
N MET H 175 -0.82 0.12 -39.49
CA MET H 175 -1.06 0.56 -40.85
C MET H 175 -1.63 1.96 -40.80
N SER H 176 -1.28 2.75 -41.82
CA SER H 176 -1.95 4.01 -42.07
C SER H 176 -3.35 3.72 -42.60
N PRO H 177 -4.24 4.73 -42.60
CA PRO H 177 -5.58 4.52 -43.15
C PRO H 177 -5.57 4.06 -44.61
N MET H 178 -4.68 4.64 -45.44
CA MET H 178 -4.56 4.21 -46.86
C MET H 178 -4.14 2.75 -46.98
N GLU H 179 -3.16 2.34 -46.19
CA GLU H 179 -2.73 0.94 -46.20
C GLU H 179 -3.85 0.00 -45.71
N ALA H 180 -4.56 0.40 -44.67
CA ALA H 180 -5.72 -0.37 -44.20
C ALA H 180 -6.84 -0.46 -45.25
N GLN H 181 -7.03 0.61 -46.02
CA GLN H 181 -7.97 0.60 -47.14
C GLN H 181 -7.58 -0.44 -48.20
N GLU H 182 -6.31 -0.40 -48.62
CA GLU H 182 -5.77 -1.38 -49.58
C GLU H 182 -5.86 -2.82 -49.07
N PHE H 183 -5.68 -3.02 -47.78
CA PHE H 183 -5.77 -4.34 -47.15
C PHE H 183 -7.22 -4.88 -47.07
N GLY H 184 -8.22 -4.00 -47.15
CA GLY H 184 -9.64 -4.38 -47.05
C GLY H 184 -10.25 -4.23 -45.66
N ILE H 185 -9.58 -3.51 -44.76
CA ILE H 185 -10.11 -3.24 -43.41
C ILE H 185 -11.15 -2.12 -43.44
N LEU H 186 -10.94 -1.14 -44.31
CA LEU H 186 -11.86 -0.03 -44.42
C LEU H 186 -12.03 0.40 -45.87
N ASP H 187 -13.04 1.21 -46.11
CA ASP H 187 -13.46 1.64 -47.46
C ASP H 187 -13.11 3.08 -47.81
N LYS H 188 -13.18 3.99 -46.85
CA LYS H 188 -13.01 5.43 -47.13
C LYS H 188 -12.12 6.08 -46.10
N VAL H 189 -11.19 6.91 -46.57
CA VAL H 189 -10.38 7.78 -45.72
C VAL H 189 -10.86 9.20 -46.00
N LEU H 190 -11.45 9.85 -45.00
CA LEU H 190 -12.14 11.14 -45.17
C LEU H 190 -11.50 12.23 -44.36
N VAL H 191 -11.20 13.36 -45.01
CA VAL H 191 -10.79 14.60 -44.31
C VAL H 191 -12.03 15.35 -43.80
N HIS H 192 -13.04 15.52 -44.65
CA HIS H 192 -14.30 16.20 -44.28
C HIS H 192 -15.40 15.45 -45.06
N PRO H 193 -16.70 15.81 -44.85
CA PRO H 193 -17.72 15.28 -45.77
C PRO H 193 -17.48 15.72 -47.23
N PRO H 194 -17.89 14.91 -48.23
CA PRO H 194 -17.72 15.20 -49.68
C PRO H 194 -17.96 16.66 -50.14
N LEU I 3 -20.46 5.41 -17.05
CA LEU I 3 -21.71 6.21 -17.34
C LEU I 3 -22.68 5.37 -18.16
N ILE I 4 -23.91 5.26 -17.67
CA ILE I 4 -24.95 4.49 -18.33
C ILE I 4 -25.81 5.46 -19.13
N PRO I 5 -25.89 5.27 -20.46
CA PRO I 5 -26.74 6.19 -21.22
C PRO I 5 -28.23 6.06 -20.89
N ILE I 6 -28.93 7.17 -21.06
CA ILE I 6 -30.35 7.30 -20.81
C ILE I 6 -31.07 7.26 -22.17
N VAL I 7 -32.17 6.53 -22.25
CA VAL I 7 -33.00 6.48 -23.47
C VAL I 7 -34.43 6.87 -23.13
N VAL I 8 -35.13 7.41 -24.12
CA VAL I 8 -36.53 7.83 -23.97
C VAL I 8 -37.49 6.85 -24.66
N GLU I 9 -38.54 6.45 -23.95
CA GLU I 9 -39.61 5.60 -24.47
C GLU I 9 -40.91 6.41 -24.50
N GLN I 10 -41.76 6.14 -25.48
CA GLN I 10 -43.10 6.76 -25.58
C GLN I 10 -44.12 5.89 -24.84
N THR I 11 -44.80 6.41 -23.82
CA THR I 11 -45.86 5.68 -23.10
C THR I 11 -47.27 6.28 -23.40
N GLY I 14 -47.07 9.78 -21.85
CA GLY I 14 -46.08 10.65 -22.48
C GLY I 14 -44.70 10.01 -22.62
N GLU I 15 -43.66 10.77 -22.32
CA GLU I 15 -42.26 10.30 -22.41
C GLU I 15 -41.69 9.96 -21.04
N ARG I 16 -41.00 8.81 -20.95
CA ARG I 16 -40.27 8.41 -19.74
C ARG I 16 -38.80 8.11 -20.10
N ALA I 17 -37.89 8.56 -19.23
CA ALA I 17 -36.44 8.37 -19.42
C ALA I 17 -35.93 7.24 -18.53
N TYR I 18 -35.30 6.23 -19.15
CA TYR I 18 -34.74 5.08 -18.44
C TYR I 18 -33.25 5.01 -18.75
N ASP I 19 -32.46 4.58 -17.77
CA ASP I 19 -31.12 4.08 -18.08
C ASP I 19 -31.29 2.84 -18.97
N ILE I 20 -30.30 2.55 -19.80
CA ILE I 20 -30.51 1.54 -20.85
C ILE I 20 -30.76 0.11 -20.30
N TYR I 21 -30.17 -0.24 -19.16
CA TYR I 21 -30.43 -1.56 -18.54
C TYR I 21 -31.86 -1.68 -18.02
N SER I 22 -32.39 -0.61 -17.45
CA SER I 22 -33.80 -0.56 -17.04
C SER I 22 -34.74 -0.64 -18.24
N ARG I 23 -34.36 -0.04 -19.36
CA ARG I 23 -35.11 -0.17 -20.59
C ARG I 23 -35.14 -1.62 -21.08
N LEU I 24 -34.00 -2.30 -21.04
CA LEU I 24 -33.94 -3.72 -21.41
C LEU I 24 -34.83 -4.58 -20.51
N LEU I 25 -34.84 -4.24 -19.23
CA LEU I 25 -35.67 -4.94 -18.25
C LEU I 25 -37.13 -4.75 -18.58
N ARG I 26 -37.48 -3.63 -19.16
CA ARG I 26 -38.84 -3.38 -19.59
C ARG I 26 -39.26 -4.32 -20.71
N GLU I 27 -38.29 -4.77 -21.50
CA GLU I 27 -38.46 -5.71 -22.62
C GLU I 27 -38.29 -7.16 -22.21
N ARG I 28 -38.26 -7.39 -20.92
CA ARG I 28 -38.08 -8.71 -20.32
C ARG I 28 -36.73 -9.35 -20.54
N ILE I 29 -35.70 -8.53 -20.58
CA ILE I 29 -34.32 -8.97 -20.73
C ILE I 29 -33.58 -8.77 -19.41
N VAL I 30 -32.97 -9.84 -18.93
CA VAL I 30 -32.15 -9.84 -17.70
C VAL I 30 -30.71 -10.15 -18.10
N CYS I 31 -29.78 -9.32 -17.68
CA CYS I 31 -28.37 -9.50 -18.02
C CYS I 31 -27.60 -10.20 -16.91
N VAL I 32 -26.86 -11.25 -17.27
CA VAL I 32 -25.93 -11.92 -16.37
C VAL I 32 -24.57 -11.79 -17.05
N MET I 33 -23.98 -10.61 -16.90
CA MET I 33 -22.68 -10.29 -17.49
C MET I 33 -21.68 -10.17 -16.35
N GLY I 34 -20.51 -10.76 -16.54
CA GLY I 34 -19.45 -10.67 -15.56
C GLY I 34 -19.54 -11.77 -14.52
N PRO I 35 -18.65 -11.73 -13.51
CA PRO I 35 -18.62 -12.76 -12.49
C PRO I 35 -19.91 -12.84 -11.68
N ILE I 36 -20.27 -14.05 -11.28
CA ILE I 36 -21.48 -14.27 -10.49
C ILE I 36 -21.05 -14.29 -9.02
N ASP I 37 -21.64 -13.43 -8.21
CA ASP I 37 -21.45 -13.47 -6.76
C ASP I 37 -22.82 -13.21 -6.12
N ASP I 38 -22.88 -13.15 -4.79
CA ASP I 38 -24.16 -12.98 -4.10
C ASP I 38 -24.92 -11.72 -4.51
N SER I 39 -24.18 -10.65 -4.74
CA SER I 39 -24.77 -9.37 -5.15
C SER I 39 -25.43 -9.46 -6.55
N VAL I 40 -24.74 -10.07 -7.50
CA VAL I 40 -25.32 -10.32 -8.82
C VAL I 40 -26.53 -11.26 -8.74
N ALA I 41 -26.41 -12.34 -7.97
CA ALA I 41 -27.53 -13.27 -7.79
C ALA I 41 -28.75 -12.57 -7.22
N SER I 42 -28.55 -11.73 -6.22
CA SER I 42 -29.65 -11.00 -5.61
C SER I 42 -30.40 -10.14 -6.65
N LEU I 43 -29.65 -9.45 -7.48
CA LEU I 43 -30.20 -8.56 -8.50
C LEU I 43 -30.93 -9.36 -9.59
N VAL I 44 -30.33 -10.46 -10.03
CA VAL I 44 -30.94 -11.30 -11.07
C VAL I 44 -32.23 -11.94 -10.54
N ILE I 45 -32.19 -12.43 -9.30
CA ILE I 45 -33.37 -13.03 -8.69
C ILE I 45 -34.51 -12.02 -8.55
N ALA I 46 -34.20 -10.81 -8.08
CA ALA I 46 -35.19 -9.76 -8.00
C ALA I 46 -35.84 -9.47 -9.35
N GLN I 47 -35.02 -9.41 -10.40
CA GLN I 47 -35.54 -9.15 -11.75
C GLN I 47 -36.42 -10.29 -12.24
N LEU I 48 -36.01 -11.53 -12.04
CA LEU I 48 -36.82 -12.68 -12.47
C LEU I 48 -38.18 -12.70 -11.78
N LEU I 49 -38.19 -12.45 -10.48
CA LEU I 49 -39.43 -12.43 -9.71
C LEU I 49 -40.35 -11.27 -10.09
N PHE I 50 -39.75 -10.09 -10.34
CA PHE I 50 -40.52 -8.96 -10.85
C PHE I 50 -41.17 -9.28 -12.21
N LEU I 51 -40.39 -9.85 -13.13
CA LEU I 51 -40.91 -10.18 -14.46
C LEU I 51 -42.03 -11.23 -14.39
N GLN I 52 -41.90 -12.21 -13.52
CA GLN I 52 -43.00 -13.17 -13.28
C GLN I 52 -44.28 -12.46 -12.83
N SER I 53 -44.18 -11.48 -11.93
CA SER I 53 -45.36 -10.76 -11.46
C SER I 53 -46.01 -9.90 -12.56
N GLU I 54 -45.21 -9.34 -13.47
CA GLU I 54 -45.75 -8.61 -14.63
C GLU I 54 -46.53 -9.53 -15.59
N SER I 55 -46.06 -10.77 -15.73
CA SER I 55 -46.74 -11.78 -16.54
C SER I 55 -46.12 -13.14 -16.25
N ASN I 56 -46.93 -14.09 -15.81
CA ASN I 56 -46.42 -15.44 -15.52
C ASN I 56 -46.30 -16.34 -16.78
N LYS I 57 -46.73 -15.82 -17.94
CA LYS I 57 -46.69 -16.56 -19.22
C LYS I 57 -45.64 -16.04 -20.22
N LYS I 58 -45.42 -14.73 -20.27
CA LYS I 58 -44.52 -14.16 -21.29
C LYS I 58 -43.06 -14.61 -21.09
N PRO I 59 -42.36 -14.94 -22.20
CA PRO I 59 -40.97 -15.35 -22.06
C PRO I 59 -40.07 -14.29 -21.43
N ILE I 60 -39.01 -14.75 -20.77
CA ILE I 60 -37.96 -13.90 -20.21
C ILE I 60 -36.67 -14.27 -20.94
N HIS I 61 -35.91 -13.25 -21.34
CA HIS I 61 -34.61 -13.46 -21.97
C HIS I 61 -33.50 -13.24 -20.97
N MET I 62 -32.59 -14.20 -20.88
CA MET I 62 -31.43 -14.11 -20.01
C MET I 62 -30.18 -14.08 -20.88
N TYR I 63 -29.47 -12.94 -20.88
CA TYR I 63 -28.22 -12.81 -21.62
C TYR I 63 -27.05 -13.16 -20.73
N ILE I 64 -26.23 -14.10 -21.17
CA ILE I 64 -25.13 -14.62 -20.37
C ILE I 64 -23.80 -14.37 -21.05
N ASN I 65 -22.97 -13.57 -20.41
CA ASN I 65 -21.56 -13.41 -20.76
C ASN I 65 -20.79 -13.44 -19.46
N SER I 66 -20.37 -14.61 -19.04
CA SER I 66 -19.84 -14.79 -17.69
C SER I 66 -18.76 -15.83 -17.63
N PRO I 67 -17.69 -15.56 -16.86
CA PRO I 67 -16.69 -16.59 -16.58
C PRO I 67 -17.12 -17.55 -15.45
N GLY I 68 -18.29 -17.33 -14.86
CA GLY I 68 -18.76 -18.14 -13.75
C GLY I 68 -18.60 -17.32 -12.47
N GLY I 69 -18.31 -17.99 -11.37
CA GLY I 69 -18.16 -17.34 -10.08
C GLY I 69 -18.59 -18.24 -8.95
N VAL I 70 -19.24 -17.66 -7.95
CA VAL I 70 -19.54 -18.36 -6.70
C VAL I 70 -20.65 -19.41 -6.95
N VAL I 71 -20.37 -20.65 -6.59
CA VAL I 71 -21.27 -21.77 -6.93
C VAL I 71 -22.65 -21.60 -6.26
N THR I 72 -22.69 -21.30 -4.96
CA THR I 72 -23.97 -21.15 -4.28
C THR I 72 -24.80 -19.99 -4.86
N ALA I 73 -24.14 -18.92 -5.30
CA ALA I 73 -24.84 -17.81 -5.93
C ALA I 73 -25.44 -18.23 -7.27
N GLY I 74 -24.67 -18.99 -8.05
CA GLY I 74 -25.15 -19.56 -9.31
C GLY I 74 -26.34 -20.49 -9.10
N LEU I 75 -26.27 -21.29 -8.06
CA LEU I 75 -27.37 -22.22 -7.74
C LEU I 75 -28.63 -21.49 -7.28
N ALA I 76 -28.47 -20.34 -6.62
CA ALA I 76 -29.61 -19.51 -6.25
C ALA I 76 -30.36 -18.99 -7.48
N ILE I 77 -29.61 -18.58 -8.50
CA ILE I 77 -30.21 -18.14 -9.75
C ILE I 77 -30.88 -19.34 -10.44
N TYR I 78 -30.17 -20.45 -10.51
CA TYR I 78 -30.70 -21.67 -11.13
C TYR I 78 -32.05 -22.08 -10.52
N ASP I 79 -32.10 -22.14 -9.18
CA ASP I 79 -33.34 -22.51 -8.49
C ASP I 79 -34.49 -21.53 -8.76
N THR I 80 -34.18 -20.24 -8.89
CA THR I 80 -35.19 -19.24 -9.21
C THR I 80 -35.72 -19.41 -10.63
N MET I 81 -34.82 -19.69 -11.57
CA MET I 81 -35.22 -19.99 -12.96
C MET I 81 -36.23 -21.15 -13.00
N GLN I 82 -35.98 -22.19 -12.22
CA GLN I 82 -36.89 -23.35 -12.14
C GLN I 82 -38.17 -23.06 -11.36
N TYR I 83 -38.11 -22.16 -10.38
CA TYR I 83 -39.26 -21.81 -9.55
C TYR I 83 -40.33 -21.02 -10.29
N ILE I 84 -39.93 -20.04 -11.07
CA ILE I 84 -40.89 -19.23 -11.82
C ILE I 84 -41.50 -20.07 -12.95
N LEU I 85 -42.71 -19.75 -13.36
CA LEU I 85 -43.39 -20.57 -14.37
C LEU I 85 -42.93 -20.26 -15.80
N ASN I 86 -42.35 -19.09 -15.99
CA ASN I 86 -42.16 -18.52 -17.32
C ASN I 86 -41.20 -19.33 -18.18
N PRO I 87 -41.45 -19.36 -19.50
CA PRO I 87 -40.38 -19.80 -20.39
C PRO I 87 -39.18 -18.86 -20.27
N ILE I 88 -37.97 -19.40 -20.21
CA ILE I 88 -36.75 -18.59 -20.16
C ILE I 88 -35.89 -18.90 -21.36
N CYS I 89 -35.68 -17.90 -22.22
CA CYS I 89 -34.73 -18.01 -23.33
C CYS I 89 -33.36 -17.57 -22.85
N THR I 90 -32.39 -18.48 -22.90
CA THR I 90 -31.01 -18.16 -22.55
C THR I 90 -30.21 -17.88 -23.82
N TRP I 91 -29.30 -16.92 -23.72
CA TRP I 91 -28.46 -16.51 -24.83
C TRP I 91 -27.02 -16.42 -24.36
N CYS I 92 -26.13 -17.16 -25.02
CA CYS I 92 -24.71 -17.05 -24.77
C CYS I 92 -24.08 -16.06 -25.73
N VAL I 93 -23.56 -14.97 -25.19
CA VAL I 93 -22.79 -14.00 -25.98
C VAL I 93 -21.42 -13.86 -25.34
N GLY I 94 -20.36 -13.98 -26.13
CA GLY I 94 -19.00 -13.95 -25.62
C GLY I 94 -18.60 -15.30 -25.05
N GLN I 95 -18.94 -15.53 -23.80
CA GLN I 95 -18.68 -16.82 -23.16
C GLN I 95 -19.68 -17.16 -22.06
N ALA I 96 -19.83 -18.46 -21.82
CA ALA I 96 -20.53 -18.97 -20.65
C ALA I 96 -19.65 -20.07 -20.10
N ALA I 97 -18.95 -19.77 -19.01
CA ALA I 97 -18.05 -20.72 -18.39
C ALA I 97 -18.49 -21.04 -16.98
N SER I 98 -18.23 -22.28 -16.56
CA SER I 98 -18.50 -22.73 -15.21
C SER I 98 -20.00 -22.49 -14.91
N MET I 99 -20.34 -21.77 -13.85
CA MET I 99 -21.75 -21.51 -13.52
C MET I 99 -22.52 -20.81 -14.63
N GLY I 100 -21.85 -20.01 -15.46
CA GLY I 100 -22.49 -19.42 -16.62
C GLY I 100 -23.09 -20.44 -17.57
N SER I 101 -22.37 -21.53 -17.82
CA SER I 101 -22.87 -22.57 -18.74
C SER I 101 -23.99 -23.39 -18.11
N LEU I 102 -23.99 -23.48 -16.79
CA LEU I 102 -25.10 -24.13 -16.09
C LEU I 102 -26.39 -23.34 -16.28
N LEU I 103 -26.33 -22.03 -16.13
CA LEU I 103 -27.49 -21.18 -16.36
C LEU I 103 -27.96 -21.24 -17.81
N LEU I 104 -27.01 -21.23 -18.75
CA LEU I 104 -27.32 -21.36 -20.17
C LEU I 104 -28.11 -22.64 -20.46
N ALA I 105 -27.59 -23.76 -19.95
CA ALA I 105 -28.20 -25.09 -20.08
C ALA I 105 -29.58 -25.24 -19.42
N ALA I 106 -29.82 -24.41 -18.40
CA ALA I 106 -31.06 -24.43 -17.62
C ALA I 106 -32.20 -23.63 -18.23
N GLY I 107 -31.99 -23.00 -19.38
CA GLY I 107 -33.09 -22.37 -20.10
C GLY I 107 -34.14 -23.40 -20.53
N THR I 108 -35.32 -22.92 -20.88
CA THR I 108 -36.42 -23.77 -21.33
C THR I 108 -36.01 -24.58 -22.55
N PRO I 109 -36.32 -25.90 -22.58
CA PRO I 109 -35.95 -26.70 -23.77
C PRO I 109 -36.45 -26.09 -25.07
N GLY I 110 -35.60 -26.06 -26.09
CA GLY I 110 -35.87 -25.37 -27.36
C GLY I 110 -35.52 -23.90 -27.40
N MET I 111 -35.24 -23.28 -26.25
CA MET I 111 -35.03 -21.83 -26.16
C MET I 111 -33.63 -21.45 -25.62
N ARG I 112 -32.64 -22.32 -25.83
CA ARG I 112 -31.27 -22.07 -25.39
C ARG I 112 -30.44 -21.77 -26.63
N HIS I 113 -29.86 -20.58 -26.67
CA HIS I 113 -29.29 -19.99 -27.89
C HIS I 113 -27.83 -19.63 -27.65
N SER I 114 -27.04 -19.69 -28.72
CA SER I 114 -25.73 -19.07 -28.73
C SER I 114 -25.52 -18.29 -30.02
N LEU I 115 -24.76 -17.20 -29.93
CA LEU I 115 -24.25 -16.51 -31.10
C LEU I 115 -23.04 -17.30 -31.63
N PRO I 116 -22.65 -17.07 -32.90
CA PRO I 116 -21.71 -17.99 -33.55
C PRO I 116 -20.28 -18.07 -32.99
N ASN I 117 -19.78 -16.99 -32.40
CA ASN I 117 -18.39 -16.95 -31.93
C ASN I 117 -18.23 -17.10 -30.42
N SER I 118 -19.31 -17.44 -29.72
CA SER I 118 -19.24 -17.67 -28.28
C SER I 118 -18.45 -18.94 -27.94
N ARG I 119 -18.00 -19.04 -26.69
CA ARG I 119 -17.31 -20.22 -26.21
C ARG I 119 -18.00 -20.67 -24.93
N ILE I 120 -18.17 -21.98 -24.76
CA ILE I 120 -18.91 -22.56 -23.64
C ILE I 120 -17.98 -23.52 -22.90
N MET I 121 -17.92 -23.40 -21.58
CA MET I 121 -17.09 -24.28 -20.75
C MET I 121 -17.92 -24.84 -19.61
N ILE I 122 -17.97 -26.17 -19.50
CA ILE I 122 -18.61 -26.83 -18.34
C ILE I 122 -17.61 -27.21 -17.25
N HIS I 123 -16.33 -27.32 -17.62
CA HIS I 123 -15.22 -27.39 -16.66
C HIS I 123 -15.33 -26.26 -15.63
N GLN I 124 -14.95 -26.55 -14.39
CA GLN I 124 -14.88 -25.55 -13.31
C GLN I 124 -13.41 -25.20 -13.11
N PRO I 125 -12.95 -24.05 -13.64
CA PRO I 125 -11.51 -23.72 -13.50
C PRO I 125 -11.01 -23.67 -12.03
N SER I 126 -9.91 -24.38 -11.80
CA SER I 126 -9.39 -24.56 -10.44
C SER I 126 -8.56 -23.36 -10.05
N ILE I 138 -14.28 -24.11 3.04
CA ILE I 138 -15.13 -25.23 3.43
C ILE I 138 -14.41 -26.58 3.37
N GLN I 139 -14.97 -27.58 4.04
CA GLN I 139 -14.38 -28.90 4.13
C GLN I 139 -14.43 -29.66 2.80
N ALA I 140 -13.49 -30.57 2.61
CA ALA I 140 -13.39 -31.37 1.37
C ALA I 140 -14.70 -32.05 0.98
N GLU I 141 -15.37 -32.66 1.97
CA GLU I 141 -16.66 -33.34 1.75
C GLU I 141 -17.71 -32.39 1.19
N GLU I 142 -17.74 -31.15 1.69
CA GLU I 142 -18.71 -30.17 1.23
C GLU I 142 -18.43 -29.68 -0.18
N ILE I 143 -17.15 -29.58 -0.54
CA ILE I 143 -16.77 -29.22 -1.91
C ILE I 143 -17.24 -30.30 -2.88
N MET I 144 -17.08 -31.57 -2.50
CA MET I 144 -17.55 -32.68 -3.34
C MET I 144 -19.08 -32.74 -3.47
N LYS I 145 -19.80 -32.47 -2.38
CA LYS I 145 -21.26 -32.41 -2.45
C LYS I 145 -21.76 -31.37 -3.44
N LEU I 146 -21.16 -30.18 -3.41
CA LEU I 146 -21.49 -29.15 -4.41
C LEU I 146 -21.19 -29.60 -5.82
N LYS I 147 -20.03 -30.21 -6.03
CA LYS I 147 -19.65 -30.71 -7.34
C LYS I 147 -20.66 -31.76 -7.85
N LYS I 148 -21.12 -32.64 -6.96
CA LYS I 148 -22.14 -33.63 -7.33
C LYS I 148 -23.48 -32.99 -7.68
N GLN I 149 -23.85 -31.91 -6.99
CA GLN I 149 -25.05 -31.16 -7.36
C GLN I 149 -24.95 -30.62 -8.77
N LEU I 150 -23.77 -30.12 -9.15
CA LEU I 150 -23.54 -29.62 -10.51
C LEU I 150 -23.68 -30.77 -11.54
N TYR I 151 -23.05 -31.91 -11.26
CA TYR I 151 -23.21 -33.09 -12.14
C TYR I 151 -24.66 -33.45 -12.39
N ASN I 152 -25.46 -33.48 -11.31
CA ASN I 152 -26.88 -33.81 -11.42
C ASN I 152 -27.66 -32.81 -12.25
N ILE I 153 -27.39 -31.52 -12.06
CA ILE I 153 -28.06 -30.48 -12.83
C ILE I 153 -27.68 -30.55 -14.32
N TYR I 154 -26.39 -30.68 -14.62
CA TYR I 154 -25.98 -30.80 -16.03
C TYR I 154 -26.57 -32.06 -16.69
N ALA I 155 -26.62 -33.17 -15.95
CA ALA I 155 -27.22 -34.40 -16.47
C ALA I 155 -28.69 -34.23 -16.83
N LYS I 156 -29.44 -33.60 -15.93
CA LYS I 156 -30.85 -33.33 -16.13
C LYS I 156 -31.13 -32.47 -17.39
N HIS I 157 -30.36 -31.40 -17.58
CA HIS I 157 -30.66 -30.48 -18.67
C HIS I 157 -30.00 -30.82 -19.99
N THR I 158 -28.87 -31.54 -19.96
CA THR I 158 -28.21 -31.95 -21.19
C THR I 158 -28.69 -33.31 -21.68
N LYS I 159 -29.33 -34.10 -20.80
CA LYS I 159 -29.72 -35.49 -21.08
C LYS I 159 -28.54 -36.46 -21.26
N GLN I 160 -27.34 -36.07 -20.84
CA GLN I 160 -26.17 -36.95 -20.85
C GLN I 160 -26.13 -37.71 -19.52
N SER I 161 -25.44 -38.84 -19.50
CA SER I 161 -25.27 -39.61 -18.27
C SER I 161 -24.32 -38.91 -17.30
N LEU I 162 -24.44 -39.22 -16.02
CA LEU I 162 -23.50 -38.74 -15.00
C LEU I 162 -22.05 -39.06 -15.31
N GLN I 163 -21.80 -40.26 -15.82
CA GLN I 163 -20.45 -40.68 -16.23
C GLN I 163 -19.86 -39.77 -17.30
N VAL I 164 -20.65 -39.43 -18.33
CA VAL I 164 -20.19 -38.56 -19.42
C VAL I 164 -19.93 -37.14 -18.92
N ILE I 165 -20.82 -36.62 -18.09
CA ILE I 165 -20.67 -35.28 -17.50
C ILE I 165 -19.41 -35.17 -16.65
N GLU I 166 -19.21 -36.14 -15.76
CA GLU I 166 -18.01 -36.17 -14.90
C GLU I 166 -16.73 -36.18 -15.74
N SER I 167 -16.69 -37.02 -16.76
CA SER I 167 -15.52 -37.11 -17.65
C SER I 167 -15.29 -35.80 -18.41
N ALA I 168 -16.35 -35.22 -18.95
CA ALA I 168 -16.24 -33.97 -19.70
C ALA I 168 -15.80 -32.80 -18.83
N MET I 169 -16.30 -32.72 -17.60
CA MET I 169 -15.94 -31.61 -16.70
C MET I 169 -14.49 -31.64 -16.20
N GLU I 170 -13.85 -32.79 -16.28
CA GLU I 170 -12.44 -32.93 -15.95
C GLU I 170 -11.51 -32.27 -17.01
N ARG I 171 -12.00 -32.12 -18.24
CA ARG I 171 -11.20 -31.59 -19.35
C ARG I 171 -11.20 -30.05 -19.37
N ASP I 172 -10.02 -29.47 -19.27
CA ASP I 172 -9.86 -28.02 -19.20
C ASP I 172 -9.91 -27.45 -20.63
N ARG I 173 -11.12 -27.24 -21.13
CA ARG I 173 -11.34 -26.79 -22.50
C ARG I 173 -12.68 -26.11 -22.66
N TYR I 174 -12.82 -25.37 -23.75
CA TYR I 174 -14.07 -24.76 -24.18
C TYR I 174 -14.64 -25.56 -25.33
N MET I 175 -15.95 -25.50 -25.49
CA MET I 175 -16.66 -26.03 -26.64
C MET I 175 -17.10 -24.87 -27.50
N SER I 176 -17.12 -25.11 -28.81
CA SER I 176 -17.78 -24.21 -29.74
C SER I 176 -19.29 -24.32 -29.56
N PRO I 177 -20.04 -23.35 -30.09
CA PRO I 177 -21.50 -23.44 -30.00
C PRO I 177 -22.07 -24.73 -30.61
N MET I 178 -21.53 -25.17 -31.76
CA MET I 178 -21.99 -26.41 -32.40
C MET I 178 -21.72 -27.63 -31.51
N GLU I 179 -20.56 -27.64 -30.90
CA GLU I 179 -20.21 -28.69 -30.01
C GLU I 179 -21.13 -28.73 -28.80
N ALA I 180 -21.37 -27.57 -28.20
CA ALA I 180 -22.29 -27.44 -27.08
C ALA I 180 -23.73 -27.85 -27.44
N GLN I 181 -24.15 -27.56 -28.68
CA GLN I 181 -25.45 -28.00 -29.19
C GLN I 181 -25.54 -29.54 -29.21
N GLU I 182 -24.53 -30.18 -29.79
CA GLU I 182 -24.46 -31.66 -29.83
C GLU I 182 -24.41 -32.29 -28.43
N PHE I 183 -23.75 -31.62 -27.48
CA PHE I 183 -23.68 -32.09 -26.09
C PHE I 183 -25.02 -31.96 -25.32
N GLY I 184 -25.91 -31.08 -25.78
CA GLY I 184 -27.21 -30.84 -25.12
C GLY I 184 -27.23 -29.62 -24.19
N ILE I 185 -26.24 -28.75 -24.28
CA ILE I 185 -26.20 -27.51 -23.49
C ILE I 185 -27.11 -26.44 -24.09
N LEU I 186 -27.19 -26.40 -25.42
CA LEU I 186 -28.03 -25.43 -26.08
C LEU I 186 -28.71 -26.04 -27.30
N ASP I 187 -29.69 -25.31 -27.81
CA ASP I 187 -30.57 -25.79 -28.90
C ASP I 187 -30.31 -25.13 -30.25
N LYS I 188 -29.95 -23.86 -30.28
CA LYS I 188 -29.84 -23.11 -31.54
C LYS I 188 -28.57 -22.28 -31.54
N VAL I 189 -27.85 -22.31 -32.68
CA VAL I 189 -26.74 -21.41 -32.94
C VAL I 189 -27.21 -20.48 -34.06
N LEU I 190 -27.35 -19.18 -33.74
CA LEU I 190 -27.99 -18.21 -34.62
C LEU I 190 -27.03 -17.12 -35.05
N VAL I 191 -26.97 -16.88 -36.36
CA VAL I 191 -26.23 -15.72 -36.92
C VAL I 191 -27.13 -14.46 -36.84
N HIS I 192 -28.40 -14.57 -37.27
CA HIS I 192 -29.37 -13.45 -37.23
C HIS I 192 -30.71 -14.11 -36.89
N PRO I 193 -31.78 -13.29 -36.70
CA PRO I 193 -33.12 -13.90 -36.63
C PRO I 193 -33.49 -14.65 -37.94
N PRO I 194 -34.32 -15.72 -37.86
CA PRO I 194 -34.72 -16.57 -39.01
C PRO I 194 -35.02 -15.86 -40.34
N PRO J 2 -22.72 -2.50 -9.28
CA PRO J 2 -23.94 -2.34 -8.52
C PRO J 2 -24.90 -1.22 -9.02
N LEU J 3 -25.12 -1.13 -10.34
CA LEU J 3 -26.27 -0.34 -10.86
C LEU J 3 -27.59 -1.09 -10.64
N ILE J 4 -28.53 -0.42 -9.98
CA ILE J 4 -29.80 -1.03 -9.61
C ILE J 4 -30.83 -0.61 -10.66
N PRO J 5 -31.44 -1.57 -11.37
CA PRO J 5 -32.45 -1.17 -12.33
C PRO J 5 -33.70 -0.54 -11.69
N ILE J 6 -34.33 0.33 -12.46
CA ILE J 6 -35.54 1.06 -12.08
C ILE J 6 -36.72 0.37 -12.77
N VAL J 7 -37.82 0.17 -12.05
CA VAL J 7 -39.06 -0.36 -12.64
C VAL J 7 -40.22 0.61 -12.39
N VAL J 8 -41.18 0.60 -13.30
CA VAL J 8 -42.33 1.51 -13.26
C VAL J 8 -43.60 0.72 -12.86
N GLU J 9 -44.31 1.25 -11.85
CA GLU J 9 -45.54 0.66 -11.31
C GLU J 9 -46.58 1.74 -11.37
N ARG J 16 -45.23 5.61 -10.99
CA ARG J 16 -44.12 5.84 -10.08
C ARG J 16 -42.94 4.91 -10.40
N ALA J 17 -41.72 5.46 -10.35
CA ALA J 17 -40.48 4.73 -10.63
C ALA J 17 -39.78 4.35 -9.33
N TYR J 18 -39.52 3.05 -9.14
CA TYR J 18 -38.81 2.53 -7.98
C TYR J 18 -37.57 1.81 -8.45
N ASP J 19 -36.49 1.89 -7.68
CA ASP J 19 -35.41 0.92 -7.80
C ASP J 19 -35.99 -0.45 -7.42
N ILE J 20 -35.43 -1.53 -7.98
CA ILE J 20 -36.09 -2.83 -7.87
C ILE J 20 -36.20 -3.36 -6.43
N TYR J 21 -35.23 -3.04 -5.56
CA TYR J 21 -35.31 -3.44 -4.14
C TYR J 21 -36.44 -2.72 -3.40
N SER J 22 -36.63 -1.45 -3.70
CA SER J 22 -37.77 -0.69 -3.15
C SER J 22 -39.11 -1.23 -3.64
N ARG J 23 -39.13 -1.68 -4.90
CA ARG J 23 -40.32 -2.33 -5.42
C ARG J 23 -40.64 -3.63 -4.68
N LEU J 24 -39.61 -4.45 -4.42
CA LEU J 24 -39.76 -5.68 -3.63
C LEU J 24 -40.28 -5.38 -2.22
N LEU J 25 -39.76 -4.34 -1.61
CA LEU J 25 -40.23 -3.90 -0.29
C LEU J 25 -41.72 -3.54 -0.28
N ARG J 26 -42.20 -3.00 -1.38
CA ARG J 26 -43.60 -2.72 -1.52
C ARG J 26 -44.41 -4.02 -1.52
N GLU J 27 -43.82 -5.13 -1.92
CA GLU J 27 -44.52 -6.40 -1.89
C GLU J 27 -44.28 -7.14 -0.59
N ARG J 28 -43.71 -6.45 0.38
CA ARG J 28 -43.42 -6.98 1.71
C ARG J 28 -42.28 -8.02 1.72
N ILE J 29 -41.32 -7.84 0.82
CA ILE J 29 -40.15 -8.68 0.73
C ILE J 29 -38.93 -7.91 1.26
N VAL J 30 -38.24 -8.51 2.23
CA VAL J 30 -37.03 -7.97 2.82
C VAL J 30 -35.87 -8.91 2.49
N CYS J 31 -34.80 -8.34 1.94
CA CYS J 31 -33.64 -9.15 1.54
C CYS J 31 -32.56 -9.13 2.60
N VAL J 32 -32.07 -10.32 2.97
CA VAL J 32 -30.91 -10.49 3.83
C VAL J 32 -29.92 -11.28 2.99
N MET J 33 -29.23 -10.57 2.10
CA MET J 33 -28.27 -11.18 1.21
C MET J 33 -26.90 -10.67 1.62
N GLY J 34 -25.93 -11.54 1.69
CA GLY J 34 -24.57 -11.17 2.02
C GLY J 34 -24.32 -11.18 3.52
N PRO J 35 -23.11 -10.79 3.94
CA PRO J 35 -22.75 -10.82 5.35
C PRO J 35 -23.64 -9.91 6.21
N ILE J 36 -23.89 -10.36 7.44
CA ILE J 36 -24.69 -9.60 8.38
C ILE J 36 -23.74 -8.78 9.24
N ASP J 37 -23.91 -7.48 9.27
CA ASP J 37 -23.19 -6.60 10.20
C ASP J 37 -24.18 -5.56 10.73
N ASP J 38 -23.72 -4.63 11.55
CA ASP J 38 -24.61 -3.64 12.15
C ASP J 38 -25.40 -2.81 11.14
N SER J 39 -24.74 -2.47 10.05
CA SER J 39 -25.36 -1.69 8.98
C SER J 39 -26.51 -2.46 8.28
N VAL J 40 -26.29 -3.73 7.96
CA VAL J 40 -27.34 -4.59 7.41
C VAL J 40 -28.48 -4.78 8.42
N ALA J 41 -28.13 -5.04 9.68
CA ALA J 41 -29.15 -5.20 10.72
C ALA J 41 -30.02 -3.96 10.84
N SER J 42 -29.40 -2.78 10.84
CA SER J 42 -30.13 -1.53 10.95
C SER J 42 -31.16 -1.39 9.80
N LEU J 43 -30.76 -1.72 8.61
CA LEU J 43 -31.62 -1.64 7.47
C LEU J 43 -32.75 -2.64 7.51
N VAL J 44 -32.43 -3.87 7.85
CA VAL J 44 -33.44 -4.93 7.93
C VAL J 44 -34.45 -4.60 9.02
N ILE J 45 -33.98 -4.13 10.17
CA ILE J 45 -34.86 -3.73 11.27
C ILE J 45 -35.79 -2.60 10.86
N ALA J 46 -35.26 -1.57 10.20
CA ALA J 46 -36.09 -0.48 9.71
C ALA J 46 -37.19 -0.98 8.76
N GLN J 47 -36.83 -1.89 7.86
CA GLN J 47 -37.80 -2.44 6.93
C GLN J 47 -38.88 -3.26 7.64
N LEU J 48 -38.48 -4.11 8.59
CA LEU J 48 -39.47 -4.91 9.33
C LEU J 48 -40.46 -4.03 10.09
N LEU J 49 -39.96 -3.00 10.75
CA LEU J 49 -40.81 -2.08 11.50
C LEU J 49 -41.72 -1.26 10.60
N PHE J 50 -41.21 -0.81 9.46
CA PHE J 50 -42.04 -0.15 8.46
C PHE J 50 -43.17 -1.06 7.97
N LEU J 51 -42.84 -2.30 7.63
CA LEU J 51 -43.86 -3.24 7.12
C LEU J 51 -44.93 -3.55 8.17
N GLN J 52 -44.54 -3.68 9.44
CA GLN J 52 -45.52 -3.81 10.51
C GLN J 52 -46.48 -2.62 10.59
N SER J 53 -45.98 -1.39 10.42
CA SER J 53 -46.85 -0.21 10.45
C SER J 53 -47.81 -0.15 9.26
N GLU J 54 -47.39 -0.64 8.09
CA GLU J 54 -48.30 -0.73 6.92
C GLU J 54 -49.43 -1.74 7.15
N SER J 55 -49.13 -2.82 7.85
CA SER J 55 -50.14 -3.81 8.23
C SER J 55 -49.53 -4.74 9.28
N ASN J 56 -50.16 -4.84 10.44
CA ASN J 56 -49.66 -5.74 11.48
C ASN J 56 -50.09 -7.20 11.30
N LYS J 57 -50.90 -7.49 10.28
CA LYS J 57 -51.40 -8.85 9.99
C LYS J 57 -50.80 -9.49 8.73
N LYS J 58 -50.52 -8.71 7.69
CA LYS J 58 -50.05 -9.28 6.42
C LYS J 58 -48.66 -9.93 6.55
N PRO J 59 -48.46 -11.11 5.93
CA PRO J 59 -47.15 -11.74 6.02
C PRO J 59 -46.01 -10.89 5.45
N ILE J 60 -44.81 -11.11 5.97
CA ILE J 60 -43.58 -10.52 5.47
C ILE J 60 -42.71 -11.66 4.98
N HIS J 61 -42.09 -11.49 3.81
CA HIS J 61 -41.16 -12.46 3.26
C HIS J 61 -39.72 -12.00 3.51
N MET J 62 -38.91 -12.89 4.07
CA MET J 62 -37.50 -12.62 4.30
C MET J 62 -36.69 -13.58 3.44
N TYR J 63 -35.97 -13.04 2.46
CA TYR J 63 -35.10 -13.83 1.61
C TYR J 63 -33.69 -13.85 2.18
N ILE J 64 -33.16 -15.05 2.40
CA ILE J 64 -31.88 -15.23 3.06
C ILE J 64 -30.91 -15.93 2.13
N ASN J 65 -29.84 -15.22 1.78
CA ASN J 65 -28.67 -15.82 1.13
C ASN J 65 -27.47 -15.20 1.82
N SER J 66 -26.98 -15.86 2.87
CA SER J 66 -26.00 -15.25 3.76
C SER J 66 -25.03 -16.26 4.32
N PRO J 67 -23.74 -15.90 4.37
CA PRO J 67 -22.78 -16.74 5.09
C PRO J 67 -22.79 -16.50 6.62
N GLY J 68 -23.63 -15.58 7.09
CA GLY J 68 -23.69 -15.24 8.51
C GLY J 68 -23.01 -13.89 8.69
N GLY J 69 -22.34 -13.72 9.81
CA GLY J 69 -21.68 -12.48 10.15
C GLY J 69 -21.69 -12.21 11.64
N VAL J 70 -21.88 -10.95 12.01
CA VAL J 70 -21.71 -10.49 13.40
C VAL J 70 -22.89 -11.01 14.24
N VAL J 71 -22.57 -11.71 15.33
CA VAL J 71 -23.61 -12.38 16.12
C VAL J 71 -24.60 -11.40 16.73
N THR J 72 -24.11 -10.33 17.36
CA THR J 72 -25.03 -9.36 17.98
C THR J 72 -25.94 -8.68 16.95
N ALA J 73 -25.43 -8.46 15.73
CA ALA J 73 -26.25 -7.90 14.66
C ALA J 73 -27.35 -8.88 14.23
N GLY J 74 -26.99 -10.16 14.11
CA GLY J 74 -27.96 -11.21 13.82
C GLY J 74 -29.02 -11.33 14.90
N LEU J 75 -28.60 -11.20 16.15
CA LEU J 75 -29.55 -11.26 17.28
C LEU J 75 -30.49 -10.06 17.32
N ALA J 76 -30.02 -8.89 16.87
CA ALA J 76 -30.88 -7.72 16.76
C ALA J 76 -32.00 -7.94 15.74
N ILE J 77 -31.68 -8.57 14.61
CA ILE J 77 -32.68 -8.90 13.62
C ILE J 77 -33.65 -9.95 14.19
N TYR J 78 -33.08 -10.99 14.80
CA TYR J 78 -33.90 -12.05 15.42
C TYR J 78 -34.93 -11.48 16.41
N ASP J 79 -34.47 -10.63 17.31
CA ASP J 79 -35.37 -10.02 18.30
C ASP J 79 -36.47 -9.17 17.67
N THR J 80 -36.15 -8.48 16.57
CA THR J 80 -37.13 -7.68 15.85
C THR J 80 -38.17 -8.57 15.17
N MET J 81 -37.73 -9.68 14.57
CA MET J 81 -38.64 -10.67 13.98
C MET J 81 -39.66 -11.15 15.02
N GLN J 82 -39.20 -11.42 16.24
CA GLN J 82 -40.08 -11.87 17.34
C GLN J 82 -40.94 -10.73 17.91
N TYR J 83 -40.45 -9.50 17.87
CA TYR J 83 -41.17 -8.34 18.41
C TYR J 83 -42.40 -7.95 17.60
N ILE J 84 -42.27 -7.94 16.26
CA ILE J 84 -43.39 -7.59 15.41
C ILE J 84 -44.43 -8.72 15.44
N LEU J 85 -45.69 -8.39 15.20
CA LEU J 85 -46.76 -9.40 15.31
C LEU J 85 -46.85 -10.30 14.06
N ASN J 86 -46.31 -9.82 12.95
CA ASN J 86 -46.61 -10.37 11.64
C ASN J 86 -46.11 -11.80 11.46
N PRO J 87 -46.85 -12.61 10.69
CA PRO J 87 -46.24 -13.85 10.21
C PRO J 87 -45.03 -13.51 9.33
N ILE J 88 -43.93 -14.24 9.49
CA ILE J 88 -42.73 -14.03 8.67
C ILE J 88 -42.42 -15.33 7.93
N CYS J 89 -42.50 -15.29 6.60
CA CYS J 89 -42.05 -16.40 5.75
C CYS J 89 -40.59 -16.23 5.44
N THR J 90 -39.77 -17.18 5.86
CA THR J 90 -38.36 -17.18 5.54
C THR J 90 -38.08 -18.09 4.35
N TRP J 91 -37.14 -17.67 3.50
CA TRP J 91 -36.77 -18.40 2.30
C TRP J 91 -35.26 -18.49 2.21
N CYS J 92 -34.74 -19.70 2.13
CA CYS J 92 -33.33 -19.93 1.92
C CYS J 92 -33.05 -20.09 0.43
N VAL J 93 -32.28 -19.17 -0.14
CA VAL J 93 -31.83 -19.29 -1.53
C VAL J 93 -30.30 -19.21 -1.50
N GLY J 94 -29.64 -20.15 -2.16
CA GLY J 94 -28.18 -20.22 -2.15
C GLY J 94 -27.67 -20.88 -0.89
N GLN J 95 -27.55 -20.09 0.18
CA GLN J 95 -27.13 -20.63 1.47
C GLN J 95 -27.66 -19.82 2.65
N ALA J 96 -27.78 -20.49 3.78
CA ALA J 96 -28.01 -19.84 5.07
C ALA J 96 -27.05 -20.48 6.03
N ALA J 97 -25.98 -19.77 6.36
CA ALA J 97 -24.96 -20.29 7.25
C ALA J 97 -24.84 -19.43 8.50
N SER J 98 -24.51 -20.07 9.61
CA SER J 98 -24.28 -19.39 10.88
C SER J 98 -25.52 -18.56 11.22
N MET J 99 -25.40 -17.26 11.45
CA MET J 99 -26.57 -16.42 11.79
C MET J 99 -27.66 -16.43 10.73
N GLY J 100 -27.30 -16.66 9.46
CA GLY J 100 -28.31 -16.82 8.42
C GLY J 100 -29.27 -17.95 8.68
N SER J 101 -28.77 -19.08 9.16
CA SER J 101 -29.63 -20.24 9.45
C SER J 101 -30.48 -20.01 10.69
N LEU J 102 -30.00 -19.20 11.62
CA LEU J 102 -30.79 -18.82 12.79
C LEU J 102 -32.00 -18.01 12.36
N LEU J 103 -31.80 -17.02 11.48
CA LEU J 103 -32.91 -16.23 10.97
C LEU J 103 -33.90 -17.09 10.19
N LEU J 104 -33.39 -18.01 9.37
CA LEU J 104 -34.23 -18.94 8.62
C LEU J 104 -35.14 -19.75 9.55
N ALA J 105 -34.53 -20.33 10.57
CA ALA J 105 -35.23 -21.13 11.60
C ALA J 105 -36.25 -20.34 12.43
N ALA J 106 -36.04 -19.03 12.54
CA ALA J 106 -36.87 -18.13 13.32
C ALA J 106 -38.12 -17.63 12.60
N GLY J 107 -38.32 -18.02 11.35
CA GLY J 107 -39.58 -17.74 10.67
C GLY J 107 -40.76 -18.37 11.37
N THR J 108 -41.96 -17.90 11.06
CA THR J 108 -43.20 -18.42 11.63
C THR J 108 -43.33 -19.92 11.34
N PRO J 109 -43.69 -20.73 12.37
CA PRO J 109 -43.87 -22.18 12.11
C PRO J 109 -44.80 -22.46 10.94
N GLY J 110 -44.40 -23.39 10.08
CA GLY J 110 -45.10 -23.69 8.82
C GLY J 110 -44.69 -22.83 7.62
N MET J 111 -43.95 -21.74 7.85
CA MET J 111 -43.64 -20.76 6.80
C MET J 111 -42.13 -20.60 6.56
N ARG J 112 -41.35 -21.65 6.85
CA ARG J 112 -39.91 -21.62 6.64
C ARG J 112 -39.60 -22.53 5.45
N HIS J 113 -39.00 -21.93 4.42
CA HIS J 113 -38.91 -22.52 3.08
C HIS J 113 -37.46 -22.58 2.63
N SER J 114 -37.13 -23.59 1.83
CA SER J 114 -35.89 -23.60 1.09
C SER J 114 -36.14 -24.02 -0.35
N LEU J 115 -35.33 -23.47 -1.26
CA LEU J 115 -35.26 -23.95 -2.63
C LEU J 115 -34.39 -25.23 -2.65
N PRO J 116 -34.50 -26.05 -3.71
CA PRO J 116 -33.92 -27.40 -3.63
C PRO J 116 -32.40 -27.53 -3.53
N ASN J 117 -31.66 -26.57 -4.08
CA ASN J 117 -30.20 -26.65 -4.12
C ASN J 117 -29.49 -25.77 -3.09
N SER J 118 -30.24 -25.20 -2.14
CA SER J 118 -29.64 -24.43 -1.07
C SER J 118 -28.86 -25.32 -0.10
N ARG J 119 -27.97 -24.70 0.67
CA ARG J 119 -27.24 -25.42 1.71
C ARG J 119 -27.41 -24.64 3.01
N ILE J 120 -27.58 -25.36 4.12
CA ILE J 120 -27.86 -24.76 5.42
C ILE J 120 -26.78 -25.21 6.40
N MET J 121 -26.21 -24.27 7.14
CA MET J 121 -25.18 -24.58 8.13
C MET J 121 -25.54 -23.93 9.47
N ILE J 122 -25.62 -24.73 10.52
CA ILE J 122 -25.81 -24.20 11.89
C ILE J 122 -24.49 -24.05 12.65
N HIS J 123 -23.46 -24.76 12.21
CA HIS J 123 -22.07 -24.52 12.62
C HIS J 123 -21.70 -23.04 12.48
N GLN J 124 -20.83 -22.56 13.32
CA GLN J 124 -20.36 -21.18 13.27
C GLN J 124 -18.91 -21.26 12.85
N PRO J 125 -18.62 -21.00 11.58
CA PRO J 125 -17.23 -21.16 11.11
C PRO J 125 -16.17 -20.35 11.87
N ALA J 137 -13.04 -7.40 20.39
CA ALA J 137 -12.42 -8.48 21.13
C ALA J 137 -13.01 -8.54 22.54
N ILE J 138 -13.39 -9.73 22.97
CA ILE J 138 -14.10 -9.95 24.24
C ILE J 138 -13.56 -11.17 25.02
N GLN J 139 -13.88 -11.24 26.29
CA GLN J 139 -13.39 -12.29 27.16
C GLN J 139 -14.00 -13.66 26.83
N ALA J 140 -13.27 -14.72 27.15
CA ALA J 140 -13.71 -16.11 26.88
C ALA J 140 -15.11 -16.42 27.41
N GLU J 141 -15.40 -15.99 28.63
CA GLU J 141 -16.70 -16.20 29.27
C GLU J 141 -17.82 -15.55 28.45
N GLU J 142 -17.58 -14.36 27.91
CA GLU J 142 -18.58 -13.66 27.12
C GLU J 142 -18.83 -14.31 25.77
N ILE J 143 -17.79 -14.89 25.18
CA ILE J 143 -17.93 -15.63 23.91
C ILE J 143 -18.83 -16.86 24.17
N MET J 144 -18.62 -17.55 25.29
CA MET J 144 -19.46 -18.69 25.65
C MET J 144 -20.92 -18.33 25.95
N LYS J 145 -21.14 -17.20 26.62
CA LYS J 145 -22.49 -16.71 26.88
C LYS J 145 -23.26 -16.48 25.58
N LEU J 146 -22.62 -15.84 24.60
CA LEU J 146 -23.24 -15.67 23.29
C LEU J 146 -23.55 -16.99 22.62
N LYS J 147 -22.61 -17.92 22.66
CA LYS J 147 -22.81 -19.24 22.08
C LYS J 147 -24.00 -19.97 22.73
N LYS J 148 -24.14 -19.85 24.06
CA LYS J 148 -25.29 -20.42 24.78
C LYS J 148 -26.61 -19.78 24.38
N GLN J 149 -26.61 -18.47 24.12
CA GLN J 149 -27.80 -17.79 23.59
C GLN J 149 -28.22 -18.39 22.26
N LEU J 150 -27.25 -18.68 21.39
CA LEU J 150 -27.54 -19.32 20.10
C LEU J 150 -28.13 -20.72 20.30
N TYR J 151 -27.53 -21.51 21.17
CA TYR J 151 -28.07 -22.86 21.51
C TYR J 151 -29.54 -22.78 21.94
N ASN J 152 -29.86 -21.84 22.82
CA ASN J 152 -31.24 -21.68 23.31
C ASN J 152 -32.20 -21.29 22.20
N ILE J 153 -31.79 -20.39 21.33
CA ILE J 153 -32.65 -19.97 20.21
C ILE J 153 -32.87 -21.12 19.23
N TYR J 154 -31.81 -21.83 18.85
CA TYR J 154 -31.97 -22.98 17.93
C TYR J 154 -32.86 -24.07 18.57
N ALA J 155 -32.68 -24.32 19.86
CA ALA J 155 -33.52 -25.31 20.57
C ALA J 155 -35.00 -24.95 20.53
N LYS J 156 -35.30 -23.69 20.81
CA LYS J 156 -36.68 -23.19 20.78
C LYS J 156 -37.35 -23.36 19.41
N HIS J 157 -36.65 -23.01 18.33
CA HIS J 157 -37.28 -23.01 17.02
C HIS J 157 -37.20 -24.34 16.27
N THR J 158 -36.20 -25.16 16.57
CA THR J 158 -36.09 -26.48 15.95
C THR J 158 -36.81 -27.56 16.73
N LYS J 159 -37.10 -27.30 18.02
CA LYS J 159 -37.66 -28.29 18.95
C LYS J 159 -36.69 -29.45 19.30
N GLN J 160 -35.39 -29.29 19.02
CA GLN J 160 -34.38 -30.26 19.41
C GLN J 160 -33.88 -29.91 20.81
N SER J 161 -33.30 -30.88 21.49
CA SER J 161 -32.70 -30.64 22.81
C SER J 161 -31.41 -29.82 22.68
N LEU J 162 -31.04 -29.15 23.78
CA LEU J 162 -29.77 -28.43 23.86
C LEU J 162 -28.57 -29.31 23.58
N GLN J 163 -28.61 -30.54 24.08
CA GLN J 163 -27.53 -31.52 23.83
C GLN J 163 -27.36 -31.82 22.33
N VAL J 164 -28.45 -32.01 21.61
CA VAL J 164 -28.41 -32.32 20.18
C VAL J 164 -27.89 -31.10 19.37
N ILE J 165 -28.36 -29.91 19.72
CA ILE J 165 -27.92 -28.66 19.08
C ILE J 165 -26.42 -28.43 19.27
N GLU J 166 -25.95 -28.56 20.51
CA GLU J 166 -24.52 -28.40 20.82
C GLU J 166 -23.66 -29.38 20.01
N SER J 167 -24.06 -30.64 19.97
CA SER J 167 -23.34 -31.65 19.21
C SER J 167 -23.33 -31.35 17.71
N ALA J 168 -24.49 -30.97 17.17
CA ALA J 168 -24.60 -30.67 15.74
C ALA J 168 -23.77 -29.43 15.33
N MET J 169 -23.77 -28.41 16.18
CA MET J 169 -23.03 -27.18 15.87
C MET J 169 -21.50 -27.32 15.88
N GLU J 170 -21.01 -28.36 16.55
CA GLU J 170 -19.58 -28.68 16.55
C GLU J 170 -19.10 -29.24 15.19
N ARG J 171 -20.00 -29.81 14.39
CA ARG J 171 -19.65 -30.44 13.11
C ARG J 171 -19.56 -29.42 11.97
N ASP J 172 -18.39 -29.35 11.35
CA ASP J 172 -18.14 -28.38 10.28
C ASP J 172 -18.69 -28.92 8.97
N ARG J 173 -19.99 -28.73 8.75
CA ARG J 173 -20.70 -29.28 7.60
C ARG J 173 -21.96 -28.50 7.30
N TYR J 174 -22.46 -28.68 6.08
CA TYR J 174 -23.75 -28.16 5.65
C TYR J 174 -24.76 -29.29 5.63
N MET J 175 -26.02 -28.93 5.78
CA MET J 175 -27.15 -29.83 5.61
C MET J 175 -27.82 -29.48 4.27
N SER J 176 -28.35 -30.52 3.63
CA SER J 176 -29.26 -30.32 2.52
C SER J 176 -30.59 -29.78 3.04
N PRO J 177 -31.44 -29.23 2.15
CA PRO J 177 -32.74 -28.76 2.59
C PRO J 177 -33.58 -29.86 3.27
N MET J 178 -33.55 -31.08 2.74
CA MET J 178 -34.30 -32.20 3.35
C MET J 178 -33.78 -32.52 4.76
N GLU J 179 -32.47 -32.55 4.94
CA GLU J 179 -31.89 -32.78 6.25
C GLU J 179 -32.24 -31.65 7.23
N ALA J 180 -32.18 -30.40 6.76
CA ALA J 180 -32.60 -29.26 7.57
C ALA J 180 -34.08 -29.30 7.95
N GLN J 181 -34.92 -29.81 7.04
CA GLN J 181 -36.35 -30.02 7.34
C GLN J 181 -36.54 -31.04 8.47
N GLU J 182 -35.87 -32.18 8.35
CA GLU J 182 -35.91 -33.22 9.40
C GLU J 182 -35.37 -32.73 10.75
N PHE J 183 -34.36 -31.86 10.72
CA PHE J 183 -33.80 -31.27 11.93
C PHE J 183 -34.70 -30.24 12.62
N GLY J 184 -35.66 -29.67 11.88
CA GLY J 184 -36.59 -28.65 12.40
C GLY J 184 -36.18 -27.21 12.11
N ILE J 185 -35.24 -27.00 11.18
CA ILE J 185 -34.83 -25.65 10.77
C ILE J 185 -35.82 -25.04 9.79
N LEU J 186 -36.41 -25.87 8.94
CA LEU J 186 -37.38 -25.39 7.98
C LEU J 186 -38.51 -26.38 7.79
N ASP J 187 -39.58 -25.93 7.13
CA ASP J 187 -40.82 -26.69 6.98
C ASP J 187 -41.06 -27.24 5.58
N LYS J 188 -40.67 -26.51 4.55
CA LYS J 188 -40.98 -26.90 3.17
C LYS J 188 -39.78 -26.74 2.26
N VAL J 189 -39.55 -27.74 1.41
CA VAL J 189 -38.56 -27.68 0.34
C VAL J 189 -39.36 -27.64 -0.95
N LEU J 190 -39.29 -26.54 -1.68
CA LEU J 190 -40.15 -26.27 -2.84
C LEU J 190 -39.35 -26.15 -4.12
N VAL J 191 -39.72 -26.89 -5.16
CA VAL J 191 -39.23 -26.71 -6.52
C VAL J 191 -39.94 -25.54 -7.22
N HIS J 192 -41.28 -25.54 -7.15
CA HIS J 192 -42.12 -24.46 -7.74
C HIS J 192 -43.31 -24.32 -6.75
N PRO J 193 -44.20 -23.34 -6.97
CA PRO J 193 -45.47 -23.37 -6.20
C PRO J 193 -46.29 -24.64 -6.47
N PRO J 194 -47.08 -25.12 -5.48
CA PRO J 194 -47.81 -26.42 -5.55
C PRO J 194 -48.52 -26.75 -6.88
N LEU K 3 -27.42 0.44 -0.62
CA LEU K 3 -28.67 1.05 -1.16
C LEU K 3 -29.72 1.16 -0.05
N ILE K 4 -30.26 2.37 0.12
CA ILE K 4 -31.30 2.61 1.10
C ILE K 4 -32.64 2.56 0.38
N PRO K 5 -33.54 1.64 0.80
CA PRO K 5 -34.82 1.61 0.12
C PRO K 5 -35.67 2.86 0.34
N ILE K 6 -36.51 3.15 -0.65
CA ILE K 6 -37.44 4.27 -0.62
C ILE K 6 -38.82 3.72 -0.30
N VAL K 7 -39.55 4.41 0.59
CA VAL K 7 -40.93 4.04 0.93
C VAL K 7 -41.87 5.21 0.68
N VAL K 8 -43.13 4.88 0.39
CA VAL K 8 -44.17 5.89 0.13
C VAL K 8 -45.11 6.01 1.32
N GLU K 9 -45.37 7.27 1.74
CA GLU K 9 -46.33 7.59 2.79
C GLU K 9 -47.49 8.38 2.17
N GLN K 10 -48.69 8.22 2.71
CA GLN K 10 -49.88 8.98 2.29
C GLN K 10 -50.00 10.25 3.13
N GLY K 14 -51.34 14.09 -0.83
CA GLY K 14 -51.05 12.95 -1.69
C GLY K 14 -49.90 12.09 -1.18
N GLU K 15 -49.07 11.61 -2.11
CA GLU K 15 -47.98 10.66 -1.82
C GLU K 15 -46.61 11.35 -1.78
N ARG K 16 -45.82 11.02 -0.76
CA ARG K 16 -44.42 11.48 -0.65
C ARG K 16 -43.47 10.28 -0.46
N ALA K 17 -42.33 10.33 -1.16
CA ALA K 17 -41.33 9.27 -1.14
C ALA K 17 -40.15 9.64 -0.24
N TYR K 18 -39.87 8.81 0.77
CA TYR K 18 -38.75 9.01 1.69
C TYR K 18 -37.83 7.83 1.64
N ASP K 19 -36.52 8.05 1.79
CA ASP K 19 -35.63 6.97 2.18
C ASP K 19 -36.07 6.47 3.56
N ILE K 20 -35.82 5.19 3.86
CA ILE K 20 -36.43 4.59 5.04
C ILE K 20 -35.99 5.22 6.37
N TYR K 21 -34.74 5.69 6.46
CA TYR K 21 -34.28 6.40 7.68
C TYR K 21 -34.98 7.73 7.90
N SER K 22 -35.23 8.46 6.82
CA SER K 22 -36.01 9.69 6.89
C SER K 22 -37.46 9.43 7.28
N ARG K 23 -38.00 8.32 6.82
CA ARG K 23 -39.34 7.89 7.25
C ARG K 23 -39.39 7.60 8.74
N LEU K 24 -38.37 6.89 9.27
CA LEU K 24 -38.28 6.63 10.70
C LEU K 24 -38.19 7.93 11.51
N LEU K 25 -37.41 8.89 11.01
CA LEU K 25 -37.32 10.20 11.64
C LEU K 25 -38.67 10.93 11.73
N ARG K 26 -39.53 10.68 10.76
CA ARG K 26 -40.86 11.25 10.76
C ARG K 26 -41.71 10.63 11.87
N GLU K 27 -41.35 9.44 12.31
CA GLU K 27 -42.02 8.76 13.41
C GLU K 27 -41.34 9.02 14.74
N ARG K 28 -40.44 9.99 14.78
CA ARG K 28 -39.68 10.40 15.94
C ARG K 28 -38.69 9.37 16.44
N ILE K 29 -38.13 8.59 15.50
CA ILE K 29 -37.12 7.59 15.80
C ILE K 29 -35.76 8.07 15.31
N VAL K 30 -34.79 8.07 16.22
CA VAL K 30 -33.41 8.45 15.93
C VAL K 30 -32.53 7.22 16.14
N CYS K 31 -31.70 6.89 15.16
CA CYS K 31 -30.85 5.71 15.23
C CYS K 31 -29.43 6.07 15.66
N VAL K 32 -28.93 5.35 16.66
CA VAL K 32 -27.52 5.44 17.08
C VAL K 32 -26.97 4.02 16.89
N MET K 33 -26.65 3.70 15.64
CA MET K 33 -26.14 2.38 15.28
C MET K 33 -24.68 2.57 14.88
N GLY K 34 -23.82 1.68 15.34
CA GLY K 34 -22.42 1.70 14.99
C GLY K 34 -21.62 2.57 15.93
N PRO K 35 -20.30 2.71 15.64
CA PRO K 35 -19.43 3.49 16.51
C PRO K 35 -19.85 4.96 16.61
N ILE K 36 -19.64 5.56 17.77
CA ILE K 36 -20.00 6.95 18.00
C ILE K 36 -18.72 7.76 17.77
N ASP K 37 -18.79 8.72 16.87
CA ASP K 37 -17.71 9.67 16.64
C ASP K 37 -18.36 11.04 16.44
N ASP K 38 -17.55 12.07 16.17
CA ASP K 38 -18.09 13.43 16.04
C ASP K 38 -19.15 13.56 14.95
N SER K 39 -18.95 12.85 13.85
CA SER K 39 -19.89 12.87 12.73
CA SER K 39 -19.89 12.87 12.73
C SER K 39 -21.27 12.27 13.11
N VAL K 40 -21.26 11.14 13.79
CA VAL K 40 -22.50 10.54 14.32
C VAL K 40 -23.16 11.46 15.35
N ALA K 41 -22.37 12.00 16.26
CA ALA K 41 -22.91 12.93 17.28
C ALA K 41 -23.58 14.13 16.63
N SER K 42 -22.93 14.70 15.62
CA SER K 42 -23.50 15.85 14.93
C SER K 42 -24.88 15.54 14.34
N LEU K 43 -24.99 14.37 13.70
CA LEU K 43 -26.21 13.96 13.07
C LEU K 43 -27.33 13.66 14.10
N VAL K 44 -26.95 12.99 15.17
CA VAL K 44 -27.92 12.65 16.23
C VAL K 44 -28.41 13.93 16.91
N ILE K 45 -27.49 14.84 17.20
CA ILE K 45 -27.85 16.13 17.83
C ILE K 45 -28.79 16.93 16.93
N ALA K 46 -28.49 17.02 15.64
CA ALA K 46 -29.37 17.71 14.71
C ALA K 46 -30.77 17.11 14.71
N GLN K 47 -30.86 15.78 14.72
CA GLN K 47 -32.15 15.11 14.73
C GLN K 47 -32.92 15.38 16.03
N LEU K 48 -32.25 15.30 17.17
CA LEU K 48 -32.91 15.57 18.45
C LEU K 48 -33.48 16.98 18.52
N LEU K 49 -32.68 17.96 18.07
CA LEU K 49 -33.11 19.35 18.08
C LEU K 49 -34.26 19.61 17.09
N PHE K 50 -34.20 18.99 15.92
CA PHE K 50 -35.31 19.07 14.97
C PHE K 50 -36.60 18.50 15.57
N LEU K 51 -36.51 17.32 16.18
CA LEU K 51 -37.70 16.69 16.78
C LEU K 51 -38.29 17.51 17.91
N GLN K 52 -37.45 18.13 18.73
CA GLN K 52 -37.94 19.08 19.75
C GLN K 52 -38.72 20.25 19.13
N SER K 53 -38.24 20.80 18.02
CA SER K 53 -38.95 21.91 17.37
C SER K 53 -40.30 21.48 16.76
N GLU K 54 -40.40 20.24 16.27
CA GLU K 54 -41.68 19.70 15.79
C GLU K 54 -42.71 19.55 16.93
N SER K 55 -42.23 19.17 18.11
CA SER K 55 -43.06 19.08 19.31
C SER K 55 -42.17 18.94 20.52
N ASN K 56 -42.30 19.85 21.48
CA ASN K 56 -41.49 19.75 22.70
C ASN K 56 -42.05 18.79 23.76
N LYS K 57 -43.21 18.18 23.49
CA LYS K 57 -43.87 17.23 24.41
C LYS K 57 -43.84 15.77 23.93
N LYS K 58 -43.95 15.52 22.62
CA LYS K 58 -44.04 14.14 22.11
C LYS K 58 -42.76 13.34 22.37
N PRO K 59 -42.90 12.06 22.79
CA PRO K 59 -41.71 11.26 23.01
C PRO K 59 -40.83 11.08 21.76
N ILE K 60 -39.54 10.89 22.00
CA ILE K 60 -38.56 10.58 20.96
C ILE K 60 -38.02 9.19 21.29
N HIS K 61 -37.90 8.34 20.27
CA HIS K 61 -37.31 7.02 20.42
C HIS K 61 -35.87 7.02 19.92
N MET K 62 -34.96 6.54 20.74
CA MET K 62 -33.55 6.41 20.40
C MET K 62 -33.19 4.94 20.36
N TYR K 63 -32.87 4.44 19.17
CA TYR K 63 -32.44 3.05 18.99
C TYR K 63 -30.94 2.96 19.08
N ILE K 64 -30.44 2.12 19.97
CA ILE K 64 -29.02 2.02 20.25
C ILE K 64 -28.52 0.62 19.95
N ASN K 65 -27.62 0.52 18.97
CA ASN K 65 -26.84 -0.69 18.72
C ASN K 65 -25.43 -0.21 18.46
N SER K 66 -24.61 -0.15 19.51
CA SER K 66 -23.33 0.52 19.42
C SER K 66 -22.28 -0.12 20.31
N PRO K 67 -21.05 -0.27 19.79
CA PRO K 67 -19.94 -0.68 20.66
C PRO K 67 -19.35 0.48 21.47
N GLY K 68 -19.88 1.70 21.30
CA GLY K 68 -19.36 2.88 21.99
C GLY K 68 -18.57 3.69 20.98
N GLY K 69 -17.51 4.34 21.44
CA GLY K 69 -16.70 5.19 20.60
C GLY K 69 -16.11 6.35 21.36
N VAL K 70 -16.05 7.51 20.71
CA VAL K 70 -15.33 8.68 21.22
C VAL K 70 -16.13 9.27 22.40
N VAL K 71 -15.46 9.40 23.54
CA VAL K 71 -16.15 9.80 24.79
C VAL K 71 -16.75 11.21 24.67
N THR K 72 -15.99 12.18 24.17
CA THR K 72 -16.53 13.54 24.07
C THR K 72 -17.75 13.62 23.11
N ALA K 73 -17.74 12.80 22.05
CA ALA K 73 -18.87 12.75 21.14
C ALA K 73 -20.11 12.15 21.84
N GLY K 74 -19.90 11.09 22.61
CA GLY K 74 -20.97 10.50 23.42
C GLY K 74 -21.55 11.48 24.43
N LEU K 75 -20.66 12.24 25.05
CA LEU K 75 -21.09 13.25 26.04
C LEU K 75 -21.87 14.40 25.39
N ALA K 76 -21.53 14.74 24.14
CA ALA K 76 -22.29 15.74 23.41
C ALA K 76 -23.74 15.30 23.17
N ILE K 77 -23.93 14.02 22.83
CA ILE K 77 -25.27 13.47 22.65
C ILE K 77 -25.98 13.45 24.00
N TYR K 78 -25.29 12.97 25.03
CA TYR K 78 -25.87 12.90 26.38
C TYR K 78 -26.40 14.28 26.84
N ASP K 79 -25.57 15.31 26.70
CA ASP K 79 -25.96 16.66 27.08
C ASP K 79 -27.17 17.19 26.30
N THR K 80 -27.26 16.84 25.01
CA THR K 80 -28.39 17.22 24.18
C THR K 80 -29.68 16.50 24.62
N MET K 81 -29.56 15.22 24.95
CA MET K 81 -30.70 14.46 25.50
C MET K 81 -31.26 15.14 26.75
N GLN K 82 -30.37 15.61 27.63
CA GLN K 82 -30.79 16.32 28.85
C GLN K 82 -31.29 17.75 28.57
N TYR K 83 -30.78 18.40 27.54
CA TYR K 83 -31.16 19.77 27.20
C TYR K 83 -32.57 19.90 26.66
N ILE K 84 -32.98 19.00 25.77
CA ILE K 84 -34.32 19.03 25.21
C ILE K 84 -35.34 18.62 26.28
N LEU K 85 -36.56 19.10 26.16
CA LEU K 85 -37.57 18.84 27.21
C LEU K 85 -38.20 17.44 27.08
N ASN K 86 -38.11 16.86 25.89
CA ASN K 86 -38.94 15.71 25.52
C ASN K 86 -38.64 14.47 26.34
N PRO K 87 -39.66 13.65 26.60
CA PRO K 87 -39.36 12.30 27.05
C PRO K 87 -38.58 11.55 25.96
N ILE K 88 -37.55 10.81 26.36
CA ILE K 88 -36.75 10.02 25.42
C ILE K 88 -36.85 8.55 25.82
N CYS K 89 -37.43 7.73 24.95
CA CYS K 89 -37.41 6.28 25.09
C CYS K 89 -36.18 5.71 24.45
N THR K 90 -35.32 5.07 25.22
CA THR K 90 -34.13 4.41 24.70
C THR K 90 -34.39 2.92 24.54
N TRP K 91 -33.83 2.35 23.48
CA TRP K 91 -34.01 0.94 23.14
C TRP K 91 -32.66 0.34 22.82
N CYS K 92 -32.29 -0.71 23.54
CA CYS K 92 -31.09 -1.46 23.25
C CYS K 92 -31.42 -2.64 22.33
N VAL K 93 -30.88 -2.63 21.13
CA VAL K 93 -31.00 -3.77 20.22
C VAL K 93 -29.59 -4.20 19.82
N GLY K 94 -29.30 -5.48 19.94
CA GLY K 94 -27.96 -6.00 19.68
C GLY K 94 -27.04 -5.79 20.88
N GLN K 95 -26.47 -4.59 20.97
CA GLN K 95 -25.63 -4.25 22.10
C GLN K 95 -25.60 -2.76 22.40
N ALA K 96 -25.31 -2.43 23.65
CA ALA K 96 -24.98 -1.07 24.05
C ALA K 96 -23.77 -1.20 24.94
N ALA K 97 -22.61 -0.85 24.41
CA ALA K 97 -21.36 -0.96 25.14
C ALA K 97 -20.72 0.40 25.29
N SER K 98 -20.02 0.59 26.41
CA SER K 98 -19.27 1.81 26.67
C SER K 98 -20.23 3.00 26.56
N MET K 99 -19.94 4.00 25.74
CA MET K 99 -20.81 5.17 25.61
C MET K 99 -22.23 4.83 25.16
N GLY K 100 -22.41 3.73 24.43
CA GLY K 100 -23.75 3.27 24.10
C GLY K 100 -24.63 3.00 25.32
N SER K 101 -24.05 2.37 26.33
CA SER K 101 -24.81 2.05 27.56
C SER K 101 -25.10 3.30 28.38
N LEU K 102 -24.22 4.29 28.28
CA LEU K 102 -24.47 5.58 28.93
C LEU K 102 -25.71 6.26 28.34
N LEU K 103 -25.80 6.28 27.01
CA LEU K 103 -26.96 6.85 26.35
C LEU K 103 -28.23 6.08 26.68
N LEU K 104 -28.14 4.74 26.71
CA LEU K 104 -29.27 3.89 27.08
C LEU K 104 -29.80 4.25 28.48
N ALA K 105 -28.88 4.33 29.43
CA ALA K 105 -29.18 4.68 30.84
C ALA K 105 -29.74 6.09 31.02
N ALA K 106 -29.43 6.98 30.09
CA ALA K 106 -29.83 8.38 30.11
C ALA K 106 -31.22 8.65 29.58
N GLY K 107 -31.92 7.63 29.09
CA GLY K 107 -33.32 7.79 28.71
C GLY K 107 -34.18 8.21 29.90
N THR K 108 -35.37 8.69 29.62
CA THR K 108 -36.33 9.12 30.63
C THR K 108 -36.66 7.96 31.56
N PRO K 109 -36.66 8.19 32.90
CA PRO K 109 -37.02 7.10 33.82
C PRO K 109 -38.35 6.44 33.47
N GLY K 110 -38.37 5.10 33.49
CA GLY K 110 -39.52 4.31 33.05
C GLY K 110 -39.55 3.97 31.56
N MET K 111 -38.70 4.63 30.76
CA MET K 111 -38.76 4.50 29.28
C MET K 111 -37.45 3.96 28.69
N ARG K 112 -36.68 3.20 29.46
CA ARG K 112 -35.43 2.60 29.00
C ARG K 112 -35.67 1.12 28.81
N HIS K 113 -35.49 0.65 27.57
CA HIS K 113 -35.95 -0.66 27.12
C HIS K 113 -34.79 -1.47 26.56
N SER K 114 -34.88 -2.78 26.69
CA SER K 114 -34.02 -3.67 25.94
C SER K 114 -34.85 -4.83 25.36
N LEU K 115 -34.41 -5.29 24.18
CA LEU K 115 -34.91 -6.54 23.63
C LEU K 115 -34.21 -7.71 24.35
N PRO K 116 -34.77 -8.93 24.28
CA PRO K 116 -34.30 -9.99 25.18
C PRO K 116 -32.87 -10.51 24.98
N ASN K 117 -32.35 -10.44 23.77
CA ASN K 117 -31.01 -11.00 23.48
C ASN K 117 -29.90 -9.96 23.37
N SER K 118 -30.19 -8.71 23.73
CA SER K 118 -29.17 -7.67 23.78
C SER K 118 -28.14 -7.92 24.87
N ARG K 119 -26.98 -7.27 24.74
CA ARG K 119 -25.93 -7.35 25.78
C ARG K 119 -25.55 -5.89 26.10
N ILE K 120 -25.33 -5.59 27.38
CA ILE K 120 -25.04 -4.25 27.85
C ILE K 120 -23.71 -4.26 28.58
N MET K 121 -22.83 -3.31 28.25
CA MET K 121 -21.51 -3.21 28.90
C MET K 121 -21.28 -1.79 29.35
N ILE K 122 -20.99 -1.61 30.64
CA ILE K 122 -20.59 -0.30 31.17
C ILE K 122 -19.07 -0.15 31.27
N HIS K 123 -18.35 -1.25 31.29
CA HIS K 123 -16.89 -1.28 31.08
C HIS K 123 -16.51 -0.50 29.81
N GLN K 124 -15.37 0.18 29.87
CA GLN K 124 -14.82 0.92 28.70
C GLN K 124 -13.67 0.04 28.16
N PRO K 125 -13.91 -0.71 27.06
CA PRO K 125 -12.85 -1.59 26.54
C PRO K 125 -11.52 -0.89 26.20
N ILE K 138 -4.10 12.54 24.77
CA ILE K 138 -4.26 13.43 25.92
C ILE K 138 -3.50 12.94 27.16
N GLN K 139 -3.26 13.85 28.09
CA GLN K 139 -2.50 13.56 29.31
C GLN K 139 -3.28 12.63 30.26
N ALA K 140 -2.57 11.90 31.08
CA ALA K 140 -3.14 10.96 32.06
C ALA K 140 -4.23 11.60 32.94
N GLU K 141 -3.96 12.80 33.44
CA GLU K 141 -4.92 13.52 34.29
C GLU K 141 -6.24 13.78 33.56
N GLU K 142 -6.16 14.11 32.26
CA GLU K 142 -7.36 14.38 31.47
C GLU K 142 -8.17 13.12 31.19
N ILE K 143 -7.48 11.99 31.01
CA ILE K 143 -8.16 10.70 30.82
C ILE K 143 -8.94 10.36 32.10
N MET K 144 -8.34 10.58 33.26
CA MET K 144 -9.03 10.34 34.54
C MET K 144 -10.23 11.26 34.77
N LYS K 145 -10.10 12.53 34.41
CA LYS K 145 -11.22 13.47 34.51
C LYS K 145 -12.42 13.02 33.71
N LEU K 146 -12.19 12.58 32.47
CA LEU K 146 -13.27 12.03 31.65
C LEU K 146 -13.90 10.79 32.29
N LYS K 147 -13.06 9.90 32.79
CA LYS K 147 -13.54 8.68 33.44
C LYS K 147 -14.42 9.03 34.66
N LYS K 148 -14.02 10.03 35.44
CA LYS K 148 -14.83 10.50 36.59
C LYS K 148 -16.17 11.10 36.15
N GLN K 149 -16.19 11.81 35.03
CA GLN K 149 -17.44 12.31 34.47
C GLN K 149 -18.39 11.17 34.14
N LEU K 150 -17.85 10.07 33.58
CA LEU K 150 -18.68 8.90 33.29
C LEU K 150 -19.23 8.28 34.58
N TYR K 151 -18.38 8.10 35.59
CA TYR K 151 -18.85 7.61 36.91
C TYR K 151 -20.01 8.43 37.45
N ASN K 152 -19.89 9.75 37.40
CA ASN K 152 -20.95 10.64 37.91
C ASN K 152 -22.25 10.49 37.13
N ILE K 153 -22.16 10.40 35.80
CA ILE K 153 -23.35 10.24 34.98
C ILE K 153 -24.02 8.88 35.23
N TYR K 154 -23.25 7.80 35.26
CA TYR K 154 -23.84 6.48 35.55
C TYR K 154 -24.47 6.43 36.95
N ALA K 155 -23.82 7.05 37.93
CA ALA K 155 -24.37 7.11 39.30
C ALA K 155 -25.73 7.81 39.34
N LYS K 156 -25.81 8.97 38.68
CA LYS K 156 -27.05 9.74 38.59
C LYS K 156 -28.21 8.94 37.97
N HIS K 157 -27.97 8.25 36.87
CA HIS K 157 -29.08 7.60 36.16
C HIS K 157 -29.37 6.18 36.63
N THR K 158 -28.39 5.48 37.20
CA THR K 158 -28.62 4.14 37.72
C THR K 158 -29.05 4.15 39.17
N LYS K 159 -28.79 5.27 39.88
CA LYS K 159 -29.00 5.36 41.34
C LYS K 159 -28.06 4.49 42.18
N GLN K 160 -26.96 4.00 41.60
CA GLN K 160 -25.94 3.26 42.33
C GLN K 160 -24.92 4.24 42.88
N SER K 161 -24.17 3.84 43.90
CA SER K 161 -23.10 4.67 44.45
C SER K 161 -21.92 4.73 43.49
N LEU K 162 -21.11 5.78 43.62
CA LEU K 162 -19.87 5.92 42.87
C LEU K 162 -18.93 4.72 43.07
N GLN K 163 -18.85 4.22 44.30
CA GLN K 163 -18.03 3.05 44.62
C GLN K 163 -18.46 1.81 43.83
N VAL K 164 -19.77 1.56 43.74
CA VAL K 164 -20.30 0.40 43.02
C VAL K 164 -20.06 0.53 41.51
N ILE K 165 -20.27 1.73 40.97
CA ILE K 165 -20.03 2.02 39.55
C ILE K 165 -18.56 1.81 39.17
N GLU K 166 -17.65 2.37 39.95
CA GLU K 166 -16.21 2.22 39.74
C GLU K 166 -15.80 0.76 39.74
N SER K 167 -16.27 -0.01 40.72
CA SER K 167 -15.96 -1.44 40.80
C SER K 167 -16.52 -2.20 39.60
N ALA K 168 -17.76 -1.93 39.22
CA ALA K 168 -18.40 -2.62 38.11
C ALA K 168 -17.71 -2.31 36.77
N MET K 169 -17.32 -1.05 36.56
CA MET K 169 -16.66 -0.66 35.31
C MET K 169 -15.26 -1.25 35.09
N GLU K 170 -14.62 -1.69 36.17
CA GLU K 170 -13.34 -2.35 36.10
C GLU K 170 -13.44 -3.79 35.51
N ARG K 171 -14.62 -4.41 35.61
CA ARG K 171 -14.84 -5.79 35.18
C ARG K 171 -15.15 -5.86 33.68
N ASP K 172 -14.32 -6.61 32.96
CA ASP K 172 -14.46 -6.73 31.51
C ASP K 172 -15.53 -7.79 31.19
N ARG K 173 -16.79 -7.36 31.21
CA ARG K 173 -17.92 -8.26 31.03
C ARG K 173 -19.15 -7.49 30.54
N TYR K 174 -20.10 -8.23 30.00
CA TYR K 174 -21.41 -7.75 29.61
C TYR K 174 -22.42 -8.20 30.64
N MET K 175 -23.50 -7.43 30.74
CA MET K 175 -24.67 -7.80 31.53
C MET K 175 -25.77 -8.21 30.55
N SER K 176 -26.58 -9.17 30.97
CA SER K 176 -27.83 -9.48 30.30
C SER K 176 -28.82 -8.34 30.53
N PRO K 177 -29.90 -8.27 29.74
CA PRO K 177 -30.90 -7.24 29.98
C PRO K 177 -31.49 -7.27 31.39
N MET K 178 -31.74 -8.46 31.93
CA MET K 178 -32.27 -8.58 33.32
C MET K 178 -31.27 -8.04 34.35
N GLU K 179 -30.00 -8.35 34.15
CA GLU K 179 -28.95 -7.86 35.03
C GLU K 179 -28.92 -6.34 34.96
N ALA K 180 -28.89 -5.80 33.74
CA ALA K 180 -28.88 -4.37 33.54
C ALA K 180 -30.10 -3.67 34.15
N GLN K 181 -31.26 -4.33 34.11
CA GLN K 181 -32.47 -3.83 34.77
C GLN K 181 -32.25 -3.71 36.28
N GLU K 182 -31.77 -4.79 36.90
CA GLU K 182 -31.47 -4.80 38.34
C GLU K 182 -30.41 -3.76 38.74
N PHE K 183 -29.45 -3.51 37.86
CA PHE K 183 -28.40 -2.50 38.11
C PHE K 183 -28.91 -1.05 37.99
N GLY K 184 -30.03 -0.83 37.30
CA GLY K 184 -30.62 0.50 37.12
C GLY K 184 -30.26 1.17 35.79
N ILE K 185 -29.76 0.39 34.82
CA ILE K 185 -29.45 0.92 33.48
C ILE K 185 -30.70 1.01 32.62
N LEU K 186 -31.63 0.08 32.82
CA LEU K 186 -32.86 0.09 32.05
C LEU K 186 -34.04 -0.34 32.91
N ASP K 187 -35.24 -0.12 32.39
CA ASP K 187 -36.50 -0.33 33.11
C ASP K 187 -37.28 -1.55 32.65
N LYS K 188 -37.28 -1.86 31.36
CA LYS K 188 -38.13 -2.92 30.82
C LYS K 188 -37.36 -3.78 29.84
N VAL K 189 -37.54 -5.10 29.96
CA VAL K 189 -37.05 -6.08 29.00
C VAL K 189 -38.29 -6.64 28.31
N LEU K 190 -38.43 -6.37 27.01
CA LEU K 190 -39.65 -6.65 26.26
C LEU K 190 -39.41 -7.65 25.14
N VAL K 191 -40.24 -8.69 25.09
CA VAL K 191 -40.27 -9.64 23.95
C VAL K 191 -41.12 -9.05 22.80
N HIS K 192 -42.31 -8.52 23.11
CA HIS K 192 -43.20 -7.91 22.11
C HIS K 192 -43.88 -6.73 22.87
N PRO K 193 -44.69 -5.90 22.16
CA PRO K 193 -45.54 -4.96 22.92
C PRO K 193 -46.53 -5.68 23.86
N PRO K 194 -46.91 -5.05 25.00
CA PRO K 194 -47.79 -5.65 26.03
C PRO K 194 -49.00 -6.45 25.54
N LEU L 3 -25.22 8.74 5.45
CA LEU L 3 -26.55 9.16 4.92
C LEU L 3 -27.14 10.29 5.77
N ILE L 4 -27.50 11.39 5.12
CA ILE L 4 -28.06 12.54 5.80
C ILE L 4 -29.58 12.46 5.68
N PRO L 5 -30.30 12.40 6.81
CA PRO L 5 -31.75 12.36 6.68
C PRO L 5 -32.35 13.64 6.11
N ILE L 6 -33.51 13.49 5.53
CA ILE L 6 -34.25 14.55 4.96
C ILE L 6 -35.46 14.85 5.81
N VAL L 7 -35.73 16.11 6.04
CA VAL L 7 -36.87 16.54 6.86
C VAL L 7 -37.76 17.49 6.07
N VAL L 8 -39.05 17.51 6.43
CA VAL L 8 -40.04 18.37 5.76
C VAL L 8 -40.41 19.57 6.66
N GLU L 9 -40.41 20.77 6.05
CA GLU L 9 -40.83 22.01 6.70
C GLU L 9 -42.10 22.51 6.00
N GLN L 10 -42.98 23.18 6.75
CA GLN L 10 -44.18 23.83 6.20
C GLN L 10 -43.86 25.27 5.81
N ARG L 13 -49.23 25.47 4.18
CA ARG L 13 -49.05 26.46 3.14
C ARG L 13 -48.07 26.04 2.02
N GLY L 14 -47.63 24.79 2.04
CA GLY L 14 -46.67 24.24 1.05
C GLY L 14 -45.46 23.59 1.72
N GLU L 15 -45.10 22.37 1.29
CA GLU L 15 -44.04 21.58 1.91
C GLU L 15 -42.74 21.60 1.11
N ARG L 16 -41.62 21.78 1.80
CA ARG L 16 -40.27 21.71 1.20
C ARG L 16 -39.40 20.71 1.97
N ALA L 17 -38.63 19.91 1.25
CA ALA L 17 -37.75 18.88 1.81
C ALA L 17 -36.31 19.35 1.84
N TYR L 18 -35.69 19.35 3.02
CA TYR L 18 -34.30 19.73 3.21
C TYR L 18 -33.54 18.58 3.83
N ASP L 19 -32.27 18.43 3.47
CA ASP L 19 -31.36 17.64 4.29
C ASP L 19 -31.25 18.35 5.66
N ILE L 20 -30.97 17.59 6.72
CA ILE L 20 -31.10 18.16 8.05
C ILE L 20 -30.14 19.32 8.36
N TYR L 21 -28.93 19.31 7.78
CA TYR L 21 -27.99 20.43 7.95
C TYR L 21 -28.48 21.72 7.29
N SER L 22 -29.09 21.58 6.11
CA SER L 22 -29.72 22.72 5.43
C SER L 22 -30.91 23.25 6.21
N ARG L 23 -31.65 22.36 6.86
CA ARG L 23 -32.74 22.78 7.74
C ARG L 23 -32.21 23.58 8.94
N LEU L 24 -31.11 23.14 9.55
CA LEU L 24 -30.48 23.87 10.64
C LEU L 24 -30.02 25.26 10.19
N LEU L 25 -29.44 25.33 8.99
CA LEU L 25 -29.04 26.62 8.42
C LEU L 25 -30.23 27.60 8.24
N ARG L 26 -31.39 27.04 7.94
CA ARG L 26 -32.61 27.79 7.84
C ARG L 26 -32.95 28.43 9.17
N GLU L 27 -32.53 27.82 10.26
CA GLU L 27 -32.78 28.33 11.61
C GLU L 27 -31.63 29.17 12.12
N ARG L 28 -30.72 29.54 11.23
CA ARG L 28 -29.56 30.37 11.53
C ARG L 28 -28.53 29.67 12.43
N ILE L 29 -28.41 28.36 12.26
CA ILE L 29 -27.44 27.55 12.98
C ILE L 29 -26.35 27.12 11.99
N VAL L 30 -25.10 27.42 12.37
CA VAL L 30 -23.92 27.04 11.59
C VAL L 30 -23.11 26.05 12.42
N CYS L 31 -22.77 24.91 11.82
CA CYS L 31 -22.02 23.87 12.53
C CYS L 31 -20.52 23.96 12.22
N VAL L 32 -19.71 23.95 13.27
CA VAL L 32 -18.27 23.81 13.18
C VAL L 32 -17.94 22.54 13.96
N MET L 33 -18.17 21.41 13.31
CA MET L 33 -17.93 20.09 13.89
C MET L 33 -16.74 19.48 13.16
N GLY L 34 -15.82 18.91 13.92
CA GLY L 34 -14.66 18.26 13.34
C GLY L 34 -13.52 19.19 13.10
N PRO L 35 -12.42 18.68 12.50
CA PRO L 35 -11.23 19.50 12.30
C PRO L 35 -11.48 20.70 11.40
N ILE L 36 -10.79 21.80 11.67
CA ILE L 36 -10.92 23.02 10.89
C ILE L 36 -9.79 23.00 9.87
N ASP L 37 -10.15 23.11 8.60
CA ASP L 37 -9.16 23.28 7.51
C ASP L 37 -9.77 24.30 6.54
N ASP L 38 -9.07 24.58 5.44
CA ASP L 38 -9.53 25.59 4.49
C ASP L 38 -10.92 25.32 3.93
N SER L 39 -11.22 24.05 3.68
CA SER L 39 -12.52 23.64 3.16
C SER L 39 -13.68 23.93 4.16
N VAL L 40 -13.46 23.57 5.42
CA VAL L 40 -14.43 23.91 6.48
C VAL L 40 -14.57 25.42 6.64
N ALA L 41 -13.45 26.14 6.67
CA ALA L 41 -13.50 27.60 6.77
C ALA L 41 -14.30 28.22 5.64
N SER L 42 -14.06 27.76 4.41
CA SER L 42 -14.79 28.28 3.27
C SER L 42 -16.30 28.11 3.43
N LEU L 43 -16.72 26.94 3.88
CA LEU L 43 -18.12 26.64 4.06
C LEU L 43 -18.75 27.46 5.20
N VAL L 44 -18.03 27.58 6.31
CA VAL L 44 -18.52 28.36 7.44
C VAL L 44 -18.64 29.83 7.08
N ILE L 45 -17.63 30.35 6.38
CA ILE L 45 -17.64 31.75 5.94
C ILE L 45 -18.82 32.02 5.00
N ALA L 46 -19.03 31.14 4.03
CA ALA L 46 -20.17 31.28 3.12
C ALA L 46 -21.50 31.32 3.88
N GLN L 47 -21.65 30.44 4.87
CA GLN L 47 -22.87 30.41 5.67
C GLN L 47 -23.05 31.68 6.49
N LEU L 48 -22.00 32.16 7.13
CA LEU L 48 -22.10 33.39 7.93
C LEU L 48 -22.51 34.58 7.07
N LEU L 49 -21.90 34.71 5.89
CA LEU L 49 -22.21 35.81 4.98
C LEU L 49 -23.62 35.71 4.42
N PHE L 50 -24.06 34.50 4.09
CA PHE L 50 -25.45 34.28 3.68
C PHE L 50 -26.43 34.69 4.77
N LEU L 51 -26.19 34.26 6.00
CA LEU L 51 -27.08 34.57 7.11
C LEU L 51 -27.15 36.08 7.38
N GLN L 52 -26.02 36.78 7.29
CA GLN L 52 -26.01 38.24 7.37
C GLN L 52 -26.90 38.89 6.30
N SER L 53 -26.86 38.39 5.06
CA SER L 53 -27.70 38.95 3.99
C SER L 53 -29.20 38.69 4.22
N GLU L 54 -29.57 37.56 4.83
CA GLU L 54 -30.97 37.28 5.20
C GLU L 54 -31.47 38.25 6.28
N SER L 55 -30.59 38.61 7.21
CA SER L 55 -30.90 39.60 8.24
C SER L 55 -29.61 40.01 8.93
N ASN L 56 -29.31 41.30 8.93
CA ASN L 56 -28.09 41.78 9.60
C ASN L 56 -28.25 41.98 11.11
N LYS L 57 -29.46 41.77 11.64
CA LYS L 57 -29.77 41.94 13.08
C LYS L 57 -30.01 40.62 13.83
N LYS L 58 -30.63 39.62 13.18
CA LYS L 58 -31.00 38.38 13.88
C LYS L 58 -29.76 37.59 14.33
N PRO L 59 -29.79 37.04 15.57
CA PRO L 59 -28.64 36.26 16.02
C PRO L 59 -28.32 35.05 15.14
N ILE L 60 -27.06 34.65 15.13
CA ILE L 60 -26.59 33.44 14.48
C ILE L 60 -26.04 32.53 15.56
N HIS L 61 -26.37 31.24 15.49
CA HIS L 61 -25.85 30.25 16.43
C HIS L 61 -24.72 29.47 15.77
N MET L 62 -23.59 29.38 16.45
CA MET L 62 -22.44 28.60 15.98
C MET L 62 -22.21 27.46 16.97
N TYR L 63 -22.42 26.23 16.49
CA TYR L 63 -22.18 25.04 17.29
C TYR L 63 -20.77 24.54 17.05
N ILE L 64 -20.00 24.40 18.13
CA ILE L 64 -18.59 24.05 18.05
C ILE L 64 -18.35 22.72 18.76
N ASN L 65 -17.94 21.71 17.99
CA ASN L 65 -17.40 20.47 18.52
C ASN L 65 -16.19 20.15 17.68
N SER L 66 -15.02 20.61 18.11
CA SER L 66 -13.85 20.59 17.25
C SER L 66 -12.58 20.40 18.04
N PRO L 67 -11.65 19.56 17.53
CA PRO L 67 -10.32 19.49 18.11
C PRO L 67 -9.38 20.62 17.67
N GLY L 68 -9.86 21.51 16.81
CA GLY L 68 -9.06 22.61 16.26
C GLY L 68 -8.67 22.27 14.85
N GLY L 69 -7.48 22.68 14.44
CA GLY L 69 -6.99 22.43 13.10
C GLY L 69 -6.09 23.56 12.63
N VAL L 70 -6.22 23.91 11.35
CA VAL L 70 -5.29 24.83 10.68
C VAL L 70 -5.50 26.26 11.20
N VAL L 71 -4.43 26.87 11.68
CA VAL L 71 -4.54 28.18 12.35
C VAL L 71 -5.06 29.27 11.40
N THR L 72 -4.50 29.37 10.20
CA THR L 72 -4.96 30.41 9.27
C THR L 72 -6.44 30.23 8.86
N ALA L 73 -6.89 28.98 8.77
CA ALA L 73 -8.29 28.70 8.48
C ALA L 73 -9.19 29.15 9.64
N GLY L 74 -8.76 28.86 10.87
CA GLY L 74 -9.46 29.33 12.05
C GLY L 74 -9.53 30.85 12.15
N LEU L 75 -8.43 31.50 11.79
CA LEU L 75 -8.38 32.96 11.79
C LEU L 75 -9.28 33.58 10.71
N ALA L 76 -9.45 32.89 9.59
CA ALA L 76 -10.38 33.35 8.55
C ALA L 76 -11.82 33.34 9.05
N ILE L 77 -12.19 32.30 9.80
CA ILE L 77 -13.52 32.24 10.40
C ILE L 77 -13.66 33.35 11.46
N TYR L 78 -12.65 33.46 12.32
CA TYR L 78 -12.64 34.49 13.37
C TYR L 78 -12.87 35.90 12.79
N ASP L 79 -12.11 36.25 11.76
CA ASP L 79 -12.25 37.55 11.12
C ASP L 79 -13.64 37.79 10.52
N THR L 80 -14.24 36.74 9.96
CA THR L 80 -15.58 36.83 9.42
C THR L 80 -16.63 37.04 10.52
N MET L 81 -16.47 36.33 11.64
CA MET L 81 -17.33 36.52 12.80
C MET L 81 -17.31 37.99 13.27
N GLN L 82 -16.13 38.61 13.29
CA GLN L 82 -16.00 40.02 13.66
C GLN L 82 -16.51 40.99 12.58
N TYR L 83 -16.39 40.60 11.30
CA TYR L 83 -16.80 41.45 10.20
C TYR L 83 -18.31 41.62 10.09
N ILE L 84 -19.08 40.55 10.26
CA ILE L 84 -20.53 40.64 10.16
C ILE L 84 -21.07 41.39 11.38
N LEU L 85 -22.22 42.02 11.23
CA LEU L 85 -22.76 42.85 12.31
C LEU L 85 -23.50 42.03 13.36
N ASN L 86 -23.91 40.82 13.00
CA ASN L 86 -24.87 40.05 13.78
C ASN L 86 -24.35 39.64 15.13
N PRO L 87 -25.23 39.57 16.14
CA PRO L 87 -24.84 38.85 17.36
C PRO L 87 -24.58 37.39 17.01
N ILE L 88 -23.51 36.81 17.55
CA ILE L 88 -23.21 35.40 17.33
C ILE L 88 -23.20 34.69 18.68
N CYS L 89 -24.12 33.73 18.85
CA CYS L 89 -24.12 32.86 20.01
C CYS L 89 -23.27 31.64 19.72
N THR L 90 -22.20 31.45 20.49
CA THR L 90 -21.38 30.26 20.35
C THR L 90 -21.76 29.23 21.40
N TRP L 91 -21.70 27.97 21.00
CA TRP L 91 -22.07 26.84 21.86
C TRP L 91 -20.99 25.79 21.78
N CYS L 92 -20.43 25.42 22.93
CA CYS L 92 -19.49 24.32 23.00
C CYS L 92 -20.25 23.04 23.35
N VAL L 93 -20.23 22.08 22.44
CA VAL L 93 -20.80 20.75 22.69
C VAL L 93 -19.70 19.73 22.44
N GLY L 94 -19.47 18.83 23.37
CA GLY L 94 -18.38 17.87 23.29
C GLY L 94 -17.05 18.49 23.69
N GLN L 95 -16.40 19.16 22.74
CA GLN L 95 -15.16 19.85 23.01
C GLN L 95 -14.92 21.04 22.10
N ALA L 96 -14.14 21.99 22.59
CA ALA L 96 -13.60 23.08 21.79
C ALA L 96 -12.14 23.20 22.14
N ALA L 97 -11.27 22.69 21.27
CA ALA L 97 -9.85 22.67 21.52
C ALA L 97 -9.12 23.51 20.48
N SER L 98 -8.04 24.13 20.90
CA SER L 98 -7.16 24.90 20.02
C SER L 98 -8.00 25.97 19.33
N MET L 99 -7.99 26.02 17.99
CA MET L 99 -8.78 27.02 17.26
C MET L 99 -10.28 26.97 17.57
N GLY L 100 -10.79 25.81 17.94
CA GLY L 100 -12.18 25.70 18.36
C GLY L 100 -12.50 26.58 19.56
N SER L 101 -11.61 26.63 20.53
CA SER L 101 -11.85 27.46 21.74
C SER L 101 -11.69 28.95 21.43
N LEU L 102 -10.88 29.28 20.43
CA LEU L 102 -10.77 30.66 19.98
C LEU L 102 -12.10 31.14 19.38
N LEU L 103 -12.69 30.32 18.53
CA LEU L 103 -14.00 30.66 17.96
C LEU L 103 -15.08 30.76 19.04
N LEU L 104 -15.06 29.84 20.00
CA LEU L 104 -16.00 29.88 21.13
C LEU L 104 -15.90 31.21 21.88
N ALA L 105 -14.68 31.59 22.22
CA ALA L 105 -14.36 32.85 22.93
C ALA L 105 -14.72 34.12 22.16
N ALA L 106 -14.76 34.01 20.84
CA ALA L 106 -15.02 35.12 19.93
C ALA L 106 -16.51 35.39 19.71
N GLY L 107 -17.40 34.61 20.31
CA GLY L 107 -18.83 34.92 20.27
C GLY L 107 -19.12 36.27 20.93
N THR L 108 -20.30 36.81 20.65
CA THR L 108 -20.73 38.08 21.20
C THR L 108 -20.74 38.01 22.74
N PRO L 109 -20.20 39.06 23.42
CA PRO L 109 -20.21 39.04 24.88
C PRO L 109 -21.59 38.77 25.48
N GLY L 110 -21.66 37.90 26.48
CA GLY L 110 -22.93 37.45 27.05
C GLY L 110 -23.58 36.24 26.36
N MET L 111 -23.09 35.89 25.17
CA MET L 111 -23.74 34.87 24.34
C MET L 111 -22.82 33.68 24.02
N ARG L 112 -21.85 33.40 24.89
CA ARG L 112 -20.93 32.29 24.73
C ARG L 112 -21.31 31.24 25.76
N HIS L 113 -21.66 30.05 25.26
CA HIS L 113 -22.35 29.02 26.03
C HIS L 113 -21.55 27.71 26.00
N SER L 114 -21.65 26.94 27.06
CA SER L 114 -21.25 25.56 27.03
C SER L 114 -22.30 24.67 27.68
N LEU L 115 -22.41 23.44 27.16
CA LEU L 115 -23.18 22.40 27.83
C LEU L 115 -22.33 21.83 28.97
N PRO L 116 -22.96 21.15 29.95
CA PRO L 116 -22.24 20.85 31.21
C PRO L 116 -21.05 19.92 31.15
N ASN L 117 -21.03 18.98 30.19
CA ASN L 117 -19.96 17.99 30.13
C ASN L 117 -18.92 18.24 29.04
N SER L 118 -18.96 19.42 28.43
CA SER L 118 -17.96 19.79 27.42
C SER L 118 -16.59 20.01 28.06
N ARG L 119 -15.55 19.97 27.23
CA ARG L 119 -14.19 20.26 27.66
C ARG L 119 -13.61 21.31 26.72
N ILE L 120 -12.88 22.25 27.28
CA ILE L 120 -12.32 23.40 26.54
C ILE L 120 -10.81 23.40 26.70
N MET L 121 -10.09 23.55 25.60
CA MET L 121 -8.62 23.59 25.62
C MET L 121 -8.13 24.79 24.83
N ILE L 122 -7.33 25.65 25.46
CA ILE L 122 -6.67 26.76 24.73
C ILE L 122 -5.23 26.41 24.33
N HIS L 123 -4.64 25.41 24.96
CA HIS L 123 -3.42 24.75 24.47
C HIS L 123 -3.55 24.36 23.01
N GLN L 124 -2.46 24.47 22.28
CA GLN L 124 -2.37 24.04 20.85
C GLN L 124 -1.61 22.72 20.86
N PRO L 125 -2.32 21.56 20.75
CA PRO L 125 -1.62 20.28 20.79
C PRO L 125 -0.49 20.09 19.75
N ILE L 138 6.77 26.20 7.45
CA ILE L 138 7.12 27.62 7.58
C ILE L 138 8.25 27.86 8.58
N GLN L 139 8.88 29.02 8.49
CA GLN L 139 10.01 29.38 9.33
C GLN L 139 9.64 29.57 10.78
N ALA L 140 10.59 29.37 11.68
CA ALA L 140 10.38 29.53 13.14
C ALA L 140 9.76 30.88 13.51
N GLU L 141 10.29 31.95 12.93
CA GLU L 141 9.76 33.30 13.20
C GLU L 141 8.30 33.44 12.83
N GLU L 142 7.88 32.82 11.73
CA GLU L 142 6.49 32.88 11.28
C GLU L 142 5.55 32.09 12.19
N ILE L 143 6.04 30.96 12.72
CA ILE L 143 5.26 30.16 13.67
C ILE L 143 5.02 31.00 14.94
N MET L 144 6.05 31.70 15.41
CA MET L 144 5.89 32.57 16.59
C MET L 144 4.96 33.76 16.35
N LYS L 145 5.02 34.37 15.17
CA LYS L 145 4.10 35.46 14.82
C LYS L 145 2.65 35.02 14.89
N LEU L 146 2.33 33.85 14.34
CA LEU L 146 0.98 33.30 14.45
C LEU L 146 0.58 33.06 15.89
N LYS L 147 1.48 32.47 16.66
CA LYS L 147 1.22 32.22 18.08
C LYS L 147 0.92 33.53 18.84
N LYS L 148 1.66 34.59 18.54
CA LYS L 148 1.42 35.91 19.15
C LYS L 148 0.07 36.49 18.74
N GLN L 149 -0.35 36.27 17.50
CA GLN L 149 -1.69 36.68 17.06
C GLN L 149 -2.76 35.98 17.88
N LEU L 150 -2.57 34.70 18.18
CA LEU L 150 -3.51 33.97 19.04
C LEU L 150 -3.54 34.53 20.44
N TYR L 151 -2.38 34.80 21.03
CA TYR L 151 -2.31 35.45 22.37
C TYR L 151 -3.10 36.75 22.40
N ASN L 152 -2.93 37.59 21.39
CA ASN L 152 -3.63 38.88 21.33
C ASN L 152 -5.14 38.70 21.21
N ILE L 153 -5.60 37.76 20.40
CA ILE L 153 -7.03 37.50 20.25
C ILE L 153 -7.62 36.95 21.54
N TYR L 154 -6.97 35.97 22.17
CA TYR L 154 -7.48 35.44 23.46
C TYR L 154 -7.48 36.54 24.51
N ALA L 155 -6.47 37.37 24.56
CA ALA L 155 -6.42 38.49 25.53
C ALA L 155 -7.58 39.44 25.38
N LYS L 156 -7.87 39.83 24.13
CA LYS L 156 -9.00 40.70 23.82
C LYS L 156 -10.35 40.13 24.28
N HIS L 157 -10.62 38.87 24.00
CA HIS L 157 -11.95 38.31 24.28
C HIS L 157 -12.10 37.75 25.68
N THR L 158 -11.00 37.30 26.31
CA THR L 158 -11.07 36.78 27.67
C THR L 158 -10.85 37.86 28.72
N LYS L 159 -10.28 38.99 28.31
CA LYS L 159 -9.83 40.06 29.25
C LYS L 159 -8.67 39.68 30.18
N GLN L 160 -7.95 38.59 29.87
CA GLN L 160 -6.78 38.19 30.65
C GLN L 160 -5.55 38.86 30.05
N SER L 161 -4.49 38.96 30.87
CA SER L 161 -3.24 39.53 30.40
C SER L 161 -2.53 38.58 29.46
N LEU L 162 -1.64 39.12 28.62
CA LEU L 162 -0.81 38.32 27.72
C LEU L 162 0.03 37.29 28.48
N GLN L 163 0.56 37.68 29.63
CA GLN L 163 1.34 36.79 30.49
C GLN L 163 0.54 35.57 30.95
N VAL L 164 -0.70 35.78 31.38
CA VAL L 164 -1.58 34.69 31.85
C VAL L 164 -1.96 33.76 30.70
N ILE L 165 -2.27 34.32 29.55
CA ILE L 165 -2.62 33.54 28.33
C ILE L 165 -1.45 32.67 27.88
N GLU L 166 -0.27 33.26 27.79
CA GLU L 166 0.95 32.51 27.45
C GLU L 166 1.21 31.36 28.37
N SER L 167 1.12 31.60 29.67
CA SER L 167 1.32 30.55 30.68
C SER L 167 0.28 29.45 30.55
N ALA L 168 -1.00 29.82 30.39
CA ALA L 168 -2.07 28.85 30.29
C ALA L 168 -1.95 27.99 29.01
N MET L 169 -1.58 28.60 27.91
CA MET L 169 -1.46 27.86 26.63
C MET L 169 -0.31 26.83 26.60
N GLU L 170 0.69 27.02 27.47
CA GLU L 170 1.78 26.08 27.60
C GLU L 170 1.34 24.75 28.30
N ARG L 171 0.26 24.79 29.08
CA ARG L 171 -0.21 23.64 29.85
C ARG L 171 -1.07 22.70 29.05
N ASP L 172 -0.64 21.45 28.93
CA ASP L 172 -1.38 20.47 28.12
C ASP L 172 -2.54 19.89 28.95
N ARG L 173 -3.65 20.61 28.96
CA ARG L 173 -4.81 20.27 29.78
C ARG L 173 -6.07 20.90 29.19
N TYR L 174 -7.21 20.35 29.61
CA TYR L 174 -8.53 20.88 29.32
C TYR L 174 -9.06 21.58 30.56
N MET L 175 -9.95 22.54 30.34
CA MET L 175 -10.71 23.20 31.40
C MET L 175 -12.13 22.66 31.32
N SER L 176 -12.76 22.55 32.47
CA SER L 176 -14.19 22.34 32.57
C SER L 176 -14.93 23.61 32.12
N PRO L 177 -16.23 23.50 31.83
CA PRO L 177 -16.99 24.69 31.48
C PRO L 177 -16.93 25.80 32.53
N MET L 178 -17.02 25.43 33.82
CA MET L 178 -16.93 26.43 34.89
C MET L 178 -15.56 27.13 34.93
N GLU L 179 -14.50 26.37 34.76
CA GLU L 179 -13.15 26.95 34.70
C GLU L 179 -12.99 27.85 33.48
N ALA L 180 -13.51 27.44 32.33
CA ALA L 180 -13.50 28.28 31.13
C ALA L 180 -14.31 29.56 31.30
N GLN L 181 -15.42 29.48 32.04
CA GLN L 181 -16.21 30.67 32.38
CA GLN L 181 -16.20 30.68 32.38
C GLN L 181 -15.39 31.66 33.23
N GLU L 182 -14.76 31.16 34.28
CA GLU L 182 -13.88 31.97 35.15
C GLU L 182 -12.70 32.58 34.39
N PHE L 183 -12.17 31.85 33.41
CA PHE L 183 -11.06 32.35 32.58
C PHE L 183 -11.49 33.45 31.59
N GLY L 184 -12.77 33.53 31.26
CA GLY L 184 -13.32 34.52 30.33
C GLY L 184 -13.54 34.01 28.91
N ILE L 185 -13.50 32.69 28.72
CA ILE L 185 -13.73 32.07 27.39
C ILE L 185 -15.22 32.00 27.09
N LEU L 186 -16.04 31.78 28.10
CA LEU L 186 -17.48 31.70 27.91
C LEU L 186 -18.23 32.37 29.06
N ASP L 187 -19.52 32.58 28.84
CA ASP L 187 -20.38 33.32 29.76
C ASP L 187 -21.36 32.46 30.55
N LYS L 188 -21.91 31.41 29.93
CA LYS L 188 -22.97 30.62 30.57
C LYS L 188 -22.72 29.14 30.39
N VAL L 189 -22.91 28.38 31.46
CA VAL L 189 -22.92 26.93 31.45
C VAL L 189 -24.36 26.51 31.71
N LEU L 190 -25.00 25.89 30.71
CA LEU L 190 -26.44 25.63 30.72
C LEU L 190 -26.75 24.14 30.66
N VAL L 191 -27.61 23.67 31.56
CA VAL L 191 -28.16 22.29 31.48
C VAL L 191 -29.34 22.25 30.50
N HIS L 192 -30.27 23.20 30.60
CA HIS L 192 -31.44 23.29 29.70
C HIS L 192 -31.70 24.80 29.52
N PRO L 193 -32.66 25.19 28.67
CA PRO L 193 -33.09 26.61 28.69
C PRO L 193 -33.67 27.03 30.06
N PRO L 194 -33.51 28.31 30.46
CA PRO L 194 -33.92 28.84 31.80
C PRO L 194 -35.26 28.34 32.36
N LEU M 3 -20.14 17.97 2.98
CA LEU M 3 -21.58 18.23 2.63
C LEU M 3 -21.85 19.73 2.52
N ILE M 4 -22.37 20.13 1.36
CA ILE M 4 -22.59 21.53 1.04
C ILE M 4 -24.05 21.85 1.34
N PRO M 5 -24.31 22.81 2.25
CA PRO M 5 -25.72 23.13 2.50
C PRO M 5 -26.42 23.79 1.29
N ILE M 6 -27.72 23.57 1.23
CA ILE M 6 -28.60 24.06 0.19
C ILE M 6 -29.37 25.25 0.78
N VAL M 7 -29.55 26.31 0.00
CA VAL M 7 -30.40 27.44 0.38
C VAL M 7 -31.46 27.70 -0.68
N VAL M 8 -32.60 28.24 -0.25
CA VAL M 8 -33.75 28.48 -1.14
C VAL M 8 -33.90 29.98 -1.45
N GLU M 9 -34.09 30.30 -2.72
CA GLU M 9 -34.36 31.67 -3.20
C GLU M 9 -35.77 31.70 -3.80
N GLN M 10 -36.44 32.85 -3.74
CA GLN M 10 -37.70 33.09 -4.42
C GLN M 10 -37.48 33.62 -5.85
N THR M 11 -37.97 32.91 -6.86
CA THR M 11 -37.78 33.31 -8.27
C THR M 11 -39.11 33.69 -8.93
N GLY M 12 -39.05 34.03 -10.21
CA GLY M 12 -40.24 34.25 -11.03
C GLY M 12 -41.10 33.02 -11.23
N ARG M 13 -40.52 31.82 -11.14
CA ARG M 13 -41.25 30.55 -11.29
C ARG M 13 -41.60 29.88 -9.95
N GLY M 14 -41.24 30.50 -8.82
CA GLY M 14 -41.42 29.90 -7.49
C GLY M 14 -40.13 29.82 -6.69
N GLU M 15 -39.85 28.64 -6.10
CA GLU M 15 -38.65 28.40 -5.30
C GLU M 15 -37.58 27.61 -6.09
N ARG M 16 -36.32 28.06 -6.00
CA ARG M 16 -35.17 27.32 -6.52
C ARG M 16 -34.15 27.10 -5.42
N ALA M 17 -33.59 25.86 -5.38
CA ALA M 17 -32.60 25.43 -4.39
C ALA M 17 -31.20 25.50 -5.02
N TYR M 18 -30.30 26.23 -4.35
CA TYR M 18 -28.90 26.32 -4.75
C TYR M 18 -28.04 25.80 -3.61
N ASP M 19 -26.98 25.09 -3.96
CA ASP M 19 -25.88 24.88 -3.03
C ASP M 19 -25.29 26.26 -2.71
N ILE M 20 -24.70 26.39 -1.53
CA ILE M 20 -24.33 27.73 -1.06
C ILE M 20 -23.26 28.44 -1.91
N TYR M 21 -22.35 27.70 -2.52
CA TYR M 21 -21.35 28.30 -3.44
C TYR M 21 -21.99 28.85 -4.71
N SER M 22 -22.98 28.15 -5.25
CA SER M 22 -23.76 28.63 -6.38
C SER M 22 -24.57 29.88 -6.03
N ARG M 23 -25.09 29.93 -4.80
CA ARG M 23 -25.74 31.13 -4.31
C ARG M 23 -24.77 32.33 -4.23
N LEU M 24 -23.57 32.11 -3.74
CA LEU M 24 -22.53 33.15 -3.69
C LEU M 24 -22.18 33.64 -5.10
N LEU M 25 -22.08 32.73 -6.06
CA LEU M 25 -21.85 33.08 -7.46
C LEU M 25 -22.94 34.00 -8.03
N ARG M 26 -24.20 33.77 -7.63
CA ARG M 26 -25.29 34.67 -7.99
C ARG M 26 -25.11 36.11 -7.44
N GLU M 27 -24.41 36.24 -6.32
CA GLU M 27 -23.99 37.54 -5.76
C GLU M 27 -22.65 38.07 -6.35
N ARG M 28 -22.15 37.45 -7.41
CA ARG M 28 -20.92 37.83 -8.07
C ARG M 28 -19.66 37.62 -7.21
N ILE M 29 -19.69 36.58 -6.38
CA ILE M 29 -18.58 36.19 -5.55
C ILE M 29 -17.96 34.91 -6.11
N VAL M 30 -16.66 34.95 -6.35
CA VAL M 30 -15.88 33.80 -6.83
C VAL M 30 -14.87 33.42 -5.76
N CYS M 31 -14.85 32.16 -5.38
CA CYS M 31 -13.95 31.68 -4.32
C CYS M 31 -12.69 31.06 -4.90
N VAL M 32 -11.57 31.45 -4.34
CA VAL M 32 -10.28 30.87 -4.63
C VAL M 32 -9.71 30.42 -3.30
N MET M 33 -10.20 29.29 -2.80
CA MET M 33 -9.73 28.73 -1.55
C MET M 33 -8.94 27.48 -1.84
N GLY M 34 -7.86 27.27 -1.13
CA GLY M 34 -7.10 26.08 -1.35
C GLY M 34 -6.07 26.20 -2.42
N PRO M 35 -5.38 25.10 -2.69
CA PRO M 35 -4.31 25.15 -3.70
C PRO M 35 -4.82 25.45 -5.11
N ILE M 36 -4.02 26.16 -5.89
CA ILE M 36 -4.38 26.52 -7.26
C ILE M 36 -3.73 25.45 -8.15
N ASP M 37 -4.54 24.79 -8.96
CA ASP M 37 -4.06 23.90 -10.00
C ASP M 37 -4.90 24.12 -11.24
N ASP M 38 -4.67 23.37 -12.31
CA ASP M 38 -5.41 23.57 -13.56
C ASP M 38 -6.91 23.45 -13.42
N SER M 39 -7.34 22.51 -12.59
CA SER M 39 -8.78 22.31 -12.34
C SER M 39 -9.44 23.51 -11.64
N VAL M 40 -8.78 24.05 -10.63
CA VAL M 40 -9.25 25.28 -9.96
C VAL M 40 -9.24 26.47 -10.93
N ALA M 41 -8.16 26.61 -11.69
CA ALA M 41 -8.08 27.70 -12.69
C ALA M 41 -9.22 27.62 -13.68
N SER M 42 -9.49 26.42 -14.19
CA SER M 42 -10.57 26.24 -15.16
C SER M 42 -11.92 26.72 -14.59
N LEU M 43 -12.19 26.35 -13.34
CA LEU M 43 -13.44 26.70 -12.69
C LEU M 43 -13.54 28.21 -12.42
N VAL M 44 -12.44 28.80 -11.96
CA VAL M 44 -12.41 30.23 -11.66
C VAL M 44 -12.58 31.03 -12.95
N ILE M 45 -11.88 30.61 -14.01
CA ILE M 45 -11.98 31.28 -15.32
C ILE M 45 -13.40 31.20 -15.87
N ALA M 46 -14.03 30.04 -15.80
CA ALA M 46 -15.42 29.90 -16.23
C ALA M 46 -16.35 30.83 -15.47
N GLN M 47 -16.16 30.94 -14.17
CA GLN M 47 -16.99 31.83 -13.35
C GLN M 47 -16.76 33.30 -13.72
N LEU M 48 -15.51 33.71 -13.88
CA LEU M 48 -15.22 35.11 -14.25
C LEU M 48 -15.87 35.48 -15.60
N LEU M 49 -15.76 34.59 -16.58
CA LEU M 49 -16.33 34.83 -17.89
C LEU M 49 -17.85 34.83 -17.88
N PHE M 50 -18.45 33.94 -17.09
CA PHE M 50 -19.89 33.94 -16.89
C PHE M 50 -20.36 35.27 -16.27
N LEU M 51 -19.69 35.72 -15.22
CA LEU M 51 -20.07 36.97 -14.55
C LEU M 51 -19.94 38.18 -15.47
N GLN M 52 -18.90 38.22 -16.29
CA GLN M 52 -18.77 39.27 -17.32
C GLN M 52 -19.97 39.28 -18.28
N SER M 53 -20.44 38.11 -18.71
CA SER M 53 -21.60 38.05 -19.61
C SER M 53 -22.91 38.50 -18.94
N GLU M 54 -23.06 38.25 -17.64
CA GLU M 54 -24.22 38.75 -16.87
C GLU M 54 -24.21 40.28 -16.78
N SER M 55 -23.04 40.87 -16.66
CA SER M 55 -22.86 42.33 -16.65
C SER M 55 -21.38 42.65 -16.80
N ASN M 56 -21.03 43.42 -17.82
CA ASN M 56 -19.63 43.79 -18.02
C ASN M 56 -19.18 45.00 -17.16
N LYS M 57 -20.10 45.58 -16.39
CA LYS M 57 -19.82 46.75 -15.53
C LYS M 57 -19.82 46.43 -14.02
N LYS M 58 -20.70 45.53 -13.57
CA LYS M 58 -20.84 45.27 -12.13
C LYS M 58 -19.57 44.64 -11.53
N PRO M 59 -19.16 45.09 -10.32
CA PRO M 59 -17.98 44.50 -9.71
C PRO M 59 -18.10 42.99 -9.45
N ILE M 60 -16.95 42.32 -9.44
CA ILE M 60 -16.85 40.91 -9.08
C ILE M 60 -15.98 40.84 -7.83
N HIS M 61 -16.40 40.02 -6.86
CA HIS M 61 -15.61 39.80 -5.65
C HIS M 61 -14.87 38.48 -5.75
N MET M 62 -13.57 38.51 -5.49
CA MET M 62 -12.74 37.32 -5.47
C MET M 62 -12.21 37.11 -4.06
N TYR M 63 -12.67 36.03 -3.42
CA TYR M 63 -12.20 35.67 -2.08
C TYR M 63 -11.02 34.73 -2.18
N ILE M 64 -9.90 35.10 -1.56
CA ILE M 64 -8.66 34.35 -1.66
C ILE M 64 -8.22 33.85 -0.29
N ASN M 65 -8.19 32.54 -0.15
CA ASN M 65 -7.54 31.87 0.98
C ASN M 65 -6.76 30.71 0.39
N SER M 66 -5.50 30.95 0.06
CA SER M 66 -4.74 30.01 -0.75
C SER M 66 -3.28 29.99 -0.37
N PRO M 67 -2.67 28.79 -0.30
CA PRO M 67 -1.22 28.71 -0.16
C PRO M 67 -0.47 28.89 -1.49
N GLY M 68 -1.19 29.08 -2.59
CA GLY M 68 -0.60 29.19 -3.91
C GLY M 68 -0.81 27.91 -4.67
N GLY M 69 0.14 27.55 -5.51
CA GLY M 69 0.06 26.32 -6.28
C GLY M 69 0.77 26.47 -7.61
N VAL M 70 0.18 25.91 -8.66
CA VAL M 70 0.82 25.80 -9.97
C VAL M 70 0.91 27.18 -10.64
N VAL M 71 2.11 27.59 -11.02
CA VAL M 71 2.34 28.95 -11.52
C VAL M 71 1.56 29.23 -12.80
N THR M 72 1.61 28.32 -13.78
CA THR M 72 0.89 28.56 -15.04
C THR M 72 -0.63 28.64 -14.83
N ALA M 73 -1.16 27.88 -13.86
CA ALA M 73 -2.57 27.95 -13.54
C ALA M 73 -2.92 29.30 -12.92
N GLY M 74 -2.08 29.78 -12.01
CA GLY M 74 -2.25 31.10 -11.42
C GLY M 74 -2.18 32.21 -12.47
N LEU M 75 -1.28 32.07 -13.43
CA LEU M 75 -1.15 33.05 -14.51
C LEU M 75 -2.35 33.04 -15.44
N ALA M 76 -2.97 31.89 -15.63
CA ALA M 76 -4.20 31.80 -16.42
C ALA M 76 -5.34 32.59 -15.77
N ILE M 77 -5.45 32.50 -14.45
CA ILE M 77 -6.45 33.27 -13.72
C ILE M 77 -6.12 34.76 -13.81
N TYR M 78 -4.85 35.09 -13.57
CA TYR M 78 -4.39 36.48 -13.66
C TYR M 78 -4.73 37.12 -15.00
N ASP M 79 -4.41 36.44 -16.09
CA ASP M 79 -4.71 36.95 -17.43
C ASP M 79 -6.20 37.13 -17.68
N THR M 80 -7.03 36.25 -17.14
CA THR M 80 -8.47 36.37 -17.25
C THR M 80 -9.01 37.58 -16.47
N MET M 81 -8.47 37.79 -15.27
CA MET M 81 -8.81 38.98 -14.47
C MET M 81 -8.54 40.27 -15.25
N GLN M 82 -7.41 40.32 -15.96
CA GLN M 82 -7.06 41.49 -16.79
C GLN M 82 -7.87 41.57 -18.08
N TYR M 83 -8.29 40.43 -18.63
CA TYR M 83 -9.04 40.39 -19.89
C TYR M 83 -10.46 40.91 -19.75
N ILE M 84 -11.16 40.54 -18.68
CA ILE M 84 -12.53 41.01 -18.49
C ILE M 84 -12.52 42.50 -18.13
N LEU M 85 -13.59 43.19 -18.43
CA LEU M 85 -13.62 44.65 -18.22
C LEU M 85 -13.93 45.01 -16.76
N ASN M 86 -14.52 44.09 -16.03
CA ASN M 86 -15.16 44.40 -14.76
C ASN M 86 -14.17 44.84 -13.69
N PRO M 87 -14.60 45.74 -12.79
CA PRO M 87 -13.82 45.94 -11.58
C PRO M 87 -13.80 44.63 -10.77
N ILE M 88 -12.63 44.27 -10.23
CA ILE M 88 -12.51 43.07 -9.40
C ILE M 88 -12.06 43.48 -8.01
N CYS M 89 -12.89 43.23 -7.00
CA CYS M 89 -12.50 43.41 -5.60
C CYS M 89 -11.90 42.11 -5.10
N THR M 90 -10.65 42.15 -4.69
CA THR M 90 -9.99 40.99 -4.09
C THR M 90 -10.02 41.11 -2.56
N TRP M 91 -10.19 39.96 -1.91
CA TRP M 91 -10.26 39.88 -0.46
C TRP M 91 -9.36 38.76 0.02
N CYS M 92 -8.42 39.09 0.89
CA CYS M 92 -7.59 38.10 1.54
C CYS M 92 -8.21 37.69 2.88
N VAL M 93 -8.59 36.42 2.99
CA VAL M 93 -9.05 35.86 4.26
C VAL M 93 -8.18 34.65 4.57
N GLY M 94 -7.64 34.59 5.78
CA GLY M 94 -6.73 33.53 6.17
C GLY M 94 -5.33 33.79 5.68
N GLN M 95 -5.07 33.43 4.43
CA GLN M 95 -3.77 33.69 3.82
C GLN M 95 -3.85 33.84 2.30
N ALA M 96 -2.88 34.57 1.76
CA ALA M 96 -2.65 34.60 0.32
C ALA M 96 -1.15 34.46 0.16
N ALA M 97 -0.70 33.27 -0.23
CA ALA M 97 0.71 32.99 -0.39
C ALA M 97 1.03 32.63 -1.83
N SER M 98 2.23 33.00 -2.26
CA SER M 98 2.73 32.65 -3.59
C SER M 98 1.72 33.16 -4.63
N MET M 99 1.21 32.32 -5.53
CA MET M 99 0.26 32.76 -6.54
C MET M 99 -1.01 33.40 -5.97
N GLY M 100 -1.40 33.01 -4.76
CA GLY M 100 -2.52 33.67 -4.10
C GLY M 100 -2.31 35.17 -3.90
N SER M 101 -1.11 35.56 -3.52
CA SER M 101 -0.83 37.00 -3.29
C SER M 101 -0.72 37.75 -4.60
N LEU M 102 -0.34 37.06 -5.68
CA LEU M 102 -0.34 37.67 -7.00
C LEU M 102 -1.76 38.03 -7.43
N LEU M 103 -2.70 37.10 -7.24
CA LEU M 103 -4.09 37.37 -7.57
C LEU M 103 -4.67 38.49 -6.70
N LEU M 104 -4.33 38.48 -5.41
CA LEU M 104 -4.76 39.54 -4.50
C LEU M 104 -4.31 40.93 -5.00
N ALA M 105 -3.03 41.02 -5.32
CA ALA M 105 -2.40 42.25 -5.84
C ALA M 105 -2.96 42.72 -7.20
N ALA M 106 -3.50 41.79 -7.97
CA ALA M 106 -4.03 42.03 -9.30
C ALA M 106 -5.47 42.53 -9.32
N GLY M 107 -6.11 42.68 -8.16
CA GLY M 107 -7.41 43.32 -8.10
C GLY M 107 -7.35 44.76 -8.59
N THR M 108 -8.52 45.33 -8.90
CA THR M 108 -8.63 46.71 -9.36
C THR M 108 -8.06 47.66 -8.32
N PRO M 109 -7.23 48.65 -8.74
CA PRO M 109 -6.68 49.60 -7.77
C PRO M 109 -7.75 50.26 -6.90
N GLY M 110 -7.49 50.34 -5.60
CA GLY M 110 -8.48 50.80 -4.61
C GLY M 110 -9.42 49.73 -4.06
N MET M 111 -9.45 48.54 -4.68
CA MET M 111 -10.42 47.50 -4.33
C MET M 111 -9.74 46.19 -3.86
N ARG M 112 -8.54 46.28 -3.32
CA ARG M 112 -7.81 45.13 -2.81
C ARG M 112 -7.83 45.20 -1.29
N HIS M 113 -8.41 44.17 -0.67
CA HIS M 113 -8.81 44.19 0.74
C HIS M 113 -8.17 43.03 1.48
N SER M 114 -7.89 43.23 2.76
CA SER M 114 -7.57 42.13 3.65
C SER M 114 -8.34 42.28 4.96
N LEU M 115 -8.70 41.14 5.54
CA LEU M 115 -9.19 41.10 6.92
C LEU M 115 -7.99 41.20 7.87
N PRO M 116 -8.23 41.57 9.15
CA PRO M 116 -7.10 41.97 10.01
C PRO M 116 -6.06 40.91 10.37
N ASN M 117 -6.46 39.64 10.42
CA ASN M 117 -5.56 38.57 10.86
C ASN M 117 -5.00 37.71 9.73
N SER M 118 -5.21 38.13 8.48
CA SER M 118 -4.64 37.43 7.34
C SER M 118 -3.13 37.55 7.28
N ARG M 119 -2.49 36.66 6.54
CA ARG M 119 -1.05 36.72 6.30
C ARG M 119 -0.83 36.65 4.80
N ILE M 120 0.12 37.44 4.31
CA ILE M 120 0.39 37.57 2.86
C ILE M 120 1.85 37.21 2.62
N MET M 121 2.11 36.35 1.64
CA MET M 121 3.47 35.95 1.29
C MET M 121 3.67 36.10 -0.22
N ILE M 122 4.69 36.86 -0.61
CA ILE M 122 5.08 36.95 -2.04
C ILE M 122 6.22 36.00 -2.40
N HIS M 123 6.97 35.55 -1.39
CA HIS M 123 7.91 34.44 -1.52
C HIS M 123 7.21 33.22 -2.16
N GLN M 124 7.96 32.49 -2.98
CA GLN M 124 7.48 31.23 -3.60
C GLN M 124 8.14 30.10 -2.84
N PRO M 125 7.38 29.43 -1.95
CA PRO M 125 7.89 28.31 -1.16
C PRO M 125 8.52 27.24 -2.03
N ILE M 138 10.70 20.74 -15.64
CA ILE M 138 11.14 21.65 -16.70
C ILE M 138 12.59 22.14 -16.52
N GLN M 139 13.16 22.66 -17.59
CA GLN M 139 14.56 23.08 -17.60
C GLN M 139 14.77 24.34 -16.74
N ALA M 140 15.99 24.50 -16.23
CA ALA M 140 16.36 25.64 -15.38
C ALA M 140 16.01 27.00 -15.99
N GLU M 141 16.31 27.17 -17.26
CA GLU M 141 16.01 28.43 -17.97
C GLU M 141 14.52 28.74 -17.97
N GLU M 142 13.69 27.73 -18.12
CA GLU M 142 12.24 27.92 -18.13
C GLU M 142 11.68 28.28 -16.76
N ILE M 143 12.28 27.71 -15.71
CA ILE M 143 11.89 28.06 -14.34
C ILE M 143 12.21 29.55 -14.08
N MET M 144 13.38 30.00 -14.53
CA MET M 144 13.74 31.42 -14.39
C MET M 144 12.85 32.38 -15.20
N LYS M 145 12.47 31.98 -16.41
CA LYS M 145 11.54 32.79 -17.21
C LYS M 145 10.21 33.00 -16.50
N LEU M 146 9.66 31.93 -15.93
CA LEU M 146 8.43 32.06 -15.13
C LEU M 146 8.62 32.99 -13.95
N LYS M 147 9.72 32.83 -13.22
CA LYS M 147 10.02 33.67 -12.07
C LYS M 147 10.10 35.16 -12.48
N LYS M 148 10.72 35.45 -13.64
CA LYS M 148 10.79 36.81 -14.16
C LYS M 148 9.42 37.37 -14.53
N GLN M 149 8.54 36.53 -15.07
CA GLN M 149 7.16 36.94 -15.32
C GLN M 149 6.46 37.37 -14.02
N LEU M 150 6.70 36.63 -12.94
CA LEU M 150 6.13 36.99 -11.65
C LEU M 150 6.69 38.33 -11.15
N TYR M 151 8.00 38.52 -11.23
CA TYR M 151 8.61 39.83 -10.87
C TYR M 151 7.95 41.00 -11.61
N ASN M 152 7.76 40.84 -12.93
CA ASN M 152 7.15 41.90 -13.73
C ASN M 152 5.70 42.19 -13.32
N ILE M 153 4.93 41.14 -13.05
CA ILE M 153 3.54 41.33 -12.62
C ILE M 153 3.47 42.00 -11.24
N TYR M 154 4.27 41.54 -10.28
CA TYR M 154 4.28 42.18 -8.96
C TYR M 154 4.73 43.64 -9.04
N ALA M 155 5.72 43.92 -9.87
CA ALA M 155 6.19 45.31 -10.06
C ALA M 155 5.09 46.22 -10.59
N LYS M 156 4.38 45.75 -11.61
CA LYS M 156 3.27 46.49 -12.20
C LYS M 156 2.16 46.82 -11.19
N HIS M 157 1.74 45.86 -10.38
CA HIS M 157 0.60 46.07 -9.50
C HIS M 157 0.95 46.66 -8.14
N THR M 158 2.17 46.44 -7.66
CA THR M 158 2.60 47.03 -6.39
C THR M 158 3.23 48.39 -6.55
N LYS M 159 3.67 48.72 -7.78
CA LYS M 159 4.44 49.94 -8.07
C LYS M 159 5.85 49.98 -7.44
N GLN M 160 6.36 48.83 -7.01
CA GLN M 160 7.73 48.73 -6.50
C GLN M 160 8.66 48.42 -7.68
N SER M 161 9.94 48.70 -7.52
CA SER M 161 10.93 48.37 -8.54
C SER M 161 11.17 46.86 -8.61
N LEU M 162 11.66 46.40 -9.75
CA LEU M 162 12.07 45.01 -9.94
C LEU M 162 13.11 44.56 -8.92
N GLN M 163 14.06 45.44 -8.61
CA GLN M 163 15.10 45.17 -7.62
C GLN M 163 14.51 44.90 -6.22
N VAL M 164 13.54 45.71 -5.80
CA VAL M 164 12.89 45.54 -4.49
C VAL M 164 12.06 44.25 -4.44
N ILE M 165 11.34 43.97 -5.50
CA ILE M 165 10.53 42.73 -5.61
C ILE M 165 11.40 41.48 -5.54
N GLU M 166 12.47 41.45 -6.32
CA GLU M 166 13.42 40.32 -6.31
C GLU M 166 13.99 40.08 -4.92
N SER M 167 14.43 41.15 -4.25
CA SER M 167 14.97 41.05 -2.90
C SER M 167 13.93 40.55 -1.91
N ALA M 168 12.72 41.09 -1.97
CA ALA M 168 11.64 40.70 -1.05
C ALA M 168 11.21 39.24 -1.26
N MET M 169 11.13 38.79 -2.50
CA MET M 169 10.72 37.42 -2.79
C MET M 169 11.72 36.34 -2.34
N GLU M 170 12.96 36.72 -2.15
CA GLU M 170 13.99 35.83 -1.61
C GLU M 170 13.79 35.51 -0.11
N ARG M 171 13.10 36.39 0.62
CA ARG M 171 12.89 36.24 2.07
C ARG M 171 11.72 35.32 2.39
N ASP M 172 12.01 34.25 3.12
CA ASP M 172 10.99 33.25 3.46
C ASP M 172 10.19 33.75 4.68
N ARG M 173 9.19 34.59 4.43
CA ARG M 173 8.42 35.23 5.48
C ARG M 173 7.06 35.67 4.95
N TYR M 174 6.15 35.93 5.90
CA TYR M 174 4.84 36.50 5.62
C TYR M 174 4.85 37.97 6.04
N MET M 175 4.00 38.75 5.41
CA MET M 175 3.71 40.13 5.81
C MET M 175 2.35 40.15 6.48
N SER M 176 2.21 41.04 7.44
CA SER M 176 0.91 41.40 7.99
C SER M 176 0.13 42.20 6.94
N PRO M 177 -1.19 42.32 7.13
CA PRO M 177 -1.98 43.15 6.20
C PRO M 177 -1.48 44.60 6.09
N MET M 178 -1.09 45.20 7.20
CA MET M 178 -0.55 46.59 7.19
C MET M 178 0.75 46.67 6.39
N GLU M 179 1.65 45.71 6.58
CA GLU M 179 2.89 45.68 5.83
C GLU M 179 2.63 45.46 4.32
N ALA M 180 1.70 44.57 4.00
CA ALA M 180 1.30 44.35 2.61
C ALA M 180 0.66 45.60 1.98
N GLN M 181 -0.09 46.36 2.77
CA GLN M 181 -0.64 47.65 2.31
C GLN M 181 0.46 48.63 1.96
N GLU M 182 1.43 48.80 2.86
CA GLU M 182 2.59 49.67 2.63
C GLU M 182 3.43 49.23 1.42
N PHE M 183 3.54 47.93 1.20
CA PHE M 183 4.25 47.37 0.05
C PHE M 183 3.54 47.58 -1.30
N GLY M 184 2.23 47.82 -1.28
CA GLY M 184 1.42 48.02 -2.49
C GLY M 184 0.69 46.78 -2.99
N ILE M 185 0.58 45.75 -2.15
CA ILE M 185 -0.16 44.51 -2.50
C ILE M 185 -1.66 44.72 -2.32
N LEU M 186 -2.05 45.50 -1.33
CA LEU M 186 -3.45 45.75 -1.08
C LEU M 186 -3.68 47.19 -0.65
N ASP M 187 -4.94 47.60 -0.66
CA ASP M 187 -5.35 48.99 -0.41
C ASP M 187 -6.00 49.22 0.95
N LYS M 188 -6.79 48.26 1.44
CA LYS M 188 -7.57 48.46 2.67
C LYS M 188 -7.47 47.25 3.58
N VAL M 189 -7.27 47.52 4.87
CA VAL M 189 -7.36 46.50 5.91
C VAL M 189 -8.62 46.83 6.72
N LEU M 190 -9.62 45.95 6.67
CA LEU M 190 -10.96 46.21 7.20
C LEU M 190 -11.31 45.26 8.32
N VAL M 191 -11.76 45.80 9.46
CA VAL M 191 -12.36 45.01 10.54
C VAL M 191 -13.85 44.70 10.23
N HIS M 192 -14.61 45.72 9.82
CA HIS M 192 -16.04 45.58 9.46
C HIS M 192 -16.25 46.57 8.30
N PRO M 193 -17.47 46.59 7.70
CA PRO M 193 -17.76 47.70 6.76
C PRO M 193 -17.70 49.08 7.47
N PRO M 194 -17.33 50.16 6.73
CA PRO M 194 -17.07 51.51 7.28
C PRO M 194 -18.06 52.03 8.34
N LEU N 3 -16.27 20.72 -6.40
CA LEU N 3 -17.70 21.10 -6.62
C LEU N 3 -17.81 22.08 -7.79
N ILE N 4 -18.67 21.73 -8.75
CA ILE N 4 -18.89 22.54 -9.93
C ILE N 4 -20.16 23.40 -9.65
N PRO N 5 -20.02 24.74 -9.69
CA PRO N 5 -21.21 25.53 -9.45
C PRO N 5 -22.29 25.40 -10.55
N ILE N 6 -23.54 25.57 -10.14
CA ILE N 6 -24.69 25.50 -11.00
C ILE N 6 -25.15 26.93 -11.28
N VAL N 7 -25.49 27.22 -12.53
CA VAL N 7 -26.05 28.53 -12.90
C VAL N 7 -27.41 28.36 -13.58
N VAL N 8 -28.26 29.39 -13.48
CA VAL N 8 -29.56 29.40 -14.14
C VAL N 8 -29.56 30.30 -15.38
N GLU N 9 -30.07 29.76 -16.49
CA GLU N 9 -30.21 30.48 -17.75
C GLU N 9 -31.70 30.63 -18.07
N GLN N 10 -32.08 31.75 -18.70
CA GLN N 10 -33.48 31.96 -19.15
C GLN N 10 -33.61 31.46 -20.59
N THR N 11 -34.50 30.51 -20.84
CA THR N 11 -34.71 29.97 -22.21
C THR N 11 -36.10 30.34 -22.74
N GLY N 12 -36.40 29.89 -23.95
CA GLY N 12 -37.74 29.99 -24.52
C GLY N 12 -38.80 29.18 -23.79
N ARG N 13 -38.39 28.12 -23.10
CA ARG N 13 -39.28 27.25 -22.32
C ARG N 13 -39.27 27.54 -20.81
N GLY N 14 -38.50 28.54 -20.37
CA GLY N 14 -38.43 28.93 -18.96
C GLY N 14 -37.00 28.99 -18.43
N GLU N 15 -36.84 28.56 -17.19
CA GLU N 15 -35.51 28.55 -16.51
C GLU N 15 -34.92 27.14 -16.45
N ARG N 16 -33.65 27.00 -16.81
CA ARG N 16 -32.93 25.72 -16.78
C ARG N 16 -31.62 25.88 -15.99
N ALA N 17 -31.29 24.88 -15.19
CA ALA N 17 -30.08 24.86 -14.37
C ALA N 17 -28.97 24.00 -15.00
N TYR N 18 -27.82 24.61 -15.25
CA TYR N 18 -26.67 23.92 -15.82
C TYR N 18 -25.48 24.04 -14.89
N ASP N 19 -24.67 23.01 -14.81
CA ASP N 19 -23.31 23.15 -14.30
C ASP N 19 -22.57 24.13 -15.22
N ILE N 20 -21.57 24.82 -14.68
CA ILE N 20 -20.96 25.93 -15.40
C ILE N 20 -20.27 25.53 -16.72
N TYR N 21 -19.70 24.34 -16.78
CA TYR N 21 -19.08 23.84 -18.05
C TYR N 21 -20.13 23.58 -19.13
N SER N 22 -21.28 23.05 -18.75
CA SER N 22 -22.41 22.88 -19.66
C SER N 22 -22.97 24.22 -20.13
N ARG N 23 -22.95 25.22 -19.26
CA ARG N 23 -23.33 26.57 -19.65
C ARG N 23 -22.36 27.15 -20.69
N LEU N 24 -21.07 26.95 -20.49
CA LEU N 24 -20.05 27.37 -21.47
C LEU N 24 -20.25 26.67 -22.82
N LEU N 25 -20.58 25.39 -22.79
CA LEU N 25 -20.90 24.63 -24.01
C LEU N 25 -22.07 25.23 -24.78
N ARG N 26 -23.09 25.73 -24.07
CA ARG N 26 -24.19 26.46 -24.68
C ARG N 26 -23.73 27.74 -25.43
N GLU N 27 -22.65 28.35 -24.96
CA GLU N 27 -21.98 29.48 -25.65
C GLU N 27 -20.95 29.04 -26.72
N ARG N 28 -20.94 27.75 -27.07
CA ARG N 28 -20.04 27.18 -28.07
C ARG N 28 -18.56 27.20 -27.66
N ILE N 29 -18.33 27.05 -26.36
CA ILE N 29 -16.99 26.96 -25.79
C ILE N 29 -16.74 25.52 -25.37
N VAL N 30 -15.63 24.96 -25.85
CA VAL N 30 -15.17 23.60 -25.51
C VAL N 30 -13.85 23.73 -24.75
N CYS N 31 -13.77 23.11 -23.58
CA CYS N 31 -12.57 23.19 -22.76
C CYS N 31 -11.68 21.96 -22.96
N VAL N 32 -10.40 22.21 -23.21
CA VAL N 32 -9.36 21.18 -23.24
C VAL N 32 -8.37 21.58 -22.15
N MET N 33 -8.74 21.28 -20.92
CA MET N 33 -7.92 21.62 -19.75
C MET N 33 -7.38 20.31 -19.19
N GLY N 34 -6.10 20.27 -18.87
CA GLY N 34 -5.48 19.11 -18.26
C GLY N 34 -4.97 18.13 -19.30
N PRO N 35 -4.45 16.99 -18.84
CA PRO N 35 -3.86 16.01 -19.76
C PRO N 35 -4.86 15.46 -20.77
N ILE N 36 -4.38 15.18 -21.98
CA ILE N 36 -5.22 14.64 -23.03
C ILE N 36 -5.05 13.13 -23.00
N ASP N 37 -6.14 12.41 -22.86
CA ASP N 37 -6.16 10.95 -22.98
C ASP N 37 -7.41 10.57 -23.76
N ASP N 38 -7.66 9.28 -23.94
CA ASP N 38 -8.81 8.83 -24.74
C ASP N 38 -10.15 9.33 -24.22
N SER N 39 -10.28 9.38 -22.89
CA SER N 39 -11.50 9.87 -22.25
C SER N 39 -11.77 11.37 -22.54
N VAL N 40 -10.74 12.19 -22.42
CA VAL N 40 -10.84 13.61 -22.79
C VAL N 40 -11.13 13.78 -24.28
N ALA N 41 -10.43 13.02 -25.12
CA ALA N 41 -10.68 13.09 -26.57
C ALA N 41 -12.12 12.74 -26.90
N SER N 42 -12.64 11.68 -26.30
CA SER N 42 -14.02 11.28 -26.54
C SER N 42 -15.00 12.41 -26.21
N LEU N 43 -14.79 13.07 -25.08
CA LEU N 43 -15.66 14.14 -24.64
C LEU N 43 -15.56 15.38 -25.53
N VAL N 44 -14.33 15.73 -25.92
CA VAL N 44 -14.11 16.89 -26.79
C VAL N 44 -14.72 16.63 -28.17
N ILE N 45 -14.52 15.43 -28.70
CA ILE N 45 -15.08 15.06 -29.99
C ILE N 45 -16.61 15.12 -29.98
N ALA N 46 -17.22 14.55 -28.94
CA ALA N 46 -18.68 14.63 -28.81
C ALA N 46 -19.17 16.08 -28.78
N GLN N 47 -18.48 16.94 -28.07
CA GLN N 47 -18.86 18.35 -27.99
C GLN N 47 -18.72 19.04 -29.35
N LEU N 48 -17.61 18.80 -30.05
CA LEU N 48 -17.41 19.42 -31.37
C LEU N 48 -18.50 19.01 -32.36
N LEU N 49 -18.83 17.72 -32.37
CA LEU N 49 -19.86 17.21 -33.28
C LEU N 49 -21.26 17.72 -32.92
N PHE N 50 -21.55 17.82 -31.63
CA PHE N 50 -22.80 18.42 -31.17
C PHE N 50 -22.90 19.88 -31.64
N LEU N 51 -21.84 20.65 -31.43
CA LEU N 51 -21.85 22.07 -31.82
C LEU N 51 -22.01 22.27 -33.33
N GLN N 52 -21.38 21.41 -34.12
CA GLN N 52 -21.60 21.42 -35.58
C GLN N 52 -23.07 21.18 -35.94
N SER N 53 -23.74 20.25 -35.26
CA SER N 53 -25.15 19.99 -35.54
C SER N 53 -26.07 21.16 -35.14
N GLU N 54 -25.73 21.89 -34.09
CA GLU N 54 -26.48 23.11 -33.70
C GLU N 54 -26.33 24.21 -34.76
N SER N 55 -25.16 24.32 -35.36
CA SER N 55 -24.91 25.26 -36.45
C SER N 55 -23.59 24.90 -37.11
N ASN N 56 -23.62 24.65 -38.41
CA ASN N 56 -22.38 24.34 -39.14
C ASN N 56 -21.57 25.58 -39.56
N LYS N 57 -22.08 26.78 -39.27
CA LYS N 57 -21.42 28.05 -39.62
C LYS N 57 -20.85 28.81 -38.42
N LYS N 58 -21.54 28.78 -37.27
CA LYS N 58 -21.12 29.60 -36.12
C LYS N 58 -19.76 29.15 -35.55
N PRO N 59 -18.89 30.12 -35.20
CA PRO N 59 -17.59 29.72 -34.65
C PRO N 59 -17.68 28.90 -33.36
N ILE N 60 -16.67 28.07 -33.13
CA ILE N 60 -16.52 27.30 -31.90
C ILE N 60 -15.24 27.79 -31.23
N HIS N 61 -15.28 28.01 -29.93
CA HIS N 61 -14.10 28.40 -29.16
C HIS N 61 -13.55 27.19 -28.42
N MET N 62 -12.25 26.95 -28.57
CA MET N 62 -11.55 25.88 -27.88
C MET N 62 -10.54 26.50 -26.94
N TYR N 63 -10.76 26.33 -25.63
CA TYR N 63 -9.85 26.80 -24.61
C TYR N 63 -8.86 25.71 -24.25
N ILE N 64 -7.58 26.02 -24.36
CA ILE N 64 -6.52 25.04 -24.17
C ILE N 64 -5.62 25.45 -23.02
N ASN N 65 -5.61 24.64 -21.97
CA ASN N 65 -4.62 24.72 -20.89
C ASN N 65 -4.20 23.30 -20.61
N SER N 66 -3.15 22.83 -21.27
CA SER N 66 -2.82 21.42 -21.28
C SER N 66 -1.33 21.18 -21.37
N PRO N 67 -0.81 20.22 -20.58
CA PRO N 67 0.57 19.79 -20.76
C PRO N 67 0.75 18.80 -21.92
N GLY N 68 -0.33 18.43 -22.60
CA GLY N 68 -0.28 17.45 -23.68
C GLY N 68 -0.84 16.14 -23.16
N GLY N 69 -0.31 15.02 -23.62
CA GLY N 69 -0.78 13.71 -23.25
C GLY N 69 -0.64 12.73 -24.41
N VAL N 70 -1.62 11.85 -24.56
CA VAL N 70 -1.54 10.70 -25.46
C VAL N 70 -1.64 11.18 -26.91
N VAL N 71 -0.65 10.82 -27.72
CA VAL N 71 -0.56 11.35 -29.09
C VAL N 71 -1.77 10.96 -29.94
N THR N 72 -2.15 9.68 -29.94
CA THR N 72 -3.30 9.25 -30.75
C THR N 72 -4.61 9.92 -30.33
N ALA N 73 -4.75 10.20 -29.04
CA ALA N 73 -5.93 10.91 -28.55
C ALA N 73 -5.94 12.36 -29.05
N GLY N 74 -4.78 13.01 -29.01
CA GLY N 74 -4.62 14.36 -29.56
C GLY N 74 -4.91 14.41 -31.04
N LEU N 75 -4.45 13.39 -31.77
CA LEU N 75 -4.70 13.31 -33.22
C LEU N 75 -6.17 13.08 -33.54
N ALA N 76 -6.88 12.36 -32.67
CA ALA N 76 -8.32 12.19 -32.85
C ALA N 76 -9.08 13.52 -32.74
N ILE N 77 -8.66 14.36 -31.81
CA ILE N 77 -9.25 15.69 -31.67
C ILE N 77 -8.88 16.53 -32.89
N TYR N 78 -7.62 16.51 -33.27
CA TYR N 78 -7.13 17.26 -34.43
C TYR N 78 -7.93 16.92 -35.70
N ASP N 79 -8.10 15.63 -35.98
CA ASP N 79 -8.86 15.20 -37.15
C ASP N 79 -10.33 15.64 -37.12
N THR N 80 -10.93 15.66 -35.93
CA THR N 80 -12.29 16.14 -35.77
C THR N 80 -12.41 17.65 -36.02
N MET N 81 -11.44 18.41 -35.52
CA MET N 81 -11.36 19.85 -35.79
C MET N 81 -11.34 20.13 -37.30
N GLN N 82 -10.57 19.34 -38.04
CA GLN N 82 -10.50 19.48 -39.50
C GLN N 82 -11.75 18.96 -40.23
N TYR N 83 -12.41 17.95 -39.66
CA TYR N 83 -13.59 17.34 -40.26
C TYR N 83 -14.82 18.25 -40.25
N ILE N 84 -15.06 18.92 -39.12
CA ILE N 84 -16.23 19.81 -39.02
C ILE N 84 -15.98 21.06 -39.87
N LEU N 85 -17.05 21.68 -40.33
CA LEU N 85 -16.91 22.82 -41.26
C LEU N 85 -16.59 24.13 -40.52
N ASN N 86 -16.90 24.18 -39.22
CA ASN N 86 -16.98 25.43 -38.48
C ASN N 86 -15.63 26.11 -38.34
N PRO N 87 -15.62 27.45 -38.33
CA PRO N 87 -14.41 28.13 -37.86
C PRO N 87 -14.16 27.75 -36.40
N ILE N 88 -12.90 27.48 -36.04
CA ILE N 88 -12.54 27.16 -34.66
C ILE N 88 -11.54 28.20 -34.16
N CYS N 89 -11.93 28.97 -33.14
CA CYS N 89 -11.02 29.87 -32.45
C CYS N 89 -10.35 29.12 -31.32
N THR N 90 -9.03 29.02 -31.37
CA THR N 90 -8.27 28.40 -30.28
C THR N 90 -7.69 29.49 -29.38
N TRP N 91 -7.67 29.19 -28.08
CA TRP N 91 -7.18 30.11 -27.07
C TRP N 91 -6.23 29.37 -26.15
N CYS N 92 -5.00 29.88 -26.03
CA CYS N 92 -4.04 29.35 -25.08
C CYS N 92 -4.13 30.15 -23.78
N VAL N 93 -4.52 29.48 -22.69
CA VAL N 93 -4.50 30.09 -21.36
C VAL N 93 -3.66 29.19 -20.47
N GLY N 94 -2.70 29.78 -19.76
CA GLY N 94 -1.77 29.01 -18.94
C GLY N 94 -0.66 28.42 -19.77
N GLN N 95 -0.92 27.26 -20.37
CA GLN N 95 0.05 26.61 -21.24
C GLN N 95 -0.60 25.74 -22.31
N ALA N 96 0.12 25.58 -23.41
CA ALA N 96 -0.21 24.58 -24.43
C ALA N 96 1.10 23.89 -24.76
N ALA N 97 1.28 22.68 -24.26
CA ALA N 97 2.50 21.93 -24.47
C ALA N 97 2.22 20.64 -25.21
N SER N 98 3.18 20.23 -26.03
CA SER N 98 3.10 18.95 -26.74
C SER N 98 1.81 18.94 -27.57
N MET N 99 0.95 17.94 -27.41
CA MET N 99 -0.30 17.87 -28.18
C MET N 99 -1.21 19.09 -27.98
N GLY N 100 -1.12 19.75 -26.83
CA GLY N 100 -1.86 21.00 -26.63
C GLY N 100 -1.50 22.07 -27.64
N SER N 101 -0.22 22.22 -27.95
CA SER N 101 0.22 23.24 -28.92
C SER N 101 -0.15 22.87 -30.34
N LEU N 102 -0.26 21.57 -30.62
CA LEU N 102 -0.74 21.12 -31.92
C LEU N 102 -2.19 21.53 -32.14
N LEU N 103 -3.03 21.32 -31.13
CA LEU N 103 -4.43 21.74 -31.21
C LEU N 103 -4.55 23.26 -31.34
N LEU N 104 -3.74 24.00 -30.58
CA LEU N 104 -3.72 25.46 -30.67
C LEU N 104 -3.41 25.93 -32.10
N ALA N 105 -2.35 25.36 -32.67
CA ALA N 105 -1.91 25.66 -34.06
C ALA N 105 -2.91 25.27 -35.14
N ALA N 106 -3.77 24.30 -34.83
CA ALA N 106 -4.76 23.77 -35.75
C ALA N 106 -6.06 24.56 -35.81
N GLY N 107 -6.18 25.63 -35.02
CA GLY N 107 -7.32 26.52 -35.15
C GLY N 107 -7.37 27.17 -36.53
N THR N 108 -8.53 27.72 -36.87
CA THR N 108 -8.73 28.39 -38.15
C THR N 108 -7.74 29.54 -38.32
N PRO N 109 -7.09 29.66 -39.50
CA PRO N 109 -6.14 30.78 -39.70
C PRO N 109 -6.75 32.14 -39.37
N GLY N 110 -6.00 32.97 -38.65
CA GLY N 110 -6.50 34.25 -38.13
C GLY N 110 -7.21 34.18 -36.78
N MET N 111 -7.55 32.98 -36.31
CA MET N 111 -8.37 32.82 -35.09
C MET N 111 -7.65 32.02 -33.99
N ARG N 112 -6.32 32.05 -33.97
CA ARG N 112 -5.52 31.36 -32.98
C ARG N 112 -4.94 32.41 -32.04
N HIS N 113 -5.30 32.31 -30.76
CA HIS N 113 -5.11 33.37 -29.77
C HIS N 113 -4.31 32.86 -28.58
N SER N 114 -3.55 33.76 -27.96
CA SER N 114 -2.99 33.50 -26.66
C SER N 114 -3.19 34.70 -25.75
N LEU N 115 -3.36 34.44 -24.46
CA LEU N 115 -3.30 35.47 -23.44
C LEU N 115 -1.80 35.78 -23.16
N PRO N 116 -1.51 36.95 -22.56
CA PRO N 116 -0.11 37.42 -22.56
C PRO N 116 0.92 36.62 -21.77
N ASN N 117 0.50 35.91 -20.71
CA ASN N 117 1.44 35.18 -19.87
C ASN N 117 1.47 33.67 -20.10
N SER N 118 0.81 33.20 -21.15
CA SER N 118 0.84 31.78 -21.50
C SER N 118 2.22 31.34 -21.97
N ARG N 119 2.47 30.03 -21.93
CA ARG N 119 3.70 29.44 -22.44
C ARG N 119 3.31 28.34 -23.42
N ILE N 120 4.03 28.24 -24.54
CA ILE N 120 3.75 27.31 -25.61
C ILE N 120 4.96 26.43 -25.85
N MET N 121 4.78 25.11 -25.92
CA MET N 121 5.86 24.17 -26.17
C MET N 121 5.49 23.23 -27.29
N ILE N 122 6.31 23.16 -28.34
CA ILE N 122 6.12 22.16 -29.40
C ILE N 122 6.97 20.90 -29.22
N HIS N 123 8.03 21.01 -28.41
CA HIS N 123 8.77 19.86 -27.89
C HIS N 123 7.81 18.83 -27.26
N GLN N 124 8.14 17.56 -27.36
CA GLN N 124 7.36 16.50 -26.76
C GLN N 124 8.17 15.97 -25.57
N PRO N 125 7.86 16.38 -24.34
CA PRO N 125 8.69 15.96 -23.20
C PRO N 125 8.85 14.43 -23.03
N ILE N 138 5.07 0.24 -27.85
CA ILE N 138 5.11 0.06 -29.30
C ILE N 138 6.54 0.04 -29.87
N GLN N 139 6.68 -0.47 -31.08
CA GLN N 139 8.00 -0.65 -31.71
C GLN N 139 8.61 0.70 -32.11
N ALA N 140 9.93 0.75 -32.17
CA ALA N 140 10.68 1.97 -32.53
C ALA N 140 10.19 2.63 -33.82
N GLU N 141 9.97 1.82 -34.85
CA GLU N 141 9.49 2.31 -36.14
C GLU N 141 8.15 3.02 -36.02
N GLU N 142 7.25 2.49 -35.19
CA GLU N 142 5.93 3.08 -35.00
C GLU N 142 5.99 4.40 -34.23
N ILE N 143 6.92 4.50 -33.28
CA ILE N 143 7.12 5.76 -32.55
C ILE N 143 7.60 6.84 -33.53
N MET N 144 8.52 6.49 -34.42
CA MET N 144 8.99 7.45 -35.44
C MET N 144 7.91 7.87 -36.44
N LYS N 145 7.06 6.93 -36.87
CA LYS N 145 5.95 7.25 -37.76
C LYS N 145 5.01 8.29 -37.13
N LEU N 146 4.67 8.11 -35.85
CA LEU N 146 3.86 9.11 -35.15
C LEU N 146 4.55 10.46 -35.09
N LYS N 147 5.84 10.46 -34.76
CA LYS N 147 6.61 11.70 -34.69
C LYS N 147 6.60 12.43 -36.05
N LYS N 148 6.74 11.68 -37.14
CA LYS N 148 6.68 12.26 -38.49
C LYS N 148 5.30 12.84 -38.82
N GLN N 149 4.23 12.20 -38.35
CA GLN N 149 2.88 12.75 -38.50
C GLN N 149 2.77 14.10 -37.81
N LEU N 150 3.38 14.22 -36.61
CA LEU N 150 3.38 15.51 -35.90
C LEU N 150 4.15 16.57 -36.69
N TYR N 151 5.34 16.23 -37.19
CA TYR N 151 6.12 17.16 -38.03
C TYR N 151 5.29 17.69 -39.21
N ASN N 152 4.60 16.79 -39.90
CA ASN N 152 3.77 17.18 -41.05
C ASN N 152 2.64 18.11 -40.68
N ILE N 153 1.96 17.82 -39.56
CA ILE N 153 0.87 18.67 -39.10
C ILE N 153 1.37 20.05 -38.68
N TYR N 154 2.46 20.11 -37.90
CA TYR N 154 3.01 21.42 -37.51
C TYR N 154 3.48 22.22 -38.75
N ALA N 155 4.09 21.55 -39.71
CA ALA N 155 4.53 22.20 -40.95
C ALA N 155 3.36 22.83 -41.71
N LYS N 156 2.29 22.07 -41.87
CA LYS N 156 1.07 22.54 -42.53
C LYS N 156 0.48 23.79 -41.88
N HIS N 157 0.35 23.81 -40.56
CA HIS N 157 -0.35 24.90 -39.89
C HIS N 157 0.53 26.08 -39.53
N THR N 158 1.84 25.86 -39.34
CA THR N 158 2.76 26.95 -39.04
C THR N 158 3.36 27.57 -40.29
N LYS N 159 3.30 26.85 -41.42
CA LYS N 159 3.98 27.23 -42.67
C LYS N 159 5.52 27.20 -42.60
N GLN N 160 6.09 26.55 -41.60
CA GLN N 160 7.54 26.37 -41.51
C GLN N 160 7.91 25.09 -42.24
N SER N 161 9.18 24.98 -42.64
CA SER N 161 9.66 23.75 -43.29
C SER N 161 9.77 22.61 -42.29
N LEU N 162 9.76 21.39 -42.81
CA LEU N 162 9.98 20.18 -41.99
C LEU N 162 11.31 20.23 -41.24
N GLN N 163 12.35 20.73 -41.89
CA GLN N 163 13.68 20.88 -41.28
C GLN N 163 13.65 21.80 -40.05
N VAL N 164 12.95 22.93 -40.15
CA VAL N 164 12.86 23.89 -39.04
C VAL N 164 12.03 23.30 -37.88
N ILE N 165 10.93 22.64 -38.20
CA ILE N 165 10.07 21.99 -37.19
C ILE N 165 10.84 20.90 -36.42
N GLU N 166 11.53 20.02 -37.15
CA GLU N 166 12.33 18.96 -36.54
C GLU N 166 13.39 19.54 -35.59
N SER N 167 14.10 20.56 -36.03
CA SER N 167 15.11 21.20 -35.19
C SER N 167 14.52 21.85 -33.96
N ALA N 168 13.40 22.56 -34.13
CA ALA N 168 12.76 23.25 -33.01
C ALA N 168 12.20 22.26 -31.97
N MET N 169 11.62 21.15 -32.43
CA MET N 169 11.04 20.16 -31.51
C MET N 169 12.07 19.40 -30.66
N GLU N 170 13.32 19.38 -31.10
CA GLU N 170 14.41 18.81 -30.33
C GLU N 170 14.79 19.64 -29.07
N ARG N 171 14.47 20.94 -29.10
CA ARG N 171 14.86 21.87 -28.01
C ARG N 171 13.84 21.83 -26.86
N ASP N 172 14.33 21.49 -25.67
CA ASP N 172 13.46 21.35 -24.50
C ASP N 172 13.23 22.73 -23.88
N ARG N 173 12.26 23.46 -24.43
CA ARG N 173 11.97 24.84 -24.04
C ARG N 173 10.56 25.23 -24.39
N TYR N 174 10.11 26.32 -23.77
CA TYR N 174 8.83 26.91 -24.02
C TYR N 174 9.06 28.19 -24.76
N MET N 175 8.06 28.60 -25.51
CA MET N 175 8.11 29.85 -26.21
C MET N 175 7.06 30.74 -25.61
N SER N 176 7.30 32.04 -25.71
CA SER N 176 6.38 33.05 -25.29
C SER N 176 5.32 33.25 -26.33
N PRO N 177 4.21 33.86 -26.00
CA PRO N 177 3.19 34.05 -27.02
C PRO N 177 3.69 34.80 -28.26
N MET N 178 4.53 35.84 -28.07
CA MET N 178 5.10 36.58 -29.21
C MET N 178 6.00 35.69 -30.08
N GLU N 179 6.83 34.88 -29.45
CA GLU N 179 7.69 33.96 -30.20
C GLU N 179 6.84 32.90 -30.94
N ALA N 180 5.81 32.38 -30.29
CA ALA N 180 4.89 31.45 -30.94
C ALA N 180 4.13 32.09 -32.13
N GLN N 181 3.80 33.37 -32.00
CA GLN N 181 3.19 34.14 -33.11
C GLN N 181 4.15 34.21 -34.31
N GLU N 182 5.39 34.60 -34.06
CA GLU N 182 6.42 34.66 -35.11
C GLU N 182 6.69 33.30 -35.75
N PHE N 183 6.62 32.23 -34.96
CA PHE N 183 6.80 30.87 -35.47
C PHE N 183 5.64 30.36 -36.34
N GLY N 184 4.46 30.95 -36.20
CA GLY N 184 3.26 30.55 -36.95
C GLY N 184 2.31 29.62 -36.20
N ILE N 185 2.48 29.50 -34.89
CA ILE N 185 1.58 28.67 -34.05
C ILE N 185 0.29 29.41 -33.74
N LEU N 186 0.37 30.73 -33.59
CA LEU N 186 -0.81 31.51 -33.30
C LEU N 186 -0.76 32.86 -34.02
N ASP N 187 -1.90 33.53 -34.03
CA ASP N 187 -2.10 34.76 -34.79
C ASP N 187 -2.17 36.03 -33.94
N LYS N 188 -2.75 35.95 -32.75
CA LYS N 188 -2.98 37.14 -31.93
C LYS N 188 -2.61 36.89 -30.48
N VAL N 189 -1.93 37.87 -29.88
CA VAL N 189 -1.65 37.89 -28.45
C VAL N 189 -2.48 39.05 -27.90
N LEU N 190 -3.48 38.74 -27.06
CA LEU N 190 -4.48 39.71 -26.61
C LEU N 190 -4.43 39.92 -25.11
N VAL N 191 -4.38 41.20 -24.70
CA VAL N 191 -4.54 41.56 -23.27
C VAL N 191 -6.04 41.63 -22.92
N HIS N 192 -6.85 42.29 -23.76
CA HIS N 192 -8.29 42.41 -23.55
C HIS N 192 -8.92 42.37 -24.96
N PRO N 193 -10.27 42.37 -25.06
CA PRO N 193 -10.87 42.58 -26.39
C PRO N 193 -10.49 43.96 -26.99
N PRO N 194 -10.42 44.08 -28.32
CA PRO N 194 -9.98 45.30 -29.05
C PRO N 194 -10.47 46.66 -28.50
F26 ZLL O . 12.63 -40.31 2.38
C21 ZLL O . 13.21 -39.68 1.39
C20 ZLL O . 14.06 -40.31 0.67
C22 ZLL O . 12.95 -38.46 1.15
C23 ZLL O . 13.52 -37.88 0.15
F25 ZLL O . 13.25 -36.62 -0.12
C24 ZLL O . 14.37 -38.51 -0.56
C19 ZLL O . 14.64 -39.73 -0.29
C18 ZLL O . 15.64 -40.51 -1.13
N15 ZLL O . 17.05 -40.48 -0.65
C14 ZLL O . 17.27 -41.22 0.62
C13 ZLL O . 18.70 -41.01 1.10
C16 ZLL O . 17.93 -41.10 -1.65
C17 ZLL O . 19.39 -40.86 -1.30
N12 ZLL O . 19.71 -41.33 0.06
C10 ZLL O . 20.98 -41.20 0.44
O11 ZLL O . 21.80 -40.63 -0.26
N9 ZLL O . 21.37 -41.62 1.64
C8 ZLL O . 22.72 -41.33 2.04
C5 ZLL O . 22.88 -39.94 2.63
C4 ZLL O . 21.90 -38.94 2.43
C3 ZLL O . 22.04 -37.67 2.99
C6 ZLL O . 24.00 -39.62 3.40
C7 ZLL O . 24.14 -38.34 3.95
C2 ZLL O . 23.16 -37.36 3.74
BR1 ZLL O . 23.34 -35.57 4.51
F26 ZLL P . 24.03 -28.56 -20.20
C21 ZLL P . 24.59 -27.38 -20.15
C20 ZLL P . 25.75 -27.23 -20.66
C22 ZLL P . 23.99 -26.40 -19.62
C23 ZLL P . 24.55 -25.26 -19.59
F25 ZLL P . 23.92 -24.23 -19.05
C24 ZLL P . 25.72 -25.11 -20.11
C19 ZLL P . 26.32 -26.10 -20.64
C18 ZLL P . 27.69 -25.93 -21.27
N15 ZLL P . 28.85 -26.08 -20.36
C14 ZLL P . 29.06 -27.46 -19.90
C13 ZLL P . 30.16 -27.48 -18.85
C16 ZLL P . 30.08 -25.65 -21.05
C17 ZLL P . 31.30 -25.68 -20.13
N12 ZLL P . 31.42 -26.95 -19.39
C10 ZLL P . 32.50 -27.09 -18.59
O11 ZLL P . 33.29 -26.17 -18.38
N9 ZLL P . 32.65 -28.25 -17.96
C8 ZLL P . 33.72 -28.39 -16.99
C5 ZLL P . 33.34 -27.85 -15.64
C4 ZLL P . 32.16 -27.07 -15.47
C3 ZLL P . 31.79 -26.57 -14.24
C6 ZLL P . 34.12 -28.11 -14.51
C7 ZLL P . 33.73 -27.60 -13.27
C2 ZLL P . 32.57 -26.83 -13.14
BR1 ZLL P . 32.01 -26.09 -11.43
MG MG Q . -6.24 -26.21 -14.96
F26 ZLL R . 35.84 -3.49 -22.48
C21 ZLL R . 36.00 -2.63 -21.48
C20 ZLL R . 37.11 -2.04 -21.31
C22 ZLL R . 35.05 -2.38 -20.67
C23 ZLL R . 35.22 -1.55 -19.72
F25 ZLL R . 34.23 -1.29 -18.89
C24 ZLL R . 36.34 -0.96 -19.57
C19 ZLL R . 37.30 -1.21 -20.37
C18 ZLL R . 38.64 -0.53 -20.21
N15 ZLL R . 39.56 -1.18 -19.24
C14 ZLL R . 40.01 -2.51 -19.68
C13 ZLL R . 40.78 -3.17 -18.55
C16 ZLL R . 40.78 -0.36 -19.04
C17 ZLL R . 41.67 -0.93 -17.94
N12 ZLL R . 41.95 -2.35 -18.16
C10 ZLL R . 42.79 -2.97 -17.32
O11 ZLL R . 43.16 -2.46 -16.28
N9 ZLL R . 43.16 -4.22 -17.65
C8 ZLL R . 43.96 -4.99 -16.72
C5 ZLL R . 43.13 -5.64 -15.62
C4 ZLL R . 41.75 -5.35 -15.53
C3 ZLL R . 40.95 -5.91 -14.54
C6 ZLL R . 43.68 -6.52 -14.70
C7 ZLL R . 42.87 -7.10 -13.71
C2 ZLL R . 41.51 -6.79 -13.63
BR1 ZLL R . 40.31 -7.52 -12.28
F26 ZLL S . 38.99 16.31 -2.96
C21 ZLL S . 38.75 16.09 -1.69
C20 ZLL S . 39.57 16.44 -0.79
C22 ZLL S . 37.64 15.53 -1.39
C23 ZLL S . 37.37 15.30 -0.17
F25 ZLL S . 36.23 14.72 0.16
C24 ZLL S . 38.20 15.65 0.74
C19 ZLL S . 39.30 16.22 0.43
C18 ZLL S . 40.26 16.60 1.55
N15 ZLL S . 41.01 15.46 2.14
C14 ZLL S . 42.09 15.00 1.26
C13 ZLL S . 42.65 13.70 1.81
C16 ZLL S . 41.66 15.85 3.40
C17 ZLL S . 42.39 14.66 4.07
N12 ZLL S . 43.27 13.97 3.12
C10 ZLL S . 44.08 13.03 3.61
O11 ZLL S . 44.08 12.70 4.79
N9 ZLL S . 44.91 12.43 2.77
C8 ZLL S . 45.74 11.35 3.27
C5 ZLL S . 45.05 10.02 3.16
C4 ZLL S . 43.68 9.96 2.84
C3 ZLL S . 43.04 8.74 2.72
C6 ZLL S . 45.77 8.84 3.35
C7 ZLL S . 45.12 7.62 3.23
C2 ZLL S . 43.76 7.58 2.91
BR1 ZLL S . 42.79 5.91 2.73
F26 ZLL T . 31.47 15.29 23.94
C21 ZLL T . 30.91 14.30 24.57
C20 ZLL T . 31.31 13.94 25.73
C22 ZLL T . 29.95 13.70 24.00
C23 ZLL T . 29.40 12.73 24.60
F25 ZLL T . 28.41 12.14 23.99
C24 ZLL T . 29.79 12.36 25.76
C19 ZLL T . 30.75 12.96 26.31
C18 ZLL T . 31.23 12.52 27.68
N15 ZLL T . 32.17 11.38 27.61
C14 ZLL T . 33.48 11.81 27.13
C13 ZLL T . 34.32 10.56 26.96
C16 ZLL T . 32.36 10.81 28.97
C17 ZLL T . 33.30 9.61 28.96
N12 ZLL T . 34.55 9.94 28.26
C10 ZLL T . 35.56 9.08 28.32
O11 ZLL T . 35.43 7.92 28.66
N9 ZLL T . 36.74 9.55 27.87
C8 ZLL T . 37.88 8.67 27.74
C5 ZLL T . 37.68 7.75 26.55
C4 ZLL T . 36.56 7.92 25.73
C3 ZLL T . 36.31 7.11 24.64
C6 ZLL T . 38.56 6.70 26.26
C7 ZLL T . 38.31 5.89 25.15
C2 ZLL T . 37.19 6.10 24.36
BR1 ZLL T . 36.71 5.05 22.83
MG MG U . 2.51 18.40 23.27
F26 ZLL V . 18.57 -5.17 37.69
C21 ZLL V . 18.26 -6.35 37.22
C20 ZLL V . 18.54 -7.44 37.84
C22 ZLL V . 17.63 -6.40 36.13
C23 ZLL V . 17.29 -7.52 35.64
F25 ZLL V . 16.64 -7.53 34.50
C24 ZLL V . 17.58 -8.61 36.25
C19 ZLL V . 18.21 -8.58 37.35
C18 ZLL V . 18.54 -9.89 38.07
N15 ZLL V . 19.83 -10.52 37.73
C14 ZLL V . 20.97 -9.76 38.23
C13 ZLL V . 22.21 -10.36 37.58
C16 ZLL V . 19.94 -11.89 38.28
C17 ZLL V . 21.27 -12.61 37.98
N12 ZLL V . 22.44 -11.70 38.10
C10 ZLL V . 23.67 -12.18 37.89
O11 ZLL V . 23.90 -13.29 37.43
N9 ZLL V . 24.67 -11.33 38.13
C8 ZLL V . 26.03 -11.70 37.78
C5 ZLL V . 26.29 -11.52 36.30
C4 ZLL V . 25.31 -10.95 35.46
C3 ZLL V . 25.52 -10.79 34.10
C6 ZLL V . 27.49 -11.93 35.72
C7 ZLL V . 27.71 -11.76 34.34
C2 ZLL V . 26.71 -11.19 33.53
BR1 ZLL V . 26.93 -10.93 31.61
MG MG W . -9.00 -4.29 28.63
F26 ZLL X . 10.31 -29.68 28.05
C21 ZLL X . 10.48 -30.19 26.85
C20 ZLL X . 10.94 -31.37 26.68
C22 ZLL X . 10.18 -29.48 25.85
C23 ZLL X . 10.34 -29.94 24.68
F25 ZLL X . 10.01 -29.18 23.65
C24 ZLL X . 10.80 -31.13 24.50
C19 ZLL X . 11.12 -31.84 25.51
C18 ZLL X . 11.66 -33.25 25.30
N15 ZLL X . 13.12 -33.35 25.14
C14 ZLL X . 13.84 -33.22 26.41
C13 ZLL X . 15.30 -33.02 26.06
C16 ZLL X . 13.51 -34.66 24.58
C17 ZLL X . 15.02 -34.80 24.35
N12 ZLL X . 15.84 -34.22 25.43
C10 ZLL X . 17.18 -34.24 25.30
O11 ZLL X . 17.72 -34.43 24.22
N9 ZLL X . 17.93 -33.96 26.37
C8 ZLL X . 19.36 -33.86 26.23
C5 ZLL X . 19.84 -32.57 25.58
C4 ZLL X . 18.91 -31.68 25.01
C3 ZLL X . 19.32 -30.50 24.41
C6 ZLL X . 21.19 -32.25 25.54
C7 ZLL X . 21.60 -31.05 24.94
C2 ZLL X . 20.66 -30.18 24.36
BR1 ZLL X . 21.14 -28.51 23.50
MG MG Y . -13.18 -24.20 11.96
F26 ZLL Z . -14.90 13.81 -37.19
C21 ZLL Z . -15.54 12.73 -36.85
C20 ZLL Z . -16.51 12.29 -37.57
C22 ZLL Z . -15.20 12.14 -35.78
C23 ZLL Z . -15.82 11.10 -35.42
F25 ZLL Z . -15.46 10.48 -34.31
C24 ZLL Z . -16.77 10.65 -36.13
C19 ZLL Z . -17.12 11.26 -37.20
C18 ZLL Z . -18.27 10.70 -38.03
N15 ZLL Z . -19.61 11.23 -37.67
C14 ZLL Z . -19.80 12.62 -38.08
C13 ZLL Z . -21.12 13.10 -37.50
C16 ZLL Z . -20.65 10.45 -38.38
C17 ZLL Z . -22.07 10.89 -38.04
N12 ZLL Z . -22.25 12.35 -38.10
C10 ZLL Z . -23.46 12.83 -37.86
O11 ZLL Z . -24.40 12.13 -37.51
N9 ZLL Z . -23.66 14.15 -37.94
C8 ZLL Z . -24.94 14.70 -37.55
C5 ZLL Z . -25.06 14.89 -36.05
C4 ZLL Z . -24.00 14.51 -35.18
C3 ZLL Z . -24.08 14.67 -33.82
C6 ZLL Z . -26.20 15.45 -35.47
C7 ZLL Z . -26.28 15.62 -34.07
C2 ZLL Z . -25.22 15.23 -33.25
BR1 ZLL Z . -25.25 15.43 -31.31
F26 ZLL AA . -27.13 -10.09 -30.86
C21 ZLL AA . -27.68 -10.45 -29.71
C20 ZLL AA . -28.85 -10.94 -29.69
C22 ZLL AA . -27.02 -10.31 -28.66
C23 ZLL AA . -27.52 -10.65 -27.55
F25 ZLL AA . -26.81 -10.49 -26.46
C24 ZLL AA . -28.70 -11.14 -27.52
C19 ZLL AA . -29.39 -11.28 -28.58
C18 ZLL AA . -30.79 -11.86 -28.56
N15 ZLL AA . -31.88 -10.90 -28.24
C14 ZLL AA . -32.10 -9.95 -29.33
C13 ZLL AA . -33.14 -8.91 -28.91
C16 ZLL AA . -33.15 -11.63 -28.02
C17 ZLL AA . -34.30 -10.68 -27.63
N12 ZLL AA . -34.42 -9.54 -28.55
C10 ZLL AA . -35.44 -8.69 -28.40
O11 ZLL AA . -36.12 -8.66 -27.38
N9 ZLL AA . -35.66 -7.83 -29.38
C8 ZLL AA . -36.68 -6.80 -29.25
C5 ZLL AA . -36.22 -5.60 -28.46
C4 ZLL AA . -34.96 -5.62 -27.83
C3 ZLL AA . -34.50 -4.54 -27.09
C6 ZLL AA . -37.00 -4.45 -28.35
C7 ZLL AA . -36.53 -3.35 -27.61
C2 ZLL AA . -35.27 -3.41 -26.98
BR1 ZLL AA . -34.52 -1.96 -25.93
F26 ZLL BA . -37.51 -18.53 -6.57
C21 ZLL BA . -37.57 -17.81 -5.47
C20 ZLL BA . -38.65 -17.74 -4.81
C22 ZLL BA . -36.53 -17.20 -5.05
C23 ZLL BA . -36.61 -16.51 -3.98
F25 ZLL BA . -35.53 -15.87 -3.56
C24 ZLL BA . -37.70 -16.43 -3.33
C19 ZLL BA . -38.74 -17.05 -3.75
C18 ZLL BA . -40.05 -16.98 -2.98
N15 ZLL BA . -40.89 -15.80 -3.32
C14 ZLL BA . -41.64 -15.99 -4.56
C13 ZLL BA . -42.25 -14.66 -4.97
C16 ZLL BA . -41.88 -15.53 -2.26
C17 ZLL BA . -42.76 -14.32 -2.57
N12 ZLL BA . -43.28 -14.32 -3.96
C10 ZLL BA . -44.18 -13.37 -4.24
O11 ZLL BA . -44.73 -12.71 -3.37
N9 ZLL BA . -44.47 -13.12 -5.53
C8 ZLL BA . -45.35 -12.03 -5.86
C5 ZLL BA . -44.56 -10.82 -6.30
C4 ZLL BA . -43.16 -10.80 -6.15
C3 ZLL BA . -42.40 -9.72 -6.55
C6 ZLL BA . -45.19 -9.71 -6.88
C7 ZLL BA . -44.41 -8.61 -7.28
C2 ZLL BA . -43.02 -8.62 -7.11
BR1 ZLL BA . -41.89 -7.12 -7.63
F26 ZLL CA . -38.27 -4.78 17.71
C21 ZLL CA . -37.81 -3.57 17.87
C20 ZLL CA . -38.53 -2.72 18.46
C22 ZLL CA . -36.65 -3.24 17.42
C23 ZLL CA . -36.26 -2.04 17.59
F25 ZLL CA . -35.07 -1.69 17.14
C24 ZLL CA . -37.00 -1.19 18.20
C19 ZLL CA . -38.15 -1.54 18.63
C18 ZLL CA . -39.07 -0.56 19.37
N15 ZLL CA . -39.84 0.37 18.50
C14 ZLL CA . -40.98 -0.27 17.85
C13 ZLL CA . -41.51 0.71 16.83
C16 ZLL CA . -40.37 1.51 19.28
C17 ZLL CA . -41.14 2.53 18.42
N12 ZLL CA . -42.08 1.88 17.53
C10 ZLL CA . -42.90 2.64 16.80
O11 ZLL CA . -42.77 3.85 16.72
N9 ZLL CA . -43.84 2.02 16.09
C8 ZLL CA . -44.67 2.78 15.17
C5 ZLL CA . -43.98 2.97 13.84
C4 ZLL CA . -42.62 2.65 13.68
C3 ZLL CA . -41.96 2.82 12.48
C6 ZLL CA . -44.67 3.46 12.73
C7 ZLL CA . -44.00 3.62 11.50
C2 ZLL CA . -42.64 3.32 11.37
BR1 ZLL CA . -41.64 3.53 9.72
F26 ZLL DA . -15.71 38.80 6.50
C21 ZLL DA . -15.56 38.59 5.20
C20 ZLL DA . -15.84 39.51 4.35
C22 ZLL DA . -15.13 37.46 4.80
C23 ZLL DA . -14.98 37.24 3.56
F25 ZLL DA . -14.54 36.05 3.15
C24 ZLL DA . -15.27 38.15 2.70
C19 ZLL DA . -15.70 39.28 3.10
C18 ZLL DA . -16.01 40.35 2.08
N15 ZLL DA . -17.37 40.27 1.50
C14 ZLL DA . -18.42 40.59 2.47
C13 ZLL DA . -19.76 40.27 1.81
C16 ZLL DA . -17.51 41.26 0.40
C17 ZLL DA . -18.90 41.25 -0.27
N12 ZLL DA . -20.01 41.20 0.69
C10 ZLL DA . -21.25 41.23 0.21
O11 ZLL DA . -21.51 41.29 -0.97
N9 ZLL DA . -22.28 41.14 1.06
C8 ZLL DA . -23.63 41.02 0.55
C5 ZLL DA . -24.00 39.57 0.32
C4 ZLL DA . -23.04 38.55 0.46
C3 ZLL DA . -23.36 37.21 0.26
C6 ZLL DA . -25.32 39.19 -0.02
C7 ZLL DA . -25.63 37.84 -0.22
C2 ZLL DA . -24.66 36.84 -0.08
BR1 ZLL DA . -25.02 34.93 -0.36
F26 ZLL EA . -28.51 20.66 23.46
C21 ZLL EA . -27.95 21.50 22.58
C20 ZLL EA . -28.31 22.71 22.52
C22 ZLL EA . -27.05 21.08 21.80
C23 ZLL EA . -26.50 21.86 20.96
F25 ZLL EA . -25.56 21.39 20.16
C24 ZLL EA . -26.87 23.09 20.91
C19 ZLL EA . -27.79 23.52 21.69
C18 ZLL EA . -28.26 24.97 21.67
N15 ZLL EA . -29.29 25.31 20.65
C14 ZLL EA . -30.58 24.69 20.95
C13 ZLL EA . -31.51 24.96 19.79
C16 ZLL EA . -29.48 26.78 20.58
C17 ZLL EA . -30.48 27.19 19.50
N12 ZLL EA . -31.72 26.42 19.63
C10 ZLL EA . -32.76 26.73 18.87
O11 ZLL EA . -32.66 27.36 17.85
N9 ZLL EA . -33.94 26.22 19.24
C8 ZLL EA . -35.10 26.41 18.37
C5 ZLL EA . -35.02 25.53 17.15
C4 ZLL EA . -33.94 24.64 16.99
C3 ZLL EA . -33.80 23.82 15.89
C6 ZLL EA . -36.00 25.56 16.15
C7 ZLL EA . -35.87 24.71 15.03
C2 ZLL EA . -34.77 23.84 14.91
BR1 ZLL EA . -34.48 22.64 13.42
MG MG FA . 11.31 28.15 1.19
F26 ZLL GA . -9.69 35.73 -20.55
C21 ZLL GA . -10.02 34.72 -21.31
C20 ZLL GA . -10.58 34.93 -22.44
C22 ZLL GA . -9.80 33.54 -20.92
C23 ZLL GA . -10.13 32.55 -21.64
F25 ZLL GA . -9.88 31.34 -21.19
C24 ZLL GA . -10.68 32.75 -22.77
C19 ZLL GA . -10.91 33.95 -23.17
C18 ZLL GA . -11.57 34.22 -24.51
N15 ZLL GA . -13.03 34.03 -24.52
C14 ZLL GA . -13.72 35.16 -23.86
C13 ZLL GA . -15.20 34.84 -23.79
C16 ZLL GA . -13.53 33.98 -25.91
C17 ZLL GA . -15.04 33.75 -25.99
N12 ZLL GA . -15.76 34.72 -25.14
C10 ZLL GA . -17.09 34.77 -25.24
O11 ZLL GA . -17.73 33.94 -25.85
N9 ZLL GA . -17.71 35.75 -24.57
C8 ZLL GA . -19.16 35.78 -24.52
C5 ZLL GA . -19.68 34.85 -23.46
C4 ZLL GA . -18.80 33.95 -22.80
C3 ZLL GA . -19.25 33.09 -21.83
C6 ZLL GA . -21.03 34.86 -23.07
C7 ZLL GA . -21.47 33.99 -22.08
C2 ZLL GA . -20.58 33.10 -21.46
BR1 ZLL GA . -21.11 31.85 -20.10
#